data_7OJS
#
_entry.id   7OJS
#
_cell.length_a   62.805
_cell.length_b   228.536
_cell.length_c   153.194
_cell.angle_alpha   90.000
_cell.angle_beta   99.860
_cell.angle_gamma   90.000
#
_symmetry.space_group_name_H-M   'P 1 21 1'
#
loop_
_entity.id
_entity.type
_entity.pdbx_description
1 polymer 'Phosphoglucosamine mutase'
2 polymer 'Cyclic di-AMP synthase CdaA'
#
loop_
_entity_poly.entity_id
_entity_poly.type
_entity_poly.pdbx_seq_one_letter_code
_entity_poly.pdbx_strand_id
1 'polypeptide(L)'
;MGKYFGTDGVRGVANSELTPELAFKVGRFGGYVLTKDKQRPKVLIGRDTRISGHMLEGALVAGLLSIGAEVMRLGVISTP
GVSYLTKAMDAEAGVMISASHNPVQDNGIKFFGGDGFKLSDEQEAEIERLMDEPEDKLPRPVGADLGLVNDYFEGGQKYL
QFLKQTADEDFTGIHVALDCANGATSSLATHLFADLDADVSTMGTSPNGLNINDGVGSTHPEALSAFVKEKNADLGLAFD
GDGDRLIAVDEKGNIVDGDQIMYICSKHLKSEGRLKDDTVVSTVMSNLGFYKALEKEGIKSVQTAVGDRYVVEAMKKDGY
NVGGEQSGHLIFLDYNTTGDGLLSAIMLMNTLKATGKPLSELAAEMQKF
;
C,F,A,B,G,J
2 'polypeptide(L)'
;EAQQKTIEAITKAINYMAKRRIGALLTIERDTGMGDYIETGIPLNAKVSSELLINIFIPNTPLHDGAVIMKNNEIAAAAC
YLPLSESPFISKELGTRHRAAVGISEVTDSLTIIVSEETGGVSVAKNGDLHRELTEEALKEMLEAEFKKNTRDTSSNRWY
WRGKKNG
;
H,I,D,E,K,L
#
# COMPACT_ATOMS: atom_id res chain seq x y z
N GLY A 2 -36.10 -72.18 5.29
CA GLY A 2 -35.51 -73.49 5.08
C GLY A 2 -34.05 -73.58 5.50
N LYS A 3 -33.18 -73.96 4.57
CA LYS A 3 -31.74 -74.08 4.82
C LYS A 3 -31.02 -73.15 3.83
N TYR A 4 -30.91 -71.89 4.22
CA TYR A 4 -30.28 -70.87 3.37
C TYR A 4 -28.80 -70.71 3.65
N PHE A 5 -28.36 -70.93 4.89
CA PHE A 5 -26.98 -70.64 5.31
C PHE A 5 -26.19 -71.94 5.38
N GLY A 6 -25.47 -72.24 4.31
CA GLY A 6 -24.50 -73.32 4.30
C GLY A 6 -23.19 -72.87 4.92
N THR A 7 -22.10 -73.50 4.46
CA THR A 7 -20.78 -73.21 5.03
C THR A 7 -20.33 -71.80 4.67
N ASP A 8 -20.20 -71.51 3.38
CA ASP A 8 -19.78 -70.18 2.92
C ASP A 8 -20.97 -69.27 2.69
N GLY A 9 -21.83 -69.15 3.71
CA GLY A 9 -23.02 -68.34 3.64
C GLY A 9 -24.10 -68.89 2.74
N VAL A 10 -24.78 -68.01 2.02
CA VAL A 10 -25.79 -68.42 1.05
C VAL A 10 -25.14 -68.50 -0.31
N ARG A 11 -25.45 -69.55 -1.08
CA ARG A 11 -24.91 -69.68 -2.42
C ARG A 11 -25.98 -70.15 -3.39
N GLY A 12 -25.55 -70.33 -4.63
CA GLY A 12 -26.43 -70.64 -5.73
C GLY A 12 -25.92 -69.85 -6.92
N VAL A 13 -26.16 -70.39 -8.12
CA VAL A 13 -25.86 -69.63 -9.33
C VAL A 13 -26.78 -68.41 -9.36
N ALA A 14 -26.23 -67.25 -9.69
CA ALA A 14 -26.96 -66.01 -9.50
C ALA A 14 -28.09 -65.88 -10.51
N ASN A 15 -29.13 -65.15 -10.11
CA ASN A 15 -30.34 -64.84 -10.87
C ASN A 15 -31.31 -66.02 -10.95
N SER A 16 -30.84 -67.18 -11.41
CA SER A 16 -31.73 -68.34 -11.52
C SER A 16 -31.95 -69.01 -10.17
N GLU A 17 -30.91 -69.07 -9.33
CA GLU A 17 -31.02 -69.67 -8.00
C GLU A 17 -30.91 -68.61 -6.92
N LEU A 18 -29.67 -68.16 -6.66
CA LEU A 18 -29.45 -67.02 -5.79
C LEU A 18 -30.06 -65.80 -6.45
N THR A 19 -31.35 -65.56 -6.22
CA THR A 19 -32.07 -64.49 -6.89
C THR A 19 -31.89 -63.17 -6.17
N PRO A 20 -32.03 -62.05 -6.90
CA PRO A 20 -32.05 -60.74 -6.25
C PRO A 20 -33.18 -60.60 -5.24
N GLU A 21 -34.30 -61.30 -5.46
CA GLU A 21 -35.38 -61.27 -4.47
C GLU A 21 -34.92 -61.87 -3.15
N LEU A 22 -34.16 -62.97 -3.22
CA LEU A 22 -33.58 -63.56 -2.02
C LEU A 22 -32.58 -62.61 -1.38
N ALA A 23 -31.63 -62.09 -2.17
CA ALA A 23 -30.60 -61.21 -1.64
C ALA A 23 -31.19 -59.96 -0.98
N PHE A 24 -32.41 -59.59 -1.35
CA PHE A 24 -33.10 -58.51 -0.64
C PHE A 24 -33.69 -59.01 0.67
N LYS A 25 -34.31 -60.19 0.65
CA LYS A 25 -34.77 -60.83 1.88
C LYS A 25 -33.64 -60.98 2.88
N VAL A 26 -32.40 -61.14 2.39
CA VAL A 26 -31.26 -61.42 3.26
C VAL A 26 -30.92 -60.19 4.10
N GLY A 27 -30.66 -59.06 3.43
CA GLY A 27 -30.26 -57.86 4.14
C GLY A 27 -31.38 -57.15 4.86
N ARG A 28 -32.63 -57.46 4.51
CA ARG A 28 -33.76 -56.88 5.24
C ARG A 28 -34.05 -57.67 6.51
N PHE A 29 -33.96 -59.00 6.44
CA PHE A 29 -34.16 -59.82 7.63
C PHE A 29 -32.90 -59.86 8.49
N GLY A 30 -31.74 -60.05 7.86
CA GLY A 30 -30.50 -60.09 8.63
C GLY A 30 -30.16 -58.76 9.27
N GLY A 31 -30.34 -57.66 8.54
CA GLY A 31 -30.20 -56.34 9.13
C GLY A 31 -31.06 -56.18 10.36
N TYR A 32 -32.29 -56.70 10.31
CA TYR A 32 -33.15 -56.69 11.49
C TYR A 32 -32.59 -57.53 12.61
N VAL A 33 -32.04 -58.71 12.29
CA VAL A 33 -31.43 -59.54 13.33
C VAL A 33 -30.28 -58.80 14.00
N LEU A 34 -29.53 -58.03 13.21
CA LEU A 34 -28.40 -57.26 13.73
C LEU A 34 -28.77 -55.82 14.06
N THR A 35 -30.04 -55.44 13.94
CA THR A 35 -30.48 -54.12 14.36
C THR A 35 -30.85 -54.07 15.83
N LYS A 36 -30.78 -55.20 16.54
CA LYS A 36 -31.41 -55.30 17.85
C LYS A 36 -30.74 -54.39 18.87
N ASP A 37 -29.45 -54.09 18.72
CA ASP A 37 -28.81 -53.12 19.60
C ASP A 37 -29.29 -51.71 19.26
N LYS A 38 -28.47 -50.95 18.54
CA LYS A 38 -28.84 -49.59 18.17
C LYS A 38 -29.79 -49.60 16.98
N GLN A 39 -30.75 -48.68 17.00
CA GLN A 39 -31.73 -48.50 15.94
C GLN A 39 -31.10 -48.09 14.60
N ARG A 40 -29.80 -47.78 14.57
CA ARG A 40 -29.09 -47.51 13.33
C ARG A 40 -27.80 -48.33 13.30
N PRO A 41 -27.89 -49.59 12.90
CA PRO A 41 -26.67 -50.40 12.74
C PRO A 41 -25.80 -49.83 11.65
N LYS A 42 -24.60 -50.40 11.53
CA LYS A 42 -23.62 -49.94 10.55
C LYS A 42 -23.04 -51.18 9.88
N VAL A 43 -23.62 -51.55 8.75
CA VAL A 43 -23.14 -52.67 7.95
C VAL A 43 -22.40 -52.12 6.75
N LEU A 44 -21.25 -52.70 6.45
CA LEU A 44 -20.46 -52.35 5.28
C LEU A 44 -20.32 -53.56 4.38
N ILE A 45 -20.31 -53.31 3.07
CA ILE A 45 -20.58 -54.33 2.08
C ILE A 45 -19.49 -54.30 1.01
N GLY A 46 -18.90 -55.47 0.75
CA GLY A 46 -17.92 -55.61 -0.31
C GLY A 46 -18.32 -56.73 -1.25
N ARG A 47 -17.61 -56.80 -2.37
CA ARG A 47 -17.94 -57.77 -3.40
C ARG A 47 -16.72 -57.98 -4.27
N ASP A 48 -16.69 -59.13 -4.95
CA ASP A 48 -15.63 -59.40 -5.92
C ASP A 48 -15.99 -58.77 -7.26
N THR A 49 -15.54 -59.38 -8.35
CA THR A 49 -15.74 -58.81 -9.67
C THR A 49 -16.84 -59.52 -10.47
N ARG A 50 -17.58 -60.44 -9.87
CA ARG A 50 -18.67 -61.10 -10.57
C ARG A 50 -19.67 -60.07 -11.09
N ILE A 51 -20.04 -60.21 -12.36
CA ILE A 51 -20.98 -59.27 -12.98
C ILE A 51 -22.36 -59.39 -12.33
N SER A 52 -22.65 -60.55 -11.72
CA SER A 52 -23.81 -60.67 -10.86
C SER A 52 -23.62 -59.95 -9.54
N GLY A 53 -22.38 -59.60 -9.19
CA GLY A 53 -22.13 -58.89 -7.95
C GLY A 53 -22.78 -57.52 -7.89
N HIS A 54 -22.98 -56.88 -9.04
CA HIS A 54 -23.69 -55.61 -9.06
C HIS A 54 -25.18 -55.80 -8.79
N MET A 55 -25.75 -56.87 -9.33
CA MET A 55 -27.17 -57.15 -9.13
C MET A 55 -27.46 -57.38 -7.65
N LEU A 56 -26.71 -58.29 -7.01
CA LEU A 56 -27.00 -58.63 -5.63
C LEU A 56 -26.62 -57.51 -4.67
N GLU A 57 -25.52 -56.80 -4.95
CA GLU A 57 -25.13 -55.68 -4.09
C GLU A 57 -26.26 -54.65 -4.04
N GLY A 58 -26.76 -54.23 -5.20
CA GLY A 58 -27.90 -53.34 -5.22
C GLY A 58 -29.09 -53.90 -4.45
N ALA A 59 -29.46 -55.14 -4.75
CA ALA A 59 -30.60 -55.75 -4.07
C ALA A 59 -30.34 -55.92 -2.57
N LEU A 60 -29.10 -56.26 -2.20
CA LEU A 60 -28.74 -56.36 -0.79
C LEU A 60 -28.96 -55.04 -0.08
N VAL A 61 -28.22 -54.01 -0.49
CA VAL A 61 -28.34 -52.68 0.14
C VAL A 61 -29.80 -52.22 0.23
N ALA A 62 -30.62 -52.62 -0.75
CA ALA A 62 -32.04 -52.26 -0.69
C ALA A 62 -32.68 -52.77 0.59
N GLY A 63 -32.41 -54.03 0.95
CA GLY A 63 -32.96 -54.57 2.19
C GLY A 63 -32.42 -53.85 3.41
N LEU A 64 -31.11 -53.60 3.44
CA LEU A 64 -30.50 -52.94 4.60
C LEU A 64 -31.07 -51.54 4.81
N LEU A 65 -31.32 -50.81 3.72
CA LEU A 65 -31.86 -49.47 3.86
C LEU A 65 -33.31 -49.50 4.35
N SER A 66 -34.03 -50.61 4.12
CA SER A 66 -35.44 -50.69 4.46
C SER A 66 -35.69 -51.00 5.93
N ILE A 67 -34.66 -51.35 6.70
CA ILE A 67 -34.80 -51.50 8.14
C ILE A 67 -33.91 -50.50 8.89
N GLY A 68 -33.49 -49.44 8.21
CA GLY A 68 -32.79 -48.34 8.86
C GLY A 68 -31.31 -48.53 9.05
N ALA A 69 -30.70 -49.56 8.47
CA ALA A 69 -29.27 -49.81 8.67
C ALA A 69 -28.44 -48.85 7.81
N GLU A 70 -27.40 -48.31 8.44
CA GLU A 70 -26.49 -47.39 7.75
C GLU A 70 -25.45 -48.20 6.99
N VAL A 71 -25.41 -48.01 5.67
CA VAL A 71 -24.71 -48.92 4.75
C VAL A 71 -23.53 -48.21 4.13
N MET A 72 -22.36 -48.83 4.21
CA MET A 72 -21.14 -48.32 3.59
C MET A 72 -20.73 -49.28 2.48
N ARG A 73 -20.76 -48.80 1.25
CA ARG A 73 -20.34 -49.58 0.09
C ARG A 73 -18.82 -49.61 0.02
N LEU A 74 -18.24 -50.81 0.00
CA LEU A 74 -16.80 -50.93 -0.19
C LEU A 74 -16.41 -51.09 -1.65
N GLY A 75 -17.29 -51.67 -2.46
CA GLY A 75 -16.94 -51.95 -3.84
C GLY A 75 -16.19 -53.25 -3.92
N VAL A 76 -15.10 -53.26 -4.68
CA VAL A 76 -14.30 -54.46 -4.89
C VAL A 76 -13.21 -54.51 -3.83
N ILE A 77 -13.25 -55.56 -3.00
CA ILE A 77 -12.26 -55.78 -1.96
C ILE A 77 -12.30 -57.26 -1.62
N SER A 78 -11.18 -57.79 -1.16
CA SER A 78 -11.13 -59.19 -0.77
C SER A 78 -11.91 -59.43 0.52
N THR A 79 -12.50 -60.62 0.63
CA THR A 79 -13.18 -61.00 1.86
C THR A 79 -12.36 -60.77 3.12
N PRO A 80 -11.05 -61.06 3.16
CA PRO A 80 -10.28 -60.67 4.36
C PRO A 80 -10.33 -59.19 4.64
N GLY A 81 -10.42 -58.35 3.61
CA GLY A 81 -10.52 -56.92 3.83
C GLY A 81 -11.80 -56.54 4.57
N VAL A 82 -12.93 -57.15 4.17
CA VAL A 82 -14.18 -56.95 4.88
C VAL A 82 -14.00 -57.21 6.37
N SER A 83 -13.56 -58.44 6.71
CA SER A 83 -13.40 -58.82 8.10
CA SER A 83 -13.40 -58.82 8.10
C SER A 83 -12.51 -57.84 8.85
N TYR A 84 -11.45 -57.36 8.22
CA TYR A 84 -10.58 -56.39 8.89
C TYR A 84 -11.31 -55.07 9.11
N LEU A 85 -12.12 -54.65 8.14
CA LEU A 85 -12.77 -53.34 8.24
C LEU A 85 -13.95 -53.37 9.19
N THR A 86 -14.79 -54.41 9.12
CA THR A 86 -15.94 -54.50 10.02
C THR A 86 -15.50 -54.45 11.47
N LYS A 87 -14.36 -55.07 11.79
CA LYS A 87 -13.85 -55.06 13.16
C LYS A 87 -13.11 -53.77 13.46
N ALA A 88 -12.30 -53.29 12.53
CA ALA A 88 -11.54 -52.05 12.75
C ALA A 88 -12.39 -50.79 12.62
N MET A 89 -13.70 -50.90 12.45
CA MET A 89 -14.57 -49.72 12.40
C MET A 89 -15.69 -49.79 13.43
N ASP A 90 -15.69 -50.80 14.31
CA ASP A 90 -16.76 -51.02 15.29
C ASP A 90 -18.12 -51.06 14.61
N ALA A 91 -18.15 -51.54 13.37
CA ALA A 91 -19.40 -51.71 12.65
C ALA A 91 -20.05 -53.02 13.05
N GLU A 92 -21.38 -53.05 12.96
CA GLU A 92 -22.13 -54.16 13.54
C GLU A 92 -22.00 -55.44 12.74
N ALA A 93 -21.71 -55.36 11.45
CA ALA A 93 -21.61 -56.54 10.60
C ALA A 93 -20.96 -56.13 9.28
N GLY A 94 -20.75 -57.13 8.42
CA GLY A 94 -20.26 -56.90 7.08
C GLY A 94 -20.75 -58.01 6.17
N VAL A 95 -20.75 -57.73 4.88
CA VAL A 95 -21.25 -58.67 3.88
C VAL A 95 -20.29 -58.70 2.70
N MET A 96 -20.00 -59.91 2.21
CA MET A 96 -19.14 -60.11 1.05
C MET A 96 -19.88 -60.90 -0.03
N ILE A 97 -20.24 -60.21 -1.10
CA ILE A 97 -20.83 -60.85 -2.26
C ILE A 97 -19.72 -61.48 -3.09
N SER A 98 -19.45 -62.76 -2.84
CA SER A 98 -18.50 -63.50 -3.65
C SER A 98 -18.76 -64.98 -3.48
N ALA A 99 -18.22 -65.77 -4.41
CA ALA A 99 -18.27 -67.22 -4.35
C ALA A 99 -16.90 -67.77 -4.75
N SER A 100 -15.91 -67.50 -3.89
CA SER A 100 -14.52 -67.95 -4.00
C SER A 100 -14.27 -69.09 -4.99
N HIS A 101 -13.42 -68.84 -5.99
CA HIS A 101 -12.90 -69.86 -6.91
C HIS A 101 -13.96 -70.60 -7.71
N ASN A 102 -15.24 -70.35 -7.43
CA ASN A 102 -16.32 -70.93 -8.21
C ASN A 102 -16.44 -70.19 -9.54
N PRO A 103 -17.20 -70.72 -10.50
CA PRO A 103 -17.33 -70.04 -11.79
C PRO A 103 -18.01 -68.69 -11.69
N VAL A 104 -17.82 -67.89 -12.73
CA VAL A 104 -18.35 -66.53 -12.77
C VAL A 104 -19.85 -66.53 -12.58
N GLN A 105 -20.53 -67.62 -12.95
CA GLN A 105 -21.98 -67.66 -12.87
C GLN A 105 -22.47 -67.78 -11.43
N ASP A 106 -21.67 -68.38 -10.56
CA ASP A 106 -22.06 -68.57 -9.18
C ASP A 106 -21.66 -67.37 -8.33
N ASN A 107 -22.50 -67.07 -7.33
CA ASN A 107 -22.23 -65.99 -6.41
C ASN A 107 -22.75 -66.40 -5.03
N GLY A 108 -22.45 -65.57 -4.04
CA GLY A 108 -22.83 -65.91 -2.67
C GLY A 108 -22.72 -64.78 -1.68
N ILE A 109 -23.59 -64.79 -0.66
CA ILE A 109 -23.58 -63.80 0.41
C ILE A 109 -22.95 -64.41 1.65
N LYS A 110 -21.95 -63.72 2.18
CA LYS A 110 -21.30 -64.09 3.43
C LYS A 110 -21.56 -63.02 4.48
N PHE A 111 -21.56 -63.43 5.75
CA PHE A 111 -21.85 -62.54 6.86
C PHE A 111 -20.77 -62.63 7.93
N PHE A 112 -20.27 -61.48 8.36
CA PHE A 112 -19.35 -61.38 9.48
C PHE A 112 -19.97 -60.55 10.58
N GLY A 113 -19.60 -60.86 11.82
CA GLY A 113 -20.07 -60.11 12.97
C GLY A 113 -19.14 -58.96 13.30
N GLY A 114 -19.48 -58.25 14.38
CA GLY A 114 -18.68 -57.11 14.80
C GLY A 114 -17.24 -57.49 15.07
N ASP A 115 -16.99 -58.72 15.52
CA ASP A 115 -15.64 -59.17 15.81
C ASP A 115 -14.89 -59.62 14.56
N GLY A 116 -15.59 -59.92 13.48
CA GLY A 116 -14.96 -60.40 12.28
C GLY A 116 -15.04 -61.90 12.04
N PHE A 117 -15.95 -62.59 12.71
CA PHE A 117 -16.17 -64.01 12.47
C PHE A 117 -17.56 -64.21 11.87
N LYS A 118 -17.81 -65.44 11.43
CA LYS A 118 -19.13 -65.78 10.88
C LYS A 118 -20.19 -65.59 11.96
N LEU A 119 -21.35 -65.07 11.54
CA LEU A 119 -22.42 -64.74 12.46
C LEU A 119 -22.74 -65.92 13.38
N SER A 120 -23.11 -65.61 14.62
CA SER A 120 -23.49 -66.65 15.56
C SER A 120 -24.61 -67.49 14.98
N ASP A 121 -24.49 -68.81 15.14
CA ASP A 121 -25.49 -69.74 14.63
C ASP A 121 -26.89 -69.39 15.13
N GLU A 122 -26.97 -68.68 16.26
CA GLU A 122 -28.26 -68.22 16.76
C GLU A 122 -28.86 -67.16 15.86
N GLN A 123 -28.04 -66.22 15.39
CA GLN A 123 -28.56 -65.17 14.51
C GLN A 123 -28.92 -65.72 13.15
N GLU A 124 -28.04 -66.53 12.55
CA GLU A 124 -28.36 -67.20 11.29
C GLU A 124 -29.66 -67.99 11.38
N ALA A 125 -29.98 -68.50 12.56
CA ALA A 125 -31.25 -69.19 12.76
C ALA A 125 -32.42 -68.24 12.60
N GLU A 126 -32.38 -67.10 13.30
CA GLU A 126 -33.46 -66.13 13.21
C GLU A 126 -33.61 -65.57 11.80
N ILE A 127 -32.52 -65.58 11.01
CA ILE A 127 -32.59 -65.08 9.65
C ILE A 127 -33.45 -65.98 8.79
N GLU A 128 -33.22 -67.30 8.86
CA GLU A 128 -34.08 -68.24 8.13
C GLU A 128 -35.45 -68.37 8.77
N ARG A 129 -35.61 -67.96 10.03
CA ARG A 129 -36.93 -67.95 10.65
C ARG A 129 -37.86 -66.97 9.96
N LEU A 130 -37.39 -65.73 9.79
CA LEU A 130 -38.21 -64.71 9.16
C LEU A 130 -38.35 -64.94 7.66
N MET A 131 -37.45 -65.72 7.06
CA MET A 131 -37.57 -66.11 5.66
C MET A 131 -38.60 -67.21 5.44
N ASP A 132 -39.16 -67.77 6.52
CA ASP A 132 -40.20 -68.78 6.40
C ASP A 132 -41.60 -68.23 6.62
N GLU A 133 -41.73 -67.11 7.32
CA GLU A 133 -43.04 -66.48 7.48
C GLU A 133 -43.43 -65.76 6.19
N PRO A 134 -44.58 -66.07 5.57
CA PRO A 134 -44.94 -65.44 4.30
C PRO A 134 -45.53 -64.05 4.45
N GLU A 135 -45.23 -63.35 5.55
CA GLU A 135 -45.76 -62.02 5.80
C GLU A 135 -44.62 -61.11 6.23
N ASP A 136 -44.22 -60.20 5.34
CA ASP A 136 -43.15 -59.27 5.68
C ASP A 136 -43.62 -58.28 6.74
N LYS A 137 -43.77 -58.76 7.98
CA LYS A 137 -44.34 -57.98 9.07
C LYS A 137 -43.26 -57.20 9.83
N LEU A 138 -42.08 -57.03 9.26
CA LEU A 138 -41.05 -56.27 9.93
C LEU A 138 -41.36 -54.77 9.82
N PRO A 139 -40.74 -53.96 10.68
CA PRO A 139 -40.96 -52.51 10.60
C PRO A 139 -40.51 -51.94 9.27
N ARG A 140 -41.19 -50.88 8.83
CA ARG A 140 -40.86 -50.18 7.60
C ARG A 140 -40.68 -48.70 7.92
N PRO A 141 -39.46 -48.28 8.29
CA PRO A 141 -39.23 -46.87 8.60
C PRO A 141 -39.46 -45.98 7.39
N VAL A 142 -39.84 -44.74 7.66
CA VAL A 142 -40.23 -43.78 6.62
C VAL A 142 -39.60 -42.43 6.92
N GLY A 143 -39.38 -41.64 5.87
CA GLY A 143 -38.80 -40.32 6.04
C GLY A 143 -37.37 -40.40 6.55
N ALA A 144 -37.09 -39.66 7.63
CA ALA A 144 -35.74 -39.64 8.19
C ALA A 144 -35.32 -41.01 8.70
N ASP A 145 -36.27 -41.80 9.19
CA ASP A 145 -35.97 -43.11 9.78
C ASP A 145 -35.45 -44.11 8.76
N LEU A 146 -35.42 -43.77 7.48
CA LEU A 146 -34.90 -44.68 6.48
C LEU A 146 -33.43 -44.96 6.75
N GLY A 147 -32.92 -46.01 6.08
CA GLY A 147 -31.50 -46.29 6.14
C GLY A 147 -30.67 -45.16 5.56
N LEU A 148 -29.35 -45.30 5.64
CA LEU A 148 -28.45 -44.29 5.14
C LEU A 148 -27.27 -44.98 4.48
N VAL A 149 -26.75 -44.39 3.40
CA VAL A 149 -25.67 -45.00 2.66
C VAL A 149 -24.61 -43.94 2.37
N ASN A 150 -23.43 -44.11 2.96
CA ASN A 150 -22.26 -43.29 2.66
C ASN A 150 -21.16 -44.20 2.15
N ASP A 151 -20.76 -44.00 0.90
CA ASP A 151 -19.80 -44.91 0.28
C ASP A 151 -18.43 -44.81 0.95
N TYR A 152 -17.78 -45.96 1.08
CA TYR A 152 -16.43 -46.05 1.66
C TYR A 152 -15.58 -46.90 0.72
N PHE A 153 -15.37 -46.40 -0.50
CA PHE A 153 -14.50 -47.06 -1.46
C PHE A 153 -13.03 -46.94 -1.07
N GLU A 154 -12.73 -46.19 -0.02
CA GLU A 154 -11.39 -45.96 0.47
C GLU A 154 -10.90 -47.04 1.41
N GLY A 155 -11.79 -47.93 1.87
CA GLY A 155 -11.39 -49.04 2.71
C GLY A 155 -10.36 -49.93 2.06
N GLY A 156 -10.27 -49.85 0.73
CA GLY A 156 -9.28 -50.64 0.01
C GLY A 156 -7.86 -50.38 0.49
N GLN A 157 -7.56 -49.15 0.86
CA GLN A 157 -6.21 -48.80 1.28
C GLN A 157 -6.02 -48.73 2.79
N LYS A 158 -7.11 -48.68 3.58
CA LYS A 158 -6.93 -48.90 5.00
C LYS A 158 -6.62 -50.36 5.30
N TYR A 159 -7.16 -51.27 4.49
CA TYR A 159 -6.74 -52.66 4.52
C TYR A 159 -5.36 -52.84 3.89
N LEU A 160 -5.00 -51.95 2.96
CA LEU A 160 -3.68 -52.02 2.33
C LEU A 160 -2.61 -51.48 3.27
N GLN A 161 -2.86 -50.31 3.86
CA GLN A 161 -1.99 -49.78 4.90
C GLN A 161 -1.70 -50.82 5.97
N PHE A 162 -2.72 -51.61 6.31
CA PHE A 162 -2.58 -52.62 7.37
C PHE A 162 -1.61 -53.73 6.97
N LEU A 163 -1.70 -54.20 5.73
CA LEU A 163 -0.78 -55.23 5.28
C LEU A 163 0.65 -54.68 5.15
N LYS A 164 0.79 -53.41 4.81
CA LYS A 164 2.09 -52.79 4.64
C LYS A 164 2.94 -52.90 5.90
N GLN A 165 2.33 -52.67 7.07
CA GLN A 165 3.10 -52.71 8.31
C GLN A 165 3.46 -54.15 8.69
N THR A 166 2.64 -55.11 8.30
CA THR A 166 2.91 -56.51 8.62
C THR A 166 3.98 -57.09 7.70
N ALA A 167 4.77 -56.22 7.09
CA ALA A 167 5.97 -56.62 6.36
C ALA A 167 7.17 -56.21 7.22
N ASP A 168 7.87 -57.20 7.76
CA ASP A 168 8.96 -56.93 8.70
C ASP A 168 9.96 -55.93 8.12
N GLU A 169 10.16 -55.96 6.81
CA GLU A 169 10.77 -54.87 6.07
C GLU A 169 10.25 -54.96 4.64
N ASP A 170 10.76 -54.09 3.77
CA ASP A 170 10.34 -54.11 2.39
C ASP A 170 11.08 -55.19 1.61
N PHE A 171 10.44 -55.69 0.55
CA PHE A 171 10.97 -56.81 -0.23
C PHE A 171 11.72 -56.31 -1.46
N THR A 172 12.74 -55.51 -1.19
CA THR A 172 13.62 -55.02 -2.25
C THR A 172 14.49 -56.16 -2.78
N GLY A 173 14.58 -56.27 -4.10
CA GLY A 173 15.43 -57.26 -4.72
C GLY A 173 14.82 -58.65 -4.85
N ILE A 174 13.49 -58.76 -4.78
CA ILE A 174 12.79 -60.03 -4.90
C ILE A 174 11.79 -59.91 -6.04
N HIS A 175 11.90 -60.78 -7.04
CA HIS A 175 11.01 -60.74 -8.19
C HIS A 175 9.93 -61.80 -8.03
N VAL A 176 8.67 -61.37 -8.12
CA VAL A 176 7.51 -62.20 -7.85
C VAL A 176 6.52 -62.07 -9.00
N ALA A 177 5.85 -63.17 -9.34
CA ALA A 177 4.82 -63.20 -10.38
C ALA A 177 3.46 -63.42 -9.73
N LEU A 178 2.51 -62.52 -10.02
CA LEU A 178 1.24 -62.47 -9.32
C LEU A 178 0.10 -62.93 -10.23
N ASP A 179 -0.65 -63.92 -9.76
CA ASP A 179 -1.92 -64.33 -10.36
C ASP A 179 -3.01 -64.09 -9.33
N CYS A 180 -3.92 -63.15 -9.61
CA CYS A 180 -4.96 -62.76 -8.66
C CYS A 180 -6.34 -63.26 -9.08
N ALA A 181 -6.41 -64.20 -10.01
CA ALA A 181 -7.64 -64.88 -10.41
C ALA A 181 -8.66 -63.97 -11.08
N ASN A 182 -8.23 -62.82 -11.61
CA ASN A 182 -9.16 -61.79 -12.10
C ASN A 182 -10.23 -61.48 -11.06
N GLY A 183 -9.85 -61.56 -9.79
CA GLY A 183 -10.76 -61.40 -8.69
C GLY A 183 -10.48 -60.18 -7.85
N ALA A 184 -11.05 -60.17 -6.64
CA ALA A 184 -11.01 -58.99 -5.79
C ALA A 184 -9.58 -58.50 -5.56
N THR A 185 -8.61 -59.41 -5.56
CA THR A 185 -7.25 -59.06 -5.20
C THR A 185 -6.49 -58.38 -6.35
N SER A 186 -7.12 -58.22 -7.51
CA SER A 186 -6.50 -57.62 -8.69
C SER A 186 -5.76 -56.32 -8.35
N SER A 187 -6.50 -55.23 -8.17
CA SER A 187 -5.88 -53.93 -7.94
C SER A 187 -5.19 -53.87 -6.58
N LEU A 188 -5.67 -54.64 -5.61
CA LEU A 188 -5.10 -54.56 -4.26
C LEU A 188 -3.70 -55.15 -4.23
N ALA A 189 -3.55 -56.41 -4.61
CA ALA A 189 -2.26 -57.09 -4.46
C ALA A 189 -1.16 -56.37 -5.23
N THR A 190 -1.46 -55.88 -6.43
CA THR A 190 -0.42 -55.30 -7.27
C THR A 190 0.19 -54.07 -6.63
N HIS A 191 -0.65 -53.16 -6.12
CA HIS A 191 -0.13 -52.00 -5.40
C HIS A 191 0.72 -52.41 -4.20
N LEU A 192 0.21 -53.36 -3.42
CA LEU A 192 0.87 -53.84 -2.21
C LEU A 192 2.34 -54.17 -2.44
N PHE A 193 2.60 -55.18 -3.27
CA PHE A 193 3.96 -55.59 -3.53
C PHE A 193 4.73 -54.57 -4.37
N ALA A 194 4.05 -53.69 -5.10
CA ALA A 194 4.76 -52.65 -5.82
C ALA A 194 5.26 -51.56 -4.89
N ASP A 195 4.40 -51.06 -4.00
CA ASP A 195 4.85 -50.09 -3.01
C ASP A 195 5.80 -50.72 -2.00
N LEU A 196 5.77 -52.04 -1.83
CA LEU A 196 6.78 -52.73 -1.04
C LEU A 196 8.09 -52.91 -1.81
N ASP A 197 8.26 -52.14 -2.88
CA ASP A 197 9.46 -52.16 -3.72
C ASP A 197 9.85 -53.59 -4.08
N ALA A 198 8.89 -54.32 -4.64
CA ALA A 198 9.14 -55.65 -5.18
C ALA A 198 9.01 -55.60 -6.69
N ASP A 199 9.80 -56.42 -7.36
CA ASP A 199 9.73 -56.55 -8.81
C ASP A 199 8.49 -57.35 -9.13
N VAL A 200 7.39 -56.67 -9.41
CA VAL A 200 6.12 -57.35 -9.61
C VAL A 200 5.93 -57.65 -11.09
N SER A 201 5.42 -58.85 -11.37
CA SER A 201 5.06 -59.26 -12.72
C SER A 201 3.68 -59.90 -12.65
N THR A 202 2.74 -59.35 -13.41
CA THR A 202 1.33 -59.63 -13.22
C THR A 202 0.77 -60.48 -14.35
N MET A 203 -0.22 -61.30 -14.01
CA MET A 203 -1.03 -62.01 -14.98
C MET A 203 -2.32 -62.41 -14.29
N GLY A 204 -3.41 -62.48 -15.05
CA GLY A 204 -4.71 -62.58 -14.42
C GLY A 204 -5.08 -61.34 -13.64
N THR A 205 -4.45 -60.21 -13.95
CA THR A 205 -4.74 -58.94 -13.31
C THR A 205 -5.48 -58.04 -14.27
N SER A 206 -6.50 -58.58 -14.94
CA SER A 206 -7.29 -57.84 -15.91
C SER A 206 -8.75 -58.31 -15.88
N PRO A 207 -9.46 -58.10 -14.77
CA PRO A 207 -10.80 -58.68 -14.62
C PRO A 207 -11.85 -57.86 -15.35
N ASN A 208 -12.91 -58.57 -15.79
CA ASN A 208 -14.00 -57.95 -16.55
C ASN A 208 -15.33 -58.60 -16.20
N GLY A 209 -15.56 -58.94 -14.94
CA GLY A 209 -16.84 -59.46 -14.51
C GLY A 209 -17.25 -60.78 -15.11
N LEU A 210 -16.50 -61.32 -16.06
CA LEU A 210 -16.83 -62.59 -16.69
C LEU A 210 -15.69 -63.59 -16.69
N ASN A 211 -14.46 -63.16 -16.46
CA ASN A 211 -13.29 -64.03 -16.57
C ASN A 211 -12.78 -64.49 -15.22
N ILE A 212 -13.53 -64.29 -14.15
CA ILE A 212 -13.01 -64.59 -12.82
C ILE A 212 -12.83 -66.09 -12.65
N ASN A 213 -11.73 -66.48 -12.01
CA ASN A 213 -11.38 -67.88 -11.78
C ASN A 213 -11.50 -68.71 -13.06
N ASP A 214 -10.86 -68.23 -14.11
CA ASP A 214 -10.81 -68.89 -15.42
C ASP A 214 -9.35 -69.22 -15.73
N GLY A 215 -8.97 -70.48 -15.53
CA GLY A 215 -7.62 -70.91 -15.82
C GLY A 215 -6.56 -70.18 -15.02
N VAL A 216 -6.99 -69.46 -13.99
CA VAL A 216 -6.12 -68.71 -13.10
C VAL A 216 -6.62 -68.92 -11.67
N GLY A 217 -5.89 -68.36 -10.71
CA GLY A 217 -6.29 -68.44 -9.33
C GLY A 217 -5.82 -69.71 -8.65
N SER A 218 -6.09 -69.77 -7.34
CA SER A 218 -5.53 -70.81 -6.48
C SER A 218 -5.90 -72.21 -6.92
N THR A 219 -6.96 -72.37 -7.72
CA THR A 219 -7.38 -73.70 -8.15
C THR A 219 -6.75 -74.14 -9.47
N HIS A 220 -6.37 -73.20 -10.33
CA HIS A 220 -5.83 -73.51 -11.66
C HIS A 220 -4.41 -72.96 -11.76
N PRO A 221 -3.46 -73.58 -11.05
CA PRO A 221 -2.13 -72.97 -10.92
C PRO A 221 -1.22 -73.13 -12.14
N GLU A 222 -1.61 -73.90 -13.16
CA GLU A 222 -0.69 -74.21 -14.24
C GLU A 222 -0.34 -72.99 -15.10
N ALA A 223 -1.16 -71.94 -15.06
CA ALA A 223 -0.84 -70.74 -15.81
C ALA A 223 0.33 -69.99 -15.18
N LEU A 224 0.22 -69.71 -13.88
CA LEU A 224 1.31 -69.08 -13.15
C LEU A 224 2.60 -69.88 -13.27
N SER A 225 2.52 -71.19 -13.06
CA SER A 225 3.71 -72.05 -13.08
C SER A 225 4.51 -71.85 -14.37
N ALA A 226 3.83 -71.94 -15.51
CA ALA A 226 4.46 -71.59 -16.78
C ALA A 226 5.03 -70.18 -16.73
N PHE A 227 4.22 -69.23 -16.25
CA PHE A 227 4.61 -67.82 -16.24
C PHE A 227 5.85 -67.59 -15.36
N VAL A 228 5.89 -68.20 -14.17
CA VAL A 228 7.02 -67.96 -13.26
C VAL A 228 8.33 -68.33 -13.93
N LYS A 229 8.36 -69.46 -14.64
CA LYS A 229 9.56 -69.84 -15.37
C LYS A 229 9.82 -68.90 -16.54
N GLU A 230 8.77 -68.46 -17.22
CA GLU A 230 8.92 -67.58 -18.37
C GLU A 230 9.70 -66.32 -18.02
N LYS A 231 9.21 -65.54 -17.06
CA LYS A 231 9.91 -64.35 -16.60
C LYS A 231 10.95 -64.65 -15.54
N ASN A 232 11.23 -65.93 -15.29
CA ASN A 232 12.18 -66.39 -14.28
C ASN A 232 12.07 -65.58 -12.99
N ALA A 233 10.83 -65.46 -12.50
CA ALA A 233 10.57 -64.79 -11.23
C ALA A 233 10.89 -65.70 -10.07
N ASP A 234 11.40 -65.12 -8.98
CA ASP A 234 11.83 -65.93 -7.83
C ASP A 234 10.69 -66.77 -7.28
N LEU A 235 9.44 -66.31 -7.41
CA LEU A 235 8.30 -67.10 -6.95
C LEU A 235 7.05 -66.64 -7.66
N GLY A 236 6.01 -67.44 -7.52
CA GLY A 236 4.67 -67.07 -7.96
C GLY A 236 3.69 -67.20 -6.80
N LEU A 237 2.84 -66.19 -6.66
CA LEU A 237 1.72 -66.22 -5.72
C LEU A 237 0.41 -66.28 -6.51
N ALA A 238 -0.51 -67.10 -6.03
CA ALA A 238 -1.80 -67.31 -6.69
C ALA A 238 -2.92 -67.18 -5.65
N PHE A 239 -3.53 -66.01 -5.59
CA PHE A 239 -4.74 -65.83 -4.81
C PHE A 239 -5.91 -66.48 -5.54
N ASP A 240 -7.10 -66.35 -4.98
CA ASP A 240 -8.30 -66.82 -5.65
C ASP A 240 -9.30 -65.67 -5.80
N GLY A 241 -10.52 -66.00 -6.20
CA GLY A 241 -11.48 -64.97 -6.58
C GLY A 241 -11.78 -63.97 -5.49
N ASP A 242 -11.79 -64.41 -4.23
CA ASP A 242 -12.06 -63.53 -3.11
C ASP A 242 -10.85 -63.33 -2.20
N GLY A 243 -9.69 -63.89 -2.56
CA GLY A 243 -8.44 -63.54 -1.88
C GLY A 243 -8.26 -64.09 -0.48
N ASP A 244 -8.82 -65.26 -0.18
CA ASP A 244 -8.62 -65.90 1.11
C ASP A 244 -7.69 -67.11 1.06
N ARG A 245 -7.53 -67.72 -0.11
CA ARG A 245 -6.57 -68.80 -0.32
C ARG A 245 -5.32 -68.27 -1.00
N LEU A 246 -4.27 -69.10 -0.98
CA LEU A 246 -3.02 -68.72 -1.63
C LEU A 246 -2.24 -69.98 -1.98
N ILE A 247 -1.79 -70.07 -3.23
CA ILE A 247 -1.02 -71.19 -3.74
C ILE A 247 0.27 -70.64 -4.35
N ALA A 248 1.40 -71.09 -3.84
CA ALA A 248 2.69 -70.55 -4.25
C ALA A 248 3.31 -71.41 -5.35
N VAL A 249 4.15 -70.77 -6.16
CA VAL A 249 4.90 -71.43 -7.22
C VAL A 249 6.36 -71.01 -7.08
N ASP A 250 7.26 -71.99 -6.94
CA ASP A 250 8.66 -71.70 -6.72
C ASP A 250 9.38 -71.41 -8.04
N GLU A 251 10.69 -71.11 -7.95
CA GLU A 251 11.43 -70.68 -9.13
C GLU A 251 11.59 -71.81 -10.14
N LYS A 252 11.60 -73.06 -9.67
CA LYS A 252 11.61 -74.20 -10.58
C LYS A 252 10.28 -74.35 -11.29
N GLY A 253 9.22 -73.72 -10.79
CA GLY A 253 7.89 -73.83 -11.36
C GLY A 253 6.96 -74.73 -10.58
N ASN A 254 7.46 -75.47 -9.59
CA ASN A 254 6.63 -76.42 -8.87
C ASN A 254 5.62 -75.70 -7.96
N ILE A 255 4.57 -76.44 -7.62
CA ILE A 255 3.46 -75.92 -6.81
C ILE A 255 3.81 -76.07 -5.33
N VAL A 256 3.30 -75.16 -4.51
CA VAL A 256 3.59 -75.13 -3.08
C VAL A 256 2.24 -75.01 -2.37
N ASP A 257 1.64 -76.15 -2.03
CA ASP A 257 0.26 -76.18 -1.54
C ASP A 257 0.18 -75.58 -0.13
N GLY A 258 -1.03 -75.67 0.46
CA GLY A 258 -1.29 -75.00 1.72
C GLY A 258 -0.53 -75.58 2.91
N ASP A 259 -0.33 -76.89 2.92
CA ASP A 259 0.49 -77.49 3.97
C ASP A 259 1.91 -76.95 3.93
N GLN A 260 2.49 -76.85 2.73
CA GLN A 260 3.88 -76.40 2.60
C GLN A 260 4.04 -74.94 3.03
N ILE A 261 3.05 -74.09 2.72
CA ILE A 261 3.15 -72.71 3.17
C ILE A 261 2.93 -72.63 4.68
N MET A 262 2.02 -73.45 5.21
CA MET A 262 1.86 -73.51 6.66
C MET A 262 3.17 -73.90 7.35
N TYR A 263 3.94 -74.80 6.73
CA TYR A 263 5.23 -75.19 7.28
C TYR A 263 6.22 -74.02 7.22
N ILE A 264 6.34 -73.40 6.04
CA ILE A 264 7.36 -72.37 5.82
C ILE A 264 7.19 -71.23 6.82
N CYS A 265 5.94 -70.79 7.03
CA CYS A 265 5.70 -69.61 7.85
C CYS A 265 5.81 -69.93 9.33
N SER A 266 5.11 -70.97 9.79
CA SER A 266 5.14 -71.30 11.20
C SER A 266 6.53 -71.73 11.65
N LYS A 267 7.35 -72.27 10.73
CA LYS A 267 8.75 -72.51 11.05
C LYS A 267 9.48 -71.21 11.30
N HIS A 268 9.31 -70.23 10.40
CA HIS A 268 9.97 -68.95 10.57
C HIS A 268 9.40 -68.17 11.74
N LEU A 269 8.15 -68.45 12.13
CA LEU A 269 7.55 -67.74 13.26
C LEU A 269 8.11 -68.23 14.59
N LYS A 270 8.41 -69.54 14.70
CA LYS A 270 9.03 -70.05 15.91
C LYS A 270 10.40 -69.43 16.14
N SER A 271 11.12 -69.11 15.06
CA SER A 271 12.43 -68.47 15.15
C SER A 271 12.35 -67.04 15.66
N GLU A 272 11.17 -66.44 15.69
CA GLU A 272 10.98 -65.11 16.26
C GLU A 272 10.18 -65.15 17.55
N GLY A 273 9.99 -66.33 18.13
CA GLY A 273 9.24 -66.48 19.36
C GLY A 273 7.77 -66.14 19.24
N ARG A 274 7.28 -65.92 18.01
CA ARG A 274 5.91 -65.47 17.82
C ARG A 274 4.90 -66.59 17.68
N LEU A 275 5.33 -67.82 17.42
CA LEU A 275 4.38 -68.93 17.39
C LEU A 275 3.94 -69.24 18.82
N LYS A 276 2.66 -69.02 19.09
CA LYS A 276 2.13 -69.19 20.44
C LYS A 276 2.19 -70.67 20.83
N ASP A 277 2.94 -70.96 21.89
CA ASP A 277 3.14 -72.31 22.41
C ASP A 277 3.75 -73.26 21.37
N ASP A 278 4.17 -72.74 20.22
CA ASP A 278 4.80 -73.51 19.15
C ASP A 278 3.89 -74.64 18.66
N THR A 279 2.63 -74.28 18.35
CA THR A 279 1.67 -75.24 17.83
C THR A 279 0.91 -74.63 16.65
N VAL A 280 0.52 -75.48 15.71
CA VAL A 280 -0.22 -75.09 14.51
C VAL A 280 -1.43 -75.99 14.40
N VAL A 281 -2.60 -75.38 14.18
CA VAL A 281 -3.82 -76.13 13.91
C VAL A 281 -3.89 -76.45 12.42
N SER A 282 -4.44 -77.61 12.09
CA SER A 282 -4.59 -77.99 10.69
C SER A 282 -5.84 -78.86 10.57
N THR A 283 -5.94 -79.57 9.46
CA THR A 283 -7.12 -80.35 9.12
C THR A 283 -6.73 -81.81 8.92
N VAL A 284 -7.75 -82.67 8.84
CA VAL A 284 -7.53 -84.06 8.45
C VAL A 284 -6.92 -84.11 7.05
N MET A 285 -7.28 -83.16 6.19
CA MET A 285 -6.80 -83.11 4.81
C MET A 285 -5.29 -82.90 4.71
N SER A 286 -4.63 -82.49 5.79
CA SER A 286 -3.21 -82.16 5.72
C SER A 286 -2.36 -83.40 5.56
N ASN A 287 -1.41 -83.34 4.62
CA ASN A 287 -0.57 -84.47 4.26
C ASN A 287 0.18 -84.99 5.49
N LEU A 288 0.63 -86.25 5.40
CA LEU A 288 1.32 -86.89 6.52
C LEU A 288 2.70 -86.29 6.75
N GLY A 289 3.46 -86.09 5.66
CA GLY A 289 4.78 -85.49 5.78
C GLY A 289 4.76 -84.08 6.34
N PHE A 290 3.64 -83.39 6.23
CA PHE A 290 3.48 -82.11 6.90
C PHE A 290 3.72 -82.26 8.40
N TYR A 291 2.99 -83.18 9.03
CA TYR A 291 3.18 -83.44 10.45
C TYR A 291 4.53 -84.06 10.75
N LYS A 292 5.14 -84.76 9.77
CA LYS A 292 6.44 -85.38 10.00
C LYS A 292 7.54 -84.34 10.17
N ALA A 293 7.49 -83.27 9.38
CA ALA A 293 8.49 -82.22 9.48
C ALA A 293 8.10 -81.15 10.49
N LEU A 294 6.88 -81.21 11.04
CA LEU A 294 6.49 -80.31 12.13
C LEU A 294 7.21 -80.69 13.42
N GLU A 295 7.21 -81.98 13.76
CA GLU A 295 7.92 -82.45 14.95
C GLU A 295 9.43 -82.29 14.79
N LYS A 296 9.95 -82.45 13.56
CA LYS A 296 11.37 -82.25 13.32
C LYS A 296 11.82 -80.85 13.71
N GLU A 297 10.91 -79.89 13.72
CA GLU A 297 11.18 -78.52 14.14
C GLU A 297 10.62 -78.23 15.53
N GLY A 298 10.31 -79.25 16.31
CA GLY A 298 9.79 -79.05 17.65
C GLY A 298 8.46 -78.33 17.71
N ILE A 299 7.66 -78.40 16.65
CA ILE A 299 6.36 -77.76 16.59
C ILE A 299 5.29 -78.83 16.79
N LYS A 300 4.43 -78.62 17.79
CA LYS A 300 3.32 -79.52 18.05
C LYS A 300 2.18 -79.20 17.08
N SER A 301 1.09 -79.96 17.17
CA SER A 301 0.02 -79.81 16.19
C SER A 301 -1.31 -80.25 16.78
N VAL A 302 -2.36 -79.51 16.42
CA VAL A 302 -3.74 -79.89 16.70
C VAL A 302 -4.44 -80.14 15.39
N GLN A 303 -5.15 -81.26 15.29
CA GLN A 303 -5.90 -81.61 14.11
C GLN A 303 -7.38 -81.43 14.36
N THR A 304 -8.07 -80.82 13.40
CA THR A 304 -9.50 -80.61 13.43
C THR A 304 -10.10 -81.09 12.12
N ALA A 305 -11.44 -81.06 12.04
CA ALA A 305 -12.13 -81.46 10.83
C ALA A 305 -11.98 -80.38 9.76
N VAL A 306 -12.42 -80.72 8.54
CA VAL A 306 -12.33 -79.80 7.41
C VAL A 306 -13.34 -78.68 7.59
N GLY A 307 -13.19 -77.61 6.81
CA GLY A 307 -13.96 -76.41 7.05
C GLY A 307 -13.25 -75.55 8.07
N ASP A 308 -13.00 -74.29 7.71
CA ASP A 308 -12.26 -73.37 8.57
C ASP A 308 -13.10 -72.78 9.70
N ARG A 309 -14.36 -73.18 9.83
CA ARG A 309 -15.11 -72.86 11.03
C ARG A 309 -14.66 -73.72 12.21
N TYR A 310 -14.09 -74.89 11.94
CA TYR A 310 -13.51 -75.74 12.97
C TYR A 310 -12.03 -75.46 13.21
N VAL A 311 -11.30 -75.00 12.19
CA VAL A 311 -9.91 -74.59 12.40
C VAL A 311 -9.88 -73.27 13.17
N VAL A 312 -10.89 -72.42 12.98
CA VAL A 312 -10.94 -71.19 13.75
C VAL A 312 -11.45 -71.46 15.16
N GLU A 313 -12.42 -72.39 15.30
CA GLU A 313 -12.90 -72.78 16.62
C GLU A 313 -11.77 -73.35 17.46
N ALA A 314 -10.86 -74.08 16.84
CA ALA A 314 -9.70 -74.60 17.55
C ALA A 314 -8.84 -73.47 18.07
N MET A 315 -8.42 -72.57 17.18
CA MET A 315 -7.61 -71.43 17.56
C MET A 315 -8.33 -70.46 18.49
N LYS A 316 -9.63 -70.64 18.69
CA LYS A 316 -10.42 -69.75 19.54
C LYS A 316 -10.26 -70.08 21.02
N LYS A 317 -10.60 -71.32 21.39
CA LYS A 317 -10.74 -71.69 22.80
C LYS A 317 -9.42 -71.71 23.56
N ASP A 318 -8.29 -71.81 22.86
CA ASP A 318 -7.01 -72.02 23.52
C ASP A 318 -5.95 -70.99 23.17
N GLY A 319 -6.24 -70.07 22.25
CA GLY A 319 -5.29 -69.02 21.89
C GLY A 319 -4.08 -69.51 21.14
N TYR A 320 -4.29 -70.19 20.02
CA TYR A 320 -3.18 -70.60 19.16
C TYR A 320 -2.95 -69.54 18.09
N ASN A 321 -1.76 -69.57 17.50
CA ASN A 321 -1.32 -68.51 16.62
C ASN A 321 -1.59 -68.77 15.14
N VAL A 322 -1.39 -69.99 14.66
CA VAL A 322 -1.46 -70.30 13.24
C VAL A 322 -2.30 -71.53 13.02
N GLY A 323 -3.16 -71.48 12.01
CA GLY A 323 -3.89 -72.63 11.53
C GLY A 323 -4.10 -72.50 10.05
N GLY A 324 -4.61 -73.56 9.43
CA GLY A 324 -4.88 -73.51 8.01
C GLY A 324 -5.19 -74.87 7.44
N GLU A 325 -5.33 -74.88 6.12
CA GLU A 325 -5.73 -76.06 5.37
C GLU A 325 -4.72 -76.31 4.25
N GLN A 326 -4.73 -77.53 3.73
CA GLN A 326 -3.96 -77.82 2.53
C GLN A 326 -4.42 -76.99 1.34
N SER A 327 -5.65 -76.46 1.40
CA SER A 327 -6.20 -75.65 0.33
C SER A 327 -5.43 -74.35 0.11
N GLY A 328 -4.65 -73.90 1.10
CA GLY A 328 -4.01 -72.61 1.07
C GLY A 328 -4.67 -71.57 1.94
N HIS A 329 -5.81 -71.89 2.53
CA HIS A 329 -6.55 -70.97 3.40
C HIS A 329 -5.83 -70.89 4.75
N LEU A 330 -4.99 -69.88 4.91
CA LEU A 330 -4.15 -69.77 6.10
C LEU A 330 -4.63 -68.62 6.97
N ILE A 331 -4.88 -68.92 8.24
CA ILE A 331 -5.36 -67.94 9.21
C ILE A 331 -4.22 -67.59 10.15
N PHE A 332 -3.94 -66.30 10.31
CA PHE A 332 -2.96 -65.80 11.25
C PHE A 332 -3.69 -64.91 12.24
N LEU A 333 -4.09 -65.50 13.37
CA LEU A 333 -4.95 -64.82 14.33
C LEU A 333 -4.28 -63.65 15.04
N ASP A 334 -2.99 -63.40 14.79
CA ASP A 334 -2.34 -62.20 15.30
C ASP A 334 -2.79 -60.95 14.54
N TYR A 335 -3.32 -61.11 13.34
CA TYR A 335 -3.61 -59.97 12.47
C TYR A 335 -5.04 -59.93 11.97
N ASN A 336 -5.60 -61.07 11.57
CA ASN A 336 -6.95 -61.07 11.03
C ASN A 336 -7.70 -62.29 11.55
N THR A 337 -9.02 -62.27 11.37
CA THR A 337 -9.90 -63.27 11.95
C THR A 337 -10.26 -64.41 11.00
N THR A 338 -10.00 -64.25 9.70
CA THR A 338 -10.28 -65.30 8.73
C THR A 338 -9.05 -65.61 7.88
N GLY A 339 -9.24 -66.43 6.85
CA GLY A 339 -8.14 -66.77 5.96
C GLY A 339 -7.84 -65.62 5.02
N ASP A 340 -6.56 -65.27 4.93
CA ASP A 340 -6.11 -64.12 4.15
C ASP A 340 -5.05 -64.58 3.16
N GLY A 341 -5.28 -64.31 1.87
CA GLY A 341 -4.30 -64.68 0.87
C GLY A 341 -3.05 -63.80 0.95
N LEU A 342 -3.24 -62.49 1.06
CA LEU A 342 -2.11 -61.57 1.04
C LEU A 342 -1.34 -61.59 2.36
N LEU A 343 -2.04 -61.64 3.48
CA LEU A 343 -1.37 -61.84 4.76
C LEU A 343 -0.56 -63.13 4.73
N SER A 344 -1.16 -64.22 4.25
CA SER A 344 -0.39 -65.44 3.99
C SER A 344 0.79 -65.15 3.07
N ALA A 345 0.57 -64.31 2.05
CA ALA A 345 1.62 -64.02 1.08
C ALA A 345 2.77 -63.23 1.71
N ILE A 346 2.45 -62.26 2.58
CA ILE A 346 3.50 -61.43 3.14
C ILE A 346 4.33 -62.21 4.16
N MET A 347 3.69 -63.11 4.90
CA MET A 347 4.46 -63.98 5.80
C MET A 347 5.44 -64.84 5.01
N LEU A 348 5.01 -65.36 3.87
CA LEU A 348 5.90 -66.10 2.98
C LEU A 348 7.05 -65.22 2.51
N MET A 349 6.73 -63.99 2.09
CA MET A 349 7.78 -63.08 1.65
C MET A 349 8.73 -62.74 2.79
N ASN A 350 8.22 -62.65 4.03
CA ASN A 350 9.09 -62.44 5.17
C ASN A 350 10.10 -63.58 5.30
N THR A 351 9.64 -64.82 5.17
CA THR A 351 10.57 -65.96 5.24
C THR A 351 11.55 -65.94 4.07
N LEU A 352 11.10 -65.56 2.88
CA LEU A 352 11.99 -65.55 1.73
C LEU A 352 13.09 -64.51 1.88
N LYS A 353 12.75 -63.32 2.38
CA LYS A 353 13.76 -62.29 2.54
C LYS A 353 14.64 -62.57 3.76
N ALA A 354 14.06 -63.08 4.84
CA ALA A 354 14.77 -63.16 6.11
C ALA A 354 15.89 -64.20 6.07
N THR A 355 15.66 -65.32 5.39
CA THR A 355 16.70 -66.35 5.28
C THR A 355 17.50 -66.27 3.98
N GLY A 356 17.09 -65.40 3.05
CA GLY A 356 17.76 -65.31 1.77
C GLY A 356 17.45 -66.46 0.83
N LYS A 357 17.23 -67.64 1.40
CA LYS A 357 16.95 -68.88 0.68
C LYS A 357 15.85 -68.67 -0.36
N PRO A 358 15.93 -69.34 -1.51
CA PRO A 358 14.80 -69.34 -2.44
C PRO A 358 13.75 -70.35 -2.02
N LEU A 359 12.56 -70.21 -2.61
CA LEU A 359 11.38 -70.89 -2.09
C LEU A 359 11.46 -72.40 -2.26
N SER A 360 12.13 -72.87 -3.32
CA SER A 360 12.30 -74.30 -3.49
C SER A 360 12.98 -74.94 -2.28
N GLU A 361 13.95 -74.23 -1.70
CA GLU A 361 14.74 -74.79 -0.61
C GLU A 361 13.94 -74.86 0.68
N LEU A 362 13.22 -73.79 1.02
CA LEU A 362 12.39 -73.80 2.23
C LEU A 362 11.31 -74.87 2.15
N ALA A 363 10.79 -75.13 0.96
CA ALA A 363 9.73 -76.12 0.78
C ALA A 363 10.25 -77.55 0.73
N ALA A 364 11.57 -77.73 0.62
CA ALA A 364 12.13 -79.07 0.57
C ALA A 364 12.35 -79.68 1.96
N GLU A 365 12.15 -78.90 3.02
CA GLU A 365 12.35 -79.44 4.37
C GLU A 365 11.23 -80.39 4.76
N MET A 366 9.99 -80.07 4.38
CA MET A 366 8.88 -80.99 4.54
C MET A 366 8.81 -81.89 3.31
N GLN A 367 8.84 -83.20 3.53
CA GLN A 367 8.73 -84.19 2.47
C GLN A 367 7.29 -84.69 2.39
N LYS A 368 6.66 -84.50 1.23
CA LYS A 368 5.31 -84.99 1.03
C LYS A 368 5.31 -86.50 0.79
N PHE A 369 4.31 -87.18 1.33
CA PHE A 369 4.22 -88.64 1.21
C PHE A 369 3.44 -89.06 -0.02
N GLY B 2 -52.71 -53.65 -10.96
CA GLY B 2 -53.78 -52.69 -10.73
C GLY B 2 -53.52 -51.34 -11.35
N LYS B 3 -53.64 -50.28 -10.55
CA LYS B 3 -53.40 -48.92 -11.01
C LYS B 3 -52.10 -48.44 -10.37
N TYR B 4 -50.98 -48.81 -10.98
CA TYR B 4 -49.68 -48.35 -10.53
C TYR B 4 -49.26 -47.03 -11.18
N PHE B 5 -49.63 -46.81 -12.44
CA PHE B 5 -49.10 -45.71 -13.24
C PHE B 5 -50.15 -44.61 -13.38
N GLY B 6 -50.06 -43.62 -12.49
CA GLY B 6 -50.89 -42.42 -12.59
C GLY B 6 -50.32 -41.44 -13.61
N THR B 7 -50.54 -40.16 -13.35
CA THR B 7 -50.00 -39.12 -14.25
C THR B 7 -48.48 -39.09 -14.19
N ASP B 8 -47.92 -38.82 -13.01
CA ASP B 8 -46.47 -38.77 -12.84
C ASP B 8 -45.90 -40.14 -12.52
N GLY B 9 -46.33 -41.16 -13.27
CA GLY B 9 -45.84 -42.50 -13.06
C GLY B 9 -46.35 -43.10 -11.76
N VAL B 10 -45.55 -43.98 -11.18
CA VAL B 10 -45.86 -44.62 -9.90
C VAL B 10 -45.35 -43.74 -8.78
N ARG B 11 -46.17 -43.53 -7.75
CA ARG B 11 -45.79 -42.71 -6.63
C ARG B 11 -46.34 -43.27 -5.33
N GLY B 12 -45.91 -42.65 -4.24
CA GLY B 12 -46.20 -43.12 -2.90
C GLY B 12 -45.12 -42.68 -1.95
N VAL B 13 -45.39 -42.86 -0.67
CA VAL B 13 -44.42 -42.56 0.37
C VAL B 13 -43.49 -43.75 0.53
N ALA B 14 -42.19 -43.49 0.54
CA ALA B 14 -41.19 -44.53 0.32
C ALA B 14 -41.20 -45.57 1.45
N ASN B 15 -40.87 -46.82 1.06
CA ASN B 15 -40.78 -47.97 1.94
C ASN B 15 -42.15 -48.46 2.40
N SER B 16 -43.05 -47.54 2.77
CA SER B 16 -44.37 -47.95 3.24
C SER B 16 -45.30 -48.27 2.07
N GLU B 17 -45.57 -47.28 1.22
CA GLU B 17 -46.36 -47.53 0.00
C GLU B 17 -45.45 -47.97 -1.13
N LEU B 18 -44.58 -47.07 -1.59
CA LEU B 18 -43.58 -47.39 -2.61
C LEU B 18 -42.50 -48.26 -1.97
N THR B 19 -42.82 -49.53 -1.80
CA THR B 19 -41.89 -50.46 -1.21
C THR B 19 -40.72 -50.72 -2.17
N PRO B 20 -39.54 -51.00 -1.63
CA PRO B 20 -38.45 -51.47 -2.51
C PRO B 20 -38.81 -52.76 -3.23
N GLU B 21 -39.72 -53.56 -2.67
CA GLU B 21 -40.20 -54.76 -3.36
C GLU B 21 -40.90 -54.40 -4.66
N LEU B 22 -41.63 -53.28 -4.66
CA LEU B 22 -42.38 -52.86 -5.84
C LEU B 22 -41.45 -52.26 -6.89
N ALA B 23 -40.52 -51.40 -6.48
CA ALA B 23 -39.59 -50.80 -7.43
C ALA B 23 -38.76 -51.85 -8.15
N PHE B 24 -38.45 -52.96 -7.46
CA PHE B 24 -37.79 -54.07 -8.13
C PHE B 24 -38.70 -54.71 -9.17
N LYS B 25 -39.98 -54.91 -8.83
CA LYS B 25 -40.92 -55.46 -9.79
C LYS B 25 -41.16 -54.52 -10.96
N VAL B 26 -40.94 -53.22 -10.77
CA VAL B 26 -41.08 -52.28 -11.88
C VAL B 26 -39.96 -52.49 -12.88
N GLY B 27 -38.72 -52.50 -12.41
CA GLY B 27 -37.58 -52.63 -13.30
C GLY B 27 -37.43 -53.98 -13.94
N ARG B 28 -38.02 -55.03 -13.35
CA ARG B 28 -37.93 -56.35 -13.94
C ARG B 28 -38.95 -56.54 -15.06
N PHE B 29 -40.19 -56.10 -14.83
CA PHE B 29 -41.21 -56.19 -15.86
C PHE B 29 -41.12 -55.03 -16.84
N GLY B 30 -40.92 -53.81 -16.33
CA GLY B 30 -40.72 -52.67 -17.21
C GLY B 30 -39.50 -52.83 -18.10
N GLY B 31 -38.51 -53.60 -17.64
CA GLY B 31 -37.38 -53.92 -18.49
C GLY B 31 -37.71 -54.93 -19.56
N TYR B 32 -38.59 -55.89 -19.26
CA TYR B 32 -38.91 -56.93 -20.23
C TYR B 32 -39.81 -56.40 -21.34
N VAL B 33 -40.66 -55.42 -21.04
CA VAL B 33 -41.47 -54.81 -22.09
C VAL B 33 -40.57 -54.14 -23.11
N LEU B 34 -39.60 -53.37 -22.62
CA LEU B 34 -38.68 -52.66 -23.51
C LEU B 34 -37.64 -53.58 -24.13
N THR B 35 -37.54 -54.82 -23.69
CA THR B 35 -36.53 -55.73 -24.24
C THR B 35 -36.96 -56.40 -25.54
N LYS B 36 -38.15 -56.09 -26.05
CA LYS B 36 -38.68 -56.83 -27.19
C LYS B 36 -37.86 -56.66 -28.46
N ASP B 37 -37.08 -55.58 -28.56
CA ASP B 37 -36.23 -55.41 -29.73
C ASP B 37 -34.96 -56.24 -29.59
N LYS B 38 -33.91 -55.63 -29.04
CA LYS B 38 -32.63 -56.32 -28.86
C LYS B 38 -32.60 -56.99 -27.48
N GLN B 39 -31.66 -57.94 -27.33
CA GLN B 39 -31.55 -58.72 -26.11
C GLN B 39 -30.83 -57.99 -24.98
N ARG B 40 -30.14 -56.88 -25.27
CA ARG B 40 -29.53 -56.04 -24.23
C ARG B 40 -29.96 -54.61 -24.44
N PRO B 41 -31.10 -54.21 -23.87
CA PRO B 41 -31.52 -52.81 -23.97
C PRO B 41 -30.66 -51.90 -23.12
N LYS B 42 -30.79 -50.60 -23.36
CA LYS B 42 -29.97 -49.58 -22.72
C LYS B 42 -30.89 -48.68 -21.90
N VAL B 43 -30.97 -48.96 -20.60
CA VAL B 43 -31.77 -48.15 -19.67
C VAL B 43 -30.82 -47.35 -18.79
N LEU B 44 -30.89 -46.02 -18.89
CA LEU B 44 -30.20 -45.22 -17.90
C LEU B 44 -31.15 -44.90 -16.76
N ILE B 45 -30.59 -44.31 -15.71
CA ILE B 45 -31.36 -44.07 -14.48
C ILE B 45 -30.81 -42.84 -13.79
N GLY B 46 -31.71 -41.95 -13.38
CA GLY B 46 -31.31 -40.74 -12.68
C GLY B 46 -32.28 -40.46 -11.55
N ARG B 47 -31.81 -39.68 -10.59
CA ARG B 47 -32.58 -39.47 -9.37
C ARG B 47 -32.32 -38.06 -8.83
N ASP B 48 -33.17 -37.65 -7.90
CA ASP B 48 -32.95 -36.45 -7.13
C ASP B 48 -32.23 -36.80 -5.83
N THR B 49 -32.20 -35.87 -4.88
CA THR B 49 -31.42 -36.06 -3.66
C THR B 49 -32.14 -36.85 -2.59
N ARG B 50 -33.31 -37.42 -2.87
CA ARG B 50 -34.11 -38.06 -1.83
C ARG B 50 -33.35 -39.22 -1.20
N ILE B 51 -33.35 -39.28 0.13
CA ILE B 51 -32.68 -40.36 0.86
C ILE B 51 -33.28 -41.70 0.47
N SER B 52 -34.57 -41.74 0.18
CA SER B 52 -35.17 -42.94 -0.39
C SER B 52 -34.58 -43.26 -1.75
N GLY B 53 -34.07 -42.25 -2.46
CA GLY B 53 -33.59 -42.44 -3.82
C GLY B 53 -32.55 -43.54 -3.94
N HIS B 54 -31.65 -43.62 -2.96
CA HIS B 54 -30.63 -44.68 -3.00
C HIS B 54 -31.26 -46.06 -2.88
N MET B 55 -32.15 -46.24 -1.90
CA MET B 55 -32.76 -47.56 -1.72
C MET B 55 -33.56 -47.98 -2.95
N LEU B 56 -34.31 -47.05 -3.54
CA LEU B 56 -35.05 -47.37 -4.75
C LEU B 56 -34.12 -47.61 -5.93
N GLU B 57 -33.08 -46.77 -6.07
CA GLU B 57 -32.15 -46.96 -7.18
C GLU B 57 -31.56 -48.36 -7.18
N GLY B 58 -31.31 -48.92 -5.99
CA GLY B 58 -30.76 -50.26 -5.92
C GLY B 58 -31.78 -51.32 -6.33
N ALA B 59 -32.99 -51.23 -5.78
CA ALA B 59 -34.01 -52.23 -6.06
C ALA B 59 -34.39 -52.23 -7.54
N LEU B 60 -34.38 -51.06 -8.18
CA LEU B 60 -34.71 -50.96 -9.60
C LEU B 60 -33.63 -51.63 -10.46
N VAL B 61 -32.37 -51.26 -10.24
CA VAL B 61 -31.28 -51.80 -11.05
C VAL B 61 -31.18 -53.31 -10.86
N ALA B 62 -31.47 -53.80 -9.64
CA ALA B 62 -31.51 -55.24 -9.43
C ALA B 62 -32.52 -55.92 -10.34
N GLY B 63 -33.62 -55.24 -10.65
CA GLY B 63 -34.55 -55.77 -11.62
C GLY B 63 -34.04 -55.64 -13.04
N LEU B 64 -33.37 -54.52 -13.34
CA LEU B 64 -32.89 -54.28 -14.70
C LEU B 64 -31.79 -55.26 -15.09
N LEU B 65 -30.91 -55.62 -14.15
CA LEU B 65 -29.89 -56.60 -14.45
C LEU B 65 -30.43 -58.02 -14.50
N SER B 66 -31.61 -58.26 -13.92
CA SER B 66 -32.20 -59.59 -13.87
C SER B 66 -33.00 -59.94 -15.11
N ILE B 67 -32.93 -59.11 -16.16
CA ILE B 67 -33.51 -59.49 -17.45
C ILE B 67 -32.50 -59.14 -18.53
N GLY B 68 -31.29 -58.75 -18.13
CA GLY B 68 -30.20 -58.55 -19.06
C GLY B 68 -30.07 -57.17 -19.64
N ALA B 69 -30.65 -56.15 -19.00
CA ALA B 69 -30.61 -54.80 -19.54
C ALA B 69 -29.31 -54.09 -19.16
N GLU B 70 -28.80 -53.29 -20.09
CA GLU B 70 -27.61 -52.49 -19.86
C GLU B 70 -28.00 -51.19 -19.15
N VAL B 71 -27.49 -51.01 -17.94
CA VAL B 71 -27.90 -49.91 -17.06
C VAL B 71 -26.76 -48.90 -16.98
N MET B 72 -27.11 -47.61 -17.04
CA MET B 72 -26.16 -46.52 -16.82
C MET B 72 -26.71 -45.63 -15.71
N ARG B 73 -26.10 -45.69 -14.53
CA ARG B 73 -26.49 -44.82 -13.43
C ARG B 73 -25.96 -43.41 -13.64
N LEU B 74 -26.78 -42.42 -13.30
CA LEU B 74 -26.44 -41.02 -13.52
C LEU B 74 -26.16 -40.24 -12.23
N GLY B 75 -26.37 -40.85 -11.06
CA GLY B 75 -26.28 -40.06 -9.85
C GLY B 75 -27.39 -39.02 -9.81
N VAL B 76 -27.05 -37.83 -9.33
CA VAL B 76 -28.00 -36.75 -9.18
C VAL B 76 -28.06 -35.95 -10.48
N ILE B 77 -29.23 -35.93 -11.10
CA ILE B 77 -29.46 -35.16 -12.32
C ILE B 77 -30.95 -34.87 -12.41
N SER B 78 -31.29 -33.72 -12.99
CA SER B 78 -32.68 -33.34 -13.15
C SER B 78 -33.39 -34.25 -14.15
N THR B 79 -34.71 -34.34 -14.02
CA THR B 79 -35.51 -35.07 -14.99
C THR B 79 -35.35 -34.54 -16.42
N PRO B 80 -35.17 -33.23 -16.67
CA PRO B 80 -34.73 -32.82 -18.01
C PRO B 80 -33.49 -33.54 -18.50
N GLY B 81 -32.45 -33.61 -17.67
CA GLY B 81 -31.22 -34.26 -18.09
C GLY B 81 -31.44 -35.71 -18.50
N VAL B 82 -32.30 -36.42 -17.76
CA VAL B 82 -32.70 -37.77 -18.15
C VAL B 82 -33.24 -37.75 -19.57
N SER B 83 -34.34 -37.01 -19.78
CA SER B 83 -34.98 -36.95 -21.09
CA SER B 83 -34.97 -36.97 -21.09
C SER B 83 -33.98 -36.61 -22.19
N TYR B 84 -33.10 -35.63 -21.94
CA TYR B 84 -32.15 -35.25 -22.97
C TYR B 84 -31.16 -36.36 -23.26
N LEU B 85 -30.67 -37.05 -22.21
CA LEU B 85 -29.66 -38.08 -22.43
C LEU B 85 -30.25 -39.33 -23.05
N THR B 86 -31.42 -39.77 -22.59
CA THR B 86 -32.05 -40.97 -23.14
C THR B 86 -32.16 -40.90 -24.66
N LYS B 87 -32.64 -39.76 -25.17
CA LYS B 87 -32.76 -39.59 -26.61
C LYS B 87 -31.40 -39.36 -27.27
N ALA B 88 -30.50 -38.66 -26.59
CA ALA B 88 -29.21 -38.31 -27.18
C ALA B 88 -28.21 -39.47 -27.21
N MET B 89 -28.46 -40.54 -26.46
CA MET B 89 -27.61 -41.72 -26.51
C MET B 89 -28.33 -42.92 -27.12
N ASP B 90 -29.46 -42.68 -27.79
CA ASP B 90 -30.23 -43.72 -28.47
C ASP B 90 -30.54 -44.88 -27.52
N ALA B 91 -30.73 -44.56 -26.24
CA ALA B 91 -31.04 -45.57 -25.25
C ALA B 91 -32.53 -45.88 -25.30
N GLU B 92 -32.87 -47.14 -24.98
CA GLU B 92 -34.22 -47.63 -25.18
C GLU B 92 -35.21 -47.02 -24.20
N ALA B 93 -34.74 -46.46 -23.09
CA ALA B 93 -35.61 -45.87 -22.08
C ALA B 93 -34.76 -45.16 -21.04
N GLY B 94 -35.44 -44.40 -20.18
CA GLY B 94 -34.79 -43.79 -19.03
C GLY B 94 -35.72 -43.82 -17.83
N VAL B 95 -35.14 -43.65 -16.65
CA VAL B 95 -35.87 -43.74 -15.39
C VAL B 95 -35.48 -42.58 -14.50
N MET B 96 -36.46 -42.06 -13.76
CA MET B 96 -36.24 -40.98 -12.80
C MET B 96 -36.86 -41.38 -11.47
N ILE B 97 -36.05 -41.38 -10.41
CA ILE B 97 -36.53 -41.65 -9.06
C ILE B 97 -36.63 -40.29 -8.37
N SER B 98 -37.83 -39.72 -8.41
CA SER B 98 -38.10 -38.41 -7.83
C SER B 98 -39.60 -38.27 -7.64
N ALA B 99 -39.97 -37.34 -6.76
CA ALA B 99 -41.37 -37.01 -6.56
C ALA B 99 -41.54 -35.50 -6.45
N SER B 100 -40.81 -34.76 -7.27
CA SER B 100 -41.00 -33.32 -7.57
C SER B 100 -41.82 -32.53 -6.57
N HIS B 101 -41.20 -31.54 -5.92
CA HIS B 101 -41.85 -30.56 -5.05
C HIS B 101 -42.61 -31.16 -3.86
N ASN B 102 -42.86 -32.47 -3.87
CA ASN B 102 -43.53 -33.13 -2.77
C ASN B 102 -42.61 -33.11 -1.55
N PRO B 103 -43.14 -33.39 -0.35
CA PRO B 103 -42.27 -33.45 0.84
C PRO B 103 -41.21 -34.54 0.68
N VAL B 104 -40.24 -34.50 1.60
CA VAL B 104 -39.08 -35.37 1.47
C VAL B 104 -39.45 -36.84 1.60
N GLN B 105 -40.50 -37.15 2.39
CA GLN B 105 -40.82 -38.54 2.66
C GLN B 105 -41.44 -39.25 1.46
N ASP B 106 -41.81 -38.53 0.41
CA ASP B 106 -42.40 -39.13 -0.78
C ASP B 106 -41.36 -39.30 -1.88
N ASN B 107 -41.54 -40.33 -2.70
CA ASN B 107 -40.68 -40.58 -3.85
C ASN B 107 -41.52 -41.23 -4.94
N GLY B 108 -40.94 -41.34 -6.13
CA GLY B 108 -41.68 -41.91 -7.24
C GLY B 108 -40.76 -42.37 -8.36
N ILE B 109 -41.33 -43.19 -9.24
CA ILE B 109 -40.66 -43.69 -10.43
C ILE B 109 -41.40 -43.17 -11.66
N LYS B 110 -40.66 -42.70 -12.66
CA LYS B 110 -41.23 -42.20 -13.90
C LYS B 110 -40.44 -42.78 -15.06
N PHE B 111 -41.11 -42.93 -16.21
CA PHE B 111 -40.52 -43.60 -17.36
C PHE B 111 -40.59 -42.73 -18.60
N PHE B 112 -39.56 -42.86 -19.44
CA PHE B 112 -39.45 -42.16 -20.72
C PHE B 112 -39.07 -43.14 -21.82
N GLY B 113 -39.68 -42.97 -23.00
CA GLY B 113 -39.38 -43.81 -24.14
C GLY B 113 -38.12 -43.38 -24.85
N GLY B 114 -37.76 -44.15 -25.88
CA GLY B 114 -36.55 -43.86 -26.62
C GLY B 114 -36.52 -42.47 -27.23
N ASP B 115 -37.69 -41.92 -27.53
CA ASP B 115 -37.80 -40.57 -28.06
C ASP B 115 -37.62 -39.51 -26.99
N GLY B 116 -37.76 -39.87 -25.71
CA GLY B 116 -37.73 -38.92 -24.64
C GLY B 116 -39.10 -38.46 -24.14
N PHE B 117 -40.16 -39.19 -24.47
CA PHE B 117 -41.50 -38.89 -23.99
C PHE B 117 -41.97 -40.01 -23.09
N LYS B 118 -43.06 -39.74 -22.37
CA LYS B 118 -43.66 -40.74 -21.49
C LYS B 118 -43.90 -42.04 -22.25
N LEU B 119 -43.69 -43.16 -21.55
CA LEU B 119 -43.97 -44.47 -22.13
C LEU B 119 -45.39 -44.51 -22.67
N SER B 120 -45.56 -45.10 -23.85
CA SER B 120 -46.90 -45.21 -24.42
C SER B 120 -47.81 -45.97 -23.47
N ASP B 121 -49.07 -45.56 -23.41
CA ASP B 121 -50.02 -46.20 -22.50
C ASP B 121 -50.22 -47.68 -22.83
N GLU B 122 -49.83 -48.10 -24.04
CA GLU B 122 -49.84 -49.51 -24.36
C GLU B 122 -48.80 -50.27 -23.55
N GLN B 123 -47.57 -49.76 -23.51
CA GLN B 123 -46.51 -50.41 -22.75
C GLN B 123 -46.83 -50.43 -21.26
N GLU B 124 -47.28 -49.30 -20.73
CA GLU B 124 -47.61 -49.24 -19.31
C GLU B 124 -48.72 -50.20 -18.95
N ALA B 125 -49.61 -50.51 -19.91
CA ALA B 125 -50.61 -51.55 -19.69
C ALA B 125 -49.95 -52.89 -19.38
N GLU B 126 -49.07 -53.35 -20.30
CA GLU B 126 -48.46 -54.67 -20.14
C GLU B 126 -47.61 -54.74 -18.87
N ILE B 127 -46.93 -53.65 -18.52
CA ILE B 127 -46.19 -53.63 -17.26
C ILE B 127 -47.13 -53.91 -16.10
N GLU B 128 -48.31 -53.27 -16.11
CA GLU B 128 -49.30 -53.54 -15.06
C GLU B 128 -49.91 -54.92 -15.21
N ARG B 129 -50.05 -55.43 -16.44
CA ARG B 129 -50.54 -56.78 -16.65
C ARG B 129 -49.68 -57.79 -15.90
N LEU B 130 -48.36 -57.63 -16.00
CA LEU B 130 -47.44 -58.60 -15.43
C LEU B 130 -47.29 -58.43 -13.92
N MET B 131 -47.55 -57.25 -13.39
CA MET B 131 -47.52 -57.04 -11.94
C MET B 131 -48.71 -57.66 -11.25
N ASP B 132 -49.55 -58.38 -11.98
CA ASP B 132 -50.72 -59.04 -11.41
C ASP B 132 -50.63 -60.55 -11.46
N GLU B 133 -50.00 -61.13 -12.48
CA GLU B 133 -49.66 -62.54 -12.45
C GLU B 133 -48.75 -62.79 -11.26
N PRO B 134 -49.15 -63.59 -10.28
CA PRO B 134 -48.29 -63.80 -9.11
C PRO B 134 -47.16 -64.78 -9.41
N GLU B 135 -46.95 -65.10 -10.69
CA GLU B 135 -45.91 -66.02 -11.12
C GLU B 135 -44.86 -65.26 -11.93
N ASP B 136 -43.61 -65.34 -11.50
CA ASP B 136 -42.51 -64.66 -12.18
C ASP B 136 -41.89 -65.58 -13.23
N LYS B 137 -42.71 -65.92 -14.24
CA LYS B 137 -42.27 -66.78 -15.32
C LYS B 137 -41.52 -66.03 -16.42
N LEU B 138 -41.09 -64.80 -16.16
CA LEU B 138 -40.20 -64.13 -17.10
C LEU B 138 -38.82 -64.76 -17.04
N PRO B 139 -38.05 -64.69 -18.13
CA PRO B 139 -36.75 -65.35 -18.17
C PRO B 139 -35.82 -64.90 -17.04
N ARG B 140 -34.86 -65.76 -16.71
CA ARG B 140 -33.84 -65.48 -15.72
C ARG B 140 -32.47 -65.73 -16.34
N PRO B 141 -31.95 -64.78 -17.11
CA PRO B 141 -30.64 -64.98 -17.73
C PRO B 141 -29.56 -65.26 -16.70
N VAL B 142 -28.55 -66.00 -17.13
CA VAL B 142 -27.52 -66.50 -16.22
C VAL B 142 -26.18 -66.46 -16.93
N GLY B 143 -25.12 -66.35 -16.13
CA GLY B 143 -23.78 -66.24 -16.70
C GLY B 143 -23.59 -64.88 -17.33
N ALA B 144 -23.07 -64.88 -18.55
CA ALA B 144 -22.85 -63.64 -19.29
C ALA B 144 -24.13 -63.08 -19.88
N ASP B 145 -25.25 -63.81 -19.80
CA ASP B 145 -26.53 -63.29 -20.26
C ASP B 145 -27.12 -62.28 -19.29
N LEU B 146 -26.50 -62.10 -18.12
CA LEU B 146 -27.01 -61.19 -17.11
C LEU B 146 -26.85 -59.74 -17.57
N GLY B 147 -27.48 -58.83 -16.81
CA GLY B 147 -27.32 -57.43 -17.08
C GLY B 147 -25.91 -56.95 -16.81
N LEU B 148 -25.58 -55.83 -17.44
CA LEU B 148 -24.29 -55.18 -17.29
C LEU B 148 -24.51 -53.77 -16.74
N VAL B 149 -23.49 -53.23 -16.08
CA VAL B 149 -23.60 -51.90 -15.49
C VAL B 149 -22.29 -51.15 -15.76
N ASN B 150 -22.43 -49.90 -16.23
CA ASN B 150 -21.31 -48.99 -16.36
C ASN B 150 -21.82 -47.59 -16.05
N ASP B 151 -21.30 -47.01 -14.97
CA ASP B 151 -21.78 -45.72 -14.52
C ASP B 151 -21.45 -44.63 -15.53
N TYR B 152 -22.31 -43.62 -15.58
CA TYR B 152 -22.12 -42.45 -16.43
C TYR B 152 -22.48 -41.21 -15.61
N PHE B 153 -21.75 -41.01 -14.52
CA PHE B 153 -21.99 -39.86 -13.66
C PHE B 153 -21.63 -38.55 -14.34
N GLU B 154 -20.85 -38.61 -15.43
CA GLU B 154 -20.51 -37.44 -16.21
C GLU B 154 -21.64 -36.99 -17.13
N GLY B 155 -22.70 -37.79 -17.25
CA GLY B 155 -23.84 -37.39 -18.06
C GLY B 155 -24.40 -36.03 -17.68
N GLY B 156 -24.14 -35.61 -16.43
CA GLY B 156 -24.49 -34.28 -16.00
C GLY B 156 -24.00 -33.20 -16.94
N GLN B 157 -22.69 -33.11 -17.14
CA GLN B 157 -22.18 -32.03 -17.98
C GLN B 157 -22.50 -32.22 -19.47
N LYS B 158 -22.92 -33.41 -19.89
CA LYS B 158 -23.41 -33.57 -21.25
C LYS B 158 -24.64 -32.69 -21.44
N TYR B 159 -25.71 -33.01 -20.70
CA TYR B 159 -26.87 -32.14 -20.62
C TYR B 159 -26.48 -30.71 -20.29
N LEU B 160 -25.47 -30.54 -19.41
CA LEU B 160 -24.97 -29.19 -19.13
C LEU B 160 -24.34 -28.56 -20.36
N GLN B 161 -23.55 -29.33 -21.13
CA GLN B 161 -23.05 -28.83 -22.39
C GLN B 161 -24.17 -28.48 -23.36
N PHE B 162 -25.29 -29.20 -23.28
CA PHE B 162 -26.41 -28.89 -24.16
C PHE B 162 -27.10 -27.61 -23.73
N LEU B 163 -27.09 -27.31 -22.43
CA LEU B 163 -27.72 -26.08 -21.96
C LEU B 163 -26.89 -24.85 -22.32
N LYS B 164 -25.56 -24.99 -22.26
CA LYS B 164 -24.67 -23.86 -22.46
C LYS B 164 -24.79 -23.27 -23.85
N GLN B 165 -25.02 -24.12 -24.86
CA GLN B 165 -25.09 -23.61 -26.23
C GLN B 165 -26.35 -22.79 -26.46
N THR B 166 -27.45 -23.14 -25.80
CA THR B 166 -28.73 -22.46 -25.95
C THR B 166 -28.72 -21.04 -25.40
N ALA B 167 -27.64 -20.59 -24.80
CA ALA B 167 -27.51 -19.21 -24.40
C ALA B 167 -27.07 -18.39 -25.61
N ASP B 168 -27.89 -17.41 -25.99
CA ASP B 168 -27.55 -16.54 -27.12
C ASP B 168 -26.17 -15.92 -26.96
N GLU B 169 -25.70 -15.80 -25.72
CA GLU B 169 -24.41 -15.27 -25.35
C GLU B 169 -24.27 -15.48 -23.85
N ASP B 170 -23.08 -15.21 -23.32
CA ASP B 170 -22.94 -15.30 -21.88
C ASP B 170 -23.60 -14.10 -21.20
N PHE B 171 -24.05 -14.31 -19.97
CA PHE B 171 -24.86 -13.31 -19.28
C PHE B 171 -24.00 -12.36 -18.45
N THR B 172 -22.89 -11.90 -19.01
CA THR B 172 -22.01 -11.00 -18.28
C THR B 172 -22.75 -9.72 -17.87
N GLY B 173 -22.54 -9.30 -16.63
CA GLY B 173 -23.18 -8.11 -16.11
C GLY B 173 -24.54 -8.31 -15.48
N ILE B 174 -24.86 -9.53 -15.05
CA ILE B 174 -26.17 -9.85 -14.49
C ILE B 174 -25.98 -10.60 -13.18
N HIS B 175 -26.62 -10.10 -12.12
CA HIS B 175 -26.62 -10.74 -10.82
C HIS B 175 -27.90 -11.55 -10.66
N VAL B 176 -27.76 -12.86 -10.54
CA VAL B 176 -28.90 -13.77 -10.48
C VAL B 176 -28.81 -14.59 -9.20
N ALA B 177 -29.93 -14.69 -8.48
CA ALA B 177 -30.05 -15.53 -7.31
C ALA B 177 -30.66 -16.87 -7.69
N LEU B 178 -30.30 -17.92 -6.96
CA LEU B 178 -30.71 -19.27 -7.30
C LEU B 178 -31.29 -19.96 -6.09
N ASP B 179 -32.47 -20.55 -6.26
CA ASP B 179 -33.13 -21.39 -5.25
C ASP B 179 -33.31 -22.76 -5.88
N CYS B 180 -32.54 -23.73 -5.42
CA CYS B 180 -32.48 -25.05 -6.04
C CYS B 180 -33.32 -26.09 -5.32
N ALA B 181 -34.09 -25.69 -4.31
CA ALA B 181 -34.95 -26.57 -3.53
C ALA B 181 -34.18 -27.70 -2.87
N ASN B 182 -32.85 -27.62 -2.79
CA ASN B 182 -32.02 -28.72 -2.33
C ASN B 182 -32.31 -29.99 -3.12
N GLY B 183 -32.25 -29.88 -4.44
CA GLY B 183 -32.60 -30.97 -5.32
C GLY B 183 -31.59 -31.31 -6.38
N ALA B 184 -32.04 -31.97 -7.44
CA ALA B 184 -31.13 -32.40 -8.50
C ALA B 184 -30.52 -31.23 -9.26
N THR B 185 -31.08 -30.03 -9.13
CA THR B 185 -30.55 -28.86 -9.80
C THR B 185 -29.37 -28.23 -9.08
N SER B 186 -29.10 -28.64 -7.84
CA SER B 186 -28.12 -27.98 -6.98
C SER B 186 -26.73 -27.92 -7.60
N SER B 187 -26.08 -29.08 -7.74
CA SER B 187 -24.74 -29.12 -8.32
C SER B 187 -24.75 -28.79 -9.81
N LEU B 188 -25.92 -28.85 -10.46
CA LEU B 188 -25.98 -28.63 -11.90
C LEU B 188 -26.07 -27.16 -12.24
N ALA B 189 -27.07 -26.47 -11.67
CA ALA B 189 -27.33 -25.07 -12.03
C ALA B 189 -26.13 -24.19 -11.71
N THR B 190 -25.56 -24.34 -10.52
CA THR B 190 -24.48 -23.46 -10.10
C THR B 190 -23.32 -23.48 -11.07
N HIS B 191 -23.02 -24.64 -11.66
CA HIS B 191 -22.02 -24.71 -12.72
C HIS B 191 -22.47 -23.89 -13.92
N LEU B 192 -23.73 -24.05 -14.32
CA LEU B 192 -24.26 -23.48 -15.55
C LEU B 192 -24.03 -21.97 -15.64
N PHE B 193 -24.77 -21.21 -14.83
CA PHE B 193 -24.75 -19.76 -14.97
C PHE B 193 -23.40 -19.16 -14.57
N ALA B 194 -22.63 -19.86 -13.75
CA ALA B 194 -21.28 -19.37 -13.43
C ALA B 194 -20.34 -19.56 -14.62
N ASP B 195 -20.48 -20.68 -15.32
CA ASP B 195 -19.73 -20.87 -16.57
C ASP B 195 -20.18 -19.89 -17.65
N LEU B 196 -21.40 -19.38 -17.55
CA LEU B 196 -21.91 -18.37 -18.46
C LEU B 196 -21.62 -16.95 -17.99
N ASP B 197 -20.67 -16.80 -17.07
CA ASP B 197 -20.18 -15.49 -16.65
C ASP B 197 -21.30 -14.64 -16.08
N ALA B 198 -21.73 -14.94 -14.85
CA ALA B 198 -22.82 -14.23 -14.22
C ALA B 198 -22.64 -14.27 -12.71
N ASP B 199 -23.03 -13.17 -12.05
CA ASP B 199 -22.91 -13.06 -10.60
C ASP B 199 -23.96 -13.96 -9.96
N VAL B 200 -23.52 -15.07 -9.36
CA VAL B 200 -24.43 -16.06 -8.79
C VAL B 200 -24.48 -15.94 -7.28
N SER B 201 -25.68 -16.11 -6.73
CA SER B 201 -25.92 -16.11 -5.29
C SER B 201 -26.75 -17.34 -4.95
N THR B 202 -26.17 -18.24 -4.16
CA THR B 202 -26.72 -19.58 -3.99
C THR B 202 -27.51 -19.70 -2.70
N MET B 203 -28.71 -20.27 -2.80
CA MET B 203 -29.47 -20.71 -1.64
C MET B 203 -30.28 -21.93 -2.05
N GLY B 204 -30.67 -22.72 -1.06
CA GLY B 204 -31.22 -24.03 -1.39
C GLY B 204 -30.27 -24.88 -2.19
N THR B 205 -28.98 -24.60 -2.10
CA THR B 205 -27.93 -25.28 -2.85
C THR B 205 -27.09 -26.15 -1.93
N SER B 206 -27.74 -26.82 -0.99
CA SER B 206 -27.04 -27.53 0.07
C SER B 206 -27.84 -28.73 0.55
N PRO B 207 -28.14 -29.69 -0.32
CA PRO B 207 -29.04 -30.78 0.06
C PRO B 207 -28.33 -31.81 0.93
N ASN B 208 -29.14 -32.58 1.66
CA ASN B 208 -28.62 -33.63 2.52
C ASN B 208 -29.57 -34.82 2.57
N GLY B 209 -30.23 -35.11 1.44
CA GLY B 209 -31.17 -36.20 1.37
C GLY B 209 -32.40 -36.07 2.22
N LEU B 210 -32.48 -35.04 3.07
CA LEU B 210 -33.61 -34.84 3.95
C LEU B 210 -34.31 -33.50 3.77
N ASN B 211 -33.68 -32.54 3.11
CA ASN B 211 -34.17 -31.17 3.05
C ASN B 211 -34.66 -30.79 1.66
N ILE B 212 -35.26 -31.72 0.93
CA ILE B 212 -35.75 -31.40 -0.41
C ILE B 212 -37.10 -30.71 -0.28
N ASN B 213 -37.23 -29.57 -0.95
CA ASN B 213 -38.48 -28.80 -0.99
C ASN B 213 -38.99 -28.45 0.41
N ASP B 214 -38.08 -28.00 1.28
CA ASP B 214 -38.42 -27.64 2.66
C ASP B 214 -38.33 -26.13 2.77
N GLY B 215 -39.45 -25.45 2.54
CA GLY B 215 -39.48 -24.01 2.56
C GLY B 215 -38.80 -23.34 1.38
N VAL B 216 -38.39 -24.12 0.38
CA VAL B 216 -37.67 -23.62 -0.78
C VAL B 216 -38.21 -24.32 -2.02
N GLY B 217 -37.85 -23.78 -3.18
CA GLY B 217 -38.29 -24.34 -4.44
C GLY B 217 -39.45 -23.56 -5.03
N SER B 218 -39.89 -24.03 -6.20
CA SER B 218 -40.94 -23.35 -6.95
C SER B 218 -42.25 -23.28 -6.18
N THR B 219 -42.44 -24.18 -5.21
CA THR B 219 -43.70 -24.24 -4.47
C THR B 219 -43.71 -23.34 -3.24
N HIS B 220 -42.55 -22.96 -2.72
CA HIS B 220 -42.46 -22.02 -1.59
C HIS B 220 -41.47 -20.91 -1.91
N PRO B 221 -41.77 -20.08 -2.92
CA PRO B 221 -40.80 -19.05 -3.35
C PRO B 221 -40.55 -17.95 -2.34
N GLU B 222 -41.28 -17.93 -1.22
CA GLU B 222 -41.17 -16.82 -0.29
C GLU B 222 -39.76 -16.66 0.26
N ALA B 223 -39.06 -17.77 0.48
CA ALA B 223 -37.68 -17.69 0.94
C ALA B 223 -36.80 -17.01 -0.09
N LEU B 224 -37.04 -17.27 -1.37
CA LEU B 224 -36.26 -16.63 -2.42
C LEU B 224 -36.68 -15.18 -2.64
N SER B 225 -37.97 -14.88 -2.44
CA SER B 225 -38.44 -13.50 -2.53
C SER B 225 -37.61 -12.58 -1.64
N ALA B 226 -37.48 -12.93 -0.36
CA ALA B 226 -36.73 -12.08 0.56
C ALA B 226 -35.23 -12.14 0.30
N PHE B 227 -34.72 -13.25 -0.20
CA PHE B 227 -33.29 -13.35 -0.46
C PHE B 227 -32.88 -12.50 -1.66
N VAL B 228 -33.76 -12.35 -2.65
CA VAL B 228 -33.43 -11.52 -3.81
C VAL B 228 -33.25 -10.07 -3.39
N LYS B 229 -34.20 -9.55 -2.61
CA LYS B 229 -34.06 -8.19 -2.09
C LYS B 229 -32.82 -8.06 -1.22
N GLU B 230 -32.50 -9.12 -0.46
CA GLU B 230 -31.39 -9.08 0.48
C GLU B 230 -30.06 -8.86 -0.23
N LYS B 231 -29.74 -9.72 -1.20
CA LYS B 231 -28.56 -9.51 -2.02
C LYS B 231 -28.82 -8.57 -3.18
N ASN B 232 -29.95 -7.85 -3.16
CA ASN B 232 -30.36 -6.92 -4.20
C ASN B 232 -30.07 -7.44 -5.60
N ALA B 233 -30.45 -8.70 -5.82
CA ALA B 233 -30.21 -9.35 -7.11
C ALA B 233 -31.11 -8.74 -8.19
N ASP B 234 -30.70 -8.94 -9.44
CA ASP B 234 -31.53 -8.51 -10.56
C ASP B 234 -32.75 -9.41 -10.70
N LEU B 235 -32.63 -10.69 -10.36
CA LEU B 235 -33.77 -11.59 -10.28
C LEU B 235 -33.36 -12.83 -9.50
N GLY B 236 -34.32 -13.73 -9.30
CA GLY B 236 -34.07 -15.00 -8.67
C GLY B 236 -34.84 -16.11 -9.35
N LEU B 237 -34.23 -17.28 -9.47
CA LEU B 237 -34.83 -18.44 -10.10
C LEU B 237 -35.10 -19.50 -9.05
N ALA B 238 -36.30 -20.09 -9.09
CA ALA B 238 -36.72 -21.09 -8.11
C ALA B 238 -37.15 -22.35 -8.85
N PHE B 239 -36.19 -23.22 -9.12
CA PHE B 239 -36.50 -24.57 -9.56
C PHE B 239 -37.15 -25.33 -8.40
N ASP B 240 -37.65 -26.53 -8.69
CA ASP B 240 -38.23 -27.36 -7.65
C ASP B 240 -37.28 -28.53 -7.38
N GLY B 241 -37.84 -29.66 -6.93
CA GLY B 241 -37.02 -30.80 -6.58
C GLY B 241 -36.30 -31.43 -7.75
N ASP B 242 -37.05 -31.86 -8.75
CA ASP B 242 -36.49 -32.55 -9.91
C ASP B 242 -36.00 -31.61 -11.01
N GLY B 243 -36.21 -30.31 -10.85
CA GLY B 243 -35.77 -29.36 -11.85
C GLY B 243 -36.60 -29.31 -13.10
N ASP B 244 -37.93 -29.50 -12.99
CA ASP B 244 -38.81 -29.45 -14.15
C ASP B 244 -39.70 -28.21 -14.18
N ARG B 245 -39.81 -27.47 -13.08
CA ARG B 245 -40.56 -26.22 -13.05
C ARG B 245 -39.62 -25.05 -12.82
N LEU B 246 -40.11 -23.86 -13.14
CA LEU B 246 -39.35 -22.62 -12.92
C LEU B 246 -40.30 -21.52 -12.46
N ILE B 247 -39.94 -20.87 -11.35
CA ILE B 247 -40.71 -19.78 -10.76
C ILE B 247 -39.74 -18.64 -10.50
N ALA B 248 -39.85 -17.57 -11.28
CA ALA B 248 -38.92 -16.46 -11.20
C ALA B 248 -39.39 -15.43 -10.18
N VAL B 249 -38.43 -14.62 -9.72
CA VAL B 249 -38.69 -13.50 -8.82
C VAL B 249 -37.93 -12.28 -9.36
N ASP B 250 -38.63 -11.15 -9.48
CA ASP B 250 -38.04 -9.95 -10.05
C ASP B 250 -37.31 -9.15 -8.98
N GLU B 251 -36.60 -8.10 -9.42
CA GLU B 251 -35.78 -7.30 -8.51
C GLU B 251 -36.63 -6.63 -7.44
N LYS B 252 -37.93 -6.44 -7.69
CA LYS B 252 -38.83 -5.93 -6.67
C LYS B 252 -39.19 -6.97 -5.61
N GLY B 253 -38.84 -8.24 -5.84
CA GLY B 253 -39.22 -9.30 -4.93
C GLY B 253 -40.56 -9.96 -5.24
N ASN B 254 -41.28 -9.48 -6.25
CA ASN B 254 -42.55 -10.10 -6.61
C ASN B 254 -42.31 -11.44 -7.29
N ILE B 255 -43.30 -12.31 -7.18
CA ILE B 255 -43.22 -13.63 -7.78
C ILE B 255 -43.63 -13.53 -9.24
N VAL B 256 -43.00 -14.35 -10.09
CA VAL B 256 -43.20 -14.33 -11.54
C VAL B 256 -43.54 -15.75 -11.97
N ASP B 257 -44.84 -16.03 -12.17
CA ASP B 257 -45.35 -17.39 -12.29
C ASP B 257 -45.20 -17.92 -13.71
N GLY B 258 -45.73 -19.13 -13.93
CA GLY B 258 -45.57 -19.78 -15.23
C GLY B 258 -46.16 -18.97 -16.38
N ASP B 259 -47.31 -18.34 -16.15
CA ASP B 259 -47.95 -17.59 -17.23
C ASP B 259 -47.22 -16.29 -17.53
N GLN B 260 -46.56 -15.71 -16.53
CA GLN B 260 -45.74 -14.53 -16.81
C GLN B 260 -44.43 -14.90 -17.47
N ILE B 261 -43.87 -16.06 -17.15
CA ILE B 261 -42.68 -16.54 -17.85
C ILE B 261 -43.02 -16.88 -19.30
N MET B 262 -44.16 -17.54 -19.52
CA MET B 262 -44.54 -17.94 -20.87
C MET B 262 -44.72 -16.73 -21.77
N TYR B 263 -45.36 -15.68 -21.26
CA TYR B 263 -45.50 -14.45 -22.06
C TYR B 263 -44.15 -13.82 -22.35
N ILE B 264 -43.32 -13.67 -21.31
CA ILE B 264 -42.05 -12.96 -21.46
C ILE B 264 -41.18 -13.62 -22.52
N CYS B 265 -41.22 -14.95 -22.59
CA CYS B 265 -40.33 -15.67 -23.50
C CYS B 265 -40.90 -15.83 -24.90
N SER B 266 -42.18 -16.16 -25.04
CA SER B 266 -42.77 -16.36 -26.36
C SER B 266 -42.83 -15.06 -27.16
N LYS B 267 -42.80 -13.91 -26.47
CA LYS B 267 -42.72 -12.63 -27.17
C LYS B 267 -41.32 -12.42 -27.76
N HIS B 268 -40.29 -12.69 -26.95
CA HIS B 268 -38.91 -12.63 -27.44
C HIS B 268 -38.67 -13.60 -28.58
N LEU B 269 -39.34 -14.76 -28.56
CA LEU B 269 -39.14 -15.75 -29.63
C LEU B 269 -39.81 -15.31 -30.92
N LYS B 270 -41.04 -14.78 -30.85
CA LYS B 270 -41.67 -14.26 -32.05
C LYS B 270 -40.85 -13.13 -32.65
N SER B 271 -40.20 -12.32 -31.81
CA SER B 271 -39.28 -11.31 -32.31
C SER B 271 -38.14 -11.95 -33.10
N GLU B 272 -37.46 -12.95 -32.51
CA GLU B 272 -36.44 -13.70 -33.22
C GLU B 272 -37.06 -14.59 -34.28
N GLY B 273 -38.39 -14.53 -34.41
CA GLY B 273 -39.11 -15.33 -35.38
C GLY B 273 -39.14 -16.81 -35.11
N ARG B 274 -38.36 -17.29 -34.13
CA ARG B 274 -38.30 -18.73 -33.85
C ARG B 274 -39.61 -19.28 -33.33
N LEU B 275 -40.50 -18.43 -32.83
CA LEU B 275 -41.82 -18.90 -32.40
C LEU B 275 -42.57 -19.48 -33.59
N LYS B 276 -42.85 -20.77 -33.52
CA LYS B 276 -43.40 -21.48 -34.67
C LYS B 276 -44.89 -21.17 -34.83
N ASP B 277 -45.24 -20.62 -35.99
CA ASP B 277 -46.60 -20.21 -36.34
C ASP B 277 -47.10 -19.08 -35.46
N ASP B 278 -46.24 -18.53 -34.59
CA ASP B 278 -46.60 -17.49 -33.63
C ASP B 278 -47.80 -17.92 -32.76
N THR B 279 -47.69 -19.12 -32.20
CA THR B 279 -48.71 -19.66 -31.31
C THR B 279 -48.05 -20.26 -30.07
N VAL B 280 -48.84 -20.40 -29.01
CA VAL B 280 -48.40 -20.94 -27.74
C VAL B 280 -49.52 -21.84 -27.20
N VAL B 281 -49.13 -22.91 -26.49
CA VAL B 281 -50.08 -23.82 -25.89
C VAL B 281 -50.04 -23.64 -24.37
N SER B 282 -51.16 -23.88 -23.71
CA SER B 282 -51.25 -23.78 -22.26
C SER B 282 -52.47 -24.56 -21.78
N THR B 283 -52.70 -24.52 -20.47
CA THR B 283 -53.78 -25.26 -19.83
C THR B 283 -54.92 -24.33 -19.44
N VAL B 284 -56.03 -24.95 -19.03
CA VAL B 284 -57.18 -24.21 -18.51
C VAL B 284 -56.77 -23.36 -17.31
N MET B 285 -55.72 -23.76 -16.59
CA MET B 285 -55.33 -23.09 -15.36
C MET B 285 -54.77 -21.70 -15.59
N SER B 286 -54.35 -21.37 -16.81
CA SER B 286 -53.71 -20.09 -17.06
C SER B 286 -54.68 -18.93 -16.80
N ASN B 287 -54.10 -17.76 -16.55
CA ASN B 287 -54.88 -16.59 -16.17
C ASN B 287 -55.45 -15.90 -17.41
N LEU B 288 -56.62 -15.26 -17.22
CA LEU B 288 -57.29 -14.59 -18.33
C LEU B 288 -56.40 -13.54 -18.98
N GLY B 289 -55.84 -12.64 -18.17
CA GLY B 289 -55.03 -11.56 -18.72
C GLY B 289 -53.83 -12.04 -19.50
N PHE B 290 -53.32 -13.22 -19.17
CA PHE B 290 -52.26 -13.84 -19.96
C PHE B 290 -52.67 -13.92 -21.43
N TYR B 291 -53.91 -14.31 -21.70
CA TYR B 291 -54.39 -14.36 -23.08
C TYR B 291 -54.61 -12.96 -23.65
N LYS B 292 -55.11 -12.04 -22.83
CA LYS B 292 -55.28 -10.66 -23.28
C LYS B 292 -53.94 -10.06 -23.70
N ALA B 293 -52.90 -10.26 -22.88
CA ALA B 293 -51.57 -9.78 -23.26
C ALA B 293 -51.04 -10.51 -24.48
N LEU B 294 -51.37 -11.80 -24.64
CA LEU B 294 -51.03 -12.51 -25.86
C LEU B 294 -51.64 -11.82 -27.08
N GLU B 295 -52.94 -11.48 -26.99
CA GLU B 295 -53.61 -10.80 -28.09
C GLU B 295 -52.90 -9.50 -28.45
N LYS B 296 -52.42 -8.78 -27.44
CA LYS B 296 -51.81 -7.47 -27.65
C LYS B 296 -50.47 -7.56 -28.39
N GLU B 297 -49.83 -8.72 -28.39
CA GLU B 297 -48.61 -8.93 -29.17
C GLU B 297 -48.85 -9.75 -30.42
N GLY B 298 -50.10 -10.05 -30.76
CA GLY B 298 -50.38 -10.82 -31.95
C GLY B 298 -49.83 -12.23 -31.90
N ILE B 299 -50.09 -12.92 -30.79
CA ILE B 299 -49.71 -14.32 -30.65
C ILE B 299 -50.99 -15.13 -30.49
N LYS B 300 -51.29 -15.95 -31.50
CA LYS B 300 -52.37 -16.92 -31.41
C LYS B 300 -52.14 -17.82 -30.20
N SER B 301 -53.16 -18.63 -29.88
CA SER B 301 -52.95 -19.61 -28.83
C SER B 301 -54.00 -20.70 -28.92
N VAL B 302 -53.62 -21.89 -28.46
CA VAL B 302 -54.49 -23.04 -28.34
C VAL B 302 -54.47 -23.46 -26.88
N GLN B 303 -55.55 -24.09 -26.43
CA GLN B 303 -55.67 -24.49 -25.04
C GLN B 303 -55.94 -25.99 -24.95
N THR B 304 -55.44 -26.59 -23.87
CA THR B 304 -55.60 -28.01 -23.60
C THR B 304 -55.96 -28.21 -22.13
N ALA B 305 -56.19 -29.47 -21.76
CA ALA B 305 -56.59 -29.81 -20.40
C ALA B 305 -55.43 -29.56 -19.43
N VAL B 306 -55.71 -29.80 -18.15
CA VAL B 306 -54.68 -29.70 -17.13
C VAL B 306 -53.80 -30.95 -17.19
N GLY B 307 -52.57 -30.80 -16.70
CA GLY B 307 -51.60 -31.87 -16.81
C GLY B 307 -50.82 -31.77 -18.11
N ASP B 308 -49.51 -31.99 -18.05
CA ASP B 308 -48.65 -31.68 -19.18
C ASP B 308 -48.58 -32.78 -20.24
N ARG B 309 -49.11 -33.98 -19.97
CA ARG B 309 -49.19 -34.95 -21.05
C ARG B 309 -50.17 -34.53 -22.13
N TYR B 310 -51.01 -33.53 -21.84
CA TYR B 310 -51.87 -32.93 -22.85
C TYR B 310 -51.25 -31.68 -23.46
N VAL B 311 -50.46 -30.92 -22.69
CA VAL B 311 -49.70 -29.81 -23.27
C VAL B 311 -48.77 -30.32 -24.35
N VAL B 312 -48.17 -31.50 -24.13
CA VAL B 312 -47.27 -32.06 -25.12
C VAL B 312 -48.05 -32.68 -26.28
N GLU B 313 -49.27 -33.16 -26.03
CA GLU B 313 -50.04 -33.81 -27.08
C GLU B 313 -50.44 -32.84 -28.19
N ALA B 314 -50.71 -31.58 -27.85
CA ALA B 314 -51.16 -30.61 -28.84
C ALA B 314 -49.98 -30.03 -29.63
N MET B 315 -48.89 -29.70 -28.94
CA MET B 315 -47.68 -29.28 -29.65
C MET B 315 -47.24 -30.34 -30.66
N LYS B 316 -47.48 -31.62 -30.35
CA LYS B 316 -47.09 -32.73 -31.19
C LYS B 316 -47.77 -32.68 -32.55
N LYS B 317 -49.09 -32.89 -32.57
CA LYS B 317 -49.81 -33.04 -33.84
C LYS B 317 -49.67 -31.82 -34.73
N ASP B 318 -49.76 -30.62 -34.15
CA ASP B 318 -49.75 -29.40 -34.92
C ASP B 318 -48.36 -28.85 -35.18
N GLY B 319 -47.33 -29.40 -34.53
CA GLY B 319 -45.98 -28.90 -34.69
C GLY B 319 -45.83 -27.52 -34.09
N TYR B 320 -46.08 -27.41 -32.79
CA TYR B 320 -46.05 -26.12 -32.12
C TYR B 320 -44.75 -25.99 -31.33
N ASN B 321 -44.29 -24.75 -31.15
CA ASN B 321 -42.98 -24.52 -30.58
C ASN B 321 -42.98 -24.43 -29.06
N VAL B 322 -43.93 -23.69 -28.49
CA VAL B 322 -43.91 -23.33 -27.08
C VAL B 322 -45.16 -23.89 -26.41
N GLY B 323 -45.02 -24.26 -25.13
CA GLY B 323 -46.14 -24.71 -24.33
C GLY B 323 -45.79 -24.86 -22.86
N GLY B 324 -46.71 -24.53 -21.97
CA GLY B 324 -46.43 -24.60 -20.55
C GLY B 324 -47.68 -24.65 -19.70
N GLU B 325 -47.47 -24.48 -18.40
CA GLU B 325 -48.54 -24.46 -17.40
C GLU B 325 -48.35 -23.24 -16.50
N GLN B 326 -49.35 -22.96 -15.66
CA GLN B 326 -49.12 -21.99 -14.60
C GLN B 326 -48.05 -22.47 -13.64
N SER B 327 -47.90 -23.79 -13.51
CA SER B 327 -47.00 -24.40 -12.54
C SER B 327 -45.54 -23.99 -12.73
N GLY B 328 -45.20 -23.29 -13.80
CA GLY B 328 -43.82 -23.09 -14.17
C GLY B 328 -43.24 -24.23 -14.98
N HIS B 329 -44.04 -25.25 -15.29
CA HIS B 329 -43.62 -26.36 -16.12
C HIS B 329 -43.76 -25.95 -17.59
N LEU B 330 -42.62 -25.71 -18.25
CA LEU B 330 -42.60 -25.14 -19.59
C LEU B 330 -41.80 -26.04 -20.52
N ILE B 331 -42.28 -26.21 -21.75
CA ILE B 331 -41.67 -27.11 -22.73
C ILE B 331 -41.32 -26.31 -23.98
N PHE B 332 -40.03 -26.31 -24.34
CA PHE B 332 -39.53 -25.77 -25.61
C PHE B 332 -39.20 -26.97 -26.49
N LEU B 333 -40.07 -27.26 -27.46
CA LEU B 333 -39.87 -28.50 -28.20
C LEU B 333 -38.76 -28.40 -29.24
N ASP B 334 -38.27 -27.19 -29.54
CA ASP B 334 -37.03 -27.07 -30.31
C ASP B 334 -35.87 -27.75 -29.62
N TYR B 335 -35.90 -27.80 -28.28
CA TYR B 335 -34.73 -28.20 -27.49
C TYR B 335 -34.96 -29.47 -26.69
N ASN B 336 -35.97 -29.51 -25.82
CA ASN B 336 -36.20 -30.68 -24.96
C ASN B 336 -37.63 -31.18 -25.11
N THR B 337 -37.86 -32.39 -24.57
CA THR B 337 -39.09 -33.12 -24.79
C THR B 337 -40.03 -33.13 -23.58
N THR B 338 -39.58 -32.70 -22.41
CA THR B 338 -40.48 -32.41 -21.30
C THR B 338 -40.04 -31.10 -20.65
N GLY B 339 -40.68 -30.77 -19.54
CA GLY B 339 -40.50 -29.47 -18.92
C GLY B 339 -39.12 -29.31 -18.31
N ASP B 340 -38.35 -28.34 -18.80
CA ASP B 340 -37.02 -28.05 -18.29
C ASP B 340 -37.06 -26.74 -17.50
N GLY B 341 -36.51 -26.78 -16.29
CA GLY B 341 -36.50 -25.62 -15.42
C GLY B 341 -35.34 -24.68 -15.70
N LEU B 342 -34.16 -25.25 -15.93
CA LEU B 342 -33.01 -24.41 -16.28
C LEU B 342 -33.09 -23.90 -17.70
N LEU B 343 -33.68 -24.67 -18.61
CA LEU B 343 -33.80 -24.21 -19.99
C LEU B 343 -34.81 -23.07 -20.11
N SER B 344 -35.91 -23.14 -19.35
CA SER B 344 -36.79 -21.98 -19.22
C SER B 344 -36.03 -20.80 -18.63
N ALA B 345 -35.17 -21.06 -17.63
CA ALA B 345 -34.40 -19.98 -17.03
C ALA B 345 -33.43 -19.37 -18.01
N ILE B 346 -32.80 -20.19 -18.86
CA ILE B 346 -31.88 -19.66 -19.86
C ILE B 346 -32.60 -18.76 -20.84
N MET B 347 -33.83 -19.15 -21.23
CA MET B 347 -34.58 -18.35 -22.19
C MET B 347 -35.04 -17.03 -21.58
N LEU B 348 -35.33 -17.04 -20.27
CA LEU B 348 -35.68 -15.81 -19.57
C LEU B 348 -34.48 -14.86 -19.51
N MET B 349 -33.28 -15.40 -19.28
CA MET B 349 -32.09 -14.57 -19.26
C MET B 349 -31.76 -14.05 -20.65
N ASN B 350 -32.02 -14.85 -21.70
CA ASN B 350 -31.93 -14.35 -23.06
C ASN B 350 -32.79 -13.10 -23.23
N THR B 351 -34.02 -13.14 -22.70
CA THR B 351 -34.90 -11.98 -22.78
C THR B 351 -34.30 -10.80 -22.04
N LEU B 352 -33.86 -11.01 -20.79
CA LEU B 352 -33.35 -9.93 -19.97
C LEU B 352 -32.10 -9.29 -20.58
N LYS B 353 -31.27 -10.09 -21.26
CA LYS B 353 -30.04 -9.55 -21.84
C LYS B 353 -30.29 -8.96 -23.22
N ALA B 354 -31.11 -9.63 -24.05
CA ALA B 354 -31.36 -9.12 -25.39
C ALA B 354 -32.13 -7.80 -25.36
N THR B 355 -32.97 -7.60 -24.35
CA THR B 355 -33.74 -6.36 -24.22
C THR B 355 -33.13 -5.39 -23.22
N GLY B 356 -32.44 -5.87 -22.20
CA GLY B 356 -31.83 -5.01 -21.20
C GLY B 356 -32.78 -4.47 -20.15
N LYS B 357 -34.05 -4.83 -20.20
CA LYS B 357 -35.01 -4.37 -19.22
C LYS B 357 -34.91 -5.20 -17.95
N PRO B 358 -35.24 -4.61 -16.79
CA PRO B 358 -35.34 -5.41 -15.57
C PRO B 358 -36.56 -6.31 -15.64
N LEU B 359 -36.53 -7.38 -14.83
CA LEU B 359 -37.56 -8.41 -14.95
C LEU B 359 -38.93 -7.89 -14.52
N SER B 360 -38.98 -6.96 -13.56
CA SER B 360 -40.26 -6.36 -13.20
C SER B 360 -40.92 -5.68 -14.39
N GLU B 361 -40.12 -5.02 -15.22
CA GLU B 361 -40.67 -4.28 -16.36
C GLU B 361 -41.15 -5.23 -17.45
N LEU B 362 -40.41 -6.31 -17.71
CA LEU B 362 -40.86 -7.29 -18.70
C LEU B 362 -42.14 -7.99 -18.25
N ALA B 363 -42.29 -8.22 -16.94
CA ALA B 363 -43.47 -8.90 -16.42
C ALA B 363 -44.70 -8.02 -16.43
N ALA B 364 -44.53 -6.69 -16.35
CA ALA B 364 -45.66 -5.79 -16.28
C ALA B 364 -46.45 -5.75 -17.57
N GLU B 365 -45.86 -6.17 -18.70
CA GLU B 365 -46.61 -6.24 -19.94
C GLU B 365 -47.81 -7.15 -19.80
N MET B 366 -47.77 -8.10 -18.87
CA MET B 366 -48.90 -8.98 -18.58
C MET B 366 -49.62 -8.47 -17.35
N GLN B 367 -50.90 -8.16 -17.49
CA GLN B 367 -51.73 -7.57 -16.43
C GLN B 367 -52.71 -8.63 -15.93
N LYS B 368 -52.39 -9.22 -14.78
CA LYS B 368 -53.24 -10.27 -14.21
C LYS B 368 -54.59 -9.71 -13.79
N PHE B 369 -55.64 -10.47 -14.05
CA PHE B 369 -56.99 -10.13 -13.59
C PHE B 369 -57.17 -10.51 -12.13
N GLU C 1 6.40 -55.64 -24.43
CA GLU C 1 7.21 -54.99 -23.41
C GLU C 1 6.46 -53.83 -22.79
N ALA C 2 6.98 -52.62 -22.96
CA ALA C 2 6.24 -51.42 -22.56
C ALA C 2 5.13 -51.07 -23.53
N GLN C 3 4.90 -51.92 -24.54
CA GLN C 3 3.86 -51.72 -25.52
C GLN C 3 2.53 -52.34 -25.12
N GLN C 4 2.52 -53.28 -24.17
CA GLN C 4 1.25 -53.86 -23.75
C GLN C 4 0.53 -52.94 -22.76
N LYS C 5 1.26 -52.28 -21.87
CA LYS C 5 0.72 -51.13 -21.18
C LYS C 5 0.85 -49.90 -22.07
N THR C 6 -0.06 -48.94 -21.86
CA THR C 6 -0.31 -47.76 -22.69
C THR C 6 -1.19 -48.14 -23.89
N ILE C 7 -1.08 -49.37 -24.38
CA ILE C 7 -2.07 -49.85 -25.35
C ILE C 7 -3.31 -50.36 -24.63
N GLU C 8 -3.12 -51.07 -23.51
CA GLU C 8 -4.25 -51.46 -22.67
C GLU C 8 -5.04 -50.23 -22.23
N ALA C 9 -4.34 -49.19 -21.79
CA ALA C 9 -5.00 -48.00 -21.27
C ALA C 9 -5.75 -47.26 -22.37
N ILE C 10 -5.21 -47.25 -23.58
CA ILE C 10 -5.89 -46.56 -24.68
C ILE C 10 -7.18 -47.28 -25.04
N THR C 11 -7.14 -48.61 -25.13
CA THR C 11 -8.34 -49.37 -25.45
C THR C 11 -9.41 -49.20 -24.38
N LYS C 12 -9.02 -49.23 -23.11
CA LYS C 12 -9.99 -49.04 -22.04
C LYS C 12 -10.51 -47.60 -22.02
N ALA C 13 -9.66 -46.63 -22.36
CA ALA C 13 -10.14 -45.26 -22.46
C ALA C 13 -11.12 -45.10 -23.62
N ILE C 14 -10.83 -45.72 -24.77
CA ILE C 14 -11.69 -45.55 -25.94
C ILE C 14 -13.02 -46.27 -25.75
N ASN C 15 -12.98 -47.51 -25.23
CA ASN C 15 -14.22 -48.24 -24.99
C ASN C 15 -15.09 -47.56 -23.94
N TYR C 16 -14.46 -46.88 -22.97
CA TYR C 16 -15.19 -46.06 -22.02
C TYR C 16 -16.02 -45.00 -22.74
N MET C 17 -15.36 -44.13 -23.51
CA MET C 17 -16.03 -42.97 -24.10
C MET C 17 -17.00 -43.34 -25.21
N ALA C 18 -16.74 -44.44 -25.92
CA ALA C 18 -17.63 -44.84 -27.01
C ALA C 18 -18.97 -45.33 -26.50
N LYS C 19 -19.00 -45.90 -25.29
CA LYS C 19 -20.27 -46.25 -24.66
C LYS C 19 -20.99 -45.02 -24.12
N ARG C 20 -20.32 -43.87 -24.05
CA ARG C 20 -20.89 -42.68 -23.47
C ARG C 20 -20.87 -41.49 -24.41
N ARG C 21 -20.40 -41.67 -25.65
CA ARG C 21 -20.56 -40.70 -26.72
C ARG C 21 -19.91 -39.36 -26.38
N ILE C 22 -18.67 -39.43 -25.88
CA ILE C 22 -17.90 -38.24 -25.56
C ILE C 22 -16.89 -38.02 -26.67
N GLY C 23 -17.00 -36.87 -27.34
CA GLY C 23 -16.06 -36.50 -28.40
C GLY C 23 -14.62 -36.73 -28.02
N ALA C 24 -13.89 -37.47 -28.85
CA ALA C 24 -12.53 -37.89 -28.52
C ALA C 24 -11.66 -37.76 -29.75
N LEU C 25 -10.57 -36.99 -29.63
CA LEU C 25 -9.62 -36.78 -30.72
C LEU C 25 -8.23 -37.11 -30.19
N LEU C 26 -7.66 -38.22 -30.65
CA LEU C 26 -6.40 -38.73 -30.10
C LEU C 26 -5.41 -38.97 -31.23
N THR C 27 -4.33 -38.20 -31.25
CA THR C 27 -3.24 -38.35 -32.20
C THR C 27 -2.02 -38.94 -31.51
N ILE C 28 -1.35 -39.88 -32.18
CA ILE C 28 -0.14 -40.52 -31.67
C ILE C 28 0.99 -40.24 -32.65
N GLU C 29 2.12 -39.74 -32.13
CA GLU C 29 3.24 -39.42 -32.99
C GLU C 29 4.05 -40.67 -33.27
N ARG C 30 4.48 -40.81 -34.52
CA ARG C 30 5.34 -41.92 -34.90
C ARG C 30 6.61 -41.31 -35.48
N ASP C 31 6.72 -41.22 -36.81
CA ASP C 31 7.96 -40.77 -37.43
C ASP C 31 7.94 -39.25 -37.69
N THR C 32 6.79 -38.69 -38.03
CA THR C 32 6.69 -37.26 -38.31
C THR C 32 6.71 -36.51 -36.98
N GLY C 33 7.83 -35.85 -36.69
CA GLY C 33 7.96 -35.03 -35.51
C GLY C 33 7.00 -33.86 -35.54
N MET C 34 5.91 -33.96 -34.77
CA MET C 34 4.84 -32.98 -34.78
C MET C 34 5.07 -31.86 -33.75
N GLY C 35 6.31 -31.39 -33.62
CA GLY C 35 6.62 -30.40 -32.60
C GLY C 35 5.85 -29.10 -32.79
N ASP C 36 5.63 -28.71 -34.05
CA ASP C 36 4.90 -27.48 -34.32
C ASP C 36 3.43 -27.57 -33.94
N TYR C 37 2.86 -28.77 -33.90
CA TYR C 37 1.46 -28.95 -33.54
C TYR C 37 1.25 -29.21 -32.04
N ILE C 38 2.32 -29.46 -31.29
CA ILE C 38 2.17 -29.66 -29.85
C ILE C 38 2.09 -28.32 -29.14
N GLU C 39 2.84 -27.32 -29.62
CA GLU C 39 2.90 -25.99 -29.02
C GLU C 39 1.62 -25.19 -29.20
N THR C 40 0.56 -25.75 -29.77
CA THR C 40 -0.72 -25.08 -29.88
C THR C 40 -1.72 -25.54 -28.83
N GLY C 41 -1.35 -26.54 -28.02
CA GLY C 41 -2.22 -27.03 -26.97
C GLY C 41 -1.54 -26.96 -25.63
N ILE C 42 -2.35 -27.10 -24.58
CA ILE C 42 -1.90 -27.00 -23.20
C ILE C 42 -0.81 -28.03 -22.93
N PRO C 43 0.39 -27.62 -22.54
CA PRO C 43 1.45 -28.59 -22.26
C PRO C 43 1.09 -29.46 -21.07
N LEU C 44 1.41 -30.75 -21.18
CA LEU C 44 1.16 -31.70 -20.09
C LEU C 44 2.41 -32.50 -19.73
N ASN C 45 2.93 -33.30 -20.67
CA ASN C 45 4.07 -34.19 -20.45
C ASN C 45 3.77 -35.30 -19.44
N ALA C 46 2.52 -35.77 -19.40
CA ALA C 46 2.05 -36.68 -18.37
C ALA C 46 2.08 -38.13 -18.85
N LYS C 47 2.42 -39.04 -17.93
CA LYS C 47 2.40 -40.46 -18.23
C LYS C 47 0.97 -40.93 -18.50
N VAL C 48 0.85 -41.88 -19.41
CA VAL C 48 -0.44 -42.30 -19.93
C VAL C 48 -1.10 -43.26 -18.95
N SER C 49 -2.32 -42.95 -18.54
CA SER C 49 -3.17 -43.89 -17.85
C SER C 49 -4.59 -43.69 -18.35
N SER C 50 -5.37 -44.78 -18.39
CA SER C 50 -6.72 -44.71 -18.94
C SER C 50 -7.56 -43.63 -18.29
N GLU C 51 -7.30 -43.35 -17.01
CA GLU C 51 -8.12 -42.39 -16.29
C GLU C 51 -7.82 -40.96 -16.70
N LEU C 52 -6.56 -40.65 -17.01
CA LEU C 52 -6.24 -39.29 -17.42
C LEU C 52 -6.88 -38.95 -18.77
N LEU C 53 -6.86 -39.89 -19.71
CA LEU C 53 -7.46 -39.65 -21.02
C LEU C 53 -8.95 -39.34 -20.90
N ILE C 54 -9.69 -40.17 -20.15
CA ILE C 54 -11.12 -39.97 -20.01
C ILE C 54 -11.43 -38.60 -19.44
N ASN C 55 -10.61 -38.16 -18.47
CA ASN C 55 -10.78 -36.83 -17.90
C ASN C 55 -10.48 -35.71 -18.90
N ILE C 56 -9.64 -35.97 -19.91
CA ILE C 56 -9.25 -34.91 -20.82
C ILE C 56 -10.43 -34.53 -21.72
N PHE C 57 -11.06 -35.52 -22.36
CA PHE C 57 -12.26 -35.27 -23.15
C PHE C 57 -13.46 -35.49 -22.24
N ILE C 58 -13.78 -34.47 -21.45
CA ILE C 58 -15.06 -34.46 -20.75
C ILE C 58 -15.83 -33.33 -21.41
N PRO C 59 -17.17 -33.38 -21.47
CA PRO C 59 -17.96 -32.38 -22.21
C PRO C 59 -17.43 -30.95 -22.19
N ASN C 60 -17.63 -30.18 -21.12
CA ASN C 60 -17.12 -28.81 -21.08
C ASN C 60 -16.02 -28.70 -20.03
N THR C 61 -14.80 -28.51 -20.52
CA THR C 61 -13.64 -28.18 -19.71
C THR C 61 -12.72 -27.31 -20.54
N PRO C 62 -11.67 -26.74 -19.93
CA PRO C 62 -10.68 -26.03 -20.74
C PRO C 62 -9.91 -26.93 -21.70
N LEU C 63 -9.73 -28.22 -21.39
CA LEU C 63 -8.84 -29.07 -22.17
C LEU C 63 -9.55 -29.88 -23.25
N HIS C 64 -10.88 -29.98 -23.20
CA HIS C 64 -11.59 -30.85 -24.12
C HIS C 64 -11.51 -30.33 -25.56
N ASP C 65 -11.50 -29.01 -25.73
CA ASP C 65 -11.64 -28.36 -27.03
C ASP C 65 -10.41 -28.58 -27.91
N GLY C 66 -10.18 -29.80 -28.36
CA GLY C 66 -9.05 -30.06 -29.24
C GLY C 66 -8.64 -31.52 -29.21
N ALA C 67 -7.35 -31.74 -29.46
CA ALA C 67 -6.78 -33.07 -29.60
C ALA C 67 -5.78 -33.35 -28.49
N VAL C 68 -5.51 -34.65 -28.29
CA VAL C 68 -4.51 -35.13 -27.34
C VAL C 68 -3.33 -35.70 -28.13
N ILE C 69 -2.13 -35.21 -27.84
CA ILE C 69 -0.92 -35.57 -28.59
C ILE C 69 -0.11 -36.57 -27.77
N MET C 70 0.48 -37.55 -28.47
CA MET C 70 1.01 -38.78 -27.86
C MET C 70 2.43 -39.06 -28.34
N LYS C 71 3.39 -38.27 -27.89
CA LYS C 71 4.79 -38.57 -28.18
C LYS C 71 5.35 -39.49 -27.09
N ASN C 72 6.27 -40.37 -27.50
CA ASN C 72 6.81 -41.41 -26.63
C ASN C 72 5.63 -42.25 -26.12
N ASN C 73 5.71 -42.76 -24.89
CA ASN C 73 4.52 -43.28 -24.24
C ASN C 73 4.10 -42.27 -23.16
N GLU C 74 3.92 -41.01 -23.57
CA GLU C 74 3.47 -39.93 -22.70
C GLU C 74 2.42 -39.10 -23.44
N ILE C 75 1.63 -38.38 -22.67
CA ILE C 75 0.68 -37.42 -23.21
C ILE C 75 1.41 -36.09 -23.36
N ALA C 76 1.87 -35.81 -24.58
CA ALA C 76 2.63 -34.59 -24.85
C ALA C 76 1.84 -33.35 -24.43
N ALA C 77 0.75 -33.06 -25.13
CA ALA C 77 -0.12 -31.94 -24.79
C ALA C 77 -1.55 -32.34 -25.10
N ALA C 78 -2.49 -31.52 -24.63
CA ALA C 78 -3.90 -31.72 -24.88
C ALA C 78 -4.49 -30.48 -25.55
N ALA C 79 -5.70 -30.65 -26.09
CA ALA C 79 -6.45 -29.56 -26.73
C ALA C 79 -5.69 -28.96 -27.91
N CYS C 80 -4.87 -29.76 -28.58
CA CYS C 80 -4.06 -29.27 -29.69
C CYS C 80 -4.92 -29.12 -30.95
N TYR C 81 -4.55 -28.14 -31.77
CA TYR C 81 -5.30 -27.79 -32.97
C TYR C 81 -4.57 -28.32 -34.20
N LEU C 82 -5.30 -29.06 -35.03
CA LEU C 82 -4.78 -29.71 -36.22
C LEU C 82 -5.36 -29.05 -37.48
N PRO C 83 -4.77 -29.29 -38.64
CA PRO C 83 -5.35 -28.76 -39.87
C PRO C 83 -6.53 -29.59 -40.35
N LEU C 84 -7.52 -28.90 -40.91
CA LEU C 84 -8.57 -29.58 -41.65
C LEU C 84 -8.05 -29.95 -43.05
N SER C 85 -8.78 -30.82 -43.74
CA SER C 85 -8.31 -31.39 -44.99
C SER C 85 -9.13 -31.01 -46.21
N GLU C 86 -10.43 -30.81 -46.08
CA GLU C 86 -11.31 -30.52 -47.22
C GLU C 86 -11.11 -31.53 -48.36
N SER C 87 -11.00 -32.81 -47.99
CA SER C 87 -11.06 -33.83 -49.02
C SER C 87 -12.52 -34.23 -49.27
N PRO C 88 -12.90 -34.45 -50.52
CA PRO C 88 -14.31 -34.72 -50.81
C PRO C 88 -14.84 -35.99 -50.16
N PHE C 89 -13.96 -36.91 -49.77
CA PHE C 89 -14.37 -38.22 -49.28
C PHE C 89 -14.82 -38.19 -47.83
N ILE C 90 -14.87 -37.02 -47.21
CA ILE C 90 -15.49 -36.86 -45.90
C ILE C 90 -17.00 -36.77 -46.13
N SER C 91 -17.71 -37.83 -45.76
CA SER C 91 -19.16 -37.72 -45.66
C SER C 91 -19.50 -36.52 -44.80
N LYS C 92 -20.26 -35.57 -45.35
CA LYS C 92 -20.74 -34.52 -44.48
C LYS C 92 -21.85 -35.08 -43.58
N GLU C 93 -22.29 -34.21 -42.66
CA GLU C 93 -23.13 -34.50 -41.49
C GLU C 93 -22.25 -34.81 -40.27
N LEU C 94 -20.97 -35.11 -40.49
CA LEU C 94 -20.01 -35.09 -39.41
C LEU C 94 -18.78 -34.31 -39.84
N GLY C 95 -17.62 -34.61 -39.28
CA GLY C 95 -16.47 -33.76 -39.48
C GLY C 95 -16.15 -32.98 -38.22
N THR C 96 -15.88 -31.68 -38.35
CA THR C 96 -15.32 -30.89 -37.27
C THR C 96 -14.07 -31.58 -36.72
N ARG C 97 -14.26 -32.61 -35.90
CA ARG C 97 -13.13 -33.40 -35.42
C ARG C 97 -12.67 -34.41 -36.47
N HIS C 98 -13.60 -35.07 -37.15
CA HIS C 98 -13.23 -36.00 -38.21
C HIS C 98 -12.44 -35.31 -39.31
N ARG C 99 -12.83 -34.07 -39.66
CA ARG C 99 -12.09 -33.32 -40.67
C ARG C 99 -10.66 -33.02 -40.23
N ALA C 100 -10.45 -32.79 -38.93
CA ALA C 100 -9.14 -32.44 -38.41
C ALA C 100 -8.28 -33.66 -38.09
N ALA C 101 -8.85 -34.86 -38.12
CA ALA C 101 -8.11 -36.08 -37.86
C ALA C 101 -7.50 -36.64 -39.14
N VAL C 102 -8.34 -36.83 -40.17
CA VAL C 102 -7.81 -37.15 -41.49
C VAL C 102 -6.87 -36.04 -41.97
N GLY C 103 -7.08 -34.81 -41.48
CA GLY C 103 -6.26 -33.69 -41.90
C GLY C 103 -4.86 -33.70 -41.30
N ILE C 104 -4.68 -34.36 -40.15
CA ILE C 104 -3.36 -34.43 -39.55
C ILE C 104 -2.60 -35.68 -39.98
N SER C 105 -3.30 -36.70 -40.49
CA SER C 105 -2.62 -37.84 -41.10
C SER C 105 -2.27 -37.59 -42.56
N GLU C 106 -2.90 -36.61 -43.21
CA GLU C 106 -2.52 -36.23 -44.56
C GLU C 106 -1.10 -35.68 -44.59
N VAL C 107 -0.65 -35.09 -43.50
CA VAL C 107 0.66 -34.45 -43.44
C VAL C 107 1.70 -35.34 -42.75
N THR C 108 1.28 -36.34 -41.99
CA THR C 108 2.16 -37.02 -41.04
C THR C 108 2.03 -38.53 -41.15
N ASP C 109 3.04 -39.22 -40.61
CA ASP C 109 3.07 -40.68 -40.48
C ASP C 109 2.30 -41.15 -39.24
N SER C 110 1.52 -40.25 -38.63
CA SER C 110 0.90 -40.50 -37.33
C SER C 110 -0.33 -41.39 -37.49
N LEU C 111 -1.07 -41.54 -36.39
CA LEU C 111 -2.28 -42.36 -36.32
C LEU C 111 -3.25 -41.67 -35.39
N THR C 112 -4.48 -41.41 -35.87
CA THR C 112 -5.44 -40.62 -35.13
C THR C 112 -6.73 -41.42 -34.91
N ILE C 113 -7.17 -41.53 -33.64
CA ILE C 113 -8.44 -42.13 -33.29
C ILE C 113 -9.46 -41.04 -32.98
N ILE C 114 -10.72 -41.33 -33.28
CA ILE C 114 -11.83 -40.41 -33.02
C ILE C 114 -13.00 -41.24 -32.51
N VAL C 115 -13.76 -40.67 -31.58
CA VAL C 115 -15.06 -41.20 -31.18
C VAL C 115 -16.10 -40.12 -31.48
N SER C 116 -17.00 -40.43 -32.41
CA SER C 116 -17.95 -39.44 -32.91
C SER C 116 -18.92 -39.01 -31.81
N GLU C 117 -18.91 -37.73 -31.45
CA GLU C 117 -19.80 -37.23 -30.40
C GLU C 117 -21.25 -37.21 -30.82
N GLU C 118 -21.61 -37.80 -31.96
CA GLU C 118 -23.00 -37.96 -32.35
C GLU C 118 -23.49 -39.39 -32.21
N THR C 119 -22.64 -40.38 -32.44
CA THR C 119 -23.00 -41.78 -32.44
C THR C 119 -22.21 -42.62 -31.45
N GLY C 120 -20.92 -42.35 -31.30
CA GLY C 120 -20.05 -43.17 -30.49
C GLY C 120 -19.21 -44.16 -31.25
N GLY C 121 -19.18 -44.09 -32.57
CA GLY C 121 -18.41 -45.03 -33.37
C GLY C 121 -16.95 -44.64 -33.42
N VAL C 122 -16.08 -45.62 -33.23
CA VAL C 122 -14.64 -45.37 -33.13
C VAL C 122 -14.06 -45.36 -34.54
N SER C 123 -13.40 -44.25 -34.90
CA SER C 123 -12.78 -44.08 -36.20
C SER C 123 -11.26 -44.16 -36.08
N VAL C 124 -10.58 -44.12 -37.22
CA VAL C 124 -9.12 -44.15 -37.25
C VAL C 124 -8.65 -43.52 -38.56
N ALA C 125 -7.54 -42.79 -38.48
CA ALA C 125 -7.07 -41.96 -39.60
C ALA C 125 -5.57 -42.14 -39.78
N LYS C 126 -5.17 -42.82 -40.86
CA LYS C 126 -3.77 -43.02 -41.20
C LYS C 126 -3.56 -42.57 -42.64
N ASN C 127 -2.70 -41.57 -42.83
CA ASN C 127 -2.30 -41.10 -44.16
C ASN C 127 -3.49 -40.60 -44.99
N GLY C 128 -4.50 -40.04 -44.34
CA GLY C 128 -5.63 -39.48 -45.04
C GLY C 128 -6.75 -40.45 -45.38
N ASP C 129 -6.70 -41.67 -44.87
CA ASP C 129 -7.76 -42.66 -45.04
C ASP C 129 -8.49 -42.84 -43.71
N LEU C 130 -9.80 -42.60 -43.73
CA LEU C 130 -10.62 -42.74 -42.54
C LEU C 130 -11.42 -44.03 -42.63
N HIS C 131 -11.51 -44.74 -41.51
CA HIS C 131 -12.26 -45.99 -41.40
C HIS C 131 -13.28 -45.82 -40.29
N ARG C 132 -14.56 -45.80 -40.64
CA ARG C 132 -15.62 -45.56 -39.68
C ARG C 132 -16.10 -46.87 -39.07
N GLU C 133 -16.73 -46.76 -37.89
CA GLU C 133 -17.37 -47.88 -37.20
C GLU C 133 -16.40 -49.05 -37.03
N LEU C 134 -15.35 -48.81 -36.25
CA LEU C 134 -14.41 -49.85 -35.88
C LEU C 134 -14.93 -50.65 -34.68
N THR C 135 -14.58 -51.93 -34.65
CA THR C 135 -14.94 -52.76 -33.52
C THR C 135 -13.84 -52.71 -32.46
N GLU C 136 -14.08 -53.36 -31.32
CA GLU C 136 -13.12 -53.35 -30.22
C GLU C 136 -11.85 -54.11 -30.60
N GLU C 137 -11.99 -55.37 -31.03
CA GLU C 137 -10.84 -56.11 -31.52
C GLU C 137 -10.14 -55.36 -32.65
N ALA C 138 -10.94 -54.74 -33.53
CA ALA C 138 -10.36 -54.02 -34.67
C ALA C 138 -9.40 -52.94 -34.20
N LEU C 139 -9.77 -52.19 -33.16
CA LEU C 139 -8.88 -51.15 -32.66
C LEU C 139 -7.63 -51.74 -32.01
N LYS C 140 -7.76 -52.90 -31.36
CA LYS C 140 -6.60 -53.48 -30.69
C LYS C 140 -5.61 -54.06 -31.69
N GLU C 141 -6.11 -54.90 -32.61
CA GLU C 141 -5.29 -55.36 -33.72
C GLU C 141 -4.61 -54.18 -34.42
N MET C 142 -5.38 -53.14 -34.71
CA MET C 142 -4.85 -51.93 -35.33
C MET C 142 -3.74 -51.32 -34.50
N LEU C 143 -3.98 -51.12 -33.20
CA LEU C 143 -2.96 -50.50 -32.35
C LEU C 143 -1.75 -51.40 -32.16
N GLU C 144 -1.98 -52.71 -31.94
CA GLU C 144 -0.86 -53.63 -31.79
C GLU C 144 0.13 -53.49 -32.94
N ALA C 145 -0.35 -53.06 -34.11
CA ALA C 145 0.55 -52.83 -35.24
C ALA C 145 1.52 -51.69 -34.96
N GLU C 146 1.03 -50.59 -34.36
CA GLU C 146 1.83 -49.38 -34.16
C GLU C 146 3.19 -49.69 -33.53
N GLU D 1 10.73 -16.04 -10.41
CA GLU D 1 11.49 -16.78 -11.41
C GLU D 1 10.56 -17.77 -12.09
N ALA D 2 10.81 -19.06 -11.89
CA ALA D 2 9.88 -20.11 -12.30
C ALA D 2 8.75 -20.29 -11.29
N GLN D 3 8.69 -19.44 -10.27
CA GLN D 3 7.67 -19.54 -9.24
C GLN D 3 6.41 -18.75 -9.57
N GLN D 4 6.51 -17.69 -10.39
CA GLN D 4 5.32 -16.92 -10.72
C GLN D 4 4.33 -17.75 -11.54
N LYS D 5 4.80 -18.37 -12.61
CA LYS D 5 4.04 -19.47 -13.20
C LYS D 5 4.01 -20.63 -12.20
N THR D 6 2.99 -21.49 -12.34
CA THR D 6 2.65 -22.58 -11.42
C THR D 6 1.98 -22.05 -10.15
N ILE D 7 2.27 -20.81 -9.76
CA ILE D 7 1.43 -20.11 -8.79
C ILE D 7 0.30 -19.37 -9.48
N GLU D 8 0.60 -18.66 -10.57
CA GLU D 8 -0.47 -18.13 -11.42
C GLU D 8 -1.33 -19.26 -11.97
N ALA D 9 -0.76 -20.46 -12.11
CA ALA D 9 -1.55 -21.59 -12.58
C ALA D 9 -2.52 -22.09 -11.52
N ILE D 10 -2.10 -22.07 -10.25
CA ILE D 10 -2.98 -22.56 -9.19
C ILE D 10 -4.11 -21.56 -8.92
N THR D 11 -3.77 -20.28 -8.82
CA THR D 11 -4.78 -19.27 -8.47
C THR D 11 -5.93 -19.26 -9.48
N LYS D 12 -5.60 -19.06 -10.77
CA LYS D 12 -6.64 -19.01 -11.79
C LYS D 12 -7.42 -20.32 -11.85
N ALA D 13 -6.79 -21.44 -11.48
CA ALA D 13 -7.50 -22.70 -11.45
C ALA D 13 -8.45 -22.79 -10.25
N ILE D 14 -8.01 -22.33 -9.08
CA ILE D 14 -8.88 -22.38 -7.91
C ILE D 14 -10.03 -21.38 -8.05
N ASN D 15 -9.73 -20.16 -8.52
CA ASN D 15 -10.80 -19.18 -8.74
C ASN D 15 -11.79 -19.66 -9.79
N TYR D 16 -11.32 -20.46 -10.75
CA TYR D 16 -12.23 -21.19 -11.64
C TYR D 16 -13.23 -22.00 -10.82
N MET D 17 -12.72 -22.84 -9.91
CA MET D 17 -13.60 -23.76 -9.18
C MET D 17 -14.47 -23.05 -8.16
N ALA D 18 -13.97 -21.98 -7.55
CA ALA D 18 -14.72 -21.30 -6.49
C ALA D 18 -16.00 -20.68 -7.04
N LYS D 19 -15.95 -20.13 -8.27
CA LYS D 19 -17.15 -19.56 -8.85
C LYS D 19 -18.19 -20.61 -9.16
N ARG D 20 -17.77 -21.86 -9.39
CA ARG D 20 -18.67 -22.92 -9.82
C ARG D 20 -18.99 -23.93 -8.73
N ARG D 21 -18.37 -23.83 -7.56
CA ARG D 21 -18.65 -24.74 -6.45
C ARG D 21 -18.33 -26.19 -6.84
N ILE D 22 -17.05 -26.43 -7.11
CA ILE D 22 -16.52 -27.75 -7.38
C ILE D 22 -15.54 -28.09 -6.26
N GLY D 23 -15.76 -29.23 -5.61
CA GLY D 23 -14.92 -29.62 -4.50
C GLY D 23 -13.51 -29.98 -4.96
N ALA D 24 -12.51 -29.25 -4.48
CA ALA D 24 -11.13 -29.49 -4.82
C ALA D 24 -10.34 -29.86 -3.57
N LEU D 25 -9.09 -30.24 -3.77
CA LEU D 25 -8.20 -30.65 -2.68
C LEU D 25 -6.76 -30.80 -3.17
N LEU D 26 -5.94 -29.77 -2.97
CA LEU D 26 -4.57 -29.74 -3.52
C LEU D 26 -3.56 -29.52 -2.39
N THR D 27 -2.60 -30.43 -2.29
CA THR D 27 -1.56 -30.41 -1.27
C THR D 27 -0.22 -30.13 -1.94
N ILE D 28 0.62 -29.32 -1.29
CA ILE D 28 1.88 -28.87 -1.87
C ILE D 28 3.01 -29.34 -0.97
N GLU D 29 3.69 -30.42 -1.36
CA GLU D 29 4.86 -30.88 -0.63
C GLU D 29 5.90 -29.78 -0.53
N ARG D 30 6.59 -29.75 0.60
CA ARG D 30 7.76 -28.90 0.73
C ARG D 30 8.91 -29.76 1.23
N ASP D 31 9.04 -29.89 2.54
CA ASP D 31 10.14 -30.67 3.10
C ASP D 31 9.77 -32.12 3.43
N THR D 32 8.56 -32.37 3.91
CA THR D 32 8.16 -33.74 4.21
C THR D 32 7.97 -34.51 2.91
N GLY D 33 8.80 -35.52 2.70
CA GLY D 33 8.67 -36.36 1.53
C GLY D 33 7.40 -37.18 1.61
N MET D 34 6.51 -37.02 0.65
CA MET D 34 5.20 -37.66 0.72
C MET D 34 5.10 -38.82 -0.26
N GLY D 35 6.13 -39.66 -0.29
CA GLY D 35 6.09 -40.82 -1.17
C GLY D 35 4.99 -41.79 -0.81
N ASP D 36 4.85 -42.10 0.48
CA ASP D 36 3.82 -43.03 0.92
C ASP D 36 2.41 -42.47 0.78
N TYR D 37 2.25 -41.27 0.20
CA TYR D 37 0.95 -40.75 -0.17
C TYR D 37 0.84 -40.40 -1.66
N ILE D 38 1.94 -40.53 -2.41
CA ILE D 38 1.85 -40.36 -3.86
C ILE D 38 1.59 -41.70 -4.55
N GLU D 39 2.03 -42.81 -3.95
CA GLU D 39 1.77 -44.14 -4.46
C GLU D 39 0.35 -44.64 -4.17
N THR D 40 -0.58 -43.72 -3.89
CA THR D 40 -1.97 -44.07 -3.64
C THR D 40 -2.95 -43.49 -4.66
N GLY D 41 -2.47 -42.66 -5.60
CA GLY D 41 -3.30 -42.08 -6.62
C GLY D 41 -2.94 -42.54 -8.01
N ILE D 42 -3.40 -41.78 -9.00
CA ILE D 42 -3.11 -42.06 -10.41
C ILE D 42 -1.89 -41.23 -10.81
N PRO D 43 -0.69 -41.83 -10.88
CA PRO D 43 0.52 -41.03 -11.14
C PRO D 43 0.45 -40.33 -12.50
N LEU D 44 1.09 -39.17 -12.58
CA LEU D 44 1.07 -38.34 -13.78
C LEU D 44 2.45 -37.78 -14.12
N ASN D 45 3.09 -37.15 -13.14
CA ASN D 45 4.38 -36.49 -13.33
C ASN D 45 4.30 -35.36 -14.36
N ALA D 46 3.12 -34.73 -14.46
CA ALA D 46 2.82 -33.76 -15.51
C ALA D 46 3.36 -32.38 -15.16
N LYS D 47 3.27 -31.47 -16.13
CA LYS D 47 3.65 -30.08 -15.94
C LYS D 47 2.43 -29.27 -15.52
N VAL D 48 2.64 -28.32 -14.61
CA VAL D 48 1.54 -27.58 -14.02
C VAL D 48 0.98 -26.57 -15.00
N SER D 49 -0.34 -26.62 -15.20
CA SER D 49 -1.06 -25.66 -16.01
C SER D 49 -2.46 -25.50 -15.43
N SER D 50 -3.02 -24.29 -15.59
CA SER D 50 -4.34 -24.00 -15.03
C SER D 50 -5.38 -25.00 -15.54
N GLU D 51 -5.43 -25.20 -16.85
CA GLU D 51 -6.47 -25.99 -17.48
C GLU D 51 -6.40 -27.46 -17.09
N LEU D 52 -5.20 -27.97 -16.78
CA LEU D 52 -5.11 -29.37 -16.39
C LEU D 52 -5.65 -29.60 -14.99
N LEU D 53 -5.34 -28.70 -14.05
CA LEU D 53 -5.90 -28.83 -12.71
C LEU D 53 -7.42 -28.75 -12.72
N ILE D 54 -7.97 -27.96 -13.64
CA ILE D 54 -9.43 -27.86 -13.74
C ILE D 54 -10.04 -29.20 -14.11
N ASN D 55 -9.52 -29.83 -15.18
CA ASN D 55 -10.05 -31.10 -15.62
C ASN D 55 -9.93 -32.19 -14.58
N ILE D 56 -9.00 -32.04 -13.63
CA ILE D 56 -8.75 -33.08 -12.65
C ILE D 56 -9.95 -33.26 -11.74
N PHE D 57 -10.41 -32.18 -11.12
CA PHE D 57 -11.68 -32.19 -10.39
C PHE D 57 -12.80 -31.71 -11.31
N ILE D 58 -13.54 -32.64 -11.88
CA ILE D 58 -14.80 -32.26 -12.46
C ILE D 58 -15.83 -33.15 -11.79
N PRO D 59 -16.96 -32.58 -11.29
CA PRO D 59 -17.83 -33.24 -10.30
C PRO D 59 -17.73 -34.75 -10.13
N ASN D 60 -17.68 -35.51 -11.22
CA ASN D 60 -17.48 -36.95 -11.09
C ASN D 60 -16.71 -37.45 -12.30
N THR D 61 -15.46 -37.83 -12.07
CA THR D 61 -14.61 -38.49 -13.05
C THR D 61 -13.74 -39.51 -12.31
N PRO D 62 -12.99 -40.34 -13.04
CA PRO D 62 -11.98 -41.16 -12.36
C PRO D 62 -11.08 -40.33 -11.45
N LEU D 63 -10.45 -39.29 -12.04
CA LEU D 63 -9.41 -38.55 -11.33
C LEU D 63 -9.96 -37.62 -10.25
N HIS D 64 -11.26 -37.35 -10.24
CA HIS D 64 -11.79 -36.41 -9.25
C HIS D 64 -11.66 -36.95 -7.83
N ASP D 65 -11.80 -38.25 -7.66
CA ASP D 65 -12.02 -38.85 -6.34
C ASP D 65 -10.70 -38.87 -5.57
N GLY D 66 -10.31 -37.72 -5.04
CA GLY D 66 -9.15 -37.69 -4.19
C GLY D 66 -8.44 -36.35 -4.21
N ALA D 67 -7.14 -36.42 -3.95
CA ALA D 67 -6.32 -35.26 -3.60
C ALA D 67 -5.16 -35.10 -4.57
N VAL D 68 -5.04 -33.92 -5.17
CA VAL D 68 -3.90 -33.62 -6.03
C VAL D 68 -2.66 -33.38 -5.18
N ILE D 69 -1.55 -34.00 -5.58
CA ILE D 69 -0.26 -33.87 -4.90
C ILE D 69 0.70 -33.14 -5.84
N MET D 70 1.48 -32.20 -5.28
CA MET D 70 2.38 -31.37 -6.10
C MET D 70 3.80 -31.43 -5.58
N LYS D 71 4.60 -32.35 -6.11
CA LYS D 71 6.03 -32.40 -5.83
C LYS D 71 6.78 -31.69 -6.95
N ASN D 72 7.79 -30.90 -6.57
CA ASN D 72 8.48 -29.97 -7.47
C ASN D 72 7.51 -28.87 -7.89
N ASN D 73 7.57 -28.47 -9.16
CA ASN D 73 6.49 -27.75 -9.82
C ASN D 73 5.78 -28.67 -10.80
N GLU D 74 5.57 -29.92 -10.37
CA GLU D 74 4.96 -30.97 -11.14
C GLU D 74 3.75 -31.51 -10.38
N ILE D 75 2.68 -31.82 -11.11
CA ILE D 75 1.54 -32.53 -10.53
C ILE D 75 1.95 -33.99 -10.33
N ALA D 76 2.36 -34.34 -9.11
CA ALA D 76 2.91 -35.67 -8.85
C ALA D 76 1.88 -36.76 -9.08
N ALA D 77 0.69 -36.64 -8.50
CA ALA D 77 -0.32 -37.67 -8.63
C ALA D 77 -1.69 -37.10 -8.29
N ALA D 78 -2.72 -37.72 -8.85
CA ALA D 78 -4.11 -37.37 -8.60
C ALA D 78 -4.86 -38.59 -8.06
N ALA D 79 -6.03 -38.32 -7.47
CA ALA D 79 -6.79 -39.34 -6.73
C ALA D 79 -5.97 -39.91 -5.57
N CYS D 80 -5.10 -39.10 -5.00
CA CYS D 80 -4.32 -39.51 -3.84
C CYS D 80 -5.21 -39.55 -2.61
N TYR D 81 -4.84 -40.39 -1.65
CA TYR D 81 -5.64 -40.53 -0.43
C TYR D 81 -4.76 -40.33 0.79
N LEU D 82 -5.15 -39.40 1.57
CA LEU D 82 -4.80 -38.66 2.76
C LEU D 82 -5.44 -39.28 3.99
N PRO D 83 -4.79 -39.18 5.14
CA PRO D 83 -5.44 -39.59 6.40
C PRO D 83 -6.30 -38.49 6.97
N LEU D 84 -7.41 -38.89 7.58
CA LEU D 84 -8.26 -37.93 8.26
C LEU D 84 -7.69 -37.60 9.64
N SER D 85 -8.16 -36.49 10.21
CA SER D 85 -7.59 -35.95 11.44
C SER D 85 -8.41 -36.21 12.69
N GLU D 86 -9.74 -36.31 12.57
CA GLU D 86 -10.64 -36.41 13.71
C GLU D 86 -10.25 -35.44 14.83
N SER D 87 -10.11 -34.18 14.45
CA SER D 87 -9.90 -33.06 15.35
C SER D 87 -11.24 -32.37 15.63
N PRO D 88 -11.48 -31.94 16.87
CA PRO D 88 -12.78 -31.33 17.19
C PRO D 88 -12.95 -29.91 16.66
N PHE D 89 -11.92 -29.32 16.06
CA PHE D 89 -12.03 -27.97 15.53
C PHE D 89 -12.56 -27.91 14.11
N ILE D 90 -12.74 -29.07 13.46
CA ILE D 90 -13.43 -29.11 12.19
C ILE D 90 -14.91 -28.90 12.44
N SER D 91 -15.42 -27.72 12.08
CA SER D 91 -16.85 -27.46 12.14
C SER D 91 -17.62 -28.63 11.53
N LYS D 92 -18.61 -29.14 12.26
CA LYS D 92 -19.31 -30.31 11.74
C LYS D 92 -20.13 -30.00 10.49
N GLU D 93 -20.18 -28.73 10.08
CA GLU D 93 -20.79 -28.35 8.81
C GLU D 93 -20.26 -29.22 7.68
N LEU D 94 -18.94 -29.26 7.56
CA LEU D 94 -18.18 -29.75 6.42
C LEU D 94 -17.37 -30.97 6.87
N GLY D 95 -16.50 -31.46 6.00
CA GLY D 95 -15.72 -32.64 6.36
C GLY D 95 -15.19 -33.31 5.10
N THR D 96 -15.03 -34.64 5.19
CA THR D 96 -14.56 -35.48 4.08
C THR D 96 -13.25 -34.96 3.50
N ARG D 97 -13.32 -33.92 2.65
CA ARG D 97 -12.10 -33.38 2.05
C ARG D 97 -11.43 -32.32 2.91
N HIS D 98 -12.21 -31.58 3.73
CA HIS D 98 -11.54 -30.72 4.71
C HIS D 98 -11.01 -31.53 5.88
N ARG D 99 -11.64 -32.66 6.19
CA ARG D 99 -11.13 -33.54 7.24
C ARG D 99 -9.80 -34.18 6.87
N ALA D 100 -9.54 -34.35 5.57
CA ALA D 100 -8.25 -34.90 5.14
C ALA D 100 -7.20 -33.82 4.92
N ALA D 101 -7.62 -32.61 4.51
CA ALA D 101 -6.66 -31.53 4.29
C ALA D 101 -5.90 -31.21 5.55
N VAL D 102 -6.62 -30.95 6.65
CA VAL D 102 -5.95 -30.78 7.95
C VAL D 102 -5.28 -32.08 8.35
N GLY D 103 -5.86 -33.23 7.96
CA GLY D 103 -5.30 -34.51 8.32
C GLY D 103 -3.96 -34.82 7.68
N ILE D 104 -3.65 -34.18 6.54
CA ILE D 104 -2.37 -34.38 5.90
C ILE D 104 -1.37 -33.27 6.26
N SER D 105 -1.84 -32.13 6.76
CA SER D 105 -0.94 -31.12 7.29
C SER D 105 -0.54 -31.40 8.73
N GLU D 106 -1.18 -32.38 9.39
CA GLU D 106 -0.75 -32.79 10.73
C GLU D 106 0.54 -33.60 10.68
N VAL D 107 0.70 -34.42 9.64
CA VAL D 107 1.88 -35.26 9.52
C VAL D 107 3.05 -34.55 8.84
N THR D 108 2.79 -33.53 8.02
CA THR D 108 3.75 -33.03 7.04
C THR D 108 3.93 -31.53 7.13
N ASP D 109 5.03 -31.07 6.53
CA ASP D 109 5.34 -29.67 6.29
C ASP D 109 4.65 -29.16 5.01
N SER D 110 3.52 -29.74 4.67
CA SER D 110 2.81 -29.45 3.43
C SER D 110 1.83 -28.28 3.58
N LEU D 111 1.24 -27.88 2.45
CA LEU D 111 0.26 -26.80 2.42
C LEU D 111 -0.91 -27.26 1.56
N THR D 112 -2.11 -27.23 2.12
CA THR D 112 -3.30 -27.70 1.44
C THR D 112 -4.24 -26.54 1.13
N ILE D 113 -4.79 -26.53 -0.08
CA ILE D 113 -5.86 -25.61 -0.46
C ILE D 113 -7.11 -26.45 -0.70
N ILE D 114 -8.26 -25.96 -0.20
CA ILE D 114 -9.51 -26.70 -0.28
C ILE D 114 -10.60 -25.79 -0.84
N VAL D 115 -11.43 -26.35 -1.72
CA VAL D 115 -12.62 -25.68 -2.21
C VAL D 115 -13.82 -26.51 -1.73
N SER D 116 -14.73 -25.87 -0.99
CA SER D 116 -15.86 -26.59 -0.40
C SER D 116 -16.97 -26.73 -1.44
N GLU D 117 -17.31 -27.98 -1.76
CA GLU D 117 -18.33 -28.23 -2.78
C GLU D 117 -19.74 -27.92 -2.31
N GLU D 118 -19.91 -27.35 -1.12
CA GLU D 118 -21.20 -26.90 -0.62
C GLU D 118 -21.39 -25.40 -0.75
N THR D 119 -20.33 -24.63 -0.50
CA THR D 119 -20.39 -23.17 -0.49
C THR D 119 -19.51 -22.53 -1.57
N GLY D 120 -18.39 -23.13 -1.92
CA GLY D 120 -17.40 -22.48 -2.74
C GLY D 120 -16.30 -21.79 -1.96
N GLY D 121 -16.26 -21.98 -0.64
CA GLY D 121 -15.30 -21.29 0.21
C GLY D 121 -13.91 -21.88 0.17
N VAL D 122 -12.94 -21.09 -0.29
CA VAL D 122 -11.56 -21.53 -0.36
C VAL D 122 -10.97 -21.52 1.04
N SER D 123 -10.39 -22.64 1.45
CA SER D 123 -9.75 -22.79 2.75
C SER D 123 -8.28 -23.18 2.55
N VAL D 124 -7.57 -23.34 3.67
CA VAL D 124 -6.13 -23.59 3.63
C VAL D 124 -5.73 -24.21 4.96
N ALA D 125 -4.81 -25.17 4.91
CA ALA D 125 -4.47 -25.96 6.09
C ALA D 125 -2.96 -26.14 6.18
N LYS D 126 -2.38 -25.64 7.27
CA LYS D 126 -0.94 -25.74 7.50
C LYS D 126 -0.70 -25.99 8.98
N ASN D 127 -0.03 -27.11 9.29
CA ASN D 127 0.28 -27.50 10.67
C ASN D 127 -0.99 -27.54 11.53
N GLY D 128 -2.00 -28.27 11.03
CA GLY D 128 -3.22 -28.49 11.79
C GLY D 128 -4.18 -27.33 11.85
N ASP D 129 -3.76 -26.12 11.48
CA ASP D 129 -4.63 -24.95 11.52
C ASP D 129 -5.23 -24.71 10.14
N LEU D 130 -6.56 -24.76 10.07
CA LEU D 130 -7.30 -24.48 8.85
C LEU D 130 -7.95 -23.11 8.96
N HIS D 131 -8.18 -22.48 7.81
CA HIS D 131 -8.69 -21.12 7.74
C HIS D 131 -9.77 -21.06 6.65
N ARG D 132 -11.03 -20.97 7.06
CA ARG D 132 -12.11 -20.99 6.09
C ARG D 132 -12.34 -19.61 5.47
N GLU D 133 -13.02 -19.61 4.32
CA GLU D 133 -13.45 -18.40 3.62
C GLU D 133 -12.28 -17.43 3.41
N LEU D 134 -11.40 -17.81 2.49
CA LEU D 134 -10.24 -17.02 2.12
C LEU D 134 -10.52 -16.21 0.84
N THR D 135 -9.85 -15.07 0.72
CA THR D 135 -10.01 -14.17 -0.40
C THR D 135 -8.93 -14.45 -1.44
N GLU D 136 -9.08 -13.77 -2.59
CA GLU D 136 -8.17 -14.02 -3.72
C GLU D 136 -6.77 -13.53 -3.42
N GLU D 137 -6.64 -12.27 -2.99
CA GLU D 137 -5.34 -11.79 -2.51
C GLU D 137 -4.83 -12.65 -1.36
N ALA D 138 -5.74 -13.12 -0.51
CA ALA D 138 -5.34 -13.93 0.64
C ALA D 138 -4.93 -15.34 0.25
N LEU D 139 -5.32 -15.80 -0.95
CA LEU D 139 -4.73 -17.03 -1.47
C LEU D 139 -3.46 -16.74 -2.27
N LYS D 140 -3.36 -15.56 -2.88
CA LYS D 140 -2.15 -15.21 -3.61
C LYS D 140 -0.98 -14.96 -2.66
N GLU D 141 -1.23 -14.25 -1.56
CA GLU D 141 -0.17 -13.98 -0.59
C GLU D 141 0.27 -15.25 0.12
N MET D 142 -0.69 -16.09 0.54
CA MET D 142 -0.37 -17.35 1.20
C MET D 142 0.52 -18.24 0.34
N LEU D 143 0.34 -18.18 -0.98
CA LEU D 143 1.14 -19.01 -1.89
C LEU D 143 2.47 -18.38 -2.28
N GLU D 144 2.59 -17.05 -2.21
CA GLU D 144 3.86 -16.42 -2.53
C GLU D 144 4.94 -16.72 -1.49
N ALA D 145 4.55 -17.14 -0.29
CA ALA D 145 5.54 -17.45 0.75
C ALA D 145 6.28 -18.74 0.44
N GLU D 146 5.55 -19.78 0.03
CA GLU D 146 6.11 -21.10 -0.28
C GLU D 146 7.40 -21.03 -1.09
N GLY E 2 -50.74 53.55 -13.52
CA GLY E 2 -51.72 52.90 -14.37
C GLY E 2 -52.22 51.58 -13.82
N LYS E 3 -52.25 50.56 -14.69
CA LYS E 3 -52.60 49.20 -14.28
C LYS E 3 -51.36 48.32 -14.47
N TYR E 4 -50.72 47.96 -13.36
CA TYR E 4 -49.59 47.04 -13.36
C TYR E 4 -49.90 45.71 -12.69
N PHE E 5 -50.69 45.71 -11.63
CA PHE E 5 -50.81 44.57 -10.73
C PHE E 5 -52.14 43.87 -10.98
N GLY E 6 -52.14 42.90 -11.89
CA GLY E 6 -53.32 42.10 -12.16
C GLY E 6 -53.54 41.03 -11.10
N THR E 7 -53.99 39.85 -11.52
CA THR E 7 -54.25 38.78 -10.58
C THR E 7 -52.96 38.05 -10.19
N ASP E 8 -52.19 37.62 -11.18
CA ASP E 8 -50.92 36.93 -10.95
C ASP E 8 -49.75 37.91 -10.81
N GLY E 9 -49.95 39.01 -10.10
CA GLY E 9 -48.92 40.03 -9.97
C GLY E 9 -48.80 40.88 -11.21
N VAL E 10 -47.57 41.20 -11.59
CA VAL E 10 -47.28 41.90 -12.84
C VAL E 10 -46.89 40.86 -13.88
N ARG E 11 -47.45 40.96 -15.09
CA ARG E 11 -47.12 40.02 -16.15
C ARG E 11 -47.01 40.73 -17.49
N GLY E 12 -46.47 39.98 -18.45
CA GLY E 12 -46.10 40.49 -19.73
C GLY E 12 -45.00 39.62 -20.29
N VAL E 13 -44.51 40.00 -21.46
CA VAL E 13 -43.39 39.28 -22.06
C VAL E 13 -42.11 39.99 -21.68
N ALA E 14 -41.11 39.22 -21.26
CA ALA E 14 -39.96 39.78 -20.57
C ALA E 14 -39.10 40.62 -21.51
N ASN E 15 -38.51 41.68 -20.94
CA ASN E 15 -37.63 42.64 -21.62
C ASN E 15 -38.41 43.57 -22.54
N SER E 16 -39.24 43.03 -23.43
CA SER E 16 -39.99 43.87 -24.35
C SER E 16 -41.17 44.55 -23.65
N GLU E 17 -41.97 43.76 -22.93
CA GLU E 17 -43.04 44.33 -22.12
C GLU E 17 -42.59 44.43 -20.66
N LEU E 18 -42.47 43.29 -19.98
CA LEU E 18 -41.88 43.28 -18.64
C LEU E 18 -40.43 43.70 -18.74
N THR E 19 -40.18 45.00 -18.65
CA THR E 19 -38.84 45.53 -18.83
C THR E 19 -38.04 45.43 -17.53
N PRO E 20 -36.73 45.25 -17.62
CA PRO E 20 -35.88 45.42 -16.42
C PRO E 20 -36.08 46.77 -15.75
N GLU E 21 -36.27 47.83 -16.54
CA GLU E 21 -36.63 49.13 -15.99
C GLU E 21 -37.85 49.01 -15.09
N LEU E 22 -38.94 48.46 -15.65
CA LEU E 22 -40.12 48.16 -14.83
C LEU E 22 -39.74 47.30 -13.65
N ALA E 23 -39.06 46.18 -13.90
CA ALA E 23 -38.66 45.27 -12.82
C ALA E 23 -37.83 45.97 -11.74
N PHE E 24 -37.18 47.09 -12.06
CA PHE E 24 -36.42 47.82 -11.06
C PHE E 24 -37.31 48.77 -10.26
N LYS E 25 -38.16 49.54 -10.94
CA LYS E 25 -39.09 50.41 -10.23
C LYS E 25 -40.00 49.62 -9.30
N VAL E 26 -40.17 48.32 -9.55
CA VAL E 26 -40.98 47.46 -8.70
C VAL E 26 -40.35 47.31 -7.33
N GLY E 27 -39.21 46.62 -7.27
CA GLY E 27 -38.57 46.37 -6.00
C GLY E 27 -38.11 47.62 -5.27
N ARG E 28 -37.85 48.69 -6.00
CA ARG E 28 -37.45 49.94 -5.35
C ARG E 28 -38.64 50.61 -4.67
N PHE E 29 -39.75 50.77 -5.41
CA PHE E 29 -40.94 51.37 -4.83
C PHE E 29 -41.66 50.39 -3.91
N GLY E 30 -41.86 49.16 -4.39
CA GLY E 30 -42.46 48.14 -3.55
C GLY E 30 -41.63 47.82 -2.33
N GLY E 31 -40.30 47.99 -2.44
CA GLY E 31 -39.46 47.89 -1.25
C GLY E 31 -39.67 49.04 -0.28
N TYR E 32 -40.08 50.20 -0.79
CA TYR E 32 -40.36 51.33 0.07
C TYR E 32 -41.73 51.22 0.72
N VAL E 33 -42.70 50.63 0.03
CA VAL E 33 -44.02 50.44 0.61
C VAL E 33 -43.94 49.57 1.85
N LEU E 34 -43.14 48.51 1.80
CA LEU E 34 -43.01 47.59 2.93
C LEU E 34 -41.93 48.01 3.92
N THR E 35 -41.21 49.10 3.65
CA THR E 35 -40.16 49.56 4.56
C THR E 35 -40.71 50.32 5.76
N LYS E 36 -42.02 50.50 5.86
CA LYS E 36 -42.59 51.45 6.79
C LYS E 36 -42.33 51.06 8.25
N ASP E 37 -42.17 49.77 8.53
CA ASP E 37 -41.97 49.36 9.92
C ASP E 37 -40.53 49.59 10.35
N LYS E 38 -39.69 48.56 10.25
CA LYS E 38 -38.27 48.70 10.54
C LYS E 38 -37.54 49.23 9.32
N GLN E 39 -36.41 49.90 9.57
CA GLN E 39 -35.67 50.55 8.48
C GLN E 39 -35.00 49.54 7.56
N ARG E 40 -34.72 48.33 8.05
CA ARG E 40 -34.09 47.28 7.23
C ARG E 40 -35.07 46.15 7.00
N PRO E 41 -35.83 46.18 5.91
CA PRO E 41 -36.72 45.05 5.59
C PRO E 41 -35.91 43.82 5.22
N LYS E 42 -36.55 42.67 5.39
CA LYS E 42 -35.99 41.39 4.96
C LYS E 42 -36.91 40.83 3.88
N VAL E 43 -36.52 41.04 2.63
CA VAL E 43 -37.18 40.46 1.47
C VAL E 43 -36.38 39.25 1.04
N LEU E 44 -37.07 38.23 0.55
CA LEU E 44 -36.41 37.09 -0.08
C LEU E 44 -37.03 36.87 -1.45
N ILE E 45 -36.20 36.34 -2.35
CA ILE E 45 -36.49 36.36 -3.79
C ILE E 45 -36.14 35.01 -4.40
N GLY E 46 -37.15 34.37 -5.01
CA GLY E 46 -36.95 33.15 -5.74
C GLY E 46 -37.53 33.26 -7.13
N ARG E 47 -37.20 32.29 -7.98
CA ARG E 47 -37.59 32.34 -9.38
C ARG E 47 -37.83 30.92 -9.89
N ASP E 48 -38.27 30.83 -11.14
CA ASP E 48 -38.33 29.57 -11.85
C ASP E 48 -37.18 29.51 -12.85
N THR E 49 -37.33 28.69 -13.89
CA THR E 49 -36.26 28.44 -14.85
C THR E 49 -36.41 29.26 -16.12
N ARG E 50 -37.05 30.42 -16.06
CA ARG E 50 -37.11 31.27 -17.24
C ARG E 50 -35.77 31.99 -17.40
N ILE E 51 -35.19 31.88 -18.61
CA ILE E 51 -33.90 32.51 -18.87
C ILE E 51 -33.99 34.01 -18.61
N SER E 52 -35.17 34.59 -18.83
CA SER E 52 -35.41 35.97 -18.42
C SER E 52 -35.41 36.14 -16.91
N GLY E 53 -35.50 35.03 -16.16
CA GLY E 53 -35.54 35.13 -14.71
C GLY E 53 -34.27 35.71 -14.13
N HIS E 54 -33.12 35.36 -14.70
CA HIS E 54 -31.86 35.95 -14.24
C HIS E 54 -31.78 37.44 -14.57
N MET E 55 -32.57 37.91 -15.53
CA MET E 55 -32.52 39.31 -15.94
C MET E 55 -33.37 40.19 -15.03
N LEU E 56 -34.49 39.69 -14.54
CA LEU E 56 -35.37 40.47 -13.67
C LEU E 56 -34.95 40.39 -12.20
N GLU E 57 -34.55 39.21 -11.74
CA GLU E 57 -34.02 39.08 -10.38
C GLU E 57 -32.94 40.12 -10.10
N GLY E 58 -31.97 40.23 -11.00
CA GLY E 58 -30.87 41.17 -10.79
C GLY E 58 -31.34 42.61 -10.81
N ALA E 59 -32.19 42.97 -11.78
CA ALA E 59 -32.78 44.30 -11.77
C ALA E 59 -33.62 44.51 -10.52
N LEU E 60 -34.26 43.46 -10.02
CA LEU E 60 -35.14 43.58 -8.87
C LEU E 60 -34.36 43.90 -7.60
N VAL E 61 -33.35 43.09 -7.28
CA VAL E 61 -32.56 43.29 -6.08
C VAL E 61 -31.82 44.62 -6.12
N ALA E 62 -31.54 45.15 -7.32
CA ALA E 62 -30.98 46.49 -7.43
C ALA E 62 -31.92 47.51 -6.79
N GLY E 63 -33.23 47.36 -7.01
CA GLY E 63 -34.18 48.24 -6.36
C GLY E 63 -34.26 48.00 -4.86
N LEU E 64 -34.41 46.73 -4.47
CA LEU E 64 -34.55 46.39 -3.06
C LEU E 64 -33.36 46.89 -2.24
N LEU E 65 -32.15 46.84 -2.81
CA LEU E 65 -30.98 47.33 -2.09
C LEU E 65 -30.91 48.85 -2.09
N SER E 66 -31.45 49.51 -3.12
CA SER E 66 -31.36 50.96 -3.21
C SER E 66 -32.23 51.68 -2.19
N ILE E 67 -33.03 50.96 -1.40
CA ILE E 67 -33.76 51.57 -0.29
C ILE E 67 -33.44 50.82 1.00
N GLY E 68 -32.39 50.00 0.97
CA GLY E 68 -31.84 49.43 2.18
C GLY E 68 -32.43 48.12 2.64
N ALA E 69 -33.22 47.45 1.82
CA ALA E 69 -33.83 46.19 2.23
C ALA E 69 -32.79 45.07 2.23
N GLU E 70 -32.77 44.29 3.31
CA GLU E 70 -31.89 43.13 3.41
C GLU E 70 -32.44 42.00 2.55
N VAL E 71 -31.72 41.63 1.49
CA VAL E 71 -32.23 40.74 0.45
C VAL E 71 -31.60 39.37 0.62
N MET E 72 -32.43 38.33 0.56
CA MET E 72 -31.99 36.95 0.71
C MET E 72 -32.39 36.18 -0.55
N ARG E 73 -31.44 35.98 -1.47
CA ARG E 73 -31.73 35.27 -2.70
C ARG E 73 -32.01 33.79 -2.43
N LEU E 74 -32.95 33.23 -3.19
CA LEU E 74 -33.28 31.81 -3.08
C LEU E 74 -33.12 31.03 -4.37
N GLY E 75 -33.02 31.70 -5.53
CA GLY E 75 -32.82 30.97 -6.76
C GLY E 75 -34.07 30.22 -7.19
N VAL E 76 -33.86 29.00 -7.69
CA VAL E 76 -34.93 28.19 -8.26
C VAL E 76 -35.70 27.54 -7.10
N ILE E 77 -36.92 28.00 -6.87
CA ILE E 77 -37.79 27.45 -5.84
C ILE E 77 -39.24 27.68 -6.27
N SER E 78 -40.10 26.70 -5.99
CA SER E 78 -41.50 26.81 -6.38
C SER E 78 -42.20 27.91 -5.60
N THR E 79 -43.14 28.59 -6.26
CA THR E 79 -43.92 29.63 -5.61
C THR E 79 -44.54 29.20 -4.28
N PRO E 80 -45.12 28.00 -4.15
CA PRO E 80 -45.52 27.55 -2.80
C PRO E 80 -44.39 27.63 -1.80
N GLY E 81 -43.17 27.26 -2.22
CA GLY E 81 -42.02 27.34 -1.33
C GLY E 81 -41.72 28.75 -0.87
N VAL E 82 -41.98 29.74 -1.72
CA VAL E 82 -41.77 31.13 -1.33
C VAL E 82 -42.69 31.48 -0.17
N SER E 83 -44.01 31.32 -0.37
CA SER E 83 -44.97 31.61 0.68
CA SER E 83 -44.98 31.61 0.67
C SER E 83 -44.57 30.97 2.00
N TYR E 84 -44.25 29.68 1.97
CA TYR E 84 -43.88 28.96 3.18
C TYR E 84 -42.71 29.63 3.89
N LEU E 85 -41.62 29.90 3.16
CA LEU E 85 -40.43 30.46 3.80
C LEU E 85 -40.65 31.90 4.24
N THR E 86 -41.37 32.69 3.44
CA THR E 86 -41.62 34.08 3.77
C THR E 86 -42.41 34.23 5.07
N LYS E 87 -43.18 33.21 5.44
CA LYS E 87 -43.93 33.20 6.68
C LYS E 87 -43.13 32.60 7.84
N ALA E 88 -42.38 31.54 7.57
CA ALA E 88 -41.70 30.78 8.61
C ALA E 88 -40.33 31.35 8.99
N MET E 89 -39.85 32.40 8.30
CA MET E 89 -38.65 33.11 8.70
C MET E 89 -38.94 34.54 9.14
N ASP E 90 -40.21 34.86 9.40
CA ASP E 90 -40.66 36.19 9.74
C ASP E 90 -39.96 37.25 8.89
N ALA E 91 -40.10 37.09 7.58
CA ALA E 91 -39.63 38.09 6.64
C ALA E 91 -40.75 39.07 6.33
N GLU E 92 -40.36 40.23 5.81
CA GLU E 92 -41.34 41.28 5.57
C GLU E 92 -42.15 41.05 4.31
N ALA E 93 -41.59 40.32 3.35
CA ALA E 93 -42.29 39.98 2.12
C ALA E 93 -41.52 38.85 1.42
N GLY E 94 -42.06 38.42 0.28
CA GLY E 94 -41.40 37.40 -0.52
C GLY E 94 -41.82 37.47 -1.96
N VAL E 95 -40.85 37.39 -2.86
CA VAL E 95 -41.07 37.64 -4.28
C VAL E 95 -40.82 36.36 -5.06
N MET E 96 -41.50 36.24 -6.20
CA MET E 96 -41.39 35.07 -7.06
C MET E 96 -41.49 35.52 -8.51
N ILE E 97 -40.40 35.31 -9.26
CA ILE E 97 -40.33 35.68 -10.67
C ILE E 97 -40.67 34.42 -11.47
N SER E 98 -41.90 34.38 -11.99
CA SER E 98 -42.39 33.25 -12.78
C SER E 98 -43.70 33.68 -13.44
N ALA E 99 -44.02 33.02 -14.54
CA ALA E 99 -45.28 33.21 -15.25
C ALA E 99 -45.95 31.88 -15.51
N SER E 100 -46.12 31.09 -14.45
CA SER E 100 -46.82 29.80 -14.39
C SER E 100 -47.48 29.34 -15.68
N HIS E 101 -47.03 28.19 -16.20
CA HIS E 101 -47.65 27.47 -17.32
C HIS E 101 -47.70 28.26 -18.62
N ASN E 102 -47.29 29.53 -18.60
CA ASN E 102 -47.15 30.30 -19.82
C ASN E 102 -45.85 29.92 -20.50
N PRO E 103 -45.66 30.32 -21.78
CA PRO E 103 -44.41 29.99 -22.48
C PRO E 103 -43.15 30.47 -21.77
N VAL E 104 -42.00 30.10 -22.31
CA VAL E 104 -40.74 30.45 -21.68
C VAL E 104 -40.45 31.95 -21.85
N GLN E 105 -40.98 32.56 -22.91
CA GLN E 105 -40.67 33.96 -23.20
C GLN E 105 -41.34 34.91 -22.21
N ASP E 106 -42.41 34.48 -21.55
CA ASP E 106 -43.12 35.32 -20.60
C ASP E 106 -42.50 35.19 -19.22
N ASN E 107 -42.71 36.21 -18.40
CA ASN E 107 -42.30 36.13 -17.00
C ASN E 107 -43.18 37.07 -16.19
N GLY E 108 -43.21 36.84 -14.87
CA GLY E 108 -44.11 37.60 -14.03
C GLY E 108 -43.70 37.76 -12.58
N ILE E 109 -43.88 38.96 -12.04
CA ILE E 109 -43.45 39.30 -10.69
C ILE E 109 -44.65 39.21 -9.75
N LYS E 110 -44.53 38.33 -8.75
CA LYS E 110 -45.56 38.10 -7.74
C LYS E 110 -45.02 38.50 -6.38
N PHE E 111 -45.92 38.96 -5.50
CA PHE E 111 -45.56 39.43 -4.17
C PHE E 111 -46.35 38.68 -3.11
N PHE E 112 -45.69 38.43 -1.98
CA PHE E 112 -46.32 37.80 -0.81
C PHE E 112 -46.12 38.67 0.42
N GLY E 113 -47.17 38.83 1.20
CA GLY E 113 -47.05 39.55 2.46
C GLY E 113 -46.33 38.73 3.51
N GLY E 114 -46.11 39.38 4.65
CA GLY E 114 -45.49 38.69 5.78
C GLY E 114 -46.28 37.51 6.29
N ASP E 115 -47.57 37.45 5.96
CA ASP E 115 -48.43 36.33 6.31
C ASP E 115 -48.30 35.16 5.34
N GLY E 116 -47.79 35.40 4.14
CA GLY E 116 -47.75 34.37 3.11
C GLY E 116 -48.78 34.53 2.02
N PHE E 117 -49.52 35.64 2.01
CA PHE E 117 -50.59 35.88 1.06
C PHE E 117 -50.22 37.06 0.17
N LYS E 118 -50.96 37.20 -0.92
CA LYS E 118 -50.75 38.31 -1.84
C LYS E 118 -50.84 39.64 -1.10
N LEU E 119 -50.02 40.60 -1.53
CA LEU E 119 -50.00 41.90 -0.88
C LEU E 119 -51.40 42.51 -0.83
N SER E 120 -51.69 43.19 0.27
CA SER E 120 -52.98 43.86 0.42
C SER E 120 -53.17 44.88 -0.70
N ASP E 121 -54.38 44.93 -1.23
CA ASP E 121 -54.66 45.80 -2.37
C ASP E 121 -54.41 47.27 -2.04
N GLU E 122 -54.45 47.64 -0.75
CA GLU E 122 -54.00 48.96 -0.35
C GLU E 122 -52.51 49.13 -0.62
N GLN E 123 -51.71 48.11 -0.30
CA GLN E 123 -50.27 48.18 -0.53
C GLN E 123 -49.96 48.18 -2.03
N GLU E 124 -50.63 47.31 -2.79
CA GLU E 124 -50.42 47.30 -4.24
C GLU E 124 -50.83 48.61 -4.87
N ALA E 125 -51.73 49.36 -4.23
CA ALA E 125 -52.08 50.69 -4.73
C ALA E 125 -50.89 51.64 -4.62
N GLU E 126 -50.33 51.76 -3.41
CA GLU E 126 -49.25 52.72 -3.16
C GLU E 126 -48.07 52.49 -4.10
N ILE E 127 -47.76 51.22 -4.38
CA ILE E 127 -46.72 50.91 -5.35
C ILE E 127 -47.03 51.57 -6.68
N GLU E 128 -48.27 51.41 -7.14
CA GLU E 128 -48.69 52.02 -8.40
C GLU E 128 -48.78 53.53 -8.29
N ARG E 129 -49.07 54.04 -7.09
CA ARG E 129 -49.09 55.49 -6.87
C ARG E 129 -47.71 56.09 -7.17
N LEU E 130 -46.66 55.44 -6.68
CA LEU E 130 -45.31 55.94 -6.89
C LEU E 130 -44.77 55.61 -8.28
N MET E 131 -45.39 54.67 -8.99
CA MET E 131 -45.00 54.36 -10.36
C MET E 131 -45.62 55.31 -11.38
N ASP E 132 -46.49 56.22 -10.95
CA ASP E 132 -46.99 57.26 -11.85
C ASP E 132 -46.17 58.54 -11.76
N GLU E 133 -45.66 58.86 -10.58
CA GLU E 133 -44.81 60.02 -10.38
C GLU E 133 -43.53 59.91 -11.21
N PRO E 134 -43.27 60.83 -12.14
CA PRO E 134 -42.00 60.81 -12.89
C PRO E 134 -40.79 61.26 -12.10
N GLU E 135 -40.91 61.47 -10.79
CA GLU E 135 -39.78 61.91 -9.96
C GLU E 135 -39.50 60.83 -8.92
N ASP E 136 -38.28 60.27 -8.97
CA ASP E 136 -37.84 59.29 -7.98
C ASP E 136 -37.39 59.99 -6.70
N LYS E 137 -38.35 60.68 -6.07
CA LYS E 137 -38.09 61.43 -4.84
C LYS E 137 -38.03 60.54 -3.60
N LEU E 138 -37.76 59.26 -3.76
CA LEU E 138 -37.61 58.37 -2.63
C LEU E 138 -36.20 58.50 -2.05
N PRO E 139 -36.02 58.10 -0.79
CA PRO E 139 -34.68 58.16 -0.19
C PRO E 139 -33.68 57.30 -0.95
N ARG E 140 -32.43 57.73 -0.94
CA ARG E 140 -31.30 56.99 -1.52
C ARG E 140 -30.22 56.85 -0.45
N PRO E 141 -30.37 55.89 0.47
CA PRO E 141 -29.35 55.69 1.49
C PRO E 141 -28.01 55.31 0.88
N VAL E 142 -26.93 55.75 1.53
CA VAL E 142 -25.59 55.62 0.98
C VAL E 142 -24.70 54.91 2.00
N GLY E 143 -23.68 54.22 1.49
CA GLY E 143 -22.67 53.61 2.32
C GLY E 143 -23.16 52.47 3.19
N ALA E 144 -23.09 52.66 4.51
CA ALA E 144 -23.55 51.63 5.44
C ALA E 144 -25.07 51.46 5.38
N ASP E 145 -25.79 52.56 5.16
CA ASP E 145 -27.24 52.53 5.09
C ASP E 145 -27.73 51.77 3.86
N LEU E 146 -26.81 51.27 3.04
CA LEU E 146 -27.17 50.61 1.81
C LEU E 146 -27.75 49.21 2.08
N GLY E 147 -28.46 48.70 1.10
CA GLY E 147 -29.09 47.40 1.23
C GLY E 147 -28.08 46.29 1.45
N LEU E 148 -28.58 45.18 1.98
CA LEU E 148 -27.78 44.01 2.30
C LEU E 148 -28.28 42.82 1.49
N VAL E 149 -27.37 41.95 1.10
CA VAL E 149 -27.72 40.73 0.38
C VAL E 149 -26.90 39.57 0.94
N ASN E 150 -27.59 38.54 1.42
CA ASN E 150 -26.97 37.29 1.83
C ASN E 150 -27.77 36.15 1.21
N ASP E 151 -27.12 35.39 0.33
CA ASP E 151 -27.80 34.30 -0.37
C ASP E 151 -28.22 33.22 0.60
N TYR E 152 -29.45 32.72 0.42
CA TYR E 152 -29.97 31.61 1.23
C TYR E 152 -30.46 30.51 0.28
N PHE E 153 -29.54 29.96 -0.52
CA PHE E 153 -29.89 28.90 -1.43
C PHE E 153 -30.36 27.65 -0.70
N GLU E 154 -30.25 27.64 0.62
CA GLU E 154 -30.58 26.50 1.48
C GLU E 154 -32.06 26.43 1.84
N GLY E 155 -32.85 27.46 1.51
CA GLY E 155 -34.25 27.43 1.85
C GLY E 155 -35.01 26.29 1.21
N GLY E 156 -34.51 25.80 0.06
CA GLY E 156 -35.20 24.74 -0.65
C GLY E 156 -35.39 23.50 0.20
N GLN E 157 -34.34 23.09 0.91
CA GLN E 157 -34.43 21.92 1.78
C GLN E 157 -35.07 22.23 3.13
N LYS E 158 -35.30 23.49 3.45
CA LYS E 158 -36.22 23.81 4.55
C LYS E 158 -37.66 23.53 4.13
N TYR E 159 -38.00 23.91 2.89
CA TYR E 159 -39.32 23.63 2.32
C TYR E 159 -39.46 22.16 1.96
N LEU E 160 -38.35 21.41 1.90
CA LEU E 160 -38.39 19.98 1.67
C LEU E 160 -38.43 19.19 2.97
N GLN E 161 -37.71 19.66 4.00
CA GLN E 161 -37.90 19.13 5.35
C GLN E 161 -39.34 19.30 5.82
N PHE E 162 -40.03 20.32 5.32
CA PHE E 162 -41.40 20.58 5.73
C PHE E 162 -42.39 19.65 5.04
N LEU E 163 -42.29 19.53 3.71
CA LEU E 163 -43.21 18.64 3.00
C LEU E 163 -42.97 17.19 3.38
N LYS E 164 -41.73 16.82 3.70
CA LYS E 164 -41.43 15.45 4.09
C LYS E 164 -42.27 15.02 5.30
N GLN E 165 -42.46 15.92 6.27
CA GLN E 165 -43.13 15.53 7.50
C GLN E 165 -44.63 15.40 7.31
N THR E 166 -45.22 16.12 6.35
CA THR E 166 -46.65 16.00 6.08
C THR E 166 -47.02 14.71 5.40
N ALA E 167 -46.06 13.79 5.26
CA ALA E 167 -46.32 12.45 4.78
C ALA E 167 -46.55 11.54 5.97
N ASP E 168 -47.73 10.93 6.04
CA ASP E 168 -48.08 10.07 7.16
C ASP E 168 -47.11 8.92 7.32
N GLU E 169 -46.44 8.53 6.23
CA GLU E 169 -45.32 7.60 6.24
C GLU E 169 -44.71 7.65 4.85
N ASP E 170 -43.57 6.98 4.70
CA ASP E 170 -42.95 6.90 3.38
C ASP E 170 -43.80 6.04 2.45
N PHE E 171 -43.70 6.31 1.16
CA PHE E 171 -44.47 5.58 0.15
C PHE E 171 -43.67 4.42 -0.43
N THR E 172 -43.20 3.54 0.46
CA THR E 172 -42.46 2.36 0.01
C THR E 172 -43.36 1.45 -0.82
N GLY E 173 -42.89 1.09 -2.01
CA GLY E 173 -43.62 0.20 -2.88
C GLY E 173 -44.52 0.86 -3.91
N ILE E 174 -44.37 2.17 -4.15
CA ILE E 174 -45.24 2.90 -5.06
C ILE E 174 -44.38 3.43 -6.21
N HIS E 175 -44.75 3.07 -7.44
CA HIS E 175 -44.06 3.55 -8.63
C HIS E 175 -44.72 4.85 -9.09
N VAL E 176 -44.03 5.98 -8.88
CA VAL E 176 -44.56 7.30 -9.18
C VAL E 176 -43.73 7.91 -10.31
N ALA E 177 -44.40 8.50 -11.29
CA ALA E 177 -43.77 9.21 -12.38
C ALA E 177 -43.90 10.71 -12.16
N LEU E 178 -42.88 11.47 -12.56
CA LEU E 178 -42.81 12.90 -12.28
C LEU E 178 -42.56 13.68 -13.56
N ASP E 179 -43.51 14.56 -13.89
CA ASP E 179 -43.38 15.53 -14.97
C ASP E 179 -43.31 16.91 -14.33
N CYS E 180 -42.15 17.57 -14.43
CA CYS E 180 -41.90 18.80 -13.71
C CYS E 180 -41.84 20.03 -14.61
N ALA E 181 -42.31 19.92 -15.85
CA ALA E 181 -42.43 21.05 -16.78
C ALA E 181 -41.11 21.78 -17.01
N ASN E 182 -39.98 21.14 -16.70
CA ASN E 182 -38.68 21.81 -16.69
C ASN E 182 -38.75 23.11 -15.91
N GLY E 183 -39.35 23.03 -14.71
CA GLY E 183 -39.64 24.22 -13.94
C GLY E 183 -39.04 24.24 -12.55
N ALA E 184 -39.65 25.02 -11.65
CA ALA E 184 -39.13 25.18 -10.31
C ALA E 184 -39.02 23.83 -9.60
N THR E 185 -40.04 22.99 -9.73
CA THR E 185 -40.08 21.71 -9.05
C THR E 185 -39.05 20.71 -9.54
N SER E 186 -38.16 21.11 -10.45
CA SER E 186 -37.22 20.20 -11.09
C SER E 186 -36.40 19.42 -10.09
N SER E 187 -35.38 20.07 -9.51
CA SER E 187 -34.55 19.40 -8.53
C SER E 187 -35.35 19.04 -7.27
N LEU E 188 -36.34 19.85 -6.93
CA LEU E 188 -37.06 19.73 -5.66
C LEU E 188 -37.86 18.44 -5.57
N ALA E 189 -38.86 18.28 -6.43
CA ALA E 189 -39.75 17.11 -6.35
C ALA E 189 -38.97 15.82 -6.46
N THR E 190 -37.90 15.81 -7.27
CA THR E 190 -37.09 14.62 -7.42
C THR E 190 -36.45 14.21 -6.10
N HIS E 191 -35.91 15.19 -5.35
CA HIS E 191 -35.33 14.87 -4.06
C HIS E 191 -36.38 14.46 -3.03
N LEU E 192 -37.63 14.90 -3.20
CA LEU E 192 -38.63 14.64 -2.19
C LEU E 192 -39.03 13.17 -2.16
N PHE E 193 -39.55 12.66 -3.29
CA PHE E 193 -40.07 11.31 -3.33
C PHE E 193 -38.98 10.25 -3.36
N ALA E 194 -37.77 10.60 -3.79
CA ALA E 194 -36.64 9.69 -3.63
C ALA E 194 -36.31 9.50 -2.16
N ASP E 195 -36.41 10.56 -1.37
CA ASP E 195 -36.11 10.49 0.05
C ASP E 195 -37.26 9.94 0.87
N LEU E 196 -38.44 9.76 0.27
CA LEU E 196 -39.56 9.08 0.91
C LEU E 196 -39.71 7.65 0.41
N ASP E 197 -38.65 7.07 -0.16
CA ASP E 197 -38.61 5.69 -0.63
C ASP E 197 -39.80 5.39 -1.54
N ALA E 198 -39.76 6.02 -2.71
CA ALA E 198 -40.73 5.78 -3.77
C ALA E 198 -39.99 5.60 -5.09
N ASP E 199 -40.52 4.73 -5.94
CA ASP E 199 -39.90 4.40 -7.22
C ASP E 199 -40.19 5.54 -8.19
N VAL E 200 -39.28 6.51 -8.26
CA VAL E 200 -39.51 7.69 -9.09
C VAL E 200 -38.98 7.44 -10.49
N SER E 201 -39.70 7.96 -11.48
CA SER E 201 -39.24 8.03 -12.86
C SER E 201 -39.59 9.41 -13.38
N THR E 202 -38.58 10.17 -13.79
CA THR E 202 -38.73 11.58 -14.10
C THR E 202 -38.90 11.79 -15.60
N MET E 203 -39.38 12.98 -15.94
CA MET E 203 -39.44 13.43 -17.33
C MET E 203 -39.63 14.94 -17.31
N GLY E 204 -38.88 15.65 -18.15
CA GLY E 204 -38.89 17.10 -18.07
C GLY E 204 -38.40 17.63 -16.75
N THR E 205 -37.50 16.91 -16.08
CA THR E 205 -36.77 17.40 -14.92
C THR E 205 -35.42 17.97 -15.30
N SER E 206 -35.20 18.22 -16.58
CA SER E 206 -33.92 18.69 -17.10
C SER E 206 -34.14 20.01 -17.82
N PRO E 207 -34.25 21.11 -17.08
CA PRO E 207 -34.51 22.41 -17.69
C PRO E 207 -33.23 23.03 -18.25
N ASN E 208 -33.41 24.18 -18.92
CA ASN E 208 -32.25 24.87 -19.48
C ASN E 208 -32.53 26.36 -19.73
N GLY E 209 -33.58 26.93 -19.14
CA GLY E 209 -33.91 28.31 -19.39
C GLY E 209 -34.82 28.56 -20.57
N LEU E 210 -35.01 27.56 -21.43
CA LEU E 210 -35.80 27.74 -22.65
C LEU E 210 -36.89 26.70 -22.83
N ASN E 211 -36.93 25.65 -22.01
CA ASN E 211 -37.76 24.48 -22.28
C ASN E 211 -38.88 24.30 -21.26
N ILE E 212 -39.22 25.34 -20.51
CA ILE E 212 -40.25 25.23 -19.48
C ILE E 212 -41.62 25.21 -20.14
N ASN E 213 -42.45 24.23 -19.77
CA ASN E 213 -43.81 24.06 -20.30
C ASN E 213 -43.81 23.87 -21.81
N ASP E 214 -42.83 23.13 -22.32
CA ASP E 214 -42.74 22.83 -23.75
C ASP E 214 -43.13 21.36 -23.94
N GLY E 215 -44.41 21.13 -24.25
CA GLY E 215 -44.90 19.77 -24.36
C GLY E 215 -44.91 19.03 -23.05
N VAL E 216 -44.74 19.75 -21.94
CA VAL E 216 -44.66 19.17 -20.59
C VAL E 216 -45.36 20.11 -19.62
N GLY E 217 -45.64 19.61 -18.43
CA GLY E 217 -46.34 20.39 -17.43
C GLY E 217 -47.82 20.05 -17.37
N SER E 218 -48.46 20.60 -16.33
CA SER E 218 -49.87 20.30 -16.09
C SER E 218 -50.74 20.71 -17.27
N THR E 219 -50.35 21.76 -18.00
CA THR E 219 -51.15 22.22 -19.13
C THR E 219 -51.00 21.31 -20.34
N HIS E 220 -49.92 20.53 -20.42
CA HIS E 220 -49.69 19.58 -21.52
C HIS E 220 -49.33 18.23 -20.93
N PRO E 221 -50.29 17.54 -20.31
CA PRO E 221 -50.00 16.28 -19.63
C PRO E 221 -49.92 15.07 -20.54
N GLU E 222 -50.22 15.22 -21.83
CA GLU E 222 -50.22 14.07 -22.74
C GLU E 222 -48.84 13.44 -22.88
N ALA E 223 -47.76 14.19 -22.59
CA ALA E 223 -46.44 13.58 -22.54
C ALA E 223 -46.30 12.65 -21.35
N LEU E 224 -46.99 12.94 -20.25
CA LEU E 224 -46.89 12.10 -19.05
C LEU E 224 -47.80 10.89 -19.13
N SER E 225 -49.04 11.08 -19.60
CA SER E 225 -50.00 9.99 -19.68
C SER E 225 -49.41 8.77 -20.36
N ALA E 226 -48.80 8.97 -21.53
CA ALA E 226 -48.13 7.86 -22.20
C ALA E 226 -46.95 7.36 -21.40
N PHE E 227 -46.20 8.27 -20.76
CA PHE E 227 -44.99 7.89 -20.05
C PHE E 227 -45.32 6.99 -18.86
N VAL E 228 -46.43 7.24 -18.18
CA VAL E 228 -46.88 6.36 -17.11
C VAL E 228 -47.07 4.94 -17.64
N LYS E 229 -47.90 4.80 -18.69
CA LYS E 229 -48.13 3.48 -19.27
C LYS E 229 -46.82 2.85 -19.73
N GLU E 230 -45.92 3.66 -20.29
CA GLU E 230 -44.65 3.12 -20.80
C GLU E 230 -43.87 2.43 -19.68
N LYS E 231 -43.55 3.17 -18.63
CA LYS E 231 -42.89 2.57 -17.47
C LYS E 231 -43.88 1.93 -16.50
N ASN E 232 -45.14 1.77 -16.91
CA ASN E 232 -46.20 1.11 -16.15
C ASN E 232 -46.19 1.48 -14.68
N ALA E 233 -45.90 2.74 -14.38
CA ALA E 233 -45.87 3.20 -13.00
C ALA E 233 -47.28 3.18 -12.41
N ASP E 234 -47.35 3.41 -11.10
CA ASP E 234 -48.63 3.35 -10.40
C ASP E 234 -49.42 4.66 -10.56
N LEU E 235 -48.73 5.80 -10.54
CA LEU E 235 -49.36 7.08 -10.83
C LEU E 235 -48.30 8.06 -11.28
N GLY E 236 -48.73 9.07 -12.02
CA GLY E 236 -47.85 10.10 -12.53
C GLY E 236 -48.32 11.48 -12.08
N LEU E 237 -47.37 12.32 -11.74
CA LEU E 237 -47.66 13.67 -11.26
C LEU E 237 -47.08 14.69 -12.24
N ALA E 238 -47.91 15.64 -12.66
CA ALA E 238 -47.49 16.69 -13.59
C ALA E 238 -47.68 18.04 -12.90
N PHE E 239 -46.58 18.62 -12.45
CA PHE E 239 -46.61 19.98 -11.92
C PHE E 239 -46.48 20.95 -13.10
N ASP E 240 -46.31 22.24 -12.81
CA ASP E 240 -46.24 23.24 -13.87
C ASP E 240 -45.02 24.12 -13.67
N GLY E 241 -45.04 25.31 -14.28
CA GLY E 241 -43.85 26.16 -14.33
C GLY E 241 -43.34 26.54 -12.94
N ASP E 242 -44.24 26.94 -12.05
CA ASP E 242 -43.86 27.34 -10.70
C ASP E 242 -44.31 26.35 -9.65
N GLY E 243 -44.85 25.19 -10.06
CA GLY E 243 -45.24 24.16 -9.11
C GLY E 243 -46.37 24.53 -8.18
N ASP E 244 -47.35 25.28 -8.66
CA ASP E 244 -48.53 25.63 -7.88
C ASP E 244 -49.78 24.85 -8.27
N ARG E 245 -49.80 24.23 -9.44
CA ARG E 245 -50.88 23.34 -9.87
C ARG E 245 -50.37 21.90 -9.87
N LEU E 246 -51.29 20.97 -10.12
CA LEU E 246 -50.91 19.56 -10.19
C LEU E 246 -51.96 18.80 -10.99
N ILE E 247 -51.50 18.05 -12.00
CA ILE E 247 -52.33 17.14 -12.76
C ILE E 247 -51.77 15.74 -12.60
N ALA E 248 -52.63 14.79 -12.24
CA ALA E 248 -52.22 13.42 -11.95
C ALA E 248 -52.68 12.48 -13.05
N VAL E 249 -51.81 11.51 -13.39
CA VAL E 249 -52.12 10.46 -14.35
C VAL E 249 -52.17 9.14 -13.58
N ASP E 250 -53.23 8.36 -13.79
CA ASP E 250 -53.36 7.07 -13.14
C ASP E 250 -52.52 6.04 -13.90
N GLU E 251 -52.62 4.76 -13.50
CA GLU E 251 -51.87 3.71 -14.17
C GLU E 251 -52.45 3.35 -15.54
N LYS E 252 -53.72 3.67 -15.79
CA LYS E 252 -54.34 3.42 -17.09
C LYS E 252 -53.98 4.47 -18.13
N GLY E 253 -53.32 5.55 -17.74
CA GLY E 253 -52.97 6.60 -18.67
C GLY E 253 -54.03 7.67 -18.88
N ASN E 254 -55.01 7.76 -17.98
CA ASN E 254 -56.07 8.76 -18.07
C ASN E 254 -55.76 9.95 -17.19
N ILE E 255 -56.11 11.14 -17.66
CA ILE E 255 -55.86 12.35 -16.89
C ILE E 255 -56.81 12.40 -15.69
N VAL E 256 -56.32 12.98 -14.59
CA VAL E 256 -57.10 13.17 -13.38
C VAL E 256 -56.98 14.64 -13.01
N ASP E 257 -58.05 15.41 -13.21
CA ASP E 257 -57.99 16.85 -13.08
C ASP E 257 -58.13 17.28 -11.61
N GLY E 258 -58.07 18.60 -11.39
CA GLY E 258 -58.03 19.15 -10.04
C GLY E 258 -59.29 18.94 -9.24
N ASP E 259 -60.44 18.79 -9.90
CA ASP E 259 -61.67 18.46 -9.18
C ASP E 259 -61.60 17.05 -8.61
N GLN E 260 -61.17 16.09 -9.44
CA GLN E 260 -61.00 14.72 -8.96
C GLN E 260 -59.97 14.64 -7.84
N ILE E 261 -58.91 15.44 -7.93
CA ILE E 261 -57.89 15.44 -6.88
C ILE E 261 -58.43 16.07 -5.60
N MET E 262 -59.38 17.00 -5.71
CA MET E 262 -60.04 17.53 -4.52
C MET E 262 -61.03 16.55 -3.92
N TYR E 263 -61.59 15.65 -4.72
CA TYR E 263 -62.52 14.66 -4.20
C TYR E 263 -61.79 13.58 -3.40
N ILE E 264 -60.84 12.89 -4.05
CA ILE E 264 -60.11 11.80 -3.42
C ILE E 264 -59.44 12.25 -2.12
N CYS E 265 -59.11 13.53 -2.03
CA CYS E 265 -58.28 14.03 -0.93
C CYS E 265 -59.12 14.46 0.28
N SER E 266 -60.06 15.39 0.08
CA SER E 266 -60.92 15.80 1.18
C SER E 266 -61.89 14.69 1.61
N LYS E 267 -61.97 13.60 0.83
CA LYS E 267 -62.63 12.39 1.30
C LYS E 267 -61.72 11.61 2.25
N HIS E 268 -60.43 11.52 1.92
CA HIS E 268 -59.45 10.88 2.81
C HIS E 268 -59.14 11.75 4.03
N LEU E 269 -59.42 13.06 3.96
CA LEU E 269 -59.28 13.94 5.12
C LEU E 269 -60.49 13.88 6.04
N LYS E 270 -61.69 13.60 5.50
CA LYS E 270 -62.83 13.33 6.36
C LYS E 270 -62.62 12.06 7.17
N SER E 271 -61.93 11.08 6.59
CA SER E 271 -61.69 9.81 7.29
C SER E 271 -60.75 10.00 8.47
N GLU E 272 -59.83 10.94 8.40
CA GLU E 272 -58.92 11.26 9.49
C GLU E 272 -59.47 12.32 10.43
N GLY E 273 -60.75 12.66 10.30
CA GLY E 273 -61.36 13.76 11.00
C GLY E 273 -60.78 15.12 10.69
N ARG E 274 -59.86 15.21 9.74
CA ARG E 274 -59.09 16.43 9.56
C ARG E 274 -59.79 17.48 8.71
N LEU E 275 -60.66 17.08 7.78
CA LEU E 275 -61.40 18.05 6.99
C LEU E 275 -62.24 18.91 7.92
N LYS E 276 -62.03 20.23 7.84
CA LYS E 276 -62.61 21.14 8.82
C LYS E 276 -64.08 21.37 8.45
N ASP E 277 -64.98 20.93 9.32
CA ASP E 277 -66.43 21.09 9.19
C ASP E 277 -67.00 20.29 8.03
N ASP E 278 -66.23 19.37 7.46
CA ASP E 278 -66.65 18.51 6.36
C ASP E 278 -67.26 19.33 5.22
N THR E 279 -66.56 20.40 4.84
CA THR E 279 -66.90 21.23 3.69
C THR E 279 -65.67 21.40 2.81
N VAL E 280 -65.89 21.75 1.55
CA VAL E 280 -64.82 21.99 0.59
C VAL E 280 -65.19 23.19 -0.28
N VAL E 281 -64.17 24.01 -0.62
CA VAL E 281 -64.34 25.19 -1.45
C VAL E 281 -63.94 24.85 -2.88
N SER E 282 -64.63 25.46 -3.84
CA SER E 282 -64.35 25.23 -5.26
C SER E 282 -64.92 26.37 -6.07
N THR E 283 -64.46 26.48 -7.32
CA THR E 283 -64.90 27.53 -8.22
C THR E 283 -66.11 27.08 -9.04
N VAL E 284 -66.65 28.03 -9.82
CA VAL E 284 -67.75 27.72 -10.73
C VAL E 284 -67.29 26.75 -11.81
N MET E 285 -66.00 26.76 -12.13
CA MET E 285 -65.47 25.89 -13.17
C MET E 285 -65.53 24.41 -12.80
N SER E 286 -65.67 24.09 -11.51
CA SER E 286 -65.71 22.70 -11.08
C SER E 286 -66.82 21.95 -11.81
N ASN E 287 -66.60 20.66 -12.03
CA ASN E 287 -67.59 19.86 -12.74
C ASN E 287 -68.77 19.55 -11.82
N LEU E 288 -69.87 19.12 -12.43
CA LEU E 288 -71.12 18.92 -11.70
C LEU E 288 -71.06 17.66 -10.83
N GLY E 289 -70.67 16.53 -11.42
CA GLY E 289 -70.57 15.30 -10.64
C GLY E 289 -69.65 15.44 -9.44
N PHE E 290 -68.70 16.37 -9.50
CA PHE E 290 -67.90 16.73 -8.34
C PHE E 290 -68.78 17.00 -7.13
N TYR E 291 -69.71 17.95 -7.25
CA TYR E 291 -70.65 18.20 -6.17
C TYR E 291 -71.56 17.01 -5.92
N LYS E 292 -71.76 16.17 -6.95
CA LYS E 292 -72.61 14.99 -6.79
C LYS E 292 -71.89 13.90 -5.99
N ALA E 293 -70.59 13.73 -6.22
CA ALA E 293 -69.81 12.80 -5.41
C ALA E 293 -69.42 13.39 -4.07
N LEU E 294 -69.58 14.70 -3.89
CA LEU E 294 -69.32 15.32 -2.60
C LEU E 294 -70.44 15.04 -1.60
N GLU E 295 -71.69 15.18 -2.05
CA GLU E 295 -72.83 14.87 -1.19
C GLU E 295 -72.85 13.39 -0.84
N LYS E 296 -72.49 12.52 -1.80
CA LYS E 296 -72.56 11.09 -1.58
C LYS E 296 -71.66 10.64 -0.43
N GLU E 297 -70.65 11.42 -0.06
CA GLU E 297 -69.81 11.15 1.09
C GLU E 297 -70.06 12.10 2.24
N GLY E 298 -71.10 12.92 2.16
CA GLY E 298 -71.47 13.82 3.25
C GLY E 298 -70.54 14.98 3.45
N ILE E 299 -70.07 15.60 2.36
CA ILE E 299 -69.18 16.75 2.43
C ILE E 299 -69.89 17.93 1.82
N LYS E 300 -70.23 18.91 2.65
CA LYS E 300 -70.81 20.16 2.18
C LYS E 300 -69.86 20.85 1.22
N SER E 301 -70.38 21.78 0.42
CA SER E 301 -69.56 22.43 -0.58
C SER E 301 -69.93 23.90 -0.70
N VAL E 302 -68.91 24.76 -0.71
CA VAL E 302 -69.07 26.19 -0.93
C VAL E 302 -68.58 26.51 -2.33
N GLN E 303 -69.32 27.39 -3.02
CA GLN E 303 -68.95 27.80 -4.37
C GLN E 303 -68.52 29.26 -4.38
N THR E 304 -67.42 29.54 -5.09
CA THR E 304 -66.93 30.88 -5.29
C THR E 304 -66.57 31.06 -6.76
N ALA E 305 -66.27 32.30 -7.13
CA ALA E 305 -65.86 32.58 -8.50
C ALA E 305 -64.44 32.09 -8.74
N VAL E 306 -64.04 32.10 -10.00
CA VAL E 306 -62.72 31.58 -10.35
C VAL E 306 -61.65 32.61 -10.00
N GLY E 307 -60.42 32.11 -9.84
CA GLY E 307 -59.34 32.90 -9.29
C GLY E 307 -59.05 32.45 -7.87
N ASP E 308 -57.77 32.16 -7.58
CA ASP E 308 -57.42 31.62 -6.27
C ASP E 308 -57.55 32.67 -5.16
N ARG E 309 -57.47 33.95 -5.50
CA ARG E 309 -57.68 35.00 -4.50
C ARG E 309 -59.10 34.97 -3.95
N TYR E 310 -60.04 34.34 -4.66
CA TYR E 310 -61.40 34.15 -4.18
C TYR E 310 -61.51 32.87 -3.33
N VAL E 311 -60.98 31.77 -3.84
CA VAL E 311 -61.02 30.50 -3.10
C VAL E 311 -60.37 30.64 -1.74
N VAL E 312 -59.32 31.45 -1.63
CA VAL E 312 -58.68 31.64 -0.33
C VAL E 312 -59.49 32.60 0.53
N GLU E 313 -60.15 33.59 -0.08
CA GLU E 313 -60.93 34.55 0.67
C GLU E 313 -62.05 33.87 1.44
N ALA E 314 -62.74 32.92 0.80
CA ALA E 314 -63.80 32.19 1.48
C ALA E 314 -63.23 31.25 2.53
N MET E 315 -62.09 30.62 2.23
CA MET E 315 -61.41 29.80 3.24
C MET E 315 -60.95 30.63 4.42
N LYS E 316 -60.77 31.94 4.24
CA LYS E 316 -60.35 32.83 5.32
C LYS E 316 -61.47 33.08 6.32
N LYS E 317 -62.54 33.75 5.88
CA LYS E 317 -63.51 34.30 6.84
C LYS E 317 -64.24 33.23 7.63
N ASP E 318 -64.47 32.05 7.04
CA ASP E 318 -65.21 30.99 7.71
C ASP E 318 -64.33 29.83 8.16
N GLY E 319 -63.01 29.99 8.13
CA GLY E 319 -62.09 28.99 8.66
C GLY E 319 -62.23 27.61 8.07
N TYR E 320 -62.03 27.50 6.76
CA TYR E 320 -62.21 26.25 6.03
C TYR E 320 -60.85 25.65 5.69
N ASN E 321 -60.81 24.31 5.63
CA ASN E 321 -59.55 23.60 5.51
C ASN E 321 -59.05 23.52 4.07
N VAL E 322 -59.89 23.04 3.16
CA VAL E 322 -59.49 22.66 1.82
C VAL E 322 -60.19 23.55 0.80
N GLY E 323 -59.49 23.86 -0.29
CA GLY E 323 -60.08 24.61 -1.38
C GLY E 323 -59.18 24.69 -2.58
N GLY E 324 -59.74 24.62 -3.78
CA GLY E 324 -58.92 24.66 -4.98
C GLY E 324 -59.73 24.98 -6.22
N GLU E 325 -59.18 24.59 -7.37
CA GLU E 325 -59.80 24.82 -8.65
C GLU E 325 -59.72 23.56 -9.51
N GLN E 326 -60.34 23.62 -10.68
CA GLN E 326 -60.17 22.58 -11.70
C GLN E 326 -58.76 22.60 -12.29
N SER E 327 -58.07 23.74 -12.19
CA SER E 327 -56.74 23.87 -12.78
C SER E 327 -55.72 22.93 -12.16
N GLY E 328 -55.96 22.48 -10.93
CA GLY E 328 -54.97 21.77 -10.15
C GLY E 328 -54.40 22.60 -9.01
N HIS E 329 -54.62 23.92 -9.04
CA HIS E 329 -54.23 24.81 -7.95
C HIS E 329 -55.05 24.47 -6.73
N LEU E 330 -54.45 23.72 -5.80
CA LEU E 330 -55.14 23.23 -4.62
C LEU E 330 -54.52 23.84 -3.37
N ILE E 331 -55.37 24.37 -2.49
CA ILE E 331 -54.93 25.11 -1.31
C ILE E 331 -55.29 24.30 -0.07
N PHE E 332 -54.28 23.95 0.71
CA PHE E 332 -54.45 23.22 1.97
C PHE E 332 -53.96 24.13 3.08
N LEU E 333 -54.89 24.76 3.79
CA LEU E 333 -54.57 25.87 4.68
C LEU E 333 -54.15 25.41 6.08
N ASP E 334 -53.89 24.12 6.28
CA ASP E 334 -53.21 23.70 7.49
C ASP E 334 -51.69 23.70 7.35
N TYR E 335 -51.18 23.75 6.12
CA TYR E 335 -49.76 23.58 5.87
C TYR E 335 -49.15 24.72 5.06
N ASN E 336 -49.94 25.37 4.21
CA ASN E 336 -49.42 26.50 3.42
C ASN E 336 -50.58 27.40 3.06
N THR E 337 -50.24 28.61 2.59
CA THR E 337 -51.22 29.65 2.35
C THR E 337 -51.69 29.74 0.90
N THR E 338 -50.92 29.24 -0.06
CA THR E 338 -51.30 29.28 -1.47
C THR E 338 -51.38 27.86 -2.02
N GLY E 339 -51.67 27.77 -3.32
CA GLY E 339 -51.76 26.48 -3.98
C GLY E 339 -50.39 25.83 -4.08
N ASP E 340 -50.22 24.67 -3.43
CA ASP E 340 -48.94 23.99 -3.36
C ASP E 340 -49.07 22.66 -4.10
N GLY E 341 -48.44 22.57 -5.27
CA GLY E 341 -48.60 21.38 -6.09
C GLY E 341 -48.01 20.14 -5.44
N LEU E 342 -46.79 20.26 -4.90
CA LEU E 342 -46.14 19.10 -4.31
C LEU E 342 -46.84 18.68 -3.01
N LEU E 343 -47.28 19.65 -2.22
CA LEU E 343 -48.08 19.33 -1.04
C LEU E 343 -49.35 18.60 -1.44
N SER E 344 -49.92 18.97 -2.58
CA SER E 344 -51.06 18.22 -3.11
C SER E 344 -50.65 16.81 -3.49
N ALA E 345 -49.44 16.66 -4.04
CA ALA E 345 -48.97 15.33 -4.46
C ALA E 345 -48.85 14.40 -3.26
N ILE E 346 -48.23 14.87 -2.17
CA ILE E 346 -48.03 14.03 -1.00
C ILE E 346 -49.36 13.56 -0.43
N MET E 347 -50.34 14.47 -0.36
CA MET E 347 -51.65 14.10 0.17
C MET E 347 -52.29 13.01 -0.69
N LEU E 348 -52.29 13.21 -2.01
CA LEU E 348 -52.78 12.19 -2.93
C LEU E 348 -52.04 10.87 -2.71
N MET E 349 -50.77 10.94 -2.33
CA MET E 349 -49.99 9.75 -2.04
C MET E 349 -50.26 9.21 -0.63
N ASN E 350 -50.76 10.06 0.28
CA ASN E 350 -51.20 9.57 1.58
C ASN E 350 -52.49 8.77 1.46
N THR E 351 -53.30 9.05 0.44
CA THR E 351 -54.53 8.29 0.23
C THR E 351 -54.23 6.93 -0.40
N LEU E 352 -53.45 6.91 -1.47
CA LEU E 352 -53.08 5.66 -2.12
C LEU E 352 -52.43 4.69 -1.14
N LYS E 353 -51.54 5.21 -0.28
CA LYS E 353 -50.87 4.36 0.70
C LYS E 353 -51.83 3.89 1.78
N ALA E 354 -52.54 4.82 2.43
CA ALA E 354 -53.43 4.48 3.53
C ALA E 354 -54.66 3.70 3.09
N THR E 355 -54.88 3.52 1.79
CA THR E 355 -55.99 2.72 1.29
C THR E 355 -55.59 1.61 0.34
N GLY E 356 -54.37 1.61 -0.21
CA GLY E 356 -53.91 0.59 -1.12
C GLY E 356 -54.64 0.54 -2.44
N LYS E 357 -55.73 1.29 -2.59
CA LYS E 357 -56.45 1.33 -3.84
C LYS E 357 -55.58 1.98 -4.93
N PRO E 358 -55.75 1.57 -6.18
CA PRO E 358 -55.02 2.23 -7.27
C PRO E 358 -55.64 3.59 -7.60
N LEU E 359 -54.87 4.39 -8.34
CA LEU E 359 -55.35 5.72 -8.70
C LEU E 359 -56.55 5.66 -9.65
N SER E 360 -56.72 4.57 -10.38
CA SER E 360 -57.87 4.44 -11.26
C SER E 360 -59.16 4.23 -10.47
N GLU E 361 -59.06 3.61 -9.29
CA GLU E 361 -60.24 3.24 -8.51
C GLU E 361 -60.76 4.39 -7.64
N LEU E 362 -59.85 5.16 -7.02
CA LEU E 362 -60.28 6.30 -6.22
C LEU E 362 -60.97 7.35 -7.09
N ALA E 363 -60.44 7.59 -8.29
CA ALA E 363 -61.02 8.60 -9.17
C ALA E 363 -62.33 8.14 -9.79
N ALA E 364 -62.59 6.83 -9.83
CA ALA E 364 -63.85 6.33 -10.36
C ALA E 364 -65.02 6.63 -9.43
N GLU E 365 -64.75 6.97 -8.17
CA GLU E 365 -65.81 7.25 -7.20
C GLU E 365 -66.59 8.50 -7.58
N MET E 366 -65.93 9.48 -8.20
CA MET E 366 -66.56 10.71 -8.67
C MET E 366 -66.78 10.61 -10.17
N GLN E 367 -68.02 10.79 -10.61
CA GLN E 367 -68.39 10.62 -12.02
C GLN E 367 -68.56 11.97 -12.68
N LYS E 368 -67.69 12.26 -13.65
CA LYS E 368 -67.79 13.51 -14.38
C LYS E 368 -68.96 13.48 -15.36
N PHE E 369 -69.65 14.63 -15.47
CA PHE E 369 -70.75 14.77 -16.41
C PHE E 369 -70.23 15.12 -17.81
N GLY F 2 -23.30 63.33 -21.43
CA GLY F 2 -22.36 64.31 -20.91
C GLY F 2 -20.96 63.75 -20.71
N LYS F 3 -20.44 63.88 -19.50
CA LYS F 3 -19.13 63.34 -19.14
C LYS F 3 -19.32 62.31 -18.04
N TYR F 4 -19.33 61.03 -18.43
CA TYR F 4 -19.43 59.93 -17.50
C TYR F 4 -18.14 59.12 -17.38
N PHE F 5 -17.38 59.01 -18.46
CA PHE F 5 -16.17 58.19 -18.53
C PHE F 5 -14.95 59.07 -18.26
N GLY F 6 -14.49 59.09 -17.02
CA GLY F 6 -13.24 59.76 -16.67
C GLY F 6 -12.05 58.86 -16.92
N THR F 7 -10.98 59.11 -16.18
CA THR F 7 -9.82 58.22 -16.26
C THR F 7 -10.15 56.83 -15.75
N ASP F 8 -10.73 56.75 -14.55
CA ASP F 8 -11.06 55.49 -13.88
C ASP F 8 -12.46 55.01 -14.19
N GLY F 9 -12.91 55.13 -15.44
CA GLY F 9 -14.28 54.78 -15.76
C GLY F 9 -15.27 55.78 -15.18
N VAL F 10 -16.46 55.29 -14.85
CA VAL F 10 -17.50 56.12 -14.23
C VAL F 10 -17.39 55.98 -12.73
N ARG F 11 -17.37 57.12 -12.03
CA ARG F 11 -17.19 57.12 -10.59
C ARG F 11 -18.22 57.99 -9.89
N GLY F 12 -18.39 57.72 -8.60
CA GLY F 12 -19.28 58.48 -7.75
C GLY F 12 -19.42 57.78 -6.43
N VAL F 13 -20.20 58.40 -5.56
CA VAL F 13 -20.60 57.77 -4.31
C VAL F 13 -21.91 57.03 -4.57
N ALA F 14 -22.07 55.87 -3.94
CA ALA F 14 -23.03 54.88 -4.39
C ALA F 14 -24.47 55.27 -4.06
N ASN F 15 -25.39 54.86 -4.95
CA ASN F 15 -26.83 55.07 -4.85
C ASN F 15 -27.19 56.53 -5.08
N SER F 16 -26.42 57.46 -4.50
CA SER F 16 -26.73 58.87 -4.63
C SER F 16 -26.28 59.44 -5.97
N GLU F 17 -24.99 59.32 -6.29
CA GLU F 17 -24.47 59.78 -7.58
C GLU F 17 -24.48 58.62 -8.58
N LEU F 18 -23.64 57.62 -8.34
CA LEU F 18 -23.65 56.39 -9.14
C LEU F 18 -24.89 55.58 -8.79
N THR F 19 -25.99 55.87 -9.48
CA THR F 19 -27.26 55.23 -9.15
C THR F 19 -27.36 53.86 -9.82
N PRO F 20 -28.12 52.95 -9.21
CA PRO F 20 -28.37 51.65 -9.89
C PRO F 20 -28.98 51.82 -11.26
N GLU F 21 -29.80 52.85 -11.48
CA GLU F 21 -30.37 53.10 -12.80
C GLU F 21 -29.27 53.36 -13.81
N LEU F 22 -28.29 54.18 -13.44
CA LEU F 22 -27.11 54.40 -14.27
C LEU F 22 -26.42 53.08 -14.57
N ALA F 23 -26.18 52.27 -13.53
CA ALA F 23 -25.54 50.97 -13.73
C ALA F 23 -26.28 50.12 -14.75
N PHE F 24 -27.61 50.25 -14.80
CA PHE F 24 -28.37 49.61 -15.87
C PHE F 24 -28.05 50.24 -17.22
N LYS F 25 -28.12 51.57 -17.30
CA LYS F 25 -27.91 52.26 -18.56
C LYS F 25 -26.49 52.15 -19.09
N VAL F 26 -25.53 51.70 -18.27
CA VAL F 26 -24.17 51.48 -18.74
C VAL F 26 -24.08 50.19 -19.54
N GLY F 27 -24.38 49.06 -18.89
CA GLY F 27 -24.29 47.76 -19.53
C GLY F 27 -25.29 47.55 -20.65
N ARG F 28 -26.32 48.39 -20.74
CA ARG F 28 -27.25 48.28 -21.86
C ARG F 28 -26.70 48.97 -23.09
N PHE F 29 -26.29 50.23 -22.97
CA PHE F 29 -25.69 50.93 -24.11
C PHE F 29 -24.26 50.47 -24.35
N GLY F 30 -23.51 50.20 -23.27
CA GLY F 30 -22.17 49.65 -23.45
C GLY F 30 -22.20 48.31 -24.15
N GLY F 31 -23.07 47.40 -23.69
CA GLY F 31 -23.16 46.08 -24.28
C GLY F 31 -23.57 46.12 -25.74
N TYR F 32 -24.28 47.18 -26.15
CA TYR F 32 -24.65 47.32 -27.55
C TYR F 32 -23.50 47.84 -28.40
N VAL F 33 -22.65 48.69 -27.83
CA VAL F 33 -21.48 49.16 -28.58
C VAL F 33 -20.59 47.98 -28.97
N LEU F 34 -20.37 47.07 -28.01
CA LEU F 34 -19.54 45.90 -28.24
C LEU F 34 -20.28 44.77 -28.94
N THR F 35 -21.60 44.87 -29.12
CA THR F 35 -22.34 43.82 -29.80
C THR F 35 -22.22 43.89 -31.31
N LYS F 36 -21.47 44.86 -31.84
CA LYS F 36 -21.46 45.11 -33.27
C LYS F 36 -20.96 43.90 -34.05
N ASP F 37 -19.99 43.17 -33.50
CA ASP F 37 -19.45 42.01 -34.20
C ASP F 37 -20.44 40.86 -34.18
N LYS F 38 -20.31 39.95 -33.21
CA LYS F 38 -21.24 38.84 -33.07
C LYS F 38 -22.44 39.27 -32.25
N GLN F 39 -23.63 38.78 -32.64
CA GLN F 39 -24.86 39.17 -31.98
C GLN F 39 -24.91 38.77 -30.51
N ARG F 40 -24.02 37.87 -30.08
CA ARG F 40 -23.92 37.47 -28.67
C ARG F 40 -22.53 37.81 -28.16
N PRO F 41 -22.34 38.99 -27.57
CA PRO F 41 -21.06 39.30 -26.93
C PRO F 41 -20.86 38.48 -25.67
N LYS F 42 -19.60 38.39 -25.25
CA LYS F 42 -19.22 37.64 -24.05
C LYS F 42 -18.53 38.61 -23.10
N VAL F 43 -19.34 39.33 -22.32
CA VAL F 43 -18.83 40.23 -21.29
C VAL F 43 -18.81 39.48 -19.97
N LEU F 44 -17.69 39.55 -19.26
CA LEU F 44 -17.60 39.08 -17.90
C LEU F 44 -17.50 40.28 -16.96
N ILE F 45 -17.79 40.03 -15.69
CA ILE F 45 -17.99 41.11 -14.72
C ILE F 45 -17.38 40.74 -13.39
N GLY F 46 -16.57 41.64 -12.83
CA GLY F 46 -16.01 41.45 -11.52
C GLY F 46 -16.20 42.69 -10.67
N ARG F 47 -16.08 42.50 -9.37
CA ARG F 47 -16.28 43.58 -8.40
C ARG F 47 -15.34 43.35 -7.22
N ASP F 48 -15.38 44.28 -6.27
CA ASP F 48 -14.63 44.17 -5.04
C ASP F 48 -15.61 43.87 -3.89
N THR F 49 -15.10 43.93 -2.66
CA THR F 49 -15.89 43.52 -1.52
C THR F 49 -17.04 44.48 -1.22
N ARG F 50 -17.01 45.69 -1.76
CA ARG F 50 -17.93 46.76 -1.39
C ARG F 50 -19.37 46.29 -1.31
N ILE F 51 -20.11 46.84 -0.34
CA ILE F 51 -21.53 46.51 -0.20
C ILE F 51 -22.33 47.08 -1.38
N SER F 52 -21.88 48.22 -1.92
CA SER F 52 -22.50 48.78 -3.11
C SER F 52 -22.14 48.00 -4.36
N GLY F 53 -21.16 47.10 -4.30
CA GLY F 53 -20.86 46.27 -5.45
C GLY F 53 -22.02 45.38 -5.84
N HIS F 54 -22.74 44.85 -4.85
CA HIS F 54 -23.82 43.91 -5.16
C HIS F 54 -24.93 44.57 -5.97
N MET F 55 -25.31 45.80 -5.61
CA MET F 55 -26.41 46.45 -6.34
C MET F 55 -25.97 46.86 -7.73
N LEU F 56 -24.71 47.24 -7.90
CA LEU F 56 -24.25 47.69 -9.22
C LEU F 56 -24.02 46.52 -10.17
N GLU F 57 -23.59 45.36 -9.66
CA GLU F 57 -23.48 44.18 -10.51
C GLU F 57 -24.82 43.78 -11.09
N GLY F 58 -25.83 43.61 -10.23
CA GLY F 58 -27.15 43.19 -10.70
C GLY F 58 -27.74 44.15 -11.70
N ALA F 59 -27.68 45.45 -11.40
CA ALA F 59 -28.21 46.46 -12.33
C ALA F 59 -27.40 46.48 -13.62
N LEU F 60 -26.08 46.29 -13.52
CA LEU F 60 -25.26 46.19 -14.72
C LEU F 60 -25.61 44.95 -15.53
N VAL F 61 -25.71 43.80 -14.87
CA VAL F 61 -26.07 42.56 -15.56
C VAL F 61 -27.47 42.66 -16.16
N ALA F 62 -28.36 43.38 -15.49
CA ALA F 62 -29.71 43.57 -16.02
C ALA F 62 -29.69 44.25 -17.38
N GLY F 63 -28.75 45.16 -17.61
CA GLY F 63 -28.63 45.81 -18.89
C GLY F 63 -27.97 44.94 -19.94
N LEU F 64 -26.93 44.20 -19.53
CA LEU F 64 -26.22 43.34 -20.47
C LEU F 64 -27.12 42.26 -21.04
N LEU F 65 -27.89 41.59 -20.18
CA LEU F 65 -28.83 40.59 -20.67
C LEU F 65 -29.91 41.19 -21.55
N SER F 66 -30.08 42.51 -21.53
CA SER F 66 -31.12 43.18 -22.28
C SER F 66 -30.67 43.61 -23.67
N ILE F 67 -29.52 43.14 -24.15
CA ILE F 67 -29.17 43.33 -25.55
C ILE F 67 -28.60 42.02 -26.10
N GLY F 68 -28.71 40.95 -25.32
CA GLY F 68 -28.40 39.61 -25.79
C GLY F 68 -27.01 39.11 -25.48
N ALA F 69 -26.21 39.85 -24.70
CA ALA F 69 -24.85 39.43 -24.42
C ALA F 69 -24.83 38.28 -23.41
N GLU F 70 -23.73 37.52 -23.44
CA GLU F 70 -23.52 36.39 -22.55
C GLU F 70 -22.61 36.82 -21.40
N VAL F 71 -23.15 36.81 -20.18
CA VAL F 71 -22.49 37.38 -19.01
C VAL F 71 -21.96 36.26 -18.13
N MET F 72 -20.68 36.33 -17.80
CA MET F 72 -20.03 35.41 -16.87
C MET F 72 -19.68 36.21 -15.62
N ARG F 73 -20.46 36.04 -14.56
CA ARG F 73 -20.14 36.71 -13.31
C ARG F 73 -18.85 36.14 -12.72
N LEU F 74 -18.01 37.02 -12.19
CA LEU F 74 -16.75 36.61 -11.58
C LEU F 74 -16.81 36.59 -10.06
N GLY F 75 -17.52 37.53 -9.47
CA GLY F 75 -17.51 37.69 -8.02
C GLY F 75 -16.45 38.69 -7.61
N VAL F 76 -15.77 38.42 -6.50
CA VAL F 76 -14.72 39.31 -6.00
C VAL F 76 -13.39 38.88 -6.61
N ILE F 77 -12.75 39.82 -7.31
CA ILE F 77 -11.46 39.57 -7.96
C ILE F 77 -10.77 40.91 -8.14
N SER F 78 -9.45 40.89 -8.23
CA SER F 78 -8.71 42.11 -8.49
C SER F 78 -8.95 42.61 -9.91
N THR F 79 -8.87 43.93 -10.09
CA THR F 79 -8.96 44.50 -11.43
C THR F 79 -7.90 43.94 -12.38
N PRO F 80 -6.66 43.64 -11.95
CA PRO F 80 -5.76 42.88 -12.82
C PRO F 80 -6.32 41.54 -13.25
N GLY F 81 -6.94 40.80 -12.30
CA GLY F 81 -7.53 39.52 -12.66
C GLY F 81 -8.59 39.63 -13.74
N VAL F 82 -9.22 40.80 -13.86
CA VAL F 82 -10.20 41.00 -14.91
C VAL F 82 -9.51 41.14 -16.27
N SER F 83 -8.46 41.97 -16.33
CA SER F 83 -7.78 42.21 -17.61
CA SER F 83 -7.78 42.21 -17.61
C SER F 83 -7.19 40.93 -18.18
N TYR F 84 -6.62 40.08 -17.32
CA TYR F 84 -6.05 38.83 -17.81
C TYR F 84 -7.13 37.89 -18.34
N LEU F 85 -8.22 37.73 -17.57
CA LEU F 85 -9.24 36.74 -17.95
C LEU F 85 -10.03 37.22 -19.16
N THR F 86 -10.32 38.52 -19.25
CA THR F 86 -10.98 39.04 -20.44
C THR F 86 -10.14 38.78 -21.69
N LYS F 87 -8.83 38.94 -21.58
CA LYS F 87 -7.94 38.56 -22.68
C LYS F 87 -7.98 37.05 -22.92
N ALA F 88 -7.63 36.27 -21.89
CA ALA F 88 -7.36 34.85 -22.06
C ALA F 88 -8.60 34.02 -22.41
N MET F 89 -9.78 34.63 -22.43
CA MET F 89 -10.98 33.90 -22.87
C MET F 89 -11.56 34.49 -24.15
N ASP F 90 -10.80 35.33 -24.86
CA ASP F 90 -11.25 35.96 -26.10
C ASP F 90 -12.59 36.65 -25.93
N ALA F 91 -12.82 37.18 -24.73
CA ALA F 91 -14.10 37.79 -24.42
C ALA F 91 -14.14 39.23 -24.93
N GLU F 92 -15.34 39.66 -25.31
CA GLU F 92 -15.47 40.91 -26.05
C GLU F 92 -15.18 42.12 -25.19
N ALA F 93 -15.43 42.03 -23.88
CA ALA F 93 -15.20 43.17 -22.99
C ALA F 93 -15.04 42.65 -21.57
N GLY F 94 -14.78 43.58 -20.65
CA GLY F 94 -14.62 43.26 -19.25
C GLY F 94 -14.90 44.43 -18.34
N VAL F 95 -15.57 44.18 -17.22
CA VAL F 95 -16.07 45.23 -16.34
C VAL F 95 -15.58 44.98 -14.92
N MET F 96 -15.33 46.07 -14.20
CA MET F 96 -14.89 46.01 -12.82
C MET F 96 -15.71 46.99 -12.00
N ILE F 97 -16.33 46.51 -10.92
CA ILE F 97 -17.14 47.33 -10.03
C ILE F 97 -16.27 47.59 -8.80
N SER F 98 -15.56 48.72 -8.83
CA SER F 98 -14.63 49.06 -7.76
C SER F 98 -14.23 50.52 -7.94
N ALA F 99 -13.80 51.15 -6.83
CA ALA F 99 -13.36 52.54 -6.85
C ALA F 99 -11.99 52.72 -6.21
N SER F 100 -11.21 51.64 -6.07
CA SER F 100 -9.79 51.65 -5.74
C SER F 100 -9.38 52.62 -4.63
N HIS F 101 -8.96 52.08 -3.48
CA HIS F 101 -8.39 52.83 -2.35
C HIS F 101 -9.30 53.90 -1.77
N ASN F 102 -10.32 54.32 -2.51
CA ASN F 102 -11.28 55.34 -2.08
C ASN F 102 -12.09 54.83 -0.88
N PRO F 103 -12.92 55.66 -0.25
CA PRO F 103 -13.74 55.16 0.85
C PRO F 103 -14.90 54.29 0.37
N VAL F 104 -15.33 53.39 1.26
CA VAL F 104 -16.28 52.32 0.96
C VAL F 104 -17.59 52.86 0.38
N GLN F 105 -17.86 54.15 0.58
CA GLN F 105 -19.10 54.73 0.09
C GLN F 105 -19.06 54.96 -1.42
N ASP F 106 -17.90 55.23 -1.99
CA ASP F 106 -17.76 55.41 -3.42
C ASP F 106 -17.54 54.07 -4.12
N ASN F 107 -18.00 53.99 -5.36
CA ASN F 107 -17.77 52.83 -6.21
C ASN F 107 -17.52 53.33 -7.62
N GLY F 108 -17.23 52.40 -8.52
CA GLY F 108 -16.91 52.78 -9.89
C GLY F 108 -17.03 51.63 -10.85
N ILE F 109 -17.42 51.95 -12.08
CA ILE F 109 -17.53 50.98 -13.17
C ILE F 109 -16.42 51.28 -14.16
N LYS F 110 -15.65 50.26 -14.51
CA LYS F 110 -14.50 50.45 -15.39
C LYS F 110 -14.49 49.36 -16.45
N PHE F 111 -14.16 49.75 -17.68
CA PHE F 111 -14.27 48.88 -18.84
C PHE F 111 -12.91 48.47 -19.39
N PHE F 112 -12.87 47.27 -19.96
CA PHE F 112 -11.71 46.73 -20.66
C PHE F 112 -12.17 46.14 -21.99
N GLY F 113 -11.37 46.35 -23.04
CA GLY F 113 -11.66 45.77 -24.33
C GLY F 113 -11.35 44.29 -24.37
N GLY F 114 -11.53 43.71 -25.56
CA GLY F 114 -11.15 42.32 -25.75
C GLY F 114 -9.67 42.09 -25.61
N ASP F 115 -8.86 43.12 -25.89
CA ASP F 115 -7.41 43.03 -25.80
C ASP F 115 -6.87 43.21 -24.38
N GLY F 116 -7.72 43.64 -23.44
CA GLY F 116 -7.28 43.87 -22.08
C GLY F 116 -6.93 45.30 -21.74
N PHE F 117 -7.20 46.25 -22.63
CA PHE F 117 -6.92 47.65 -22.39
C PHE F 117 -8.23 48.42 -22.22
N LYS F 118 -8.10 49.64 -21.68
CA LYS F 118 -9.25 50.54 -21.60
C LYS F 118 -9.92 50.67 -22.94
N LEU F 119 -11.26 50.63 -22.93
CA LEU F 119 -12.03 50.82 -24.15
C LEU F 119 -11.54 52.06 -24.89
N SER F 120 -11.29 51.89 -26.20
CA SER F 120 -10.87 53.00 -27.02
C SER F 120 -11.84 54.16 -26.88
N ASP F 121 -11.29 55.38 -26.85
CA ASP F 121 -12.11 56.56 -26.60
C ASP F 121 -13.18 56.78 -27.66
N GLU F 122 -13.07 56.11 -28.81
CA GLU F 122 -14.15 56.13 -29.79
C GLU F 122 -15.39 55.41 -29.27
N GLN F 123 -15.19 54.25 -28.62
CA GLN F 123 -16.32 53.52 -28.06
C GLN F 123 -16.93 54.27 -26.88
N GLU F 124 -16.08 54.75 -25.95
CA GLU F 124 -16.60 55.56 -24.85
C GLU F 124 -17.35 56.79 -25.36
N ALA F 125 -17.02 57.26 -26.56
CA ALA F 125 -17.76 58.37 -27.15
C ALA F 125 -19.20 57.97 -27.47
N GLU F 126 -19.38 56.85 -28.18
CA GLU F 126 -20.73 56.42 -28.56
C GLU F 126 -21.54 55.96 -27.35
N ILE F 127 -20.86 55.49 -26.29
CA ILE F 127 -21.57 55.13 -25.07
C ILE F 127 -22.25 56.36 -24.49
N GLU F 128 -21.52 57.47 -24.40
CA GLU F 128 -22.10 58.72 -23.92
C GLU F 128 -23.10 59.31 -24.90
N ARG F 129 -23.00 58.96 -26.19
CA ARG F 129 -23.96 59.45 -27.17
C ARG F 129 -25.35 58.90 -26.92
N LEU F 130 -25.45 57.61 -26.58
CA LEU F 130 -26.74 56.99 -26.35
C LEU F 130 -27.29 57.29 -24.97
N MET F 131 -26.44 57.66 -24.02
CA MET F 131 -26.91 58.06 -22.69
C MET F 131 -27.47 59.48 -22.67
N ASP F 132 -27.55 60.14 -23.83
CA ASP F 132 -28.12 61.47 -23.94
C ASP F 132 -29.43 61.53 -24.71
N GLU F 133 -29.67 60.57 -25.61
CA GLU F 133 -30.98 60.45 -26.25
C GLU F 133 -31.98 59.91 -25.24
N PRO F 134 -33.01 60.67 -24.86
CA PRO F 134 -33.93 60.19 -23.83
C PRO F 134 -34.91 59.13 -24.33
N GLU F 135 -34.69 58.60 -25.53
CA GLU F 135 -35.51 57.51 -26.07
C GLU F 135 -34.69 56.24 -26.14
N ASP F 136 -35.07 55.23 -25.36
CA ASP F 136 -34.38 53.95 -25.33
C ASP F 136 -34.77 53.16 -26.58
N LYS F 137 -34.12 53.53 -27.69
CA LYS F 137 -34.45 52.97 -29.01
C LYS F 137 -33.49 51.86 -29.43
N LEU F 138 -32.89 51.15 -28.46
CA LEU F 138 -32.03 50.01 -28.75
C LEU F 138 -32.84 48.71 -28.78
N PRO F 139 -32.39 47.72 -29.54
CA PRO F 139 -33.17 46.47 -29.65
C PRO F 139 -33.40 45.81 -28.30
N ARG F 140 -34.58 45.19 -28.16
CA ARG F 140 -34.96 44.45 -26.96
C ARG F 140 -35.23 43.01 -27.38
N PRO F 141 -34.19 42.19 -27.53
CA PRO F 141 -34.40 40.76 -27.83
C PRO F 141 -35.31 40.10 -26.83
N VAL F 142 -35.98 39.02 -27.23
CA VAL F 142 -36.97 38.37 -26.40
C VAL F 142 -36.95 36.87 -26.69
N GLY F 143 -37.40 36.10 -25.71
CA GLY F 143 -37.36 34.66 -25.82
C GLY F 143 -35.94 34.11 -25.76
N ALA F 144 -35.51 33.45 -26.83
CA ALA F 144 -34.18 32.86 -26.88
C ALA F 144 -33.10 33.83 -27.32
N ASP F 145 -33.47 35.00 -27.83
CA ASP F 145 -32.49 36.00 -28.21
C ASP F 145 -32.00 36.83 -27.03
N LEU F 146 -32.59 36.64 -25.85
CA LEU F 146 -32.14 37.34 -24.65
C LEU F 146 -30.71 36.94 -24.32
N GLY F 147 -30.13 37.67 -23.37
CA GLY F 147 -28.80 37.34 -22.90
C GLY F 147 -28.76 36.04 -22.13
N LEU F 148 -27.55 35.49 -22.02
CA LEU F 148 -27.30 34.27 -21.29
C LEU F 148 -26.30 34.56 -20.17
N VAL F 149 -26.43 33.85 -19.06
CA VAL F 149 -25.50 33.99 -17.95
C VAL F 149 -25.09 32.61 -17.46
N ASN F 150 -23.78 32.34 -17.50
CA ASN F 150 -23.20 31.17 -16.86
C ASN F 150 -22.10 31.69 -15.93
N ASP F 151 -22.28 31.52 -14.63
CA ASP F 151 -21.37 32.10 -13.66
C ASP F 151 -19.99 31.45 -13.75
N TYR F 152 -18.95 32.28 -13.65
CA TYR F 152 -17.56 31.82 -13.66
C TYR F 152 -16.87 32.34 -12.40
N PHE F 153 -17.20 31.75 -11.27
CA PHE F 153 -16.54 32.09 -10.01
C PHE F 153 -15.20 31.39 -9.84
N GLU F 154 -14.93 30.39 -10.68
CA GLU F 154 -13.68 29.67 -10.70
C GLU F 154 -12.59 30.38 -11.50
N GLY F 155 -12.89 31.56 -12.05
CA GLY F 155 -11.86 32.36 -12.69
C GLY F 155 -10.81 32.89 -11.75
N GLY F 156 -10.99 32.71 -10.45
CA GLY F 156 -9.99 33.18 -9.49
C GLY F 156 -8.70 32.40 -9.58
N GLN F 157 -8.78 31.08 -9.44
CA GLN F 157 -7.57 30.26 -9.50
C GLN F 157 -7.05 30.07 -10.91
N LYS F 158 -7.69 30.67 -11.92
CA LYS F 158 -7.11 30.72 -13.26
C LYS F 158 -6.06 31.82 -13.33
N TYR F 159 -6.43 33.04 -12.92
CA TYR F 159 -5.47 34.12 -12.74
C TYR F 159 -4.52 33.82 -11.59
N LEU F 160 -4.97 33.06 -10.58
CA LEU F 160 -4.03 32.55 -9.59
C LEU F 160 -3.09 31.53 -10.21
N GLN F 161 -3.60 30.68 -11.10
CA GLN F 161 -2.72 29.78 -11.85
C GLN F 161 -1.78 30.53 -12.77
N PHE F 162 -2.13 31.76 -13.16
CA PHE F 162 -1.25 32.55 -14.00
C PHE F 162 -0.12 33.18 -13.20
N LEU F 163 -0.38 33.54 -11.93
CA LEU F 163 0.65 34.18 -11.12
C LEU F 163 1.72 33.19 -10.67
N LYS F 164 1.29 31.99 -10.25
CA LYS F 164 2.21 31.01 -9.67
C LYS F 164 3.32 30.62 -10.64
N GLN F 165 3.04 30.62 -11.94
CA GLN F 165 4.05 30.17 -12.89
C GLN F 165 5.10 31.23 -13.18
N THR F 166 4.72 32.51 -13.11
CA THR F 166 5.70 33.58 -13.29
C THR F 166 6.70 33.66 -12.15
N ALA F 167 6.51 32.87 -11.11
CA ALA F 167 7.46 32.81 -10.00
C ALA F 167 8.62 31.91 -10.39
N ASP F 168 9.83 32.47 -10.38
CA ASP F 168 11.02 31.72 -10.76
C ASP F 168 11.25 30.52 -9.86
N GLU F 169 10.72 30.55 -8.64
CA GLU F 169 10.68 29.40 -7.74
C GLU F 169 9.82 29.78 -6.54
N ASP F 170 9.43 28.76 -5.79
CA ASP F 170 8.68 28.99 -4.56
C ASP F 170 9.51 29.78 -3.56
N PHE F 171 8.82 30.56 -2.72
CA PHE F 171 9.50 31.46 -1.79
C PHE F 171 9.70 30.83 -0.41
N THR F 172 10.35 29.67 -0.38
CA THR F 172 10.56 28.96 0.87
C THR F 172 11.52 29.73 1.77
N GLY F 173 11.19 29.77 3.06
CA GLY F 173 12.02 30.41 4.06
C GLY F 173 11.81 31.89 4.24
N ILE F 174 10.85 32.49 3.54
CA ILE F 174 10.63 33.94 3.56
C ILE F 174 9.34 34.22 4.32
N HIS F 175 9.44 35.02 5.37
CA HIS F 175 8.28 35.44 6.16
C HIS F 175 7.74 36.74 5.58
N VAL F 176 6.49 36.70 5.13
CA VAL F 176 5.89 37.84 4.44
C VAL F 176 4.60 38.22 5.14
N ALA F 177 4.48 39.49 5.50
CA ALA F 177 3.25 40.03 6.08
C ALA F 177 2.41 40.65 4.98
N LEU F 178 1.10 40.42 5.04
CA LEU F 178 0.19 40.81 3.97
C LEU F 178 -0.80 41.85 4.47
N ASP F 179 -0.98 42.91 3.68
CA ASP F 179 -2.06 43.88 3.89
C ASP F 179 -2.83 43.99 2.58
N CYS F 180 -4.13 43.69 2.63
CA CYS F 180 -4.93 43.56 1.42
C CYS F 180 -6.02 44.62 1.31
N ALA F 181 -6.03 45.60 2.22
CA ALA F 181 -7.02 46.68 2.25
C ALA F 181 -8.44 46.18 2.44
N ASN F 182 -8.60 44.94 2.92
CA ASN F 182 -9.91 44.30 3.01
C ASN F 182 -10.64 44.34 1.66
N GLY F 183 -9.89 44.03 0.61
CA GLY F 183 -10.40 44.20 -0.74
C GLY F 183 -10.29 42.97 -1.62
N ALA F 184 -10.33 43.20 -2.94
CA ALA F 184 -10.38 42.11 -3.92
C ALA F 184 -9.27 41.10 -3.70
N THR F 185 -8.13 41.52 -3.14
CA THR F 185 -7.00 40.65 -2.94
C THR F 185 -7.09 39.85 -1.64
N SER F 186 -8.25 39.84 -0.99
CA SER F 186 -8.38 39.19 0.31
C SER F 186 -8.12 37.70 0.22
N SER F 187 -8.92 36.99 -0.58
CA SER F 187 -8.81 35.54 -0.72
C SER F 187 -7.96 35.12 -1.92
N LEU F 188 -7.33 36.06 -2.61
CA LEU F 188 -6.47 35.76 -3.73
C LEU F 188 -4.99 35.80 -3.39
N ALA F 189 -4.60 36.58 -2.38
CA ALA F 189 -3.20 36.70 -2.02
C ALA F 189 -2.74 35.63 -1.03
N THR F 190 -3.60 35.25 -0.09
CA THR F 190 -3.20 34.30 0.93
C THR F 190 -3.06 32.89 0.35
N HIS F 191 -3.92 32.53 -0.60
CA HIS F 191 -3.70 31.30 -1.35
C HIS F 191 -2.39 31.37 -2.13
N LEU F 192 -2.14 32.51 -2.78
CA LEU F 192 -1.01 32.64 -3.69
C LEU F 192 0.31 32.33 -3.00
N PHE F 193 0.63 33.08 -1.97
CA PHE F 193 1.94 32.98 -1.33
C PHE F 193 2.02 31.88 -0.29
N ALA F 194 0.91 31.19 0.01
CA ALA F 194 0.98 29.97 0.79
C ALA F 194 1.14 28.73 -0.07
N ASP F 195 0.74 28.80 -1.35
CA ASP F 195 0.99 27.70 -2.27
C ASP F 195 2.40 27.73 -2.81
N LEU F 196 3.02 28.90 -2.86
CA LEU F 196 4.44 29.03 -3.15
C LEU F 196 5.30 28.85 -1.90
N ASP F 197 4.71 28.36 -0.81
CA ASP F 197 5.43 27.92 0.40
C ASP F 197 6.19 29.09 1.03
N ALA F 198 5.42 30.02 1.59
CA ALA F 198 5.98 31.15 2.31
C ALA F 198 5.22 31.35 3.61
N ASP F 199 5.95 31.80 4.63
CA ASP F 199 5.35 32.10 5.94
C ASP F 199 4.55 33.38 5.81
N VAL F 200 3.22 33.25 5.76
CA VAL F 200 2.33 34.39 5.54
C VAL F 200 1.72 34.83 6.86
N SER F 201 1.76 36.13 7.12
CA SER F 201 1.06 36.76 8.22
C SER F 201 0.07 37.75 7.63
N THR F 202 -1.20 37.56 7.92
CA THR F 202 -2.27 38.28 7.24
C THR F 202 -2.87 39.35 8.14
N MET F 203 -3.23 40.47 7.52
CA MET F 203 -4.04 41.50 8.15
C MET F 203 -4.73 42.28 7.05
N GLY F 204 -5.97 42.69 7.30
CA GLY F 204 -6.76 43.26 6.23
C GLY F 204 -7.18 42.23 5.21
N THR F 205 -7.30 40.96 5.62
CA THR F 205 -7.82 39.90 4.79
C THR F 205 -9.18 39.41 5.30
N SER F 206 -9.89 40.29 5.99
CA SER F 206 -11.19 39.98 6.59
C SER F 206 -12.19 41.06 6.22
N PRO F 207 -12.59 41.13 4.95
CA PRO F 207 -13.51 42.19 4.53
C PRO F 207 -14.96 41.85 4.83
N ASN F 208 -15.80 42.88 4.77
CA ASN F 208 -17.23 42.71 5.04
C ASN F 208 -18.09 43.70 4.26
N GLY F 209 -17.63 44.11 3.07
CA GLY F 209 -18.36 45.05 2.26
C GLY F 209 -18.31 46.48 2.73
N LEU F 210 -17.85 46.73 3.96
CA LEU F 210 -17.87 48.05 4.54
C LEU F 210 -16.50 48.56 4.98
N ASN F 211 -15.51 47.67 5.13
CA ASN F 211 -14.22 48.02 5.69
C ASN F 211 -13.11 48.04 4.64
N ILE F 212 -13.46 48.33 3.38
CA ILE F 212 -12.45 48.35 2.32
C ILE F 212 -11.65 49.65 2.43
N ASN F 213 -10.33 49.51 2.53
CA ASN F 213 -9.40 50.64 2.64
C ASN F 213 -9.71 51.51 3.86
N ASP F 214 -9.91 50.86 5.01
CA ASP F 214 -10.24 51.55 6.25
C ASP F 214 -9.05 51.44 7.20
N GLY F 215 -8.08 52.34 7.01
CA GLY F 215 -6.85 52.32 7.77
C GLY F 215 -5.81 51.33 7.30
N VAL F 216 -6.06 50.63 6.19
CA VAL F 216 -5.21 49.57 5.69
C VAL F 216 -5.08 49.71 4.18
N GLY F 217 -4.09 49.01 3.62
CA GLY F 217 -3.92 48.96 2.18
C GLY F 217 -2.75 49.79 1.69
N SER F 218 -2.80 50.10 0.39
CA SER F 218 -1.68 50.80 -0.25
C SER F 218 -1.63 52.28 0.13
N THR F 219 -2.77 52.90 0.40
CA THR F 219 -2.79 54.32 0.73
C THR F 219 -2.56 54.59 2.22
N HIS F 220 -2.87 53.63 3.09
CA HIS F 220 -2.68 53.79 4.53
C HIS F 220 -1.75 52.69 5.04
N PRO F 221 -0.46 52.76 4.71
CA PRO F 221 0.46 51.67 5.06
C PRO F 221 1.03 51.76 6.47
N GLU F 222 0.64 52.74 7.29
CA GLU F 222 1.16 52.81 8.65
C GLU F 222 0.63 51.67 9.52
N ALA F 223 -0.45 51.01 9.11
CA ALA F 223 -0.94 49.85 9.87
C ALA F 223 -0.08 48.62 9.63
N LEU F 224 0.48 48.47 8.43
CA LEU F 224 1.38 47.36 8.14
C LEU F 224 2.80 47.63 8.61
N SER F 225 3.17 48.90 8.77
CA SER F 225 4.49 49.25 9.30
C SER F 225 4.71 48.63 10.68
N ALA F 226 3.84 48.96 11.64
CA ALA F 226 3.97 48.41 12.98
C ALA F 226 3.73 46.90 13.01
N PHE F 227 3.05 46.35 12.01
CA PHE F 227 2.80 44.92 11.97
C PHE F 227 4.05 44.15 11.56
N VAL F 228 4.75 44.64 10.53
CA VAL F 228 5.96 43.96 10.06
C VAL F 228 6.97 43.83 11.20
N LYS F 229 7.22 44.93 11.91
CA LYS F 229 8.11 44.88 13.07
C LYS F 229 7.53 44.02 14.18
N GLU F 230 6.19 43.93 14.26
CA GLU F 230 5.56 43.10 15.27
C GLU F 230 5.90 41.62 15.08
N LYS F 231 5.46 41.06 13.95
CA LYS F 231 5.75 39.67 13.61
C LYS F 231 7.20 39.45 13.15
N ASN F 232 8.03 40.48 13.23
CA ASN F 232 9.41 40.48 12.72
C ASN F 232 9.49 39.76 11.37
N ALA F 233 8.59 40.15 10.47
CA ALA F 233 8.54 39.56 9.15
C ALA F 233 9.73 40.02 8.30
N ASP F 234 9.86 39.44 7.11
CA ASP F 234 10.92 39.85 6.19
C ASP F 234 10.48 41.00 5.29
N LEU F 235 9.20 41.05 4.92
CA LEU F 235 8.66 42.20 4.23
C LEU F 235 7.15 42.17 4.30
N GLY F 236 6.55 43.36 4.46
CA GLY F 236 5.11 43.50 4.37
C GLY F 236 4.72 43.94 2.97
N LEU F 237 3.61 43.40 2.48
CA LEU F 237 3.05 43.74 1.19
C LEU F 237 1.69 44.36 1.38
N ALA F 238 1.49 45.55 0.84
CA ALA F 238 0.25 46.30 1.00
C ALA F 238 -0.36 46.56 -0.37
N PHE F 239 -1.45 45.86 -0.69
CA PHE F 239 -2.25 46.17 -1.86
C PHE F 239 -3.38 47.10 -1.46
N ASP F 240 -3.94 47.80 -2.45
CA ASP F 240 -5.10 48.63 -2.19
C ASP F 240 -6.37 47.84 -2.46
N GLY F 241 -7.52 48.51 -2.43
CA GLY F 241 -8.81 47.88 -2.57
C GLY F 241 -8.93 46.94 -3.76
N ASP F 242 -8.75 47.47 -4.97
CA ASP F 242 -8.88 46.65 -6.17
C ASP F 242 -7.66 45.77 -6.42
N GLY F 243 -6.55 46.00 -5.72
CA GLY F 243 -5.36 45.22 -5.94
C GLY F 243 -4.54 45.58 -7.15
N ASP F 244 -4.65 46.84 -7.63
CA ASP F 244 -3.84 47.30 -8.75
C ASP F 244 -2.59 48.06 -8.31
N ARG F 245 -2.51 48.48 -7.06
CA ARG F 245 -1.32 49.11 -6.50
C ARG F 245 -0.59 48.16 -5.56
N LEU F 246 0.62 48.57 -5.19
CA LEU F 246 1.44 47.79 -4.27
C LEU F 246 2.43 48.74 -3.60
N ILE F 247 2.51 48.68 -2.28
CA ILE F 247 3.51 49.42 -1.51
C ILE F 247 4.14 48.44 -0.53
N ALA F 248 5.46 48.35 -0.56
CA ALA F 248 6.19 47.39 0.24
C ALA F 248 6.71 48.02 1.51
N VAL F 249 6.82 47.21 2.56
CA VAL F 249 7.40 47.60 3.83
C VAL F 249 8.53 46.62 4.14
N ASP F 250 9.74 47.16 4.37
CA ASP F 250 10.91 46.33 4.62
C ASP F 250 10.89 45.82 6.07
N GLU F 251 11.96 45.14 6.48
CA GLU F 251 12.02 44.60 7.84
C GLU F 251 12.23 45.67 8.89
N LYS F 252 12.72 46.85 8.49
CA LYS F 252 12.94 47.95 9.41
C LYS F 252 11.67 48.70 9.76
N GLY F 253 10.56 48.40 9.10
CA GLY F 253 9.31 49.10 9.31
C GLY F 253 9.08 50.32 8.45
N ASN F 254 10.01 50.64 7.56
CA ASN F 254 9.91 51.80 6.69
C ASN F 254 9.13 51.46 5.42
N ILE F 255 8.84 52.49 4.64
CA ILE F 255 7.95 52.36 3.48
C ILE F 255 8.79 52.28 2.21
N VAL F 256 8.40 51.40 1.30
CA VAL F 256 9.07 51.22 0.01
C VAL F 256 8.04 51.60 -1.06
N ASP F 257 8.08 52.85 -1.50
CA ASP F 257 7.09 53.38 -2.43
C ASP F 257 7.33 52.79 -3.84
N GLY F 258 6.58 53.31 -4.82
CA GLY F 258 6.53 52.67 -6.13
C GLY F 258 7.80 52.83 -6.93
N ASP F 259 8.43 54.00 -6.84
CA ASP F 259 9.72 54.20 -7.51
C ASP F 259 10.75 53.20 -7.00
N GLN F 260 10.80 52.99 -5.69
CA GLN F 260 11.72 52.01 -5.12
C GLN F 260 11.43 50.61 -5.63
N ILE F 261 10.14 50.27 -5.77
CA ILE F 261 9.80 48.96 -6.33
C ILE F 261 10.02 48.95 -7.84
N MET F 262 9.92 50.11 -8.50
CA MET F 262 10.27 50.20 -9.91
C MET F 262 11.76 49.94 -10.11
N TYR F 263 12.60 50.52 -9.25
CA TYR F 263 14.04 50.30 -9.33
C TYR F 263 14.40 48.86 -8.98
N ILE F 264 13.86 48.34 -7.87
CA ILE F 264 14.22 47.02 -7.40
C ILE F 264 13.87 45.96 -8.44
N CYS F 265 12.73 46.10 -9.09
CA CYS F 265 12.24 45.09 -10.01
C CYS F 265 12.70 45.31 -11.45
N SER F 266 13.27 46.47 -11.78
CA SER F 266 13.84 46.67 -13.11
C SER F 266 15.33 46.37 -13.15
N LYS F 267 16.03 46.59 -12.05
CA LYS F 267 17.44 46.20 -11.98
C LYS F 267 17.58 44.68 -11.97
N HIS F 268 16.74 43.98 -11.20
CA HIS F 268 16.76 42.53 -11.21
C HIS F 268 16.30 41.98 -12.55
N LEU F 269 15.36 42.66 -13.23
CA LEU F 269 14.94 42.22 -14.54
C LEU F 269 16.02 42.45 -15.59
N LYS F 270 16.83 43.50 -15.42
CA LYS F 270 17.98 43.69 -16.29
C LYS F 270 18.98 42.55 -16.15
N SER F 271 19.12 42.01 -14.93
CA SER F 271 20.09 40.94 -14.70
C SER F 271 19.73 39.66 -15.44
N GLU F 272 18.45 39.35 -15.57
CA GLU F 272 18.00 38.25 -16.42
C GLU F 272 17.82 38.67 -17.87
N GLY F 273 18.14 39.92 -18.20
CA GLY F 273 18.02 40.41 -19.57
C GLY F 273 16.59 40.49 -20.06
N ARG F 274 15.63 40.28 -19.16
CA ARG F 274 14.22 40.32 -19.55
C ARG F 274 13.72 41.74 -19.80
N LEU F 275 14.39 42.75 -19.23
CA LEU F 275 14.00 44.14 -19.44
C LEU F 275 14.27 44.54 -20.88
N LYS F 276 13.23 44.96 -21.59
CA LYS F 276 13.33 45.22 -23.02
C LYS F 276 13.99 46.58 -23.27
N ASP F 277 15.05 46.58 -24.06
CA ASP F 277 15.85 47.75 -24.38
C ASP F 277 16.48 48.40 -23.15
N ASP F 278 16.41 47.73 -21.99
CA ASP F 278 16.94 48.26 -20.74
C ASP F 278 16.45 49.68 -20.47
N THR F 279 15.21 49.95 -20.85
CA THR F 279 14.52 51.20 -20.54
C THR F 279 13.35 50.91 -19.62
N VAL F 280 12.95 51.94 -18.87
CA VAL F 280 11.80 51.87 -17.98
C VAL F 280 10.99 53.14 -18.17
N VAL F 281 9.68 53.02 -18.00
CA VAL F 281 8.75 54.14 -18.17
C VAL F 281 8.22 54.55 -16.79
N SER F 282 8.02 55.84 -16.59
CA SER F 282 7.48 56.36 -15.33
C SER F 282 6.77 57.68 -15.63
N THR F 283 6.43 58.41 -14.57
CA THR F 283 5.68 59.65 -14.68
C THR F 283 6.49 60.83 -14.16
N VAL F 284 5.94 62.02 -14.37
CA VAL F 284 6.52 63.24 -13.80
C VAL F 284 6.63 63.13 -12.29
N MET F 285 5.73 62.36 -11.66
CA MET F 285 5.67 62.27 -10.21
C MET F 285 6.84 61.51 -9.59
N SER F 286 7.63 60.81 -10.40
CA SER F 286 8.72 60.00 -9.85
C SER F 286 9.78 60.88 -9.21
N ASN F 287 10.23 60.48 -8.02
CA ASN F 287 11.19 61.26 -7.26
C ASN F 287 12.50 61.38 -8.05
N LEU F 288 13.32 62.38 -7.67
CA LEU F 288 14.48 62.72 -8.49
C LEU F 288 15.56 61.64 -8.41
N GLY F 289 15.86 61.16 -7.20
CA GLY F 289 16.87 60.12 -7.03
C GLY F 289 16.56 58.84 -7.75
N PHE F 290 15.32 58.65 -8.17
CA PHE F 290 14.96 57.51 -9.01
C PHE F 290 15.75 57.50 -10.31
N TYR F 291 15.88 58.67 -10.96
CA TYR F 291 16.62 58.76 -12.20
C TYR F 291 18.13 58.72 -11.98
N LYS F 292 18.60 59.11 -10.79
CA LYS F 292 20.04 59.07 -10.52
C LYS F 292 20.51 57.63 -10.33
N ALA F 293 19.78 56.86 -9.52
CA ALA F 293 20.12 55.44 -9.35
C ALA F 293 19.84 54.64 -10.62
N LEU F 294 18.96 55.14 -11.50
CA LEU F 294 18.72 54.48 -12.78
C LEU F 294 19.95 54.56 -13.67
N GLU F 295 20.57 55.74 -13.76
CA GLU F 295 21.81 55.87 -14.49
C GLU F 295 22.94 55.10 -13.82
N LYS F 296 22.89 54.96 -12.49
CA LYS F 296 23.91 54.19 -11.78
C LYS F 296 23.87 52.72 -12.14
N GLU F 297 22.74 52.22 -12.65
CA GLU F 297 22.62 50.85 -13.14
C GLU F 297 22.41 50.78 -14.64
N GLY F 298 22.81 51.82 -15.37
CA GLY F 298 22.81 51.79 -16.83
C GLY F 298 21.47 51.46 -17.46
N ILE F 299 20.38 51.94 -16.89
CA ILE F 299 19.04 51.69 -17.38
C ILE F 299 18.48 53.01 -17.93
N LYS F 300 18.20 53.03 -19.23
CA LYS F 300 17.60 54.20 -19.85
C LYS F 300 16.19 54.42 -19.30
N SER F 301 15.67 55.63 -19.49
CA SER F 301 14.39 55.97 -18.90
C SER F 301 13.61 56.90 -19.81
N VAL F 302 12.31 56.63 -19.94
CA VAL F 302 11.37 57.47 -20.68
C VAL F 302 10.31 57.95 -19.70
N GLN F 303 10.01 59.24 -19.76
CA GLN F 303 9.13 59.90 -18.80
C GLN F 303 7.82 60.30 -19.47
N THR F 304 6.71 60.15 -18.76
CA THR F 304 5.39 60.51 -19.25
C THR F 304 4.67 61.38 -18.23
N ALA F 305 3.42 61.71 -18.52
CA ALA F 305 2.60 62.52 -17.63
C ALA F 305 1.97 61.63 -16.57
N VAL F 306 1.24 62.26 -15.64
CA VAL F 306 0.60 61.55 -14.55
C VAL F 306 -0.69 60.89 -15.06
N GLY F 307 -1.10 59.83 -14.38
CA GLY F 307 -2.16 58.97 -14.90
C GLY F 307 -1.55 57.85 -15.71
N ASP F 308 -2.09 56.63 -15.56
CA ASP F 308 -1.45 55.47 -16.16
C ASP F 308 -1.81 55.24 -17.62
N ARG F 309 -2.76 55.99 -18.17
CA ARG F 309 -3.12 55.78 -19.57
C ARG F 309 -2.04 56.30 -20.53
N TYR F 310 -1.10 57.10 -20.04
CA TYR F 310 0.03 57.55 -20.84
C TYR F 310 1.26 56.67 -20.63
N VAL F 311 1.43 56.14 -19.42
CA VAL F 311 2.54 55.22 -19.16
C VAL F 311 2.40 53.97 -20.02
N VAL F 312 1.17 53.53 -20.28
CA VAL F 312 0.97 52.42 -21.19
C VAL F 312 1.01 52.88 -22.65
N GLU F 313 0.65 54.15 -22.90
CA GLU F 313 0.78 54.71 -24.25
C GLU F 313 2.22 54.67 -24.74
N ALA F 314 3.18 54.81 -23.82
CA ALA F 314 4.59 54.78 -24.19
C ALA F 314 5.12 53.36 -24.32
N MET F 315 4.75 52.48 -23.39
CA MET F 315 5.13 51.08 -23.49
C MET F 315 4.47 50.39 -24.68
N LYS F 316 3.57 51.07 -25.39
CA LYS F 316 2.88 50.49 -26.54
C LYS F 316 3.66 50.72 -27.82
N LYS F 317 3.75 51.98 -28.26
CA LYS F 317 4.36 52.30 -29.55
C LYS F 317 5.81 51.83 -29.62
N ASP F 318 6.55 51.94 -28.51
CA ASP F 318 7.98 51.69 -28.49
C ASP F 318 8.34 50.27 -28.07
N GLY F 319 7.38 49.47 -27.61
CA GLY F 319 7.67 48.13 -27.14
C GLY F 319 8.49 48.15 -25.87
N TYR F 320 7.97 48.78 -24.82
CA TYR F 320 8.68 48.96 -23.58
C TYR F 320 8.15 47.99 -22.52
N ASN F 321 9.08 47.38 -21.78
CA ASN F 321 8.72 46.24 -20.93
C ASN F 321 8.06 46.69 -19.61
N VAL F 322 8.69 47.63 -18.92
CA VAL F 322 8.28 48.00 -17.56
C VAL F 322 7.88 49.46 -17.54
N GLY F 323 6.88 49.79 -16.72
CA GLY F 323 6.44 51.15 -16.53
C GLY F 323 5.44 51.31 -15.40
N GLY F 324 5.56 52.38 -14.61
CA GLY F 324 4.67 52.59 -13.49
C GLY F 324 4.69 54.01 -12.98
N GLU F 325 4.18 54.19 -11.76
CA GLU F 325 4.11 55.47 -11.09
C GLU F 325 4.73 55.36 -9.70
N GLN F 326 4.65 56.46 -8.94
CA GLN F 326 5.00 56.44 -7.53
C GLN F 326 3.87 55.91 -6.66
N SER F 327 2.67 55.74 -7.22
CA SER F 327 1.52 55.31 -6.46
C SER F 327 1.58 53.83 -6.11
N GLY F 328 2.50 53.06 -6.69
CA GLY F 328 2.49 51.63 -6.55
C GLY F 328 1.78 50.90 -7.68
N HIS F 329 1.38 51.62 -8.73
CA HIS F 329 0.71 51.04 -9.88
C HIS F 329 1.77 50.71 -10.93
N LEU F 330 2.01 49.41 -11.16
CA LEU F 330 3.14 48.94 -11.94
C LEU F 330 2.67 47.99 -13.03
N ILE F 331 3.21 48.18 -14.24
CA ILE F 331 2.77 47.44 -15.43
C ILE F 331 3.92 46.57 -15.93
N PHE F 332 3.75 45.25 -15.81
CA PHE F 332 4.60 44.28 -16.51
C PHE F 332 3.86 43.86 -17.77
N LEU F 333 4.09 44.58 -18.87
CA LEU F 333 3.44 44.24 -20.13
C LEU F 333 3.85 42.85 -20.62
N ASP F 334 4.94 42.29 -20.09
CA ASP F 334 5.26 40.89 -20.35
C ASP F 334 4.15 39.97 -19.87
N TYR F 335 3.52 40.30 -18.73
CA TYR F 335 2.58 39.41 -18.08
C TYR F 335 1.17 39.96 -17.97
N ASN F 336 0.98 41.27 -17.80
CA ASN F 336 -0.36 41.82 -17.74
C ASN F 336 -0.39 43.22 -18.34
N THR F 337 -1.59 43.64 -18.73
CA THR F 337 -1.77 44.86 -19.51
C THR F 337 -2.06 46.09 -18.66
N THR F 338 -2.50 45.91 -17.42
CA THR F 338 -2.70 47.01 -16.48
C THR F 338 -1.86 46.78 -15.23
N GLY F 339 -1.94 47.72 -14.30
CA GLY F 339 -1.16 47.63 -13.08
C GLY F 339 -1.61 46.46 -12.22
N ASP F 340 -0.64 45.63 -11.83
CA ASP F 340 -0.92 44.37 -11.13
C ASP F 340 -0.16 44.36 -9.81
N GLY F 341 -0.90 44.41 -8.70
CA GLY F 341 -0.25 44.48 -7.41
C GLY F 341 0.46 43.20 -7.01
N LEU F 342 -0.19 42.05 -7.22
CA LEU F 342 0.44 40.78 -6.86
C LEU F 342 1.55 40.41 -7.82
N LEU F 343 1.40 40.75 -9.11
CA LEU F 343 2.50 40.52 -10.05
C LEU F 343 3.69 41.42 -9.74
N SER F 344 3.44 42.61 -9.21
CA SER F 344 4.53 43.45 -8.72
C SER F 344 5.12 42.87 -7.43
N ALA F 345 4.25 42.32 -6.57
CA ALA F 345 4.74 41.68 -5.35
C ALA F 345 5.53 40.43 -5.64
N ILE F 346 5.18 39.71 -6.71
CA ILE F 346 5.89 38.47 -7.04
C ILE F 346 7.25 38.78 -7.66
N MET F 347 7.33 39.83 -8.50
CA MET F 347 8.62 40.22 -9.06
C MET F 347 9.55 40.74 -7.98
N LEU F 348 9.02 41.50 -7.02
CA LEU F 348 9.82 41.90 -5.88
C LEU F 348 10.31 40.68 -5.11
N MET F 349 9.48 39.62 -5.04
CA MET F 349 9.87 38.40 -4.35
C MET F 349 10.75 37.49 -5.21
N ASN F 350 10.81 37.73 -6.52
CA ASN F 350 11.84 37.09 -7.33
C ASN F 350 13.20 37.73 -7.08
N THR F 351 13.22 39.04 -6.81
CA THR F 351 14.47 39.72 -6.51
C THR F 351 15.02 39.29 -5.16
N LEU F 352 14.18 39.29 -4.13
CA LEU F 352 14.65 38.89 -2.79
C LEU F 352 15.18 37.47 -2.78
N LYS F 353 14.47 36.56 -3.44
CA LYS F 353 14.89 35.16 -3.45
C LYS F 353 16.16 34.96 -4.27
N ALA F 354 16.26 35.64 -5.41
CA ALA F 354 17.43 35.47 -6.27
C ALA F 354 18.67 36.10 -5.66
N THR F 355 18.52 37.23 -4.97
CA THR F 355 19.65 37.94 -4.40
C THR F 355 19.83 37.72 -2.90
N GLY F 356 18.83 37.19 -2.20
CA GLY F 356 18.98 36.85 -0.79
C GLY F 356 19.15 38.03 0.14
N LYS F 357 19.27 39.23 -0.42
CA LYS F 357 19.47 40.43 0.39
C LYS F 357 18.15 40.83 1.04
N PRO F 358 18.21 41.49 2.19
CA PRO F 358 16.97 42.01 2.80
C PRO F 358 16.41 43.17 2.01
N LEU F 359 15.09 43.37 2.13
CA LEU F 359 14.42 44.39 1.34
C LEU F 359 14.99 45.78 1.60
N SER F 360 15.40 46.05 2.84
CA SER F 360 15.97 47.36 3.16
C SER F 360 17.29 47.58 2.42
N GLU F 361 18.04 46.51 2.18
CA GLU F 361 19.31 46.64 1.47
C GLU F 361 19.08 46.92 -0.01
N LEU F 362 18.11 46.23 -0.62
CA LEU F 362 17.84 46.45 -2.05
C LEU F 362 17.24 47.82 -2.31
N ALA F 363 16.50 48.37 -1.35
CA ALA F 363 15.94 49.71 -1.52
C ALA F 363 16.99 50.80 -1.31
N ALA F 364 18.05 50.52 -0.55
CA ALA F 364 19.06 51.52 -0.21
C ALA F 364 19.97 51.88 -1.38
N GLU F 365 19.86 51.20 -2.52
CA GLU F 365 20.63 51.62 -3.69
C GLU F 365 20.09 52.93 -4.25
N MET F 366 18.79 52.97 -4.55
CA MET F 366 18.15 54.23 -4.90
C MET F 366 18.11 55.13 -3.67
N GLN F 367 18.58 56.36 -3.82
CA GLN F 367 18.63 57.34 -2.75
C GLN F 367 17.62 58.44 -3.07
N LYS F 368 16.72 58.72 -2.14
CA LYS F 368 15.60 59.64 -2.39
C LYS F 368 15.97 61.06 -2.03
N PHE F 369 15.68 61.99 -2.94
CA PHE F 369 15.89 63.41 -2.72
C PHE F 369 14.85 63.97 -1.76
N GLU G 1 -30.83 3.09 -20.74
CA GLU G 1 -31.12 2.55 -19.41
C GLU G 1 -30.39 3.36 -18.36
N ALA G 2 -29.30 2.81 -17.84
CA ALA G 2 -28.39 3.62 -17.04
C ALA G 2 -27.43 4.42 -17.91
N GLN G 3 -27.48 4.22 -19.23
CA GLN G 3 -26.58 4.92 -20.14
C GLN G 3 -27.00 6.36 -20.39
N GLN G 4 -28.26 6.71 -20.13
CA GLN G 4 -28.68 8.10 -20.29
C GLN G 4 -28.08 8.99 -19.21
N LYS G 5 -28.13 8.54 -17.96
CA LYS G 5 -27.25 9.13 -16.97
C LYS G 5 -25.82 8.66 -17.22
N THR G 6 -24.87 9.35 -16.60
CA THR G 6 -23.43 9.23 -16.82
C THR G 6 -23.02 9.85 -18.14
N ILE G 7 -23.84 9.72 -19.19
CA ILE G 7 -23.56 10.43 -20.43
C ILE G 7 -24.02 11.87 -20.34
N GLU G 8 -25.28 12.08 -19.91
CA GLU G 8 -25.76 13.44 -19.67
C GLU G 8 -24.85 14.18 -18.70
N ALA G 9 -24.22 13.45 -17.77
CA ALA G 9 -23.34 14.08 -16.80
C ALA G 9 -22.04 14.55 -17.44
N ILE G 10 -21.42 13.69 -18.26
CA ILE G 10 -20.14 14.07 -18.87
C ILE G 10 -20.32 15.25 -19.82
N THR G 11 -21.38 15.23 -20.62
CA THR G 11 -21.60 16.29 -21.59
C THR G 11 -21.75 17.65 -20.90
N LYS G 12 -22.67 17.74 -19.95
CA LYS G 12 -22.84 18.98 -19.21
C LYS G 12 -21.53 19.43 -18.56
N ALA G 13 -20.70 18.49 -18.13
CA ALA G 13 -19.42 18.86 -17.54
C ALA G 13 -18.46 19.40 -18.59
N ILE G 14 -18.30 18.68 -19.70
CA ILE G 14 -17.40 19.12 -20.76
C ILE G 14 -17.84 20.48 -21.28
N ASN G 15 -19.14 20.66 -21.51
CA ASN G 15 -19.65 21.96 -21.93
C ASN G 15 -19.37 23.03 -20.89
N TYR G 16 -19.35 22.65 -19.61
CA TYR G 16 -19.05 23.61 -18.54
C TYR G 16 -17.63 24.15 -18.69
N MET G 17 -16.64 23.26 -18.77
CA MET G 17 -15.26 23.71 -18.87
C MET G 17 -14.91 24.27 -20.24
N ALA G 18 -15.67 23.93 -21.28
CA ALA G 18 -15.37 24.45 -22.60
C ALA G 18 -15.70 25.94 -22.69
N LYS G 19 -16.81 26.35 -22.07
CA LYS G 19 -17.16 27.77 -22.06
C LYS G 19 -16.16 28.59 -21.25
N ARG G 20 -15.54 27.98 -20.24
CA ARG G 20 -14.65 28.67 -19.33
C ARG G 20 -13.19 28.26 -19.50
N ARG G 21 -12.90 27.45 -20.52
CA ARG G 21 -11.54 27.18 -20.99
C ARG G 21 -10.65 26.66 -19.86
N ILE G 22 -11.05 25.51 -19.32
CA ILE G 22 -10.23 24.77 -18.36
C ILE G 22 -9.75 23.49 -19.05
N GLY G 23 -8.45 23.24 -18.98
CA GLY G 23 -7.90 22.02 -19.53
C GLY G 23 -8.49 20.79 -18.88
N ALA G 24 -8.97 19.85 -19.69
CA ALA G 24 -9.62 18.65 -19.19
C ALA G 24 -9.09 17.45 -19.93
N LEU G 25 -9.03 16.31 -19.24
CA LEU G 25 -8.48 15.09 -19.82
C LEU G 25 -9.23 13.90 -19.23
N LEU G 26 -10.01 13.22 -20.07
CA LEU G 26 -10.89 12.16 -19.61
C LEU G 26 -10.85 11.00 -20.60
N THR G 27 -10.60 9.80 -20.08
CA THR G 27 -10.51 8.59 -20.88
C THR G 27 -11.47 7.55 -20.33
N ILE G 28 -12.38 7.06 -21.18
CA ILE G 28 -13.40 6.10 -20.77
C ILE G 28 -12.93 4.70 -21.13
N GLU G 29 -12.92 3.81 -20.15
CA GLU G 29 -12.43 2.46 -20.35
C GLU G 29 -13.47 1.60 -21.05
N ARG G 30 -13.00 0.72 -21.93
CA ARG G 30 -13.89 -0.15 -22.69
C ARG G 30 -13.36 -1.58 -22.67
N ASP G 31 -12.83 -2.05 -23.80
CA ASP G 31 -12.40 -3.43 -23.93
C ASP G 31 -10.99 -3.65 -23.38
N THR G 32 -10.07 -2.74 -23.65
CA THR G 32 -8.71 -2.86 -23.16
C THR G 32 -8.67 -2.52 -21.67
N GLY G 33 -8.24 -3.47 -20.85
CA GLY G 33 -8.13 -3.25 -19.42
C GLY G 33 -6.93 -2.42 -19.04
N MET G 34 -7.18 -1.20 -18.56
CA MET G 34 -6.12 -0.21 -18.33
C MET G 34 -5.67 -0.19 -16.87
N GLY G 35 -5.67 -1.34 -16.20
CA GLY G 35 -5.33 -1.37 -14.78
C GLY G 35 -3.97 -0.80 -14.46
N ASP G 36 -3.04 -0.84 -15.42
CA ASP G 36 -1.69 -0.33 -15.18
C ASP G 36 -1.60 1.18 -15.24
N TYR G 37 -2.57 1.84 -15.87
CA TYR G 37 -2.60 3.30 -15.93
C TYR G 37 -3.43 3.91 -14.80
N ILE G 38 -4.31 3.13 -14.18
CA ILE G 38 -5.14 3.63 -13.10
C ILE G 38 -4.31 3.79 -11.82
N GLU G 39 -3.42 2.84 -11.56
CA GLU G 39 -2.50 2.91 -10.42
C GLU G 39 -1.45 4.01 -10.56
N THR G 40 -1.58 4.90 -11.54
CA THR G 40 -0.67 6.02 -11.72
C THR G 40 -1.25 7.33 -11.21
N GLY G 41 -2.24 7.26 -10.34
CA GLY G 41 -2.87 8.46 -9.82
C GLY G 41 -3.60 8.17 -8.53
N ILE G 42 -4.46 9.11 -8.16
CA ILE G 42 -5.15 9.04 -6.86
C ILE G 42 -6.36 8.13 -7.00
N PRO G 43 -6.56 7.16 -6.10
CA PRO G 43 -7.67 6.22 -6.23
C PRO G 43 -8.95 6.77 -5.63
N LEU G 44 -9.97 6.95 -6.48
CA LEU G 44 -11.28 7.44 -6.07
C LEU G 44 -12.30 6.32 -5.96
N ASN G 45 -12.61 5.67 -7.10
CA ASN G 45 -13.70 4.71 -7.19
C ASN G 45 -15.02 5.36 -6.77
N ALA G 46 -15.25 6.56 -7.31
CA ALA G 46 -16.41 7.38 -6.98
C ALA G 46 -17.42 7.37 -8.12
N LYS G 47 -18.68 7.59 -7.76
CA LYS G 47 -19.75 7.58 -8.75
C LYS G 47 -19.70 8.83 -9.61
N VAL G 48 -20.07 8.67 -10.89
CA VAL G 48 -19.94 9.74 -11.88
C VAL G 48 -21.07 10.74 -11.71
N SER G 49 -20.70 12.01 -11.58
CA SER G 49 -21.64 13.11 -11.55
C SER G 49 -20.97 14.30 -12.21
N SER G 50 -21.78 15.16 -12.85
CA SER G 50 -21.24 16.33 -13.53
C SER G 50 -20.44 17.19 -12.56
N GLU G 51 -20.96 17.42 -11.36
CA GLU G 51 -20.30 18.29 -10.40
C GLU G 51 -18.95 17.75 -9.96
N LEU G 52 -18.81 16.43 -9.83
CA LEU G 52 -17.52 15.86 -9.43
C LEU G 52 -16.47 16.07 -10.52
N LEU G 53 -16.88 15.97 -11.79
CA LEU G 53 -15.93 16.09 -12.90
C LEU G 53 -15.38 17.51 -13.00
N ILE G 54 -16.22 18.52 -12.81
CA ILE G 54 -15.75 19.91 -12.90
C ILE G 54 -14.72 20.20 -11.82
N ASN G 55 -14.94 19.68 -10.62
CA ASN G 55 -14.02 19.93 -9.52
C ASN G 55 -12.64 19.35 -9.79
N ILE G 56 -12.58 18.17 -10.40
CA ILE G 56 -11.30 17.49 -10.59
C ILE G 56 -10.32 18.40 -11.32
N PHE G 57 -10.66 18.79 -12.54
CA PHE G 57 -9.85 19.76 -13.28
C PHE G 57 -10.32 21.15 -12.89
N ILE G 58 -9.78 21.68 -11.80
CA ILE G 58 -9.89 23.12 -11.58
C ILE G 58 -8.46 23.61 -11.79
N PRO G 59 -8.24 24.84 -12.25
CA PRO G 59 -6.89 25.28 -12.65
C PRO G 59 -5.73 24.77 -11.81
N ASN G 60 -5.70 25.00 -10.49
CA ASN G 60 -4.64 24.44 -9.64
C ASN G 60 -5.26 23.69 -8.47
N THR G 61 -5.17 22.36 -8.53
CA THR G 61 -5.53 21.45 -7.45
C THR G 61 -4.61 20.24 -7.51
N PRO G 62 -4.59 19.40 -6.47
CA PRO G 62 -3.82 18.15 -6.59
C PRO G 62 -4.35 17.22 -7.67
N LEU G 63 -5.68 17.07 -7.78
CA LEU G 63 -6.26 16.14 -8.75
C LEU G 63 -6.22 16.65 -10.18
N HIS G 64 -5.63 17.82 -10.44
CA HIS G 64 -5.68 18.38 -11.78
C HIS G 64 -4.64 17.75 -12.71
N ASP G 65 -3.43 17.52 -12.20
CA ASP G 65 -2.27 17.20 -13.04
C ASP G 65 -2.44 15.81 -13.66
N GLY G 66 -3.22 15.76 -14.73
CA GLY G 66 -3.34 14.51 -15.47
C GLY G 66 -4.72 14.21 -16.05
N ALA G 67 -5.09 12.94 -16.03
CA ALA G 67 -6.28 12.44 -16.70
C ALA G 67 -7.22 11.77 -15.71
N VAL G 68 -8.52 11.88 -16.01
CA VAL G 68 -9.54 11.14 -15.29
C VAL G 68 -9.83 9.85 -16.05
N ILE G 69 -10.05 8.77 -15.29
CA ILE G 69 -10.20 7.43 -15.82
C ILE G 69 -11.60 6.92 -15.48
N MET G 70 -12.23 6.25 -16.45
CA MET G 70 -13.64 5.87 -16.38
C MET G 70 -13.81 4.38 -16.63
N LYS G 71 -13.76 3.59 -15.56
CA LYS G 71 -14.16 2.19 -15.63
C LYS G 71 -15.63 2.07 -15.22
N ASN G 72 -16.35 1.19 -15.91
CA ASN G 72 -17.76 0.90 -15.61
C ASN G 72 -18.55 2.19 -15.78
N ASN G 73 -19.26 2.68 -14.77
CA ASN G 73 -19.87 4.01 -14.79
C ASN G 73 -19.46 4.78 -13.54
N GLU G 74 -18.23 4.59 -13.10
CA GLU G 74 -17.64 5.32 -11.99
C GLU G 74 -16.37 6.03 -12.45
N ILE G 75 -15.83 6.86 -11.57
CA ILE G 75 -14.54 7.51 -11.78
C ILE G 75 -13.49 6.69 -11.03
N ALA G 76 -12.70 5.94 -11.77
CA ALA G 76 -11.74 5.02 -11.14
C ALA G 76 -10.63 5.80 -10.44
N ALA G 77 -9.92 6.65 -11.19
CA ALA G 77 -8.81 7.40 -10.62
C ALA G 77 -8.58 8.65 -11.46
N ALA G 78 -7.98 9.66 -10.83
CA ALA G 78 -7.72 10.93 -11.48
C ALA G 78 -6.24 11.27 -11.38
N ALA G 79 -5.84 12.29 -12.16
CA ALA G 79 -4.45 12.72 -12.27
C ALA G 79 -3.53 11.60 -12.74
N CYS G 80 -4.09 10.60 -13.43
CA CYS G 80 -3.29 9.51 -13.96
C CYS G 80 -2.38 10.02 -15.07
N TYR G 81 -1.31 9.27 -15.32
CA TYR G 81 -0.33 9.64 -16.35
C TYR G 81 -0.37 8.62 -17.48
N LEU G 82 -0.39 9.14 -18.70
CA LEU G 82 -0.53 8.37 -19.93
C LEU G 82 0.78 8.37 -20.72
N PRO G 83 0.87 7.57 -21.79
CA PRO G 83 2.04 7.67 -22.67
C PRO G 83 1.81 8.61 -23.86
N LEU G 84 2.77 9.48 -24.15
CA LEU G 84 2.67 10.31 -25.34
C LEU G 84 3.01 9.48 -26.59
N SER G 85 2.71 10.05 -27.75
CA SER G 85 2.77 9.33 -29.02
C SER G 85 3.90 9.77 -29.93
N GLU G 86 4.23 11.06 -29.95
CA GLU G 86 5.14 11.63 -30.93
C GLU G 86 4.73 11.24 -32.35
N SER G 87 3.46 11.49 -32.66
CA SER G 87 3.02 11.34 -34.04
C SER G 87 3.21 12.67 -34.78
N PRO G 88 3.68 12.64 -36.04
CA PRO G 88 3.86 13.91 -36.77
C PRO G 88 2.55 14.63 -37.03
N PHE G 89 1.44 13.89 -37.11
CA PHE G 89 0.12 14.45 -37.39
C PHE G 89 -0.42 15.30 -36.26
N ILE G 90 0.28 15.40 -35.13
CA ILE G 90 -0.10 16.32 -34.07
C ILE G 90 0.48 17.69 -34.39
N SER G 91 -0.39 18.63 -34.76
CA SER G 91 0.03 20.01 -34.92
C SER G 91 0.60 20.53 -33.61
N LYS G 92 1.81 21.06 -33.66
CA LYS G 92 2.32 21.72 -32.47
C LYS G 92 1.62 23.05 -32.26
N GLU G 93 1.93 23.68 -31.11
CA GLU G 93 1.36 24.90 -30.54
C GLU G 93 0.35 24.54 -29.47
N LEU G 94 -0.06 23.27 -29.42
CA LEU G 94 -0.75 22.74 -28.25
C LEU G 94 -0.12 21.40 -27.88
N GLY G 95 -0.88 20.48 -27.32
CA GLY G 95 -0.29 19.22 -26.89
C GLY G 95 -0.29 19.11 -25.39
N THR G 96 0.82 18.66 -24.81
CA THR G 96 0.91 18.30 -23.39
C THR G 96 -0.20 17.31 -23.06
N ARG G 97 -1.45 17.77 -23.09
CA ARG G 97 -2.60 16.90 -22.90
C ARG G 97 -3.10 16.30 -24.20
N HIS G 98 -2.97 17.03 -25.31
CA HIS G 98 -3.37 16.49 -26.61
C HIS G 98 -2.41 15.40 -27.08
N ARG G 99 -1.16 15.44 -26.64
CA ARG G 99 -0.22 14.37 -26.95
C ARG G 99 -0.49 13.11 -26.14
N ALA G 100 -0.92 13.25 -24.88
CA ALA G 100 -1.19 12.09 -24.04
C ALA G 100 -2.53 11.44 -24.37
N ALA G 101 -3.46 12.19 -24.95
CA ALA G 101 -4.75 11.63 -25.30
C ALA G 101 -4.62 10.65 -26.45
N VAL G 102 -4.18 11.13 -27.62
CA VAL G 102 -4.03 10.27 -28.79
C VAL G 102 -3.13 9.08 -28.44
N GLY G 103 -2.11 9.32 -27.61
CA GLY G 103 -1.19 8.27 -27.23
C GLY G 103 -1.82 7.13 -26.45
N ILE G 104 -2.92 7.39 -25.73
CA ILE G 104 -3.57 6.31 -24.99
C ILE G 104 -4.65 5.63 -25.82
N SER G 105 -5.19 6.31 -26.83
CA SER G 105 -6.06 5.64 -27.79
C SER G 105 -5.29 4.80 -28.79
N GLU G 106 -3.96 4.99 -28.88
CA GLU G 106 -3.14 4.14 -29.74
C GLU G 106 -2.98 2.75 -29.15
N VAL G 107 -2.83 2.66 -27.83
CA VAL G 107 -2.62 1.37 -27.17
C VAL G 107 -3.93 0.65 -26.86
N THR G 108 -5.03 1.40 -26.72
CA THR G 108 -6.26 0.87 -26.12
C THR G 108 -7.46 1.13 -27.02
N ASP G 109 -8.51 0.33 -26.79
CA ASP G 109 -9.82 0.46 -27.44
C ASP G 109 -10.59 1.66 -26.90
N SER G 110 -10.02 2.39 -25.94
CA SER G 110 -10.73 3.40 -25.18
C SER G 110 -10.97 4.66 -26.01
N LEU G 111 -11.77 5.56 -25.42
CA LEU G 111 -12.10 6.86 -26.00
C LEU G 111 -11.68 7.95 -25.02
N THR G 112 -11.00 8.97 -25.51
CA THR G 112 -10.53 10.08 -24.70
C THR G 112 -11.19 11.38 -25.17
N ILE G 113 -11.52 12.25 -24.22
CA ILE G 113 -12.05 13.58 -24.51
C ILE G 113 -11.08 14.61 -23.94
N ILE G 114 -10.89 15.71 -24.68
CA ILE G 114 -9.92 16.73 -24.31
C ILE G 114 -10.52 18.10 -24.58
N VAL G 115 -10.43 19.01 -23.59
CA VAL G 115 -10.86 20.38 -23.74
C VAL G 115 -9.63 21.27 -23.66
N SER G 116 -9.37 22.02 -24.73
CA SER G 116 -8.15 22.80 -24.81
C SER G 116 -8.09 23.88 -23.74
N GLU G 117 -6.96 23.98 -23.07
CA GLU G 117 -6.71 25.04 -22.09
C GLU G 117 -6.23 26.32 -22.76
N GLU G 118 -6.29 26.40 -24.10
CA GLU G 118 -5.94 27.60 -24.82
C GLU G 118 -7.08 28.17 -25.65
N THR G 119 -7.95 27.31 -26.20
CA THR G 119 -9.14 27.76 -26.91
C THR G 119 -10.44 27.28 -26.30
N GLY G 120 -10.44 26.16 -25.58
CA GLY G 120 -11.65 25.54 -25.09
C GLY G 120 -12.24 24.51 -26.03
N GLY G 121 -11.48 24.06 -27.03
CA GLY G 121 -11.98 23.19 -28.07
C GLY G 121 -12.08 21.73 -27.70
N VAL G 122 -13.28 21.18 -27.80
CA VAL G 122 -13.52 19.78 -27.44
C VAL G 122 -12.84 18.88 -28.46
N SER G 123 -11.92 18.05 -27.99
CA SER G 123 -11.27 17.05 -28.82
C SER G 123 -11.60 15.66 -28.29
N VAL G 124 -11.29 14.65 -29.09
CA VAL G 124 -11.66 13.27 -28.78
C VAL G 124 -10.72 12.35 -29.55
N ALA G 125 -10.36 11.22 -28.93
CA ALA G 125 -9.25 10.39 -29.42
C ALA G 125 -9.64 8.92 -29.42
N LYS G 126 -9.65 8.31 -30.61
CA LYS G 126 -10.02 6.90 -30.79
C LYS G 126 -9.07 6.25 -31.78
N ASN G 127 -8.29 5.28 -31.30
CA ASN G 127 -7.46 4.41 -32.14
C ASN G 127 -6.34 5.17 -32.86
N GLY G 128 -5.85 6.25 -32.26
CA GLY G 128 -4.79 7.04 -32.87
C GLY G 128 -5.26 8.22 -33.68
N ASP G 129 -6.57 8.45 -33.77
CA ASP G 129 -7.14 9.57 -34.49
C ASP G 129 -7.70 10.58 -33.49
N LEU G 130 -7.37 11.85 -33.70
CA LEU G 130 -7.91 12.94 -32.90
C LEU G 130 -8.71 13.87 -33.79
N HIS G 131 -9.89 14.25 -33.32
CA HIS G 131 -10.76 15.19 -34.04
C HIS G 131 -10.82 16.47 -33.21
N ARG G 132 -10.47 17.58 -33.83
CA ARG G 132 -10.49 18.88 -33.16
C ARG G 132 -11.76 19.64 -33.48
N GLU G 133 -12.06 20.64 -32.65
CA GLU G 133 -13.24 21.48 -32.78
C GLU G 133 -14.49 20.67 -33.10
N LEU G 134 -14.93 19.87 -32.12
CA LEU G 134 -16.19 19.16 -32.16
C LEU G 134 -17.30 20.03 -31.59
N THR G 135 -18.54 19.60 -31.82
CA THR G 135 -19.71 20.31 -31.33
C THR G 135 -20.39 19.50 -30.23
N GLU G 136 -21.38 20.12 -29.61
CA GLU G 136 -22.12 19.48 -28.52
C GLU G 136 -22.81 18.22 -29.01
N GLU G 137 -23.61 18.34 -30.07
CA GLU G 137 -24.24 17.14 -30.65
C GLU G 137 -23.18 16.14 -31.09
N ALA G 138 -22.08 16.62 -31.68
CA ALA G 138 -21.05 15.73 -32.19
C ALA G 138 -20.48 14.85 -31.09
N LEU G 139 -20.28 15.40 -29.90
CA LEU G 139 -19.80 14.58 -28.79
C LEU G 139 -20.90 13.64 -28.31
N LYS G 140 -22.15 14.09 -28.29
CA LYS G 140 -23.25 13.23 -27.86
C LYS G 140 -23.36 12.01 -28.78
N GLU G 141 -23.55 12.26 -30.07
CA GLU G 141 -23.42 11.24 -31.11
C GLU G 141 -22.23 10.32 -30.86
N MET G 142 -21.07 10.92 -30.59
CA MET G 142 -19.86 10.16 -30.32
C MET G 142 -20.00 9.32 -29.05
N LEU G 143 -20.56 9.90 -28.00
CA LEU G 143 -20.68 9.22 -26.73
C LEU G 143 -21.78 8.16 -26.75
N GLU G 144 -22.91 8.46 -27.39
CA GLU G 144 -23.98 7.49 -27.51
C GLU G 144 -23.53 6.24 -28.26
N ALA G 145 -22.45 6.33 -29.03
CA ALA G 145 -21.86 5.14 -29.65
C ALA G 145 -21.31 4.20 -28.59
N GLU G 146 -20.55 4.73 -27.63
CA GLU G 146 -19.95 3.95 -26.55
C GLU G 146 -20.93 2.98 -25.90
N GLU H 1 -4.70 0.05 12.24
CA GLU H 1 -4.81 -0.91 11.16
C GLU H 1 -5.03 -0.16 9.86
N ALA H 2 -6.27 -0.20 9.37
CA ALA H 2 -6.67 0.72 8.30
C ALA H 2 -6.96 2.11 8.83
N GLN H 3 -6.94 2.29 10.15
CA GLN H 3 -7.28 3.57 10.74
C GLN H 3 -6.17 4.60 10.54
N GLN H 4 -4.92 4.17 10.42
CA GLN H 4 -3.83 5.12 10.20
C GLN H 4 -4.02 5.86 8.88
N LYS H 5 -4.36 5.14 7.82
CA LYS H 5 -4.81 5.81 6.61
C LYS H 5 -6.25 6.28 6.79
N THR H 6 -6.64 7.23 5.93
CA THR H 6 -7.82 8.09 6.05
C THR H 6 -7.61 9.12 7.15
N ILE H 7 -6.98 8.74 8.26
CA ILE H 7 -6.59 9.73 9.27
C ILE H 7 -5.40 10.54 8.77
N GLU H 8 -4.32 9.86 8.35
CA GLU H 8 -3.22 10.56 7.69
C GLU H 8 -3.73 11.41 6.53
N ALA H 9 -4.78 10.93 5.86
CA ALA H 9 -5.37 11.69 4.76
C ALA H 9 -5.93 13.02 5.26
N ILE H 10 -6.91 12.95 6.16
CA ILE H 10 -7.59 14.17 6.61
C ILE H 10 -6.60 15.16 7.21
N THR H 11 -5.55 14.66 7.88
CA THR H 11 -4.56 15.51 8.51
C THR H 11 -3.82 16.38 7.50
N LYS H 12 -3.05 15.76 6.60
CA LYS H 12 -2.35 16.53 5.58
C LYS H 12 -3.31 17.29 4.68
N ALA H 13 -4.58 16.89 4.64
CA ALA H 13 -5.58 17.62 3.87
C ALA H 13 -6.08 18.85 4.63
N ILE H 14 -6.41 18.70 5.91
CA ILE H 14 -6.80 19.85 6.71
C ILE H 14 -5.64 20.83 6.84
N ASN H 15 -4.42 20.29 7.02
CA ASN H 15 -3.23 21.14 7.09
C ASN H 15 -3.01 21.87 5.77
N TYR H 16 -3.31 21.21 4.65
CA TYR H 16 -3.20 21.84 3.34
C TYR H 16 -3.96 23.15 3.29
N MET H 17 -5.26 23.11 3.62
CA MET H 17 -6.09 24.31 3.51
C MET H 17 -5.79 25.32 4.61
N ALA H 18 -5.40 24.85 5.80
CA ALA H 18 -5.17 25.75 6.92
C ALA H 18 -4.18 26.85 6.56
N LYS H 19 -3.13 26.51 5.79
CA LYS H 19 -2.15 27.52 5.39
C LYS H 19 -2.76 28.57 4.47
N ARG H 20 -3.75 28.20 3.67
CA ARG H 20 -4.25 29.08 2.62
C ARG H 20 -5.55 29.78 2.98
N ARG H 21 -6.25 29.32 4.03
CA ARG H 21 -7.54 29.86 4.49
C ARG H 21 -8.66 29.49 3.53
N ILE H 22 -9.00 28.21 3.48
CA ILE H 22 -10.04 27.68 2.61
C ILE H 22 -11.16 27.13 3.48
N GLY H 23 -12.34 27.73 3.38
CA GLY H 23 -13.47 27.34 4.20
C GLY H 23 -13.94 25.91 3.96
N ALA H 24 -13.64 25.02 4.90
CA ALA H 24 -13.95 23.61 4.78
C ALA H 24 -14.87 23.17 5.92
N LEU H 25 -15.47 21.99 5.73
CA LEU H 25 -16.45 21.46 6.67
C LEU H 25 -16.52 19.95 6.43
N LEU H 26 -15.91 19.18 7.33
CA LEU H 26 -15.88 17.73 7.22
C LEU H 26 -16.49 17.13 8.48
N THR H 27 -17.55 16.35 8.29
CA THR H 27 -18.20 15.61 9.37
C THR H 27 -17.83 14.14 9.26
N ILE H 28 -17.73 13.48 10.40
CA ILE H 28 -17.43 12.05 10.46
C ILE H 28 -18.56 11.36 11.22
N GLU H 29 -19.30 10.50 10.53
CA GLU H 29 -20.34 9.73 11.19
C GLU H 29 -19.72 8.71 12.14
N ARG H 30 -20.47 8.39 13.20
CA ARG H 30 -20.05 7.33 14.10
C ARG H 30 -21.21 6.39 14.37
N ASP H 31 -21.92 6.58 15.48
CA ASP H 31 -23.04 5.72 15.82
C ASP H 31 -24.38 6.26 15.35
N THR H 32 -24.52 7.59 15.22
CA THR H 32 -25.73 8.19 14.69
C THR H 32 -25.70 8.09 13.16
N GLY H 33 -26.50 7.18 12.61
CA GLY H 33 -26.57 7.02 11.17
C GLY H 33 -27.28 8.17 10.48
N MET H 34 -26.50 9.00 9.78
CA MET H 34 -26.97 10.29 9.27
C MET H 34 -27.53 10.17 7.85
N GLY H 35 -28.46 9.23 7.66
CA GLY H 35 -28.93 8.91 6.32
C GLY H 35 -29.70 10.04 5.67
N ASP H 36 -30.61 10.67 6.42
CA ASP H 36 -31.35 11.80 5.87
C ASP H 36 -30.47 13.01 5.59
N TYR H 37 -29.25 13.04 6.11
CA TYR H 37 -28.34 14.15 5.88
C TYR H 37 -27.44 13.95 4.67
N ILE H 38 -27.24 12.71 4.23
CA ILE H 38 -26.43 12.45 3.04
C ILE H 38 -27.26 12.70 1.77
N GLU H 39 -28.55 12.42 1.80
CA GLU H 39 -29.41 12.60 0.63
C GLU H 39 -29.63 14.06 0.27
N THR H 40 -28.87 14.99 0.85
CA THR H 40 -29.03 16.42 0.58
C THR H 40 -27.95 16.98 -0.33
N GLY H 41 -26.77 16.36 -0.37
CA GLY H 41 -25.69 16.78 -1.21
C GLY H 41 -25.41 15.80 -2.35
N ILE H 42 -24.29 16.04 -3.02
CA ILE H 42 -23.87 15.21 -4.16
C ILE H 42 -23.19 13.96 -3.63
N PRO H 43 -23.77 12.78 -3.81
CA PRO H 43 -23.14 11.56 -3.29
C PRO H 43 -21.96 11.13 -4.16
N LEU H 44 -20.91 10.65 -3.50
CA LEU H 44 -19.70 10.23 -4.20
C LEU H 44 -19.36 8.76 -3.99
N ASN H 45 -19.52 8.24 -2.77
CA ASN H 45 -19.04 6.91 -2.39
C ASN H 45 -17.59 6.72 -2.83
N ALA H 46 -16.77 7.72 -2.55
CA ALA H 46 -15.38 7.75 -2.96
C ALA H 46 -14.47 7.24 -1.85
N LYS H 47 -13.36 6.63 -2.24
CA LYS H 47 -12.37 6.21 -1.27
C LYS H 47 -11.61 7.43 -0.77
N VAL H 48 -11.48 7.54 0.55
CA VAL H 48 -10.93 8.74 1.16
C VAL H 48 -9.48 8.93 0.72
N SER H 49 -9.16 10.13 0.25
CA SER H 49 -7.81 10.47 -0.15
C SER H 49 -7.62 11.96 0.10
N SER H 50 -6.40 12.33 0.51
CA SER H 50 -6.10 13.73 0.78
C SER H 50 -6.40 14.61 -0.43
N GLU H 51 -5.87 14.21 -1.60
CA GLU H 51 -6.02 15.01 -2.80
C GLU H 51 -7.49 15.20 -3.17
N LEU H 52 -8.30 14.17 -2.95
CA LEU H 52 -9.73 14.30 -3.21
C LEU H 52 -10.35 15.37 -2.32
N LEU H 53 -10.04 15.34 -1.03
CA LEU H 53 -10.62 16.27 -0.07
C LEU H 53 -10.36 17.71 -0.46
N ILE H 54 -9.12 18.02 -0.83
CA ILE H 54 -8.76 19.39 -1.19
C ILE H 54 -9.56 19.87 -2.39
N ASN H 55 -9.69 19.01 -3.42
CA ASN H 55 -10.39 19.40 -4.62
C ASN H 55 -11.85 19.74 -4.34
N ILE H 56 -12.48 18.99 -3.44
CA ILE H 56 -13.87 19.22 -3.05
C ILE H 56 -14.07 20.69 -2.69
N PHE H 57 -13.56 21.10 -1.54
CA PHE H 57 -13.61 22.50 -1.15
C PHE H 57 -12.54 23.26 -1.89
N ILE H 58 -12.91 23.93 -2.97
CA ILE H 58 -12.05 24.98 -3.52
C ILE H 58 -12.95 26.21 -3.43
N PRO H 59 -12.39 27.42 -3.20
CA PRO H 59 -13.22 28.58 -2.83
C PRO H 59 -14.60 28.71 -3.48
N ASN H 60 -14.74 28.31 -4.74
CA ASN H 60 -16.08 28.31 -5.36
C ASN H 60 -16.14 27.21 -6.41
N THR H 61 -16.79 26.11 -6.09
CA THR H 61 -17.04 25.01 -7.01
C THR H 61 -18.37 24.38 -6.66
N PRO H 62 -18.97 23.63 -7.59
CA PRO H 62 -20.27 23.00 -7.32
C PRO H 62 -20.25 22.07 -6.11
N LEU H 63 -19.09 21.55 -5.70
CA LEU H 63 -19.01 20.73 -4.50
C LEU H 63 -18.54 21.52 -3.28
N HIS H 64 -18.12 22.78 -3.46
CA HIS H 64 -17.70 23.58 -2.32
C HIS H 64 -18.86 23.86 -1.38
N ASP H 65 -19.98 24.35 -1.93
CA ASP H 65 -21.10 24.82 -1.13
C ASP H 65 -21.68 23.71 -0.26
N GLY H 66 -21.02 23.40 0.86
CA GLY H 66 -21.54 22.40 1.76
C GLY H 66 -20.51 21.47 2.39
N ALA H 67 -21.01 20.58 3.24
CA ALA H 67 -20.17 19.78 4.12
C ALA H 67 -19.84 18.42 3.51
N VAL H 68 -18.61 17.97 3.72
CA VAL H 68 -18.22 16.62 3.38
C VAL H 68 -18.58 15.67 4.51
N ILE H 69 -19.04 14.48 4.14
CA ILE H 69 -19.59 13.49 5.05
C ILE H 69 -18.77 12.21 4.90
N MET H 70 -18.40 11.60 6.03
CA MET H 70 -17.48 10.45 6.04
C MET H 70 -18.18 9.24 6.65
N LYS H 71 -18.55 8.28 5.81
CA LYS H 71 -19.08 7.00 6.28
C LYS H 71 -18.12 5.88 5.89
N ASN H 72 -17.98 4.90 6.79
CA ASN H 72 -16.95 3.86 6.69
C ASN H 72 -15.60 4.58 6.71
N ASN H 73 -14.66 4.24 5.83
CA ASN H 73 -13.51 5.10 5.58
C ASN H 73 -13.64 5.63 4.17
N GLU H 74 -14.81 6.18 3.87
CA GLU H 74 -15.20 6.61 2.52
C GLU H 74 -15.90 7.96 2.59
N ILE H 75 -15.67 8.78 1.55
CA ILE H 75 -16.46 10.00 1.35
C ILE H 75 -17.82 9.58 0.81
N ALA H 76 -18.86 9.80 1.59
CA ALA H 76 -20.21 9.42 1.19
C ALA H 76 -20.88 10.50 0.34
N ALA H 77 -20.80 11.76 0.76
CA ALA H 77 -21.39 12.84 0.00
C ALA H 77 -20.72 14.15 0.36
N ALA H 78 -20.61 15.03 -0.62
CA ALA H 78 -20.13 16.39 -0.45
C ALA H 78 -21.29 17.37 -0.62
N ALA H 79 -21.04 18.64 -0.28
CA ALA H 79 -22.02 19.71 -0.38
C ALA H 79 -23.30 19.39 0.40
N CYS H 80 -23.20 18.47 1.37
CA CYS H 80 -24.33 18.13 2.22
C CYS H 80 -24.78 19.37 2.97
N TYR H 81 -25.99 19.34 3.52
CA TYR H 81 -26.47 20.48 4.26
C TYR H 81 -27.02 20.08 5.61
N LEU H 82 -26.57 20.78 6.63
CA LEU H 82 -26.71 20.56 8.06
C LEU H 82 -27.58 21.65 8.68
N PRO H 83 -28.31 21.35 9.74
CA PRO H 83 -29.08 22.37 10.43
C PRO H 83 -28.20 23.20 11.37
N LEU H 84 -28.59 24.46 11.53
CA LEU H 84 -27.83 25.39 12.36
C LEU H 84 -28.32 25.32 13.80
N SER H 85 -27.45 25.70 14.72
CA SER H 85 -27.75 25.55 16.14
C SER H 85 -28.44 26.76 16.73
N GLU H 86 -28.05 27.97 16.31
CA GLU H 86 -28.51 29.22 16.94
C GLU H 86 -28.20 29.24 18.43
N SER H 87 -27.15 28.53 18.83
CA SER H 87 -26.69 28.66 20.21
C SER H 87 -25.92 29.97 20.37
N PRO H 88 -26.07 30.66 21.50
CA PRO H 88 -25.38 31.94 21.69
C PRO H 88 -23.88 31.80 21.93
N PHE H 89 -23.43 30.65 22.45
CA PHE H 89 -22.02 30.47 22.77
C PHE H 89 -21.13 30.41 21.55
N ILE H 90 -21.69 30.35 20.35
CA ILE H 90 -20.91 30.57 19.14
C ILE H 90 -20.52 32.04 19.09
N SER H 91 -19.21 32.29 19.03
CA SER H 91 -18.75 33.67 18.84
C SER H 91 -19.47 34.25 17.63
N LYS H 92 -20.25 35.32 17.82
CA LYS H 92 -21.08 35.80 16.74
C LYS H 92 -20.30 36.74 15.81
N GLU H 93 -18.97 36.59 15.79
CA GLU H 93 -18.11 37.21 14.79
C GLU H 93 -18.11 36.44 13.48
N LEU H 94 -18.43 35.15 13.55
CA LEU H 94 -18.27 34.19 12.46
C LEU H 94 -19.56 33.44 12.19
N GLY H 95 -19.43 32.16 11.86
CA GLY H 95 -20.59 31.32 11.75
C GLY H 95 -20.77 30.70 10.38
N THR H 96 -22.00 30.74 9.87
CA THR H 96 -22.38 30.07 8.63
C THR H 96 -21.96 28.61 8.66
N ARG H 97 -20.66 28.35 8.56
CA ARG H 97 -20.15 26.99 8.66
C ARG H 97 -19.90 26.55 10.10
N HIS H 98 -19.41 27.45 10.96
CA HIS H 98 -19.24 27.08 12.37
C HIS H 98 -20.59 26.84 13.03
N ARG H 99 -21.60 27.64 12.66
CA ARG H 99 -22.94 27.46 13.22
C ARG H 99 -23.50 26.08 12.86
N ALA H 100 -23.21 25.59 11.66
CA ALA H 100 -23.71 24.27 11.27
C ALA H 100 -22.97 23.16 11.98
N ALA H 101 -21.67 23.35 12.25
CA ALA H 101 -20.87 22.28 12.82
C ALA H 101 -21.34 21.89 14.20
N VAL H 102 -21.56 22.89 15.07
CA VAL H 102 -22.14 22.60 16.38
C VAL H 102 -23.55 22.02 16.21
N GLY H 103 -24.30 22.57 15.25
CA GLY H 103 -25.68 22.13 15.08
C GLY H 103 -25.81 20.66 14.76
N ILE H 104 -24.91 20.15 13.92
CA ILE H 104 -25.00 18.74 13.56
C ILE H 104 -24.53 17.85 14.71
N SER H 105 -23.46 18.26 15.40
CA SER H 105 -22.99 17.51 16.56
C SER H 105 -23.96 17.61 17.73
N GLU H 106 -24.80 18.65 17.76
CA GLU H 106 -25.86 18.74 18.75
C GLU H 106 -26.76 17.50 18.71
N VAL H 107 -26.97 16.96 17.51
CA VAL H 107 -27.91 15.86 17.31
C VAL H 107 -27.22 14.51 17.24
N THR H 108 -25.94 14.46 16.85
CA THR H 108 -25.31 13.23 16.40
C THR H 108 -24.05 12.91 17.20
N ASP H 109 -23.73 11.61 17.24
CA ASP H 109 -22.46 11.10 17.73
C ASP H 109 -21.37 11.35 16.68
N SER H 110 -21.59 12.35 15.83
CA SER H 110 -20.64 12.69 14.79
C SER H 110 -19.56 13.61 15.33
N LEU H 111 -18.46 13.68 14.59
CA LEU H 111 -17.31 14.51 14.92
C LEU H 111 -17.05 15.45 13.75
N THR H 112 -17.21 16.75 13.97
CA THR H 112 -17.13 17.75 12.92
C THR H 112 -15.83 18.54 13.02
N ILE H 113 -15.24 18.85 11.87
CA ILE H 113 -14.03 19.66 11.77
C ILE H 113 -14.34 20.85 10.87
N ILE H 114 -13.77 22.01 11.19
CA ILE H 114 -14.07 23.25 10.49
C ILE H 114 -12.78 24.03 10.28
N VAL H 115 -12.62 24.58 9.09
CA VAL H 115 -11.54 25.52 8.79
C VAL H 115 -12.17 26.85 8.44
N SER H 116 -11.75 27.91 9.12
CA SER H 116 -12.36 29.22 8.93
C SER H 116 -11.84 29.86 7.65
N GLU H 117 -12.76 30.36 6.82
CA GLU H 117 -12.39 31.07 5.60
C GLU H 117 -12.10 32.54 5.89
N GLU H 118 -11.69 32.82 7.12
CA GLU H 118 -11.37 34.17 7.55
C GLU H 118 -10.03 34.25 8.26
N THR H 119 -9.68 33.22 9.03
CA THR H 119 -8.44 33.18 9.81
C THR H 119 -7.56 31.97 9.51
N GLY H 120 -8.16 30.87 9.06
CA GLY H 120 -7.46 29.60 9.06
C GLY H 120 -7.62 28.83 10.36
N GLY H 121 -8.67 29.10 11.12
CA GLY H 121 -8.85 28.50 12.43
C GLY H 121 -9.49 27.13 12.37
N VAL H 122 -8.73 26.11 12.81
CA VAL H 122 -9.19 24.73 12.78
C VAL H 122 -9.96 24.48 14.07
N SER H 123 -11.29 24.49 13.97
CA SER H 123 -12.14 24.17 15.11
C SER H 123 -12.40 22.67 15.13
N VAL H 124 -13.36 22.25 15.96
CA VAL H 124 -13.83 20.88 16.02
C VAL H 124 -15.11 20.89 16.83
N ALA H 125 -16.03 19.97 16.53
CA ALA H 125 -17.34 19.96 17.18
C ALA H 125 -17.67 18.55 17.61
N LYS H 126 -17.88 18.36 18.91
CA LYS H 126 -18.31 17.08 19.46
C LYS H 126 -19.33 17.38 20.56
N ASN H 127 -20.58 16.96 20.34
CA ASN H 127 -21.65 17.10 21.31
C ASN H 127 -21.85 18.55 21.73
N GLY H 128 -21.99 19.43 20.71
CA GLY H 128 -22.37 20.81 20.93
C GLY H 128 -21.27 21.73 21.41
N ASP H 129 -20.09 21.21 21.74
CA ASP H 129 -18.99 22.01 22.26
C ASP H 129 -18.04 22.34 21.12
N LEU H 130 -17.85 23.63 20.86
CA LEU H 130 -16.96 24.12 19.81
C LEU H 130 -15.70 24.69 20.43
N HIS H 131 -14.55 24.20 19.97
CA HIS H 131 -13.25 24.55 20.53
C HIS H 131 -12.42 25.21 19.44
N ARG H 132 -12.24 26.51 19.53
CA ARG H 132 -11.56 27.25 18.48
C ARG H 132 -10.04 27.09 18.58
N GLU H 133 -9.37 27.35 17.45
CA GLU H 133 -7.91 27.28 17.34
C GLU H 133 -7.34 25.98 17.89
N LEU H 134 -7.27 24.95 17.05
CA LEU H 134 -6.66 23.67 17.40
C LEU H 134 -5.35 23.52 16.64
N THR H 135 -4.43 22.74 17.21
CA THR H 135 -3.11 22.56 16.63
C THR H 135 -3.09 21.35 15.70
N GLU H 136 -1.92 21.08 15.13
CA GLU H 136 -1.75 19.89 14.30
C GLU H 136 -1.72 18.63 15.16
N GLU H 137 -1.06 18.69 16.32
CA GLU H 137 -1.08 17.54 17.23
C GLU H 137 -2.42 17.42 17.93
N ALA H 138 -3.06 18.54 18.25
CA ALA H 138 -4.35 18.49 18.92
C ALA H 138 -5.43 17.89 18.02
N LEU H 139 -5.28 18.00 16.71
CA LEU H 139 -6.24 17.42 15.78
C LEU H 139 -5.94 15.95 15.54
N LYS H 140 -4.66 15.59 15.45
CA LYS H 140 -4.29 14.18 15.35
C LYS H 140 -4.80 13.39 16.53
N GLU H 141 -4.62 13.94 17.74
CA GLU H 141 -5.02 13.24 18.96
C GLU H 141 -6.53 13.04 19.02
N MET H 142 -7.28 14.11 18.78
CA MET H 142 -8.74 14.03 18.86
C MET H 142 -9.30 13.03 17.85
N LEU H 143 -8.65 12.90 16.69
CA LEU H 143 -9.08 11.93 15.69
C LEU H 143 -8.62 10.51 16.04
N GLU H 144 -7.39 10.36 16.53
CA GLU H 144 -6.91 9.05 16.94
C GLU H 144 -7.83 8.38 17.96
N ALA H 145 -8.63 9.16 18.68
CA ALA H 145 -9.58 8.58 19.61
C ALA H 145 -10.77 7.95 18.89
N GLU H 146 -11.14 8.48 17.73
CA GLU H 146 -12.28 7.96 16.97
C GLU H 146 -12.13 6.47 16.69
N GLY I 2 76.88 21.18 18.50
CA GLY I 2 77.48 22.43 18.05
C GLY I 2 76.52 23.60 18.01
N LYS I 3 76.12 23.99 16.81
CA LYS I 3 75.17 25.09 16.60
C LYS I 3 73.89 24.51 16.04
N TYR I 4 72.85 24.47 16.87
CA TYR I 4 71.51 24.16 16.43
C TYR I 4 70.54 25.32 16.64
N PHE I 5 70.73 26.10 17.70
CA PHE I 5 69.78 27.15 18.09
C PHE I 5 70.21 28.46 17.45
N GLY I 6 69.64 28.75 16.29
CA GLY I 6 69.77 30.06 15.68
C GLY I 6 68.88 31.07 16.37
N THR I 7 68.57 32.14 15.65
CA THR I 7 67.73 33.19 16.24
C THR I 7 66.33 32.68 16.54
N ASP I 8 65.68 32.09 15.55
CA ASP I 8 64.34 31.52 15.74
C ASP I 8 64.42 30.03 16.05
N GLY I 9 65.15 29.72 17.12
CA GLY I 9 65.30 28.32 17.51
C GLY I 9 65.99 27.50 16.44
N VAL I 10 65.68 26.21 16.42
CA VAL I 10 66.28 25.27 15.49
C VAL I 10 65.45 25.27 14.22
N ARG I 11 66.12 25.39 13.07
CA ARG I 11 65.45 25.45 11.78
C ARG I 11 66.14 24.52 10.80
N GLY I 12 65.58 24.44 9.61
CA GLY I 12 66.05 23.56 8.56
C GLY I 12 64.87 22.94 7.83
N VAL I 13 65.13 22.44 6.64
CA VAL I 13 64.10 21.77 5.87
C VAL I 13 63.80 20.42 6.52
N ALA I 14 62.52 20.15 6.74
CA ALA I 14 62.14 19.02 7.58
C ALA I 14 62.52 17.68 6.95
N ASN I 15 62.76 16.69 7.82
CA ASN I 15 63.10 15.32 7.46
C ASN I 15 64.53 15.22 6.92
N SER I 16 64.88 16.08 5.97
CA SER I 16 66.22 16.00 5.39
C SER I 16 67.27 16.69 6.26
N GLU I 17 66.97 17.88 6.75
CA GLU I 17 67.82 18.57 7.72
C GLU I 17 67.25 18.49 9.13
N LEU I 18 66.10 19.11 9.37
CA LEU I 18 65.42 19.00 10.66
C LEU I 18 64.76 17.64 10.72
N THR I 19 65.50 16.68 11.23
CA THR I 19 65.07 15.29 11.27
C THR I 19 64.23 15.01 12.51
N PRO I 20 63.38 13.99 12.47
CA PRO I 20 62.71 13.55 13.71
C PRO I 20 63.69 13.06 14.76
N GLU I 21 64.81 12.47 14.35
CA GLU I 21 65.86 12.08 15.30
C GLU I 21 66.33 13.30 16.09
N LEU I 22 66.82 14.31 15.37
CA LEU I 22 67.10 15.61 15.97
C LEU I 22 65.91 16.09 16.79
N ALA I 23 64.73 16.12 16.18
CA ALA I 23 63.53 16.60 16.86
C ALA I 23 63.26 15.82 18.13
N PHE I 24 63.54 14.51 18.14
CA PHE I 24 63.45 13.76 19.38
C PHE I 24 64.61 14.10 20.29
N LYS I 25 65.81 14.25 19.74
CA LYS I 25 66.96 14.63 20.56
C LYS I 25 66.75 15.98 21.21
N VAL I 26 65.93 16.84 20.62
CA VAL I 26 65.59 18.13 21.20
C VAL I 26 64.81 17.93 22.50
N GLY I 27 63.56 17.49 22.37
CA GLY I 27 62.65 17.40 23.50
C GLY I 27 63.08 16.42 24.56
N ARG I 28 64.11 15.62 24.33
CA ARG I 28 64.63 14.77 25.39
C ARG I 28 65.65 15.52 26.22
N PHE I 29 66.58 16.21 25.56
CA PHE I 29 67.67 16.87 26.27
C PHE I 29 67.18 18.14 26.95
N GLY I 30 66.45 18.98 26.22
CA GLY I 30 65.95 20.21 26.80
C GLY I 30 64.94 19.98 27.90
N GLY I 31 64.14 18.92 27.78
CA GLY I 31 63.23 18.56 28.87
C GLY I 31 63.96 18.19 30.13
N TYR I 32 65.18 17.68 30.01
CA TYR I 32 66.00 17.48 31.19
C TYR I 32 66.59 18.79 31.70
N VAL I 33 66.84 19.74 30.81
CA VAL I 33 67.31 21.06 31.25
C VAL I 33 66.25 21.71 32.13
N LEU I 34 65.01 21.72 31.65
CA LEU I 34 63.89 22.28 32.40
C LEU I 34 63.29 21.31 33.40
N THR I 35 64.03 20.26 33.81
CA THR I 35 63.57 19.34 34.83
C THR I 35 64.20 19.62 36.20
N LYS I 36 65.10 20.61 36.27
CA LYS I 36 65.89 20.77 37.47
C LYS I 36 65.06 21.20 38.67
N ASP I 37 63.96 21.92 38.45
CA ASP I 37 63.08 22.28 39.55
C ASP I 37 62.32 21.04 40.01
N LYS I 38 61.08 20.91 39.54
CA LYS I 38 60.29 19.73 39.87
C LYS I 38 60.71 18.56 38.99
N GLN I 39 60.48 17.35 39.52
CA GLN I 39 60.79 16.13 38.78
C GLN I 39 59.83 15.88 37.64
N ARG I 40 58.65 16.50 37.65
CA ARG I 40 57.67 16.41 36.57
C ARG I 40 57.39 17.81 36.03
N PRO I 41 58.12 18.25 35.01
CA PRO I 41 57.84 19.57 34.43
C PRO I 41 56.47 19.61 33.77
N LYS I 42 56.05 20.83 33.43
CA LYS I 42 54.85 21.08 32.64
C LYS I 42 55.28 21.81 31.37
N VAL I 43 55.44 21.06 30.29
CA VAL I 43 55.71 21.61 28.98
C VAL I 43 54.47 21.45 28.12
N LEU I 44 54.18 22.47 27.32
CA LEU I 44 53.13 22.41 26.32
C LEU I 44 53.71 22.68 24.94
N ILE I 45 53.02 22.17 23.92
CA ILE I 45 53.60 22.04 22.58
C ILE I 45 52.52 22.35 21.53
N GLY I 46 52.87 23.19 20.56
CA GLY I 46 51.94 23.57 19.52
C GLY I 46 52.65 23.71 18.18
N ARG I 47 51.85 23.83 17.12
CA ARG I 47 52.38 23.78 15.77
C ARG I 47 51.52 24.60 14.83
N ASP I 48 51.97 24.71 13.58
CA ASP I 48 51.22 25.32 12.51
C ASP I 48 50.70 24.24 11.56
N THR I 49 50.32 24.62 10.35
CA THR I 49 49.64 23.68 9.46
C THR I 49 50.58 22.73 8.73
N ARG I 50 51.88 23.06 8.64
CA ARG I 50 52.82 22.28 7.84
C ARG I 50 52.64 20.79 8.07
N ILE I 51 52.64 20.03 6.96
CA ILE I 51 52.46 18.58 7.05
C ILE I 51 53.59 17.96 7.85
N SER I 52 54.78 18.55 7.80
CA SER I 52 55.88 18.10 8.64
C SER I 52 55.59 18.30 10.12
N GLY I 53 54.61 19.15 10.44
CA GLY I 53 54.33 19.45 11.84
C GLY I 53 53.94 18.23 12.65
N HIS I 54 53.30 17.24 12.02
CA HIS I 54 52.89 16.05 12.76
C HIS I 54 54.06 15.12 13.03
N MET I 55 55.02 15.05 12.10
CA MET I 55 56.19 14.19 12.29
C MET I 55 57.07 14.69 13.43
N LEU I 56 57.23 16.02 13.54
CA LEU I 56 58.07 16.57 14.61
C LEU I 56 57.34 16.58 15.94
N GLU I 57 56.06 16.95 15.94
CA GLU I 57 55.26 16.87 17.18
C GLU I 57 55.37 15.48 17.79
N GLY I 58 55.20 14.44 16.99
CA GLY I 58 55.35 13.08 17.49
C GLY I 58 56.77 12.80 17.96
N ALA I 59 57.76 13.26 17.20
CA ALA I 59 59.16 13.06 17.60
C ALA I 59 59.47 13.84 18.87
N LEU I 60 59.03 15.09 18.94
CA LEU I 60 59.37 15.97 20.06
C LEU I 60 58.79 15.43 21.36
N VAL I 61 57.50 15.10 21.35
CA VAL I 61 56.86 14.61 22.57
C VAL I 61 57.38 13.24 22.95
N ALA I 62 57.78 12.43 21.97
CA ALA I 62 58.41 11.15 22.27
C ALA I 62 59.60 11.32 23.20
N GLY I 63 60.29 12.46 23.12
CA GLY I 63 61.40 12.75 24.00
C GLY I 63 60.98 13.39 25.31
N LEU I 64 60.05 14.35 25.23
CA LEU I 64 59.56 15.00 26.45
C LEU I 64 58.99 13.98 27.43
N LEU I 65 58.45 12.87 26.94
CA LEU I 65 57.93 11.84 27.82
C LEU I 65 59.01 10.92 28.39
N SER I 66 60.17 10.86 27.75
CA SER I 66 61.23 9.95 28.18
C SER I 66 62.06 10.49 29.35
N ILE I 67 61.80 11.71 29.81
CA ILE I 67 62.42 12.21 31.03
C ILE I 67 61.34 12.70 31.98
N GLY I 68 60.15 12.12 31.87
CA GLY I 68 59.11 12.33 32.87
C GLY I 68 58.49 13.70 32.89
N ALA I 69 58.41 14.38 31.75
CA ALA I 69 57.82 15.69 31.69
C ALA I 69 56.36 15.60 31.25
N GLU I 70 55.48 16.29 31.99
CA GLU I 70 54.08 16.39 31.60
C GLU I 70 53.96 17.20 30.33
N VAL I 71 53.36 16.60 29.29
CA VAL I 71 53.23 17.23 27.98
C VAL I 71 51.76 17.49 27.72
N MET I 72 51.45 18.69 27.22
CA MET I 72 50.09 19.09 26.89
C MET I 72 50.08 19.57 25.44
N ARG I 73 49.63 18.73 24.51
CA ARG I 73 49.56 19.15 23.12
C ARG I 73 48.45 20.18 22.94
N LEU I 74 48.74 21.23 22.18
CA LEU I 74 47.78 22.29 21.92
C LEU I 74 47.16 22.23 20.54
N GLY I 75 47.72 21.44 19.62
CA GLY I 75 47.24 21.43 18.24
C GLY I 75 47.79 22.63 17.48
N VAL I 76 47.02 23.07 16.49
CA VAL I 76 47.40 24.26 15.72
C VAL I 76 47.07 25.50 16.53
N ILE I 77 48.06 26.35 16.74
CA ILE I 77 47.89 27.62 17.43
C ILE I 77 49.11 28.49 17.16
N SER I 78 48.91 29.81 17.12
CA SER I 78 49.98 30.71 16.72
C SER I 78 51.06 30.78 17.79
N THR I 79 52.28 31.11 17.34
CA THR I 79 53.39 31.29 18.26
C THR I 79 53.10 32.29 19.39
N PRO I 80 52.44 33.42 19.16
CA PRO I 80 52.01 34.24 20.31
C PRO I 80 51.16 33.45 21.30
N GLY I 81 50.19 32.68 20.79
CA GLY I 81 49.31 31.93 21.67
C GLY I 81 50.05 30.97 22.57
N VAL I 82 51.19 30.46 22.12
CA VAL I 82 52.00 29.62 22.99
C VAL I 82 52.57 30.44 24.15
N SER I 83 53.20 31.59 23.82
CA SER I 83 53.81 32.42 24.86
CA SER I 83 53.82 32.41 24.86
C SER I 83 52.81 32.82 25.93
N TYR I 84 51.57 33.12 25.53
CA TYR I 84 50.57 33.53 26.51
C TYR I 84 50.21 32.39 27.44
N LEU I 85 49.88 31.22 26.88
CA LEU I 85 49.43 30.10 27.70
C LEU I 85 50.56 29.57 28.57
N THR I 86 51.77 29.43 28.02
CA THR I 86 52.93 29.06 28.81
C THR I 86 53.06 29.95 30.04
N LYS I 87 52.84 31.25 29.86
CA LYS I 87 52.83 32.17 30.99
C LYS I 87 51.60 31.95 31.85
N ALA I 88 50.42 31.87 31.23
CA ALA I 88 49.16 31.93 31.95
C ALA I 88 48.84 30.66 32.73
N MET I 89 49.32 29.50 32.28
CA MET I 89 49.13 28.26 33.04
C MET I 89 50.33 27.95 33.93
N ASP I 90 51.26 28.90 34.09
CA ASP I 90 52.42 28.76 34.96
C ASP I 90 53.31 27.58 34.55
N ALA I 91 53.23 27.18 33.28
CA ALA I 91 53.93 26.00 32.80
C ALA I 91 55.42 26.27 32.65
N GLU I 92 56.20 25.19 32.66
CA GLU I 92 57.64 25.34 32.75
C GLU I 92 58.27 25.69 31.40
N ALA I 93 57.65 25.29 30.30
CA ALA I 93 58.18 25.61 28.98
C ALA I 93 57.09 25.43 27.93
N GLY I 94 57.31 26.05 26.79
CA GLY I 94 56.40 25.90 25.66
C GLY I 94 57.18 25.73 24.37
N VAL I 95 56.58 24.98 23.45
CA VAL I 95 57.23 24.61 22.21
C VAL I 95 56.32 24.97 21.04
N MET I 96 56.92 25.46 19.96
CA MET I 96 56.19 25.78 18.73
C MET I 96 56.90 25.13 17.55
N ILE I 97 56.18 24.29 16.82
CA ILE I 97 56.69 23.64 15.61
C ILE I 97 56.20 24.45 14.43
N SER I 98 57.03 25.36 13.93
CA SER I 98 56.65 26.21 12.82
C SER I 98 57.89 26.79 12.16
N ALA I 99 57.70 27.25 10.93
CA ALA I 99 58.69 28.06 10.22
C ALA I 99 57.94 29.18 9.50
N SER I 100 57.46 30.13 10.30
CA SER I 100 56.86 31.39 9.87
C SER I 100 57.22 31.80 8.45
N HIS I 101 56.21 32.05 7.62
CA HIS I 101 56.40 32.73 6.34
C HIS I 101 57.44 32.08 5.41
N ASN I 102 58.03 30.97 5.83
CA ASN I 102 58.94 30.19 5.00
C ASN I 102 58.16 29.19 4.18
N PRO I 103 58.79 28.56 3.17
CA PRO I 103 58.10 27.51 2.41
C PRO I 103 57.62 26.38 3.31
N VAL I 104 56.53 25.74 2.89
CA VAL I 104 55.91 24.68 3.67
C VAL I 104 56.88 23.54 3.95
N GLN I 105 57.82 23.29 3.04
CA GLN I 105 58.74 22.17 3.22
C GLN I 105 59.73 22.42 4.35
N ASP I 106 59.92 23.67 4.76
CA ASP I 106 60.73 23.97 5.93
C ASP I 106 59.87 23.90 7.19
N ASN I 107 60.55 23.75 8.33
CA ASN I 107 59.89 23.81 9.63
C ASN I 107 60.96 24.21 10.67
N GLY I 108 60.51 24.41 11.90
CA GLY I 108 61.42 24.79 12.96
C GLY I 108 60.85 24.59 14.35
N ILE I 109 61.73 24.40 15.32
CA ILE I 109 61.34 24.19 16.72
C ILE I 109 61.78 25.41 17.52
N LYS I 110 60.82 26.02 18.22
CA LYS I 110 61.07 27.18 19.06
C LYS I 110 60.87 26.79 20.53
N PHE I 111 61.33 27.67 21.42
CA PHE I 111 61.24 27.37 22.85
C PHE I 111 61.00 28.62 23.67
N PHE I 112 60.00 28.55 24.54
CA PHE I 112 59.62 29.63 25.45
C PHE I 112 59.82 29.18 26.89
N GLY I 113 60.33 30.07 27.72
CA GLY I 113 60.43 29.80 29.14
C GLY I 113 59.06 29.88 29.81
N GLY I 114 59.08 29.75 31.13
CA GLY I 114 57.87 29.96 31.89
C GLY I 114 57.39 31.40 31.86
N ASP I 115 58.33 32.34 31.66
CA ASP I 115 57.99 33.74 31.61
C ASP I 115 57.27 34.12 30.32
N GLY I 116 57.42 33.33 29.27
CA GLY I 116 56.94 33.65 27.94
C GLY I 116 58.01 34.08 26.97
N PHE I 117 59.29 33.99 27.37
CA PHE I 117 60.39 34.50 26.58
C PHE I 117 61.29 33.35 26.12
N LYS I 118 61.99 33.58 25.01
CA LYS I 118 62.94 32.61 24.50
C LYS I 118 63.86 32.14 25.62
N LEU I 119 64.14 30.84 25.63
CA LEU I 119 64.98 30.26 26.67
C LEU I 119 66.30 31.02 26.77
N SER I 120 66.76 31.19 28.01
CA SER I 120 68.01 31.91 28.23
C SER I 120 69.16 31.20 27.51
N ASP I 121 70.11 32.01 27.01
CA ASP I 121 71.26 31.45 26.31
C ASP I 121 72.07 30.50 27.18
N GLU I 122 71.93 30.61 28.51
CA GLU I 122 72.50 29.59 29.38
C GLU I 122 71.81 28.25 29.16
N GLN I 123 70.47 28.26 29.13
CA GLN I 123 69.72 27.02 28.95
C GLN I 123 69.95 26.45 27.56
N GLU I 124 69.90 27.31 26.53
CA GLU I 124 70.15 26.83 25.17
C GLU I 124 71.56 26.26 25.02
N ALA I 125 72.50 26.70 25.85
CA ALA I 125 73.85 26.16 25.80
C ALA I 125 73.87 24.70 26.25
N GLU I 126 73.37 24.43 27.46
CA GLU I 126 73.40 23.08 28.01
C GLU I 126 72.69 22.09 27.09
N ILE I 127 71.59 22.51 26.45
CA ILE I 127 70.93 21.64 25.48
C ILE I 127 71.90 21.26 24.38
N GLU I 128 72.71 22.20 23.92
CA GLU I 128 73.69 21.89 22.89
C GLU I 128 74.89 21.13 23.45
N ARG I 129 75.22 21.32 24.74
CA ARG I 129 76.28 20.51 25.34
C ARG I 129 75.89 19.03 25.35
N LEU I 130 74.62 18.73 25.63
CA LEU I 130 74.20 17.34 25.69
C LEU I 130 74.01 16.73 24.30
N MET I 131 73.73 17.55 23.29
CA MET I 131 73.59 17.07 21.92
C MET I 131 74.94 16.72 21.29
N ASP I 132 76.03 16.81 22.04
CA ASP I 132 77.37 16.56 21.53
C ASP I 132 77.99 15.27 22.07
N GLU I 133 77.72 14.94 23.33
CA GLU I 133 78.17 13.67 23.88
C GLU I 133 77.48 12.52 23.16
N PRO I 134 78.23 11.52 22.66
CA PRO I 134 77.58 10.39 21.99
C PRO I 134 77.14 9.28 22.93
N GLU I 135 76.70 9.62 24.15
CA GLU I 135 76.18 8.63 25.10
C GLU I 135 74.95 9.19 25.79
N ASP I 136 73.80 8.56 25.56
CA ASP I 136 72.53 8.99 26.13
C ASP I 136 72.42 8.52 27.60
N LYS I 137 73.24 9.15 28.44
CA LYS I 137 73.32 8.81 29.85
C LYS I 137 72.29 9.54 30.71
N LEU I 138 71.18 9.99 30.11
CA LEU I 138 70.15 10.73 30.82
C LEU I 138 69.19 9.75 31.47
N PRO I 139 68.45 10.17 32.50
CA PRO I 139 67.50 9.26 33.15
C PRO I 139 66.45 8.76 32.18
N ARG I 140 66.09 7.48 32.32
CA ARG I 140 65.03 6.84 31.56
C ARG I 140 64.02 6.29 32.55
N PRO I 141 63.13 7.14 33.08
CA PRO I 141 62.12 6.66 34.03
C PRO I 141 61.27 5.56 33.41
N VAL I 142 60.70 4.73 34.28
CA VAL I 142 59.97 3.54 33.84
C VAL I 142 58.74 3.35 34.71
N GLY I 143 57.72 2.70 34.13
CA GLY I 143 56.48 2.47 34.84
C GLY I 143 55.69 3.73 35.12
N ALA I 144 55.51 4.06 36.39
CA ALA I 144 54.76 5.24 36.81
C ALA I 144 55.58 6.53 36.80
N ASP I 145 56.91 6.42 36.73
CA ASP I 145 57.74 7.62 36.65
C ASP I 145 57.71 8.26 35.26
N LEU I 146 57.17 7.56 34.26
CA LEU I 146 57.19 8.04 32.89
C LEU I 146 56.40 9.35 32.77
N GLY I 147 56.59 10.02 31.64
CA GLY I 147 55.87 11.25 31.36
C GLY I 147 54.39 11.03 31.12
N LEU I 148 53.66 12.13 31.20
CA LEU I 148 52.21 12.14 31.03
C LEU I 148 51.86 13.02 29.84
N VAL I 149 50.68 12.77 29.25
CA VAL I 149 50.22 13.54 28.11
C VAL I 149 48.70 13.71 28.23
N ASN I 150 48.28 14.94 28.56
CA ASN I 150 46.86 15.31 28.62
C ASN I 150 46.65 16.41 27.58
N ASP I 151 46.08 16.03 26.43
CA ASP I 151 45.87 16.99 25.35
C ASP I 151 45.05 18.17 25.84
N TYR I 152 45.42 19.38 25.40
CA TYR I 152 44.74 20.60 25.78
C TYR I 152 44.44 21.43 24.53
N PHE I 153 43.61 20.88 23.65
CA PHE I 153 43.16 21.62 22.47
C PHE I 153 42.28 22.81 22.83
N GLU I 154 42.08 23.11 24.11
CA GLU I 154 41.17 24.15 24.56
C GLU I 154 41.87 25.44 24.95
N GLY I 155 43.20 25.47 24.97
CA GLY I 155 43.90 26.72 25.19
C GLY I 155 43.68 27.71 24.07
N GLY I 156 43.24 27.25 22.91
CA GLY I 156 43.04 28.15 21.79
C GLY I 156 42.01 29.22 22.08
N GLN I 157 40.93 28.87 22.77
CA GLN I 157 39.93 29.85 23.17
C GLN I 157 40.22 30.45 24.55
N LYS I 158 41.29 30.02 25.22
CA LYS I 158 41.77 30.74 26.39
C LYS I 158 42.61 31.94 25.96
N TYR I 159 43.40 31.76 24.90
CA TYR I 159 44.05 32.86 24.20
C TYR I 159 43.02 33.73 23.47
N LEU I 160 41.93 33.13 22.98
CA LEU I 160 40.93 33.89 22.23
C LEU I 160 40.02 34.69 23.15
N GLN I 161 39.59 34.10 24.26
CA GLN I 161 38.90 34.90 25.28
C GLN I 161 39.78 36.04 25.76
N PHE I 162 41.10 35.88 25.67
CA PHE I 162 42.02 36.92 26.11
C PHE I 162 42.13 38.05 25.10
N LEU I 163 42.10 37.74 23.79
CA LEU I 163 42.11 38.79 22.79
C LEU I 163 40.76 39.45 22.62
N LYS I 164 39.67 38.75 22.95
CA LYS I 164 38.33 39.33 22.79
C LYS I 164 38.06 40.43 23.81
N GLN I 165 38.88 40.56 24.85
CA GLN I 165 38.69 41.61 25.84
C GLN I 165 39.59 42.81 25.62
N THR I 166 40.77 42.62 25.01
CA THR I 166 41.65 43.73 24.65
C THR I 166 41.16 44.50 23.43
N ALA I 167 39.90 44.31 23.05
CA ALA I 167 39.19 45.23 22.17
C ALA I 167 38.37 46.15 23.03
N ASP I 168 38.47 47.46 22.79
CA ASP I 168 37.76 48.43 23.61
C ASP I 168 36.26 48.39 23.36
N GLU I 169 35.82 47.80 22.25
CA GLU I 169 34.43 47.45 22.01
C GLU I 169 34.39 46.52 20.80
N ASP I 170 33.22 45.97 20.53
CA ASP I 170 33.04 45.15 19.34
C ASP I 170 33.15 46.01 18.08
N PHE I 171 33.63 45.38 17.00
CA PHE I 171 34.00 46.10 15.79
C PHE I 171 32.83 46.20 14.80
N THR I 172 31.67 46.64 15.27
CA THR I 172 30.48 46.62 14.43
C THR I 172 30.56 47.65 13.31
N GLY I 173 30.16 47.24 12.11
CA GLY I 173 30.13 48.11 10.96
C GLY I 173 31.39 48.12 10.12
N ILE I 174 32.38 47.27 10.42
CA ILE I 174 33.68 47.31 9.76
C ILE I 174 33.81 46.06 8.89
N HIS I 175 33.97 46.28 7.59
CA HIS I 175 34.32 45.21 6.65
C HIS I 175 35.81 44.95 6.78
N VAL I 176 36.18 43.79 7.34
CA VAL I 176 37.58 43.45 7.58
C VAL I 176 37.89 42.16 6.82
N ALA I 177 38.86 42.23 5.93
CA ALA I 177 39.34 41.07 5.21
C ALA I 177 40.49 40.43 5.99
N LEU I 178 40.62 39.11 5.85
CA LEU I 178 41.66 38.36 6.54
C LEU I 178 42.35 37.42 5.57
N ASP I 179 43.66 37.56 5.44
CA ASP I 179 44.53 36.58 4.79
C ASP I 179 45.40 35.96 5.88
N CYS I 180 45.20 34.67 6.13
CA CYS I 180 45.86 33.98 7.23
C CYS I 180 46.94 33.02 6.76
N ALA I 181 47.43 33.20 5.53
CA ALA I 181 48.58 32.46 4.99
C ALA I 181 48.37 30.95 4.99
N ASN I 182 47.13 30.49 5.16
CA ASN I 182 46.86 29.07 5.37
C ASN I 182 47.66 28.55 6.56
N GLY I 183 47.73 29.37 7.61
CA GLY I 183 48.56 29.08 8.76
C GLY I 183 47.79 28.91 10.06
N ALA I 184 48.43 29.26 11.18
CA ALA I 184 47.84 28.99 12.48
C ALA I 184 46.62 29.85 12.75
N THR I 185 46.58 31.06 12.20
CA THR I 185 45.47 31.98 12.43
C THR I 185 44.28 31.71 11.51
N SER I 186 44.22 30.54 10.87
CA SER I 186 43.16 30.28 9.90
C SER I 186 41.82 30.08 10.61
N SER I 187 41.78 29.19 11.60
CA SER I 187 40.58 28.97 12.37
C SER I 187 40.48 29.89 13.58
N LEU I 188 41.59 30.49 14.00
CA LEU I 188 41.60 31.32 15.20
C LEU I 188 41.09 32.74 14.92
N ALA I 189 41.53 33.33 13.81
CA ALA I 189 41.26 34.75 13.54
C ALA I 189 39.85 34.98 13.00
N THR I 190 39.30 34.04 12.22
CA THR I 190 37.92 34.22 11.78
C THR I 190 36.95 34.10 12.94
N HIS I 191 37.34 33.37 13.99
CA HIS I 191 36.52 33.26 15.18
C HIS I 191 36.56 34.54 16.02
N LEU I 192 37.70 35.23 16.03
CA LEU I 192 37.87 36.38 16.89
C LEU I 192 37.05 37.57 16.41
N PHE I 193 37.13 37.88 15.11
CA PHE I 193 36.50 39.07 14.58
C PHE I 193 35.00 38.89 14.34
N ALA I 194 34.55 37.64 14.16
CA ALA I 194 33.12 37.39 14.06
C ALA I 194 32.44 37.47 15.42
N ASP I 195 33.16 37.14 16.49
CA ASP I 195 32.62 37.25 17.84
C ASP I 195 32.73 38.67 18.39
N LEU I 196 33.53 39.52 17.76
CA LEU I 196 33.55 40.95 18.02
C LEU I 196 32.68 41.72 17.04
N ASP I 197 31.80 41.02 16.31
CA ASP I 197 30.76 41.63 15.49
C ASP I 197 31.35 42.47 14.36
N ALA I 198 31.91 41.81 13.34
CA ALA I 198 32.48 42.52 12.20
C ALA I 198 32.24 41.74 10.93
N ASP I 199 31.98 42.45 9.83
CA ASP I 199 31.77 41.81 8.54
C ASP I 199 33.06 41.18 8.04
N VAL I 200 33.31 39.93 8.43
CA VAL I 200 34.53 39.25 7.98
C VAL I 200 34.31 38.70 6.58
N SER I 201 35.33 38.84 5.74
CA SER I 201 35.50 38.04 4.54
C SER I 201 36.90 37.46 4.59
N THR I 202 37.05 36.25 4.07
CA THR I 202 38.26 35.49 4.29
C THR I 202 38.88 35.05 2.98
N MET I 203 40.17 34.73 3.07
CA MET I 203 40.98 34.12 2.02
C MET I 203 42.24 33.58 2.68
N GLY I 204 42.72 32.45 2.19
CA GLY I 204 43.82 31.78 2.87
C GLY I 204 43.44 31.28 4.24
N THR I 205 42.16 31.03 4.48
CA THR I 205 41.65 30.45 5.72
C THR I 205 41.27 28.99 5.51
N SER I 206 42.03 28.30 4.65
CA SER I 206 41.75 26.90 4.31
C SER I 206 43.06 26.17 4.11
N PRO I 207 43.72 25.78 5.19
CA PRO I 207 45.00 25.06 5.06
C PRO I 207 44.77 23.58 4.75
N ASN I 208 45.85 22.93 4.30
CA ASN I 208 45.81 21.49 4.06
C ASN I 208 47.15 20.82 4.31
N GLY I 209 48.05 21.46 5.08
CA GLY I 209 49.36 20.93 5.33
C GLY I 209 50.39 21.22 4.26
N LEU I 210 49.97 21.64 3.08
CA LEU I 210 50.88 21.88 1.97
C LEU I 210 50.88 23.32 1.48
N ASN I 211 49.92 24.14 1.88
CA ASN I 211 49.67 25.43 1.24
C ASN I 211 49.95 26.61 2.16
N ILE I 212 50.73 26.43 3.21
CA ILE I 212 50.98 27.52 4.14
C ILE I 212 51.91 28.54 3.47
N ASN I 213 51.49 29.80 3.48
CA ASN I 213 52.30 30.92 2.97
C ASN I 213 52.53 30.82 1.46
N ASP I 214 51.54 30.32 0.71
CA ASP I 214 51.70 30.09 -0.72
C ASP I 214 50.88 31.13 -1.48
N GLY I 215 51.56 32.15 -1.99
CA GLY I 215 50.91 33.31 -2.57
C GLY I 215 50.10 34.14 -1.59
N VAL I 216 50.15 33.81 -0.31
CA VAL I 216 49.34 34.42 0.71
C VAL I 216 50.23 34.73 1.91
N GLY I 217 49.62 35.34 2.94
CA GLY I 217 50.38 35.78 4.09
C GLY I 217 50.91 37.18 3.92
N SER I 218 51.55 37.66 4.99
CA SER I 218 52.07 39.02 4.98
C SER I 218 53.29 39.17 4.08
N THR I 219 54.03 38.08 3.84
CA THR I 219 55.13 38.13 2.88
C THR I 219 54.62 38.25 1.45
N HIS I 220 53.40 37.81 1.18
CA HIS I 220 52.78 37.89 -0.15
C HIS I 220 51.40 38.52 -0.03
N PRO I 221 51.31 39.77 0.43
CA PRO I 221 50.01 40.41 0.64
C PRO I 221 49.38 40.98 -0.62
N GLU I 222 49.97 40.73 -1.79
CA GLU I 222 49.38 41.21 -3.04
C GLU I 222 48.03 40.55 -3.29
N ALA I 223 47.86 39.30 -2.86
CA ALA I 223 46.58 38.62 -3.02
C ALA I 223 45.50 39.28 -2.19
N LEU I 224 45.86 39.86 -1.05
CA LEU I 224 44.87 40.52 -0.21
C LEU I 224 44.52 41.90 -0.74
N SER I 225 45.50 42.60 -1.30
CA SER I 225 45.28 43.96 -1.81
C SER I 225 44.15 43.99 -2.83
N ALA I 226 44.28 43.21 -3.90
CA ALA I 226 43.22 43.10 -4.89
C ALA I 226 41.96 42.43 -4.33
N PHE I 227 42.05 41.81 -3.15
CA PHE I 227 40.87 41.22 -2.54
C PHE I 227 40.17 42.17 -1.59
N VAL I 228 40.90 43.12 -0.99
CA VAL I 228 40.24 44.18 -0.22
C VAL I 228 39.41 45.05 -1.14
N LYS I 229 39.96 45.41 -2.30
CA LYS I 229 39.20 46.19 -3.28
C LYS I 229 37.99 45.40 -3.78
N GLU I 230 38.14 44.09 -3.94
CA GLU I 230 37.12 43.27 -4.58
C GLU I 230 35.81 43.30 -3.80
N LYS I 231 35.82 42.84 -2.56
CA LYS I 231 34.67 43.00 -1.68
C LYS I 231 34.59 44.38 -1.09
N ASN I 232 35.34 45.35 -1.66
CA ASN I 232 35.39 46.74 -1.21
C ASN I 232 35.39 46.83 0.31
N ALA I 233 36.15 45.95 0.96
CA ALA I 233 36.26 45.96 2.40
C ALA I 233 36.87 47.27 2.87
N ASP I 234 36.79 47.52 4.17
CA ASP I 234 37.40 48.71 4.74
C ASP I 234 38.88 48.52 5.05
N LEU I 235 39.30 47.30 5.34
CA LEU I 235 40.71 47.00 5.57
C LEU I 235 40.94 45.50 5.46
N GLY I 236 42.18 45.15 5.14
CA GLY I 236 42.58 43.76 5.05
C GLY I 236 43.76 43.43 5.93
N LEU I 237 43.62 42.40 6.76
CA LEU I 237 44.65 42.00 7.71
C LEU I 237 45.36 40.76 7.20
N ALA I 238 46.69 40.78 7.24
CA ALA I 238 47.52 39.69 6.74
C ALA I 238 48.53 39.29 7.79
N PHE I 239 48.28 38.16 8.46
CA PHE I 239 49.25 37.52 9.32
C PHE I 239 50.09 36.57 8.45
N ASP I 240 50.89 35.71 9.08
CA ASP I 240 51.66 34.75 8.29
C ASP I 240 51.48 33.33 8.80
N GLY I 241 52.50 32.49 8.60
CA GLY I 241 52.35 31.07 8.88
C GLY I 241 52.05 30.77 10.34
N ASP I 242 52.77 31.42 11.24
CA ASP I 242 52.56 31.27 12.68
C ASP I 242 51.90 32.48 13.32
N GLY I 243 51.32 33.36 12.50
CA GLY I 243 50.54 34.47 13.00
C GLY I 243 51.28 35.44 13.90
N ASP I 244 52.59 35.59 13.69
CA ASP I 244 53.41 36.46 14.53
C ASP I 244 53.66 37.84 13.92
N ARG I 245 53.45 38.01 12.61
CA ARG I 245 53.50 39.31 11.97
C ARG I 245 52.11 39.70 11.49
N LEU I 246 52.00 40.95 11.02
CA LEU I 246 50.74 41.45 10.49
C LEU I 246 51.01 42.58 9.50
N ILE I 247 50.45 42.46 8.30
CA ILE I 247 50.48 43.52 7.30
C ILE I 247 49.03 43.90 7.00
N ALA I 248 48.76 45.21 6.99
CA ALA I 248 47.42 45.72 6.74
C ALA I 248 47.31 46.27 5.33
N VAL I 249 46.16 46.06 4.70
CA VAL I 249 45.81 46.65 3.43
C VAL I 249 44.65 47.60 3.66
N ASP I 250 44.79 48.84 3.22
CA ASP I 250 43.72 49.83 3.41
C ASP I 250 42.64 49.59 2.36
N GLU I 251 41.62 50.47 2.32
CA GLU I 251 40.54 50.27 1.38
C GLU I 251 40.97 50.55 -0.05
N LYS I 252 41.89 51.51 -0.25
CA LYS I 252 42.40 51.80 -1.57
C LYS I 252 43.17 50.63 -2.17
N GLY I 253 43.49 49.61 -1.35
CA GLY I 253 44.24 48.46 -1.80
C GLY I 253 45.73 48.54 -1.52
N ASN I 254 46.21 49.65 -0.95
CA ASN I 254 47.64 49.83 -0.76
C ASN I 254 48.13 49.07 0.45
N ILE I 255 49.43 48.77 0.45
CA ILE I 255 50.04 48.03 1.55
C ILE I 255 50.33 48.99 2.69
N VAL I 256 50.15 48.51 3.92
CA VAL I 256 50.35 49.32 5.13
C VAL I 256 51.24 48.50 6.04
N ASP I 257 52.56 48.70 5.91
CA ASP I 257 53.56 47.82 6.52
C ASP I 257 53.72 48.09 8.01
N GLY I 258 54.71 47.46 8.63
CA GLY I 258 54.83 47.49 10.08
C GLY I 258 55.16 48.86 10.63
N ASP I 259 56.03 49.61 9.94
CA ASP I 259 56.29 51.00 10.33
C ASP I 259 54.99 51.78 10.40
N GLN I 260 54.10 51.57 9.43
CA GLN I 260 52.84 52.30 9.40
C GLN I 260 51.88 51.81 10.47
N ILE I 261 51.91 50.52 10.80
CA ILE I 261 51.05 50.02 11.87
C ILE I 261 51.54 50.54 13.23
N MET I 262 52.85 50.60 13.43
CA MET I 262 53.38 51.04 14.71
C MET I 262 53.02 52.50 14.99
N TYR I 263 53.05 53.34 13.95
CA TYR I 263 52.68 54.74 14.15
C TYR I 263 51.20 54.88 14.48
N ILE I 264 50.33 54.30 13.65
CA ILE I 264 48.88 54.38 13.87
C ILE I 264 48.53 53.93 15.28
N CYS I 265 49.27 52.96 15.81
CA CYS I 265 48.95 52.35 17.10
C CYS I 265 49.53 53.13 18.26
N SER I 266 50.84 53.45 18.22
CA SER I 266 51.45 54.20 19.31
C SER I 266 50.85 55.60 19.42
N LYS I 267 50.48 56.21 18.29
CA LYS I 267 49.73 57.45 18.32
C LYS I 267 48.41 57.27 19.06
N HIS I 268 47.69 56.18 18.76
CA HIS I 268 46.45 55.89 19.47
C HIS I 268 46.70 55.51 20.92
N LEU I 269 47.87 54.93 21.21
CA LEU I 269 48.17 54.55 22.59
C LEU I 269 48.65 55.75 23.42
N LYS I 270 49.27 56.74 22.78
CA LYS I 270 49.53 58.00 23.48
C LYS I 270 48.23 58.75 23.73
N SER I 271 47.29 58.68 22.78
CA SER I 271 46.01 59.36 22.93
C SER I 271 45.20 58.79 24.09
N GLU I 272 45.44 57.55 24.48
CA GLU I 272 44.84 56.95 25.66
C GLU I 272 45.76 56.99 26.86
N GLY I 273 46.89 57.68 26.76
CA GLY I 273 47.86 57.76 27.84
C GLY I 273 48.48 56.42 28.18
N ARG I 274 48.11 55.38 27.43
CA ARG I 274 48.56 54.02 27.69
C ARG I 274 49.95 53.74 27.13
N LEU I 275 50.49 54.62 26.29
CA LEU I 275 51.84 54.46 25.77
C LEU I 275 52.83 54.86 26.86
N LYS I 276 53.80 53.98 27.13
CA LYS I 276 54.67 54.13 28.29
C LYS I 276 55.82 55.08 27.98
N ASP I 277 55.91 56.16 28.75
CA ASP I 277 56.91 57.22 28.62
C ASP I 277 56.84 57.92 27.27
N ASP I 278 55.77 57.65 26.52
CA ASP I 278 55.63 58.11 25.13
C ASP I 278 56.93 57.91 24.35
N THR I 279 57.42 56.67 24.39
CA THR I 279 58.56 56.25 23.61
C THR I 279 58.23 54.92 22.94
N VAL I 280 58.73 54.74 21.72
CA VAL I 280 58.53 53.53 20.95
C VAL I 280 59.90 52.96 20.59
N VAL I 281 59.98 51.63 20.55
CA VAL I 281 61.21 50.93 20.20
C VAL I 281 61.09 50.42 18.78
N SER I 282 62.21 50.45 18.06
CA SER I 282 62.24 50.02 16.67
C SER I 282 63.68 49.65 16.32
N THR I 283 63.89 49.25 15.07
CA THR I 283 65.18 48.77 14.59
C THR I 283 65.78 49.76 13.60
N VAL I 284 66.99 49.43 13.12
CA VAL I 284 67.62 50.18 12.05
C VAL I 284 66.86 50.00 10.75
N MET I 285 66.02 48.97 10.66
CA MET I 285 65.22 48.67 9.48
C MET I 285 64.08 49.64 9.25
N SER I 286 63.74 50.49 10.23
CA SER I 286 62.59 51.37 10.07
C SER I 286 62.89 52.50 9.10
N ASN I 287 61.90 52.82 8.27
CA ASN I 287 62.02 53.90 7.31
C ASN I 287 62.32 55.22 8.03
N LEU I 288 62.92 56.16 7.31
CA LEU I 288 63.31 57.42 7.94
C LEU I 288 62.10 58.27 8.31
N GLY I 289 61.12 58.35 7.41
CA GLY I 289 59.89 59.10 7.71
C GLY I 289 59.14 58.58 8.91
N PHE I 290 59.45 57.36 9.36
CA PHE I 290 58.88 56.83 10.59
C PHE I 290 59.26 57.72 11.78
N TYR I 291 60.53 58.11 11.88
CA TYR I 291 60.97 58.98 12.96
C TYR I 291 60.63 60.45 12.72
N LYS I 292 60.29 60.84 11.50
CA LYS I 292 59.87 62.22 11.26
C LYS I 292 58.47 62.46 11.80
N ALA I 293 57.55 61.53 11.57
CA ALA I 293 56.20 61.64 12.13
C ALA I 293 56.12 61.19 13.58
N LEU I 294 57.14 60.50 14.09
CA LEU I 294 57.18 60.19 15.52
C LEU I 294 57.39 61.46 16.34
N GLU I 295 58.36 62.29 15.94
CA GLU I 295 58.53 63.57 16.61
C GLU I 295 57.38 64.52 16.32
N LYS I 296 56.68 64.34 15.21
CA LYS I 296 55.56 65.23 14.89
C LYS I 296 54.40 65.05 15.87
N GLU I 297 54.27 63.87 16.48
CA GLU I 297 53.24 63.62 17.49
C GLU I 297 53.82 63.60 18.89
N GLY I 298 55.09 63.94 19.07
CA GLY I 298 55.69 64.02 20.39
C GLY I 298 56.11 62.70 20.98
N ILE I 299 56.43 61.72 20.14
CA ILE I 299 56.75 60.37 20.61
C ILE I 299 58.24 60.15 20.45
N LYS I 300 58.94 60.00 21.58
CA LYS I 300 60.34 59.66 21.59
C LYS I 300 60.55 58.30 20.91
N SER I 301 61.80 57.98 20.62
CA SER I 301 62.08 56.76 19.86
C SER I 301 63.46 56.22 20.21
N VAL I 302 63.52 54.92 20.47
CA VAL I 302 64.78 54.19 20.70
C VAL I 302 65.04 53.32 19.48
N GLN I 303 66.31 53.15 19.14
CA GLN I 303 66.71 52.38 17.98
C GLN I 303 67.71 51.30 18.41
N THR I 304 67.37 50.06 18.13
CA THR I 304 68.23 48.91 18.37
C THR I 304 68.60 48.28 17.02
N ALA I 305 69.46 47.26 17.08
CA ALA I 305 69.77 46.48 15.89
C ALA I 305 68.56 45.63 15.50
N VAL I 306 68.67 44.97 14.35
CA VAL I 306 67.58 44.13 13.87
C VAL I 306 67.55 42.82 14.64
N GLY I 307 66.38 42.17 14.62
CA GLY I 307 66.16 40.98 15.43
C GLY I 307 65.35 41.30 16.67
N ASP I 308 64.23 40.61 16.85
CA ASP I 308 63.30 40.95 17.93
C ASP I 308 63.84 40.63 19.31
N ARG I 309 64.92 39.85 19.42
CA ARG I 309 65.50 39.63 20.74
C ARG I 309 66.15 40.91 21.27
N TYR I 310 66.55 41.81 20.37
CA TYR I 310 67.03 43.13 20.78
C TYR I 310 65.88 44.07 21.10
N VAL I 311 64.89 44.15 20.21
CA VAL I 311 63.72 44.99 20.43
C VAL I 311 63.06 44.64 21.76
N VAL I 312 63.02 43.35 22.08
CA VAL I 312 62.48 42.94 23.37
C VAL I 312 63.47 43.24 24.49
N GLU I 313 64.78 43.19 24.20
CA GLU I 313 65.78 43.47 25.22
C GLU I 313 65.81 44.96 25.60
N ALA I 314 65.33 45.82 24.72
CA ALA I 314 65.24 47.25 25.00
C ALA I 314 63.97 47.61 25.76
N MET I 315 62.83 47.03 25.35
CA MET I 315 61.59 47.20 26.11
C MET I 315 61.70 46.63 27.50
N LYS I 316 62.65 45.73 27.73
CA LYS I 316 62.89 45.08 29.01
C LYS I 316 63.52 46.04 30.02
N LYS I 317 64.82 46.34 29.82
CA LYS I 317 65.60 47.05 30.82
C LYS I 317 64.99 48.41 31.14
N ASP I 318 64.45 49.09 30.13
CA ASP I 318 63.96 50.46 30.28
C ASP I 318 62.46 50.51 30.49
N GLY I 319 61.77 49.38 30.44
CA GLY I 319 60.35 49.32 30.70
C GLY I 319 59.51 50.11 29.71
N TYR I 320 59.44 49.63 28.47
CA TYR I 320 58.77 50.37 27.41
C TYR I 320 57.54 49.60 26.93
N ASN I 321 56.49 50.35 26.60
CA ASN I 321 55.22 49.72 26.24
C ASN I 321 55.31 49.01 24.89
N VAL I 322 55.90 49.68 23.89
CA VAL I 322 55.73 49.30 22.49
C VAL I 322 57.09 49.10 21.84
N GLY I 323 57.14 48.15 20.91
CA GLY I 323 58.31 47.92 20.07
C GLY I 323 57.99 46.97 18.94
N GLY I 324 58.68 47.11 17.82
CA GLY I 324 58.39 46.27 16.68
C GLY I 324 59.37 46.48 15.55
N GLU I 325 59.04 45.89 14.40
CA GLU I 325 59.87 45.93 13.21
C GLU I 325 59.06 46.41 12.03
N GLN I 326 59.75 46.64 10.90
CA GLN I 326 59.06 46.84 9.63
C GLN I 326 58.58 45.53 9.04
N SER I 327 59.07 44.39 9.54
CA SER I 327 58.60 43.08 9.10
C SER I 327 57.13 42.87 9.38
N GLY I 328 56.52 43.69 10.24
CA GLY I 328 55.20 43.41 10.75
C GLY I 328 55.21 42.74 12.10
N HIS I 329 56.37 42.61 12.74
CA HIS I 329 56.51 41.94 14.03
C HIS I 329 56.48 42.98 15.14
N LEU I 330 55.32 43.12 15.78
CA LEU I 330 55.04 44.15 16.76
C LEU I 330 54.87 43.52 18.13
N ILE I 331 55.45 44.14 19.16
CA ILE I 331 55.37 43.65 20.52
C ILE I 331 54.63 44.67 21.38
N PHE I 332 53.53 44.24 21.99
CA PHE I 332 52.76 45.03 22.95
C PHE I 332 52.96 44.36 24.30
N LEU I 333 53.90 44.85 25.11
CA LEU I 333 54.26 44.13 26.32
C LEU I 333 53.26 44.31 27.45
N ASP I 334 52.28 45.19 27.31
CA ASP I 334 51.19 45.22 28.29
C ASP I 334 50.34 43.97 28.25
N TYR I 335 50.38 43.21 27.15
CA TYR I 335 49.44 42.13 26.92
C TYR I 335 50.10 40.79 26.59
N ASN I 336 51.30 40.81 26.01
CA ASN I 336 52.01 39.57 25.67
C ASN I 336 53.50 39.83 25.62
N THR I 337 54.27 38.77 25.37
CA THR I 337 55.71 38.77 25.52
C THR I 337 56.50 38.61 24.22
N THR I 338 55.87 38.14 23.14
CA THR I 338 56.51 38.12 21.83
C THR I 338 55.63 38.90 20.84
N GLY I 339 55.96 38.78 19.55
CA GLY I 339 55.18 39.47 18.53
C GLY I 339 53.88 38.74 18.24
N ASP I 340 52.80 39.53 18.14
CA ASP I 340 51.45 38.99 18.01
C ASP I 340 50.74 39.72 16.86
N GLY I 341 50.49 39.00 15.78
CA GLY I 341 49.81 39.62 14.65
C GLY I 341 48.36 39.95 14.95
N LEU I 342 47.69 39.10 15.72
CA LEU I 342 46.29 39.33 16.04
C LEU I 342 46.12 40.41 17.10
N LEU I 343 47.07 40.52 18.03
CA LEU I 343 47.03 41.63 18.98
C LEU I 343 47.29 42.95 18.28
N SER I 344 48.25 42.97 17.35
CA SER I 344 48.49 44.18 16.55
C SER I 344 47.25 44.57 15.77
N ALA I 345 46.47 43.60 15.30
CA ALA I 345 45.30 43.89 14.49
C ALA I 345 44.16 44.44 15.34
N ILE I 346 43.95 43.90 16.54
CA ILE I 346 42.91 44.43 17.42
C ILE I 346 43.24 45.87 17.81
N MET I 347 44.52 46.16 18.06
CA MET I 347 44.93 47.54 18.30
C MET I 347 44.67 48.41 17.08
N LEU I 348 44.93 47.88 15.88
CA LEU I 348 44.66 48.64 14.67
C LEU I 348 43.16 48.78 14.45
N MET I 349 42.37 47.79 14.86
CA MET I 349 40.92 47.89 14.76
C MET I 349 40.32 48.72 15.89
N ASN I 350 41.09 48.99 16.96
CA ASN I 350 40.67 49.95 17.96
C ASN I 350 40.86 51.38 17.46
N THR I 351 41.95 51.63 16.73
CA THR I 351 42.22 52.99 16.27
C THR I 351 41.20 53.43 15.22
N LEU I 352 40.87 52.55 14.28
CA LEU I 352 39.92 52.90 13.23
C LEU I 352 38.54 53.17 13.81
N LYS I 353 38.18 52.48 14.90
CA LYS I 353 36.86 52.64 15.51
C LYS I 353 36.80 53.81 16.48
N ALA I 354 37.90 54.14 17.15
CA ALA I 354 37.93 55.25 18.09
C ALA I 354 38.17 56.59 17.42
N THR I 355 38.57 56.60 16.15
CA THR I 355 38.75 57.84 15.39
C THR I 355 37.91 57.92 14.12
N GLY I 356 37.30 56.81 13.68
CA GLY I 356 36.43 56.81 12.52
C GLY I 356 37.12 57.03 11.19
N LYS I 357 38.41 57.33 11.17
CA LYS I 357 39.17 57.61 9.96
C LYS I 357 39.40 56.32 9.18
N PRO I 358 39.37 56.38 7.84
CA PRO I 358 39.74 55.19 7.05
C PRO I 358 41.19 54.81 7.29
N LEU I 359 41.52 53.55 6.98
CA LEU I 359 42.88 53.07 7.15
C LEU I 359 43.85 53.83 6.25
N SER I 360 43.38 54.30 5.10
CA SER I 360 44.23 55.10 4.23
C SER I 360 44.53 56.47 4.85
N GLU I 361 43.67 56.96 5.73
CA GLU I 361 43.87 58.27 6.33
C GLU I 361 44.74 58.21 7.58
N LEU I 362 44.64 57.14 8.36
CA LEU I 362 45.55 56.98 9.50
C LEU I 362 46.96 56.68 9.03
N ALA I 363 47.09 55.83 7.99
CA ALA I 363 48.42 55.46 7.50
C ALA I 363 49.10 56.57 6.74
N ALA I 364 48.36 57.61 6.33
CA ALA I 364 48.95 58.70 5.56
C ALA I 364 49.64 59.74 6.43
N GLU I 365 49.41 59.71 7.74
CA GLU I 365 50.00 60.72 8.61
C GLU I 365 51.52 60.63 8.61
N MET I 366 52.05 59.42 8.72
CA MET I 366 53.47 59.17 8.47
C MET I 366 53.66 58.80 7.01
N GLN I 367 54.75 59.28 6.42
CA GLN I 367 55.05 59.02 5.02
C GLN I 367 56.43 58.37 4.90
N LYS I 368 56.54 57.42 3.97
CA LYS I 368 57.80 56.73 3.73
C LYS I 368 58.73 57.57 2.88
N PHE I 369 60.03 57.48 3.18
CA PHE I 369 61.06 58.04 2.31
C PHE I 369 61.42 57.03 1.23
N GLY J 2 69.95 -7.50 15.19
CA GLY J 2 70.07 -8.81 15.80
C GLY J 2 68.75 -9.56 15.89
N LYS J 3 68.25 -9.74 17.11
CA LYS J 3 66.98 -10.42 17.36
C LYS J 3 66.05 -9.47 18.09
N TYR J 4 65.18 -8.80 17.33
CA TYR J 4 64.17 -7.92 17.90
C TYR J 4 62.76 -8.50 17.84
N PHE J 5 62.49 -9.42 16.91
CA PHE J 5 61.15 -9.89 16.61
C PHE J 5 60.96 -11.32 17.13
N GLY J 6 60.50 -11.43 18.38
CA GLY J 6 60.14 -12.70 18.95
C GLY J 6 58.80 -13.18 18.43
N THR J 7 58.14 -14.01 19.24
CA THR J 7 56.78 -14.45 18.90
C THR J 7 55.81 -13.27 18.94
N ASP J 8 55.79 -12.56 20.06
CA ASP J 8 54.93 -11.39 20.25
C ASP J 8 55.63 -10.11 19.82
N GLY J 9 56.27 -10.16 18.66
CA GLY J 9 56.94 -8.98 18.13
C GLY J 9 58.07 -8.52 19.02
N VAL J 10 58.21 -7.21 19.14
CA VAL J 10 59.27 -6.59 19.92
C VAL J 10 58.73 -6.25 21.30
N ARG J 11 59.27 -6.89 22.34
CA ARG J 11 58.84 -6.64 23.70
C ARG J 11 60.01 -6.23 24.58
N GLY J 12 59.66 -5.77 25.76
CA GLY J 12 60.60 -5.15 26.67
C GLY J 12 59.92 -4.08 27.48
N VAL J 13 60.57 -3.71 28.56
CA VAL J 13 60.00 -2.72 29.46
C VAL J 13 60.26 -1.32 28.88
N ALA J 14 59.32 -0.42 29.12
CA ALA J 14 59.29 0.86 28.41
C ALA J 14 60.49 1.72 28.75
N ASN J 15 60.91 2.52 27.76
CA ASN J 15 61.94 3.55 27.91
C ASN J 15 63.32 2.96 28.19
N SER J 16 63.38 1.97 29.08
CA SER J 16 64.67 1.36 29.43
C SER J 16 65.10 0.35 28.38
N GLU J 17 64.30 -0.71 28.19
CA GLU J 17 64.60 -1.70 27.17
C GLU J 17 63.96 -1.35 25.83
N LEU J 18 62.63 -1.31 25.79
CA LEU J 18 61.91 -0.88 24.59
C LEU J 18 61.93 0.65 24.58
N THR J 19 62.94 1.21 23.94
CA THR J 19 63.19 2.64 24.00
C THR J 19 62.38 3.39 22.95
N PRO J 20 62.03 4.64 23.25
CA PRO J 20 61.41 5.48 22.21
C PRO J 20 62.29 5.59 20.97
N GLU J 21 63.61 5.64 21.15
CA GLU J 21 64.51 5.66 20.01
C GLU J 21 64.36 4.39 19.17
N LEU J 22 64.14 3.25 19.82
CA LEU J 22 63.98 2.00 19.10
C LEU J 22 62.71 2.01 18.26
N ALA J 23 61.59 2.40 18.87
CA ALA J 23 60.32 2.42 18.15
C ALA J 23 60.36 3.32 16.93
N PHE J 24 61.15 4.40 16.98
CA PHE J 24 61.36 5.20 15.78
C PHE J 24 62.07 4.38 14.70
N LYS J 25 63.15 3.70 15.07
CA LYS J 25 63.84 2.85 14.12
C LYS J 25 62.92 1.79 13.54
N VAL J 26 61.95 1.33 14.33
CA VAL J 26 60.95 0.37 13.88
C VAL J 26 60.14 0.97 12.73
N GLY J 27 59.37 2.02 13.04
CA GLY J 27 58.47 2.59 12.05
C GLY J 27 59.16 3.07 10.80
N ARG J 28 60.42 3.48 10.91
CA ARG J 28 61.12 3.98 9.72
C ARG J 28 61.55 2.83 8.83
N PHE J 29 62.29 1.85 9.38
CA PHE J 29 62.68 0.69 8.60
C PHE J 29 61.48 -0.15 8.21
N GLY J 30 60.59 -0.42 9.18
CA GLY J 30 59.38 -1.18 8.87
C GLY J 30 58.52 -0.49 7.84
N GLY J 31 58.44 0.84 7.89
CA GLY J 31 57.72 1.58 6.87
C GLY J 31 58.33 1.43 5.49
N TYR J 32 59.64 1.18 5.43
CA TYR J 32 60.32 1.04 4.15
C TYR J 32 60.24 -0.38 3.58
N VAL J 33 60.18 -1.39 4.45
CA VAL J 33 60.00 -2.76 3.95
C VAL J 33 58.67 -2.87 3.23
N LEU J 34 57.61 -2.39 3.87
CA LEU J 34 56.27 -2.47 3.30
C LEU J 34 56.01 -1.40 2.25
N THR J 35 56.92 -0.45 2.08
CA THR J 35 56.74 0.57 1.05
C THR J 35 56.96 0.04 -0.36
N LYS J 36 57.44 -1.21 -0.49
CA LYS J 36 58.02 -1.67 -1.74
C LYS J 36 57.03 -1.68 -2.90
N ASP J 37 55.73 -1.69 -2.63
CA ASP J 37 54.78 -1.67 -3.74
C ASP J 37 54.53 -0.23 -4.18
N LYS J 38 53.56 0.44 -3.55
CA LYS J 38 53.26 1.82 -3.87
C LYS J 38 54.08 2.75 -2.97
N GLN J 39 54.40 3.93 -3.51
CA GLN J 39 55.26 4.90 -2.82
C GLN J 39 54.58 5.56 -1.63
N ARG J 40 53.30 5.33 -1.41
CA ARG J 40 52.61 5.78 -0.19
C ARG J 40 51.85 4.60 0.39
N PRO J 41 52.42 3.90 1.36
CA PRO J 41 51.69 2.84 2.04
C PRO J 41 50.76 3.41 3.11
N LYS J 42 49.83 2.56 3.54
CA LYS J 42 48.73 2.93 4.43
C LYS J 42 48.84 2.08 5.70
N VAL J 43 49.67 2.52 6.62
CA VAL J 43 49.76 1.88 7.94
C VAL J 43 48.75 2.53 8.87
N LEU J 44 47.97 1.71 9.55
CA LEU J 44 47.16 2.17 10.67
C LEU J 44 47.70 1.56 11.95
N ILE J 45 47.58 2.30 13.04
CA ILE J 45 48.32 2.03 14.27
C ILE J 45 47.37 2.11 15.45
N GLY J 46 47.53 1.17 16.38
CA GLY J 46 46.64 1.09 17.53
C GLY J 46 47.38 0.68 18.78
N ARG J 47 46.83 1.06 19.93
CA ARG J 47 47.49 0.87 21.21
C ARG J 47 46.48 0.48 22.27
N ASP J 48 46.99 0.14 23.45
CA ASP J 48 46.20 -0.11 24.64
C ASP J 48 46.43 1.00 25.66
N THR J 49 45.86 0.84 26.86
CA THR J 49 45.80 1.93 27.83
C THR J 49 47.15 2.29 28.44
N ARG J 50 48.18 1.47 28.26
CA ARG J 50 49.46 1.68 28.94
C ARG J 50 50.01 3.09 28.72
N ILE J 51 50.48 3.69 29.81
CA ILE J 51 51.05 5.04 29.76
C ILE J 51 52.28 5.08 28.86
N SER J 52 52.96 3.94 28.69
CA SER J 52 54.04 3.88 27.72
C SER J 52 53.53 3.94 26.29
N GLY J 53 52.26 3.64 26.07
CA GLY J 53 51.68 3.69 24.75
C GLY J 53 51.89 5.03 24.05
N HIS J 54 51.44 6.12 24.67
CA HIS J 54 51.50 7.43 24.04
C HIS J 54 52.90 7.78 23.57
N MET J 55 53.92 7.46 24.37
CA MET J 55 55.28 7.81 23.97
C MET J 55 55.76 6.96 22.81
N LEU J 56 55.27 5.72 22.71
CA LEU J 56 55.71 4.83 21.65
C LEU J 56 54.92 5.03 20.35
N GLU J 57 53.66 5.47 20.45
CA GLU J 57 52.89 5.74 19.24
C GLU J 57 53.50 6.88 18.44
N GLY J 58 53.72 8.02 19.08
CA GLY J 58 54.28 9.17 18.38
C GLY J 58 55.68 8.92 17.85
N ALA J 59 56.49 8.18 18.62
CA ALA J 59 57.79 7.76 18.11
C ALA J 59 57.63 6.84 16.91
N LEU J 60 56.66 5.93 16.96
CA LEU J 60 56.41 5.04 15.83
C LEU J 60 55.94 5.81 14.61
N VAL J 61 54.96 6.70 14.80
CA VAL J 61 54.35 7.38 13.68
C VAL J 61 55.33 8.35 13.02
N ALA J 62 56.18 8.99 13.83
CA ALA J 62 57.17 9.91 13.27
C ALA J 62 58.12 9.18 12.32
N GLY J 63 58.41 7.91 12.59
CA GLY J 63 59.20 7.14 11.66
C GLY J 63 58.42 6.75 10.41
N LEU J 64 57.16 6.34 10.60
CA LEU J 64 56.31 6.04 9.46
C LEU J 64 56.12 7.25 8.55
N LEU J 65 56.25 8.46 9.09
CA LEU J 65 56.18 9.66 8.29
C LEU J 65 57.50 10.01 7.62
N SER J 66 58.61 9.44 8.10
CA SER J 66 59.93 9.73 7.54
C SER J 66 60.25 8.88 6.32
N ILE J 67 59.30 8.11 5.80
CA ILE J 67 59.49 7.34 4.58
C ILE J 67 58.27 7.47 3.69
N GLY J 68 57.37 8.40 4.05
CA GLY J 68 56.26 8.76 3.18
C GLY J 68 54.98 7.98 3.37
N ALA J 69 54.88 7.15 4.40
CA ALA J 69 53.69 6.33 4.57
C ALA J 69 52.51 7.18 5.03
N GLU J 70 51.31 6.73 4.69
CA GLU J 70 50.07 7.34 5.19
C GLU J 70 49.66 6.62 6.47
N VAL J 71 49.42 7.40 7.52
CA VAL J 71 49.23 6.86 8.86
C VAL J 71 47.85 7.24 9.37
N MET J 72 47.12 6.26 9.89
CA MET J 72 45.79 6.44 10.44
C MET J 72 45.81 5.94 11.89
N ARG J 73 46.02 6.86 12.84
CA ARG J 73 45.93 6.50 14.24
C ARG J 73 44.54 5.94 14.54
N LEU J 74 44.49 4.99 15.47
CA LEU J 74 43.23 4.41 15.93
C LEU J 74 42.98 4.63 17.40
N GLY J 75 43.91 5.20 18.15
CA GLY J 75 43.71 5.31 19.57
C GLY J 75 43.68 3.95 20.24
N VAL J 76 42.90 3.86 21.30
CA VAL J 76 42.79 2.63 22.07
C VAL J 76 41.86 1.67 21.36
N ILE J 77 42.33 0.45 21.09
CA ILE J 77 41.52 -0.55 20.41
C ILE J 77 42.19 -1.90 20.63
N SER J 78 41.37 -2.95 20.75
CA SER J 78 41.90 -4.29 20.95
C SER J 78 42.70 -4.73 19.73
N THR J 79 43.73 -5.55 19.98
CA THR J 79 44.51 -6.12 18.89
C THR J 79 43.65 -6.78 17.80
N PRO J 80 42.61 -7.57 18.11
CA PRO J 80 41.74 -8.03 17.02
C PRO J 80 41.12 -6.90 16.24
N GLY J 81 40.80 -5.79 16.91
CA GLY J 81 40.25 -4.64 16.23
C GLY J 81 41.19 -4.07 15.19
N VAL J 82 42.49 -4.26 15.37
CA VAL J 82 43.44 -3.83 14.35
C VAL J 82 43.46 -4.81 13.20
N SER J 83 43.55 -6.11 13.49
CA SER J 83 43.62 -7.11 12.43
CA SER J 83 43.61 -7.12 12.43
C SER J 83 42.39 -7.05 11.53
N TYR J 84 41.22 -6.76 12.10
CA TYR J 84 40.01 -6.70 11.28
C TYR J 84 40.01 -5.46 10.39
N LEU J 85 40.50 -4.33 10.92
CA LEU J 85 40.45 -3.08 10.16
C LEU J 85 41.53 -3.01 9.09
N THR J 86 42.74 -3.47 9.39
CA THR J 86 43.80 -3.48 8.40
C THR J 86 43.41 -4.28 7.17
N LYS J 87 42.73 -5.41 7.37
CA LYS J 87 42.23 -6.19 6.24
C LYS J 87 41.11 -5.46 5.52
N ALA J 88 40.08 -5.05 6.26
CA ALA J 88 38.86 -4.51 5.65
C ALA J 88 39.08 -3.19 4.95
N MET J 89 40.19 -2.51 5.20
CA MET J 89 40.50 -1.24 4.55
C MET J 89 41.53 -1.36 3.44
N ASP J 90 41.93 -2.59 3.07
CA ASP J 90 42.91 -2.79 2.02
C ASP J 90 44.22 -2.05 2.32
N ALA J 91 44.60 -2.02 3.59
CA ALA J 91 45.79 -1.30 4.01
C ALA J 91 47.01 -2.19 3.92
N GLU J 92 48.19 -1.55 3.89
CA GLU J 92 49.42 -2.30 3.70
C GLU J 92 49.83 -3.03 4.98
N ALA J 93 49.71 -2.36 6.12
CA ALA J 93 50.10 -2.97 7.39
C ALA J 93 49.30 -2.34 8.53
N GLY J 94 49.49 -2.87 9.73
CA GLY J 94 48.82 -2.40 10.92
C GLY J 94 49.60 -2.75 12.18
N VAL J 95 49.68 -1.81 13.12
CA VAL J 95 50.58 -1.91 14.25
C VAL J 95 49.77 -1.89 15.55
N MET J 96 50.22 -2.69 16.52
CA MET J 96 49.61 -2.73 17.85
C MET J 96 50.66 -2.44 18.90
N ILE J 97 50.42 -1.41 19.71
CA ILE J 97 51.29 -1.04 20.82
C ILE J 97 50.63 -1.58 22.08
N SER J 98 51.10 -2.74 22.54
CA SER J 98 50.54 -3.40 23.72
C SER J 98 51.44 -4.55 24.11
N ALA J 99 51.37 -4.91 25.40
CA ALA J 99 52.07 -6.08 25.93
C ALA J 99 51.09 -6.91 26.76
N SER J 100 50.08 -7.46 26.08
CA SER J 100 49.10 -8.41 26.60
C SER J 100 49.37 -8.95 27.99
N HIS J 101 48.50 -8.63 28.95
CA HIS J 101 48.47 -9.22 30.29
C HIS J 101 49.72 -8.98 31.14
N ASN J 102 50.83 -8.61 30.51
CA ASN J 102 52.08 -8.32 31.23
C ASN J 102 51.88 -7.10 32.15
N PRO J 103 52.77 -6.87 33.13
CA PRO J 103 52.58 -5.72 34.01
C PRO J 103 52.79 -4.39 33.30
N VAL J 104 52.29 -3.34 33.95
CA VAL J 104 52.03 -2.07 33.27
C VAL J 104 53.32 -1.45 32.72
N GLN J 105 54.46 -1.75 33.32
CA GLN J 105 55.71 -1.14 32.85
C GLN J 105 56.12 -1.69 31.49
N ASP J 106 55.70 -2.90 31.16
CA ASP J 106 56.06 -3.50 29.88
C ASP J 106 55.22 -2.92 28.75
N ASN J 107 55.77 -2.96 27.54
CA ASN J 107 55.03 -2.61 26.34
C ASN J 107 55.60 -3.41 25.18
N GLY J 108 54.91 -3.34 24.03
CA GLY J 108 55.33 -4.13 22.88
C GLY J 108 54.68 -3.77 21.57
N ILE J 109 55.47 -3.80 20.50
CA ILE J 109 55.02 -3.47 19.14
C ILE J 109 54.74 -4.77 18.40
N LYS J 110 53.61 -4.80 17.69
CA LYS J 110 53.21 -5.96 16.90
C LYS J 110 52.81 -5.51 15.50
N PHE J 111 53.14 -6.33 14.50
CA PHE J 111 52.89 -6.02 13.10
C PHE J 111 51.90 -7.00 12.50
N PHE J 112 51.03 -6.48 11.62
CA PHE J 112 50.11 -7.27 10.83
C PHE J 112 50.17 -6.82 9.37
N GLY J 113 50.20 -7.79 8.45
CA GLY J 113 50.26 -7.50 7.05
C GLY J 113 48.92 -7.04 6.49
N GLY J 114 48.88 -6.95 5.16
CA GLY J 114 47.63 -6.62 4.49
C GLY J 114 46.56 -7.66 4.69
N ASP J 115 46.93 -8.94 4.74
CA ASP J 115 45.96 -10.01 4.93
C ASP J 115 45.43 -10.08 6.36
N GLY J 116 46.07 -9.41 7.31
CA GLY J 116 45.68 -9.47 8.70
C GLY J 116 46.43 -10.49 9.52
N PHE J 117 47.56 -10.99 9.04
CA PHE J 117 48.38 -11.97 9.73
C PHE J 117 49.72 -11.36 10.13
N LYS J 118 50.42 -12.07 11.02
CA LYS J 118 51.80 -11.71 11.34
C LYS J 118 52.61 -11.57 10.06
N LEU J 119 53.48 -10.56 10.03
CA LEU J 119 54.33 -10.35 8.87
C LEU J 119 55.15 -11.60 8.58
N SER J 120 55.36 -11.87 7.29
CA SER J 120 56.15 -13.03 6.90
C SER J 120 57.58 -12.88 7.41
N ASP J 121 58.13 -13.99 7.92
CA ASP J 121 59.46 -13.99 8.51
C ASP J 121 60.52 -13.44 7.57
N GLU J 122 60.25 -13.45 6.26
CA GLU J 122 61.15 -12.81 5.31
C GLU J 122 61.22 -11.30 5.54
N GLN J 123 60.06 -10.67 5.70
CA GLN J 123 60.03 -9.23 5.95
C GLN J 123 60.70 -8.90 7.28
N GLU J 124 60.34 -9.64 8.34
CA GLU J 124 60.96 -9.41 9.65
C GLU J 124 62.48 -9.53 9.58
N ALA J 125 62.99 -10.37 8.69
CA ALA J 125 64.44 -10.44 8.48
C ALA J 125 64.97 -9.11 8.01
N GLU J 126 64.45 -8.60 6.88
CA GLU J 126 64.97 -7.36 6.31
C GLU J 126 64.82 -6.20 7.28
N ILE J 127 63.75 -6.18 8.07
CA ILE J 127 63.60 -5.15 9.09
C ILE J 127 64.78 -5.21 10.06
N GLU J 128 65.11 -6.42 10.53
CA GLU J 128 66.26 -6.59 11.41
C GLU J 128 67.58 -6.42 10.67
N ARG J 129 67.59 -6.60 9.34
CA ARG J 129 68.80 -6.35 8.58
C ARG J 129 69.17 -4.88 8.60
N LEU J 130 68.19 -3.99 8.43
CA LEU J 130 68.48 -2.57 8.38
C LEU J 130 68.75 -1.96 9.74
N MET J 131 68.31 -2.62 10.83
CA MET J 131 68.64 -2.17 12.17
C MET J 131 70.07 -2.51 12.58
N ASP J 132 70.85 -3.14 11.69
CA ASP J 132 72.22 -3.51 12.00
C ASP J 132 73.26 -2.68 11.26
N GLU J 133 72.96 -2.18 10.07
CA GLU J 133 73.84 -1.21 9.43
C GLU J 133 73.79 0.10 10.22
N PRO J 134 74.93 0.62 10.65
CA PRO J 134 74.92 1.91 11.37
C PRO J 134 74.89 3.12 10.44
N GLU J 135 74.18 3.03 9.32
CA GLU J 135 74.02 4.17 8.41
C GLU J 135 72.57 4.28 7.99
N ASP J 136 71.97 5.44 8.21
CA ASP J 136 70.59 5.71 7.81
C ASP J 136 70.58 6.25 6.39
N LYS J 137 70.86 5.36 5.44
CA LYS J 137 70.94 5.69 4.02
C LYS J 137 69.61 5.51 3.30
N LEU J 138 68.52 5.30 4.02
CA LEU J 138 67.20 5.18 3.43
C LEU J 138 66.72 6.54 2.92
N PRO J 139 65.74 6.56 2.01
CA PRO J 139 65.25 7.84 1.49
C PRO J 139 64.66 8.69 2.60
N ARG J 140 64.81 10.01 2.43
CA ARG J 140 64.26 11.00 3.36
C ARG J 140 63.40 11.96 2.56
N PRO J 141 62.17 11.57 2.22
CA PRO J 141 61.30 12.45 1.44
C PRO J 141 61.10 13.78 2.14
N VAL J 142 60.80 14.79 1.34
CA VAL J 142 60.78 16.17 1.82
C VAL J 142 59.61 16.91 1.20
N GLY J 143 59.08 17.87 1.94
CA GLY J 143 57.98 18.68 1.47
C GLY J 143 56.69 17.91 1.28
N ALA J 144 56.24 17.80 0.03
CA ALA J 144 54.99 17.10 -0.26
C ALA J 144 55.15 15.59 -0.36
N ASP J 145 56.39 15.10 -0.50
CA ASP J 145 56.66 13.67 -0.46
C ASP J 145 56.64 13.12 0.95
N LEU J 146 56.51 13.98 1.95
CA LEU J 146 56.48 13.52 3.32
C LEU J 146 55.25 12.65 3.56
N GLY J 147 55.27 11.90 4.65
CA GLY J 147 54.11 11.12 5.04
C GLY J 147 52.94 11.99 5.45
N LEU J 148 51.77 11.35 5.55
CA LEU J 148 50.52 12.00 5.88
C LEU J 148 49.91 11.32 7.10
N VAL J 149 49.12 12.08 7.86
CA VAL J 149 48.33 11.52 8.95
C VAL J 149 46.90 12.05 8.84
N ASN J 150 45.94 11.14 8.82
CA ASN J 150 44.53 11.46 9.00
C ASN J 150 43.97 10.47 10.02
N ASP J 151 43.50 10.98 11.14
CA ASP J 151 43.10 10.12 12.25
C ASP J 151 41.83 9.35 11.91
N TYR J 152 41.69 8.18 12.51
CA TYR J 152 40.52 7.34 12.33
C TYR J 152 40.14 6.72 13.69
N PHE J 153 39.85 7.58 14.67
CA PHE J 153 39.42 7.10 15.98
C PHE J 153 38.05 6.45 15.94
N GLU J 154 37.25 6.76 14.93
CA GLU J 154 35.94 6.15 14.79
C GLU J 154 36.04 4.65 14.52
N GLY J 155 37.20 4.16 14.09
CA GLY J 155 37.32 2.76 13.73
C GLY J 155 36.85 1.80 14.81
N GLY J 156 36.82 2.26 16.07
CA GLY J 156 36.43 1.40 17.16
C GLY J 156 35.04 0.82 17.00
N GLN J 157 34.14 1.55 16.34
CA GLN J 157 32.81 1.05 16.09
C GLN J 157 32.69 0.31 14.77
N LYS J 158 33.60 0.54 13.82
CA LYS J 158 33.69 -0.32 12.64
C LYS J 158 33.85 -1.77 13.04
N TYR J 159 34.89 -2.07 13.83
CA TYR J 159 35.07 -3.40 14.39
C TYR J 159 33.93 -3.77 15.32
N LEU J 160 33.42 -2.81 16.09
CA LEU J 160 32.23 -3.06 16.89
C LEU J 160 31.05 -3.44 16.00
N GLN J 161 30.86 -2.72 14.90
CA GLN J 161 29.81 -3.07 13.95
C GLN J 161 29.98 -4.49 13.43
N PHE J 162 31.23 -4.94 13.29
CA PHE J 162 31.47 -6.27 12.77
C PHE J 162 31.19 -7.35 13.82
N LEU J 163 31.42 -7.04 15.09
CA LEU J 163 31.10 -7.99 16.15
C LEU J 163 29.59 -8.14 16.29
N LYS J 164 28.84 -7.07 16.07
CA LYS J 164 27.42 -7.06 16.37
C LYS J 164 26.66 -8.03 15.46
N GLN J 165 26.94 -7.99 14.16
CA GLN J 165 26.23 -8.86 13.23
C GLN J 165 26.59 -10.34 13.42
N THR J 166 27.65 -10.63 14.18
CA THR J 166 28.01 -12.00 14.49
C THR J 166 27.16 -12.61 15.60
N ALA J 167 26.38 -11.79 16.29
CA ALA J 167 25.44 -12.31 17.28
C ALA J 167 24.20 -12.83 16.57
N ASP J 168 23.84 -14.09 16.86
CA ASP J 168 22.70 -14.70 16.20
C ASP J 168 21.39 -14.00 16.54
N GLU J 169 21.37 -13.20 17.61
CA GLU J 169 20.22 -12.43 18.06
C GLU J 169 20.66 -11.66 19.29
N ASP J 170 19.85 -10.67 19.70
CA ASP J 170 20.20 -9.89 20.87
C ASP J 170 20.08 -10.74 22.14
N PHE J 171 20.98 -10.51 23.08
CA PHE J 171 21.07 -11.31 24.29
C PHE J 171 20.12 -10.80 25.37
N THR J 172 18.84 -10.69 25.02
CA THR J 172 17.87 -10.12 25.94
C THR J 172 17.71 -11.01 27.18
N GLY J 173 17.77 -10.39 28.35
CA GLY J 173 17.56 -11.11 29.59
C GLY J 173 18.70 -12.01 30.00
N ILE J 174 19.95 -11.56 29.84
CA ILE J 174 21.11 -12.29 30.30
C ILE J 174 22.02 -11.31 31.03
N HIS J 175 22.39 -11.66 32.27
CA HIS J 175 23.19 -10.80 33.13
C HIS J 175 24.65 -11.21 33.02
N VAL J 176 25.47 -10.35 32.41
CA VAL J 176 26.87 -10.66 32.14
C VAL J 176 27.75 -9.68 32.90
N ALA J 177 28.72 -10.21 33.62
CA ALA J 177 29.73 -9.39 34.28
C ALA J 177 30.92 -9.23 33.35
N LEU J 178 31.46 -8.02 33.30
CA LEU J 178 32.60 -7.70 32.44
C LEU J 178 33.81 -7.33 33.28
N ASP J 179 34.94 -7.94 32.97
CA ASP J 179 36.23 -7.60 33.57
C ASP J 179 37.18 -7.34 32.41
N CYS J 180 37.41 -6.06 32.10
CA CYS J 180 38.15 -5.67 30.90
C CYS J 180 39.60 -5.32 31.18
N ALA J 181 40.16 -5.82 32.29
CA ALA J 181 41.59 -5.72 32.58
C ALA J 181 42.12 -4.29 32.48
N ASN J 182 41.23 -3.30 32.51
CA ASN J 182 41.60 -1.90 32.29
C ASN J 182 42.40 -1.73 31.00
N GLY J 183 42.12 -2.57 30.01
CA GLY J 183 42.79 -2.56 28.73
C GLY J 183 41.96 -1.89 27.67
N ALA J 184 42.18 -2.29 26.42
CA ALA J 184 41.48 -1.67 25.31
C ALA J 184 40.01 -2.05 25.26
N THR J 185 39.67 -3.22 25.82
CA THR J 185 38.28 -3.68 25.83
C THR J 185 37.38 -2.90 26.77
N SER J 186 37.89 -1.85 27.44
CA SER J 186 37.06 -1.10 28.38
C SER J 186 35.95 -0.36 27.65
N SER J 187 36.32 0.63 26.82
CA SER J 187 35.33 1.41 26.10
C SER J 187 34.54 0.57 25.10
N LEU J 188 35.10 -0.55 24.65
CA LEU J 188 34.51 -1.30 23.55
C LEU J 188 33.54 -2.38 24.02
N ALA J 189 33.95 -3.20 25.00
CA ALA J 189 33.10 -4.31 25.43
C ALA J 189 31.80 -3.81 26.04
N THR J 190 31.83 -2.65 26.71
CA THR J 190 30.63 -2.15 27.36
C THR J 190 29.61 -1.62 26.36
N HIS J 191 30.08 -1.03 25.25
CA HIS J 191 29.17 -0.69 24.17
C HIS J 191 28.53 -1.92 23.57
N LEU J 192 29.31 -2.98 23.40
CA LEU J 192 28.86 -4.16 22.66
C LEU J 192 27.71 -4.87 23.36
N PHE J 193 27.96 -5.34 24.59
CA PHE J 193 26.95 -6.11 25.29
C PHE J 193 25.76 -5.26 25.73
N ALA J 194 25.92 -3.93 25.78
CA ALA J 194 24.78 -3.06 26.03
C ALA J 194 23.97 -2.83 24.76
N ASP J 195 24.64 -2.71 23.61
CA ASP J 195 23.94 -2.57 22.33
C ASP J 195 23.32 -3.87 21.86
N LEU J 196 23.49 -4.96 22.62
CA LEU J 196 22.84 -6.23 22.32
C LEU J 196 21.81 -6.60 23.37
N ASP J 197 21.37 -5.61 24.17
CA ASP J 197 20.29 -5.77 25.15
C ASP J 197 20.62 -6.84 26.19
N ALA J 198 21.84 -6.79 26.70
CA ALA J 198 22.28 -7.65 27.79
C ALA J 198 22.54 -6.81 29.03
N ASP J 199 22.09 -7.31 30.18
CA ASP J 199 22.32 -6.62 31.45
C ASP J 199 23.79 -6.77 31.84
N VAL J 200 24.55 -5.69 31.76
CA VAL J 200 25.99 -5.74 31.97
C VAL J 200 26.32 -5.15 33.34
N SER J 201 27.33 -5.74 34.00
CA SER J 201 27.88 -5.23 35.24
C SER J 201 29.39 -5.15 35.07
N THR J 202 29.95 -3.98 35.38
CA THR J 202 31.30 -3.64 34.96
C THR J 202 32.25 -3.52 36.14
N MET J 203 33.48 -3.95 35.91
CA MET J 203 34.60 -3.81 36.83
C MET J 203 35.86 -4.01 36.02
N GLY J 204 36.92 -3.28 36.36
CA GLY J 204 38.05 -3.23 35.46
C GLY J 204 37.74 -2.53 34.16
N THR J 205 36.69 -1.70 34.15
CA THR J 205 36.33 -0.87 33.01
C THR J 205 36.71 0.58 33.24
N SER J 206 37.72 0.81 34.08
CA SER J 206 38.12 2.14 34.51
C SER J 206 39.64 2.26 34.41
N PRO J 207 40.17 2.35 33.19
CA PRO J 207 41.62 2.36 33.02
C PRO J 207 42.23 3.74 33.20
N ASN J 208 43.46 3.73 33.72
CA ASN J 208 44.19 4.98 33.99
C ASN J 208 45.67 4.87 33.63
N GLY J 209 46.01 4.00 32.67
CA GLY J 209 47.36 3.95 32.13
C GLY J 209 48.36 3.27 33.04
N LEU J 210 48.03 3.15 34.33
CA LEU J 210 48.88 2.49 35.29
C LEU J 210 48.30 1.18 35.80
N ASN J 211 46.98 1.01 35.70
CA ASN J 211 46.27 -0.09 36.34
C ASN J 211 45.93 -1.23 35.38
N ILE J 212 46.68 -1.37 34.30
CA ILE J 212 46.41 -2.43 33.34
C ILE J 212 46.86 -3.77 33.94
N ASN J 213 45.97 -4.75 33.89
CA ASN J 213 46.22 -6.08 34.45
C ASN J 213 46.69 -6.00 35.91
N ASP J 214 46.09 -5.10 36.66
CA ASP J 214 46.39 -4.92 38.08
C ASP J 214 45.32 -5.67 38.89
N GLY J 215 45.53 -6.97 39.06
CA GLY J 215 44.58 -7.81 39.76
C GLY J 215 43.33 -8.14 38.98
N VAL J 216 43.30 -7.83 37.68
CA VAL J 216 42.15 -8.07 36.82
C VAL J 216 42.63 -8.65 35.50
N GLY J 217 41.68 -9.09 34.69
CA GLY J 217 42.00 -9.66 33.40
C GLY J 217 42.06 -11.18 33.42
N SER J 218 42.16 -11.75 32.22
CA SER J 218 42.09 -13.20 32.05
C SER J 218 43.15 -13.91 32.89
N THR J 219 44.29 -13.27 33.14
CA THR J 219 45.33 -13.87 33.96
C THR J 219 45.04 -13.79 35.45
N HIS J 220 44.15 -12.88 35.87
CA HIS J 220 43.80 -12.69 37.28
C HIS J 220 42.28 -12.74 37.42
N PRO J 221 41.68 -13.92 37.28
CA PRO J 221 40.21 -14.02 37.26
C PRO J 221 39.53 -14.09 38.61
N GLU J 222 40.26 -14.21 39.73
CA GLU J 222 39.62 -14.31 41.03
C GLU J 222 38.88 -13.04 41.42
N ALA J 223 39.28 -11.89 40.87
CA ALA J 223 38.52 -10.67 41.11
C ALA J 223 37.14 -10.76 40.47
N LEU J 224 37.06 -11.30 39.25
CA LEU J 224 35.77 -11.47 38.60
C LEU J 224 34.96 -12.61 39.22
N SER J 225 35.64 -13.65 39.72
CA SER J 225 34.94 -14.78 40.31
C SER J 225 34.01 -14.34 41.44
N ALA J 226 34.52 -13.51 42.35
CA ALA J 226 33.69 -13.04 43.46
C ALA J 226 32.63 -12.05 42.99
N PHE J 227 32.99 -11.17 42.05
CA PHE J 227 32.04 -10.17 41.58
C PHE J 227 30.84 -10.83 40.92
N VAL J 228 31.05 -11.96 40.24
CA VAL J 228 29.95 -12.69 39.62
C VAL J 228 28.93 -13.10 40.68
N LYS J 229 29.40 -13.73 41.76
CA LYS J 229 28.48 -14.16 42.81
C LYS J 229 27.87 -12.97 43.55
N GLU J 230 28.65 -11.89 43.71
CA GLU J 230 28.16 -10.71 44.40
C GLU J 230 26.91 -10.16 43.69
N LYS J 231 27.07 -9.71 42.46
CA LYS J 231 25.93 -9.26 41.67
C LYS J 231 25.10 -10.41 41.12
N ASN J 232 25.41 -11.65 41.50
CA ASN J 232 24.69 -12.86 41.08
C ASN J 232 24.36 -12.84 39.59
N ALA J 233 25.37 -12.60 38.78
CA ALA J 233 25.19 -12.54 37.33
C ALA J 233 25.23 -13.94 36.73
N ASP J 234 24.73 -14.04 35.49
CA ASP J 234 24.74 -15.32 34.80
C ASP J 234 26.16 -15.78 34.49
N LEU J 235 27.00 -14.87 34.01
CA LEU J 235 28.39 -15.23 33.70
C LEU J 235 29.24 -13.96 33.70
N GLY J 236 30.51 -14.15 34.02
CA GLY J 236 31.50 -13.10 33.87
C GLY J 236 32.40 -13.40 32.68
N LEU J 237 32.84 -12.34 32.02
CA LEU J 237 33.73 -12.45 30.87
C LEU J 237 35.01 -11.66 31.15
N ALA J 238 36.13 -12.37 31.25
CA ALA J 238 37.40 -11.79 31.63
C ALA J 238 38.26 -11.60 30.39
N PHE J 239 38.29 -10.37 29.88
CA PHE J 239 39.22 -9.99 28.82
C PHE J 239 40.55 -9.56 29.44
N ASP J 240 41.60 -9.68 28.63
CA ASP J 240 42.92 -9.28 29.07
C ASP J 240 43.29 -7.92 28.47
N GLY J 241 44.57 -7.55 28.60
CA GLY J 241 44.97 -6.17 28.33
C GLY J 241 44.73 -5.75 26.89
N ASP J 242 45.07 -6.61 25.94
CA ASP J 242 44.92 -6.31 24.54
C ASP J 242 43.68 -6.96 23.93
N GLY J 243 42.86 -7.63 24.76
CA GLY J 243 41.58 -8.13 24.30
C GLY J 243 41.64 -9.30 23.34
N ASP J 244 42.69 -10.11 23.41
CA ASP J 244 42.81 -11.26 22.52
C ASP J 244 42.46 -12.58 23.19
N ARG J 245 42.39 -12.62 24.52
CA ARG J 245 42.03 -13.81 25.26
C ARG J 245 40.70 -13.60 25.97
N LEU J 246 40.09 -14.71 26.37
CA LEU J 246 38.84 -14.65 27.12
C LEU J 246 38.80 -15.81 28.10
N ILE J 247 38.67 -15.49 29.38
CA ILE J 247 38.45 -16.48 30.43
C ILE J 247 37.04 -16.26 30.97
N ALA J 248 36.25 -17.33 30.98
CA ALA J 248 34.86 -17.24 31.39
C ALA J 248 34.70 -17.68 32.84
N VAL J 249 33.73 -17.05 33.53
CA VAL J 249 33.36 -17.39 34.90
C VAL J 249 31.87 -17.67 34.90
N ASP J 250 31.49 -18.85 35.39
CA ASP J 250 30.09 -19.26 35.38
C ASP J 250 29.36 -18.66 36.58
N GLU J 251 28.05 -18.92 36.64
CA GLU J 251 27.22 -18.39 37.73
C GLU J 251 27.66 -18.91 39.08
N LYS J 252 28.30 -20.08 39.12
CA LYS J 252 28.75 -20.66 40.37
C LYS J 252 29.99 -19.98 40.93
N GLY J 253 30.77 -19.31 40.07
CA GLY J 253 31.98 -18.65 40.48
C GLY J 253 33.25 -19.34 40.02
N ASN J 254 33.15 -20.55 39.47
CA ASN J 254 34.32 -21.27 38.98
C ASN J 254 34.94 -20.56 37.79
N ILE J 255 35.96 -21.18 37.19
CA ILE J 255 36.68 -20.60 36.08
C ILE J 255 36.49 -21.49 34.86
N VAL J 256 36.11 -20.89 33.74
CA VAL J 256 35.93 -21.61 32.49
C VAL J 256 37.07 -21.26 31.55
N ASP J 257 38.13 -22.07 31.56
CA ASP J 257 39.34 -21.77 30.82
C ASP J 257 39.11 -21.95 29.32
N GLY J 258 40.20 -21.76 28.56
CA GLY J 258 40.10 -21.78 27.11
C GLY J 258 39.68 -23.12 26.54
N ASP J 259 40.02 -24.21 27.21
CA ASP J 259 39.60 -25.53 26.74
C ASP J 259 38.10 -25.70 26.85
N GLN J 260 37.53 -25.34 28.00
CA GLN J 260 36.08 -25.46 28.19
C GLN J 260 35.33 -24.50 27.27
N ILE J 261 35.87 -23.30 27.07
CA ILE J 261 35.27 -22.36 26.12
C ILE J 261 35.36 -22.93 24.71
N MET J 262 36.47 -23.58 24.37
CA MET J 262 36.61 -24.18 23.06
C MET J 262 35.59 -25.29 22.85
N TYR J 263 35.32 -26.09 23.88
CA TYR J 263 34.37 -27.18 23.76
C TYR J 263 32.95 -26.67 23.57
N ILE J 264 32.50 -25.78 24.46
CA ILE J 264 31.13 -25.28 24.43
C ILE J 264 30.80 -24.73 23.05
N CYS J 265 31.67 -23.90 22.51
CA CYS J 265 31.38 -23.21 21.26
C CYS J 265 31.48 -24.16 20.06
N SER J 266 32.60 -24.89 19.95
CA SER J 266 32.75 -25.83 18.84
C SER J 266 31.66 -26.89 18.86
N LYS J 267 31.15 -27.23 20.05
CA LYS J 267 29.98 -28.10 20.13
C LYS J 267 28.75 -27.40 19.58
N HIS J 268 28.55 -26.13 19.94
CA HIS J 268 27.40 -25.39 19.42
C HIS J 268 27.54 -25.11 17.94
N LEU J 269 28.76 -24.96 17.44
CA LEU J 269 28.95 -24.68 16.02
C LEU J 269 28.76 -25.92 15.17
N LYS J 270 29.11 -27.11 15.68
CA LYS J 270 28.78 -28.33 14.98
C LYS J 270 27.27 -28.47 14.82
N SER J 271 26.52 -28.12 15.86
CA SER J 271 25.06 -28.16 15.78
C SER J 271 24.51 -27.22 14.72
N GLU J 272 25.29 -26.22 14.32
CA GLU J 272 24.90 -25.31 13.25
C GLU J 272 25.55 -25.66 11.92
N GLY J 273 26.35 -26.72 11.88
CA GLY J 273 27.00 -27.09 10.64
C GLY J 273 28.02 -26.07 10.16
N ARG J 274 28.39 -25.13 11.01
CA ARG J 274 29.38 -24.12 10.66
C ARG J 274 30.81 -24.59 10.90
N LEU J 275 30.99 -25.60 11.76
CA LEU J 275 32.32 -26.12 12.09
C LEU J 275 32.86 -26.90 10.89
N LYS J 276 33.86 -26.35 10.21
CA LYS J 276 34.35 -26.93 8.97
C LYS J 276 34.95 -28.31 9.20
N ASP J 277 34.44 -29.30 8.46
CA ASP J 277 34.87 -30.70 8.55
C ASP J 277 34.74 -31.26 9.97
N ASP J 278 34.02 -30.54 10.84
CA ASP J 278 33.84 -30.93 12.24
C ASP J 278 35.17 -31.25 12.92
N THR J 279 36.10 -30.29 12.83
CA THR J 279 37.42 -30.43 13.41
C THR J 279 37.76 -29.16 14.18
N VAL J 280 38.58 -29.33 15.22
CA VAL J 280 39.10 -28.22 16.01
C VAL J 280 40.61 -28.38 16.14
N VAL J 281 41.33 -27.28 15.96
CA VAL J 281 42.79 -27.24 16.10
C VAL J 281 43.12 -26.80 17.51
N SER J 282 44.08 -27.47 18.14
CA SER J 282 44.43 -27.21 19.53
C SER J 282 45.92 -27.44 19.73
N THR J 283 46.38 -27.15 20.94
CA THR J 283 47.78 -27.24 21.30
C THR J 283 48.03 -28.44 22.20
N VAL J 284 49.31 -28.63 22.53
CA VAL J 284 49.70 -29.71 23.44
C VAL J 284 49.21 -29.41 24.86
N MET J 285 49.22 -28.13 25.25
CA MET J 285 48.86 -27.71 26.60
C MET J 285 47.42 -28.01 26.98
N SER J 286 46.61 -28.52 26.05
CA SER J 286 45.19 -28.74 26.34
C SER J 286 45.00 -29.97 27.21
N ASN J 287 44.12 -29.85 28.20
CA ASN J 287 43.80 -30.90 29.16
C ASN J 287 43.43 -32.21 28.45
N LEU J 288 43.54 -33.34 29.15
CA LEU J 288 43.23 -34.62 28.52
C LEU J 288 41.73 -34.75 28.25
N GLY J 289 40.91 -34.49 29.27
CA GLY J 289 39.48 -34.64 29.15
C GLY J 289 38.87 -33.82 28.03
N PHE J 290 39.59 -32.77 27.59
CA PHE J 290 39.16 -32.00 26.43
C PHE J 290 39.09 -32.87 25.19
N TYR J 291 40.09 -33.75 24.99
CA TYR J 291 40.06 -34.66 23.85
C TYR J 291 39.00 -35.74 24.02
N LYS J 292 38.82 -36.23 25.24
CA LYS J 292 37.82 -37.27 25.48
C LYS J 292 36.42 -36.75 25.16
N ALA J 293 36.05 -35.60 25.72
CA ALA J 293 34.75 -35.02 25.42
C ALA J 293 34.61 -34.59 23.97
N LEU J 294 35.74 -34.44 23.26
CA LEU J 294 35.67 -34.12 21.83
C LEU J 294 35.19 -35.32 21.03
N GLU J 295 35.74 -36.51 21.33
CA GLU J 295 35.32 -37.72 20.63
C GLU J 295 33.89 -38.11 21.03
N LYS J 296 33.51 -37.86 22.29
CA LYS J 296 32.16 -38.16 22.74
C LYS J 296 31.11 -37.45 21.88
N GLU J 297 31.46 -36.33 21.26
CA GLU J 297 30.55 -35.57 20.42
C GLU J 297 30.83 -35.76 18.94
N GLY J 298 31.76 -36.62 18.57
CA GLY J 298 32.09 -36.85 17.17
C GLY J 298 32.82 -35.69 16.52
N ILE J 299 33.84 -35.15 17.19
CA ILE J 299 34.62 -34.04 16.67
C ILE J 299 36.08 -34.46 16.63
N LYS J 300 36.64 -34.52 15.42
CA LYS J 300 38.06 -34.77 15.24
C LYS J 300 38.87 -33.60 15.81
N SER J 301 40.17 -33.83 15.99
CA SER J 301 41.02 -32.81 16.60
C SER J 301 42.43 -32.91 16.03
N VAL J 302 42.95 -31.77 15.57
CA VAL J 302 44.36 -31.64 15.20
C VAL J 302 45.07 -30.92 16.34
N GLN J 303 46.18 -31.50 16.79
CA GLN J 303 47.04 -30.87 17.78
C GLN J 303 48.27 -30.31 17.10
N THR J 304 48.74 -29.15 17.59
CA THR J 304 49.90 -28.50 17.00
C THR J 304 50.83 -28.05 18.12
N ALA J 305 51.86 -27.30 17.75
CA ALA J 305 52.80 -26.76 18.72
C ALA J 305 52.16 -25.62 19.52
N VAL J 306 52.69 -25.41 20.73
CA VAL J 306 52.24 -24.26 21.52
C VAL J 306 52.59 -22.98 20.76
N GLY J 307 51.94 -21.90 21.16
CA GLY J 307 52.04 -20.67 20.40
C GLY J 307 51.05 -20.67 19.25
N ASP J 308 50.34 -19.56 19.08
CA ASP J 308 49.23 -19.50 18.13
C ASP J 308 49.66 -19.35 16.68
N ARG J 309 50.93 -19.00 16.42
CA ARG J 309 51.38 -19.00 15.03
C ARG J 309 51.39 -20.39 14.44
N TYR J 310 51.37 -21.43 15.28
CA TYR J 310 51.19 -22.80 14.84
C TYR J 310 49.73 -23.25 14.83
N VAL J 311 48.87 -22.62 15.65
CA VAL J 311 47.45 -22.91 15.56
C VAL J 311 46.84 -22.24 14.34
N VAL J 312 47.36 -21.08 13.96
CA VAL J 312 46.89 -20.44 12.73
C VAL J 312 47.58 -21.06 11.51
N GLU J 313 48.82 -21.55 11.68
CA GLU J 313 49.50 -22.25 10.60
C GLU J 313 48.72 -23.48 10.17
N ALA J 314 48.14 -24.21 11.13
CA ALA J 314 47.40 -25.41 10.81
C ALA J 314 46.03 -25.09 10.21
N MET J 315 45.35 -24.10 10.76
CA MET J 315 44.04 -23.72 10.24
C MET J 315 44.12 -23.08 8.86
N LYS J 316 45.32 -22.65 8.46
CA LYS J 316 45.54 -22.15 7.10
C LYS J 316 45.47 -23.27 6.08
N LYS J 317 46.47 -24.18 6.12
CA LYS J 317 46.64 -25.15 5.04
C LYS J 317 45.45 -26.08 4.89
N ASP J 318 44.79 -26.43 5.99
CA ASP J 318 43.70 -27.40 5.95
C ASP J 318 42.32 -26.75 5.86
N GLY J 319 42.25 -25.42 5.81
CA GLY J 319 40.98 -24.73 5.77
C GLY J 319 40.07 -25.09 6.93
N TYR J 320 40.59 -24.97 8.14
CA TYR J 320 39.85 -25.35 9.34
C TYR J 320 39.23 -24.11 9.97
N ASN J 321 38.14 -24.33 10.71
CA ASN J 321 37.32 -23.20 11.12
C ASN J 321 37.69 -22.66 12.50
N VAL J 322 37.92 -23.53 13.48
CA VAL J 322 38.04 -23.11 14.87
C VAL J 322 39.33 -23.64 15.46
N GLY J 323 40.02 -22.78 16.22
CA GLY J 323 41.21 -23.19 16.94
C GLY J 323 41.43 -22.30 18.15
N GLY J 324 42.30 -22.77 19.04
CA GLY J 324 42.58 -22.00 20.24
C GLY J 324 43.58 -22.70 21.14
N GLU J 325 43.78 -22.10 22.31
CA GLU J 325 44.66 -22.63 23.35
C GLU J 325 43.89 -22.70 24.68
N GLN J 326 44.58 -23.20 25.71
CA GLN J 326 44.07 -23.13 27.07
C GLN J 326 44.16 -21.72 27.65
N SER J 327 44.85 -20.81 26.94
CA SER J 327 45.01 -19.43 27.41
C SER J 327 43.74 -18.62 27.30
N GLY J 328 42.72 -19.13 26.62
CA GLY J 328 41.59 -18.32 26.20
C GLY J 328 41.80 -17.67 24.84
N HIS J 329 42.94 -17.91 24.21
CA HIS J 329 43.26 -17.38 22.88
C HIS J 329 42.58 -18.27 21.84
N LEU J 330 41.43 -17.83 21.35
CA LEU J 330 40.59 -18.63 20.46
C LEU J 330 40.42 -17.92 19.13
N ILE J 331 40.64 -18.65 18.04
CA ILE J 331 40.57 -18.10 16.69
C ILE J 331 39.38 -18.69 15.96
N PHE J 332 38.59 -17.83 15.32
CA PHE J 332 37.48 -18.23 14.47
C PHE J 332 37.79 -17.73 13.07
N LEU J 333 38.50 -18.55 12.29
CA LEU J 333 38.96 -18.12 10.97
C LEU J 333 37.83 -17.79 10.02
N ASP J 334 36.58 -18.13 10.37
CA ASP J 334 35.45 -17.62 9.61
C ASP J 334 35.41 -16.10 9.63
N TYR J 335 35.64 -15.50 10.81
CA TYR J 335 35.36 -14.08 11.00
C TYR J 335 36.62 -13.24 11.09
N ASN J 336 37.56 -13.58 11.97
CA ASN J 336 38.77 -12.79 12.14
C ASN J 336 39.99 -13.69 12.01
N THR J 337 41.12 -13.06 11.73
CA THR J 337 42.36 -13.76 11.43
C THR J 337 43.22 -14.03 12.65
N THR J 338 42.88 -13.45 13.81
CA THR J 338 43.61 -13.70 15.04
C THR J 338 42.63 -14.07 16.14
N GLY J 339 43.17 -14.39 17.31
CA GLY J 339 42.32 -14.61 18.48
C GLY J 339 41.65 -13.32 18.90
N ASP J 340 40.37 -13.42 19.27
CA ASP J 340 39.55 -12.27 19.63
C ASP J 340 38.79 -12.57 20.91
N GLY J 341 38.90 -11.66 21.88
CA GLY J 341 38.24 -11.88 23.16
C GLY J 341 36.75 -11.63 23.10
N LEU J 342 36.32 -10.58 22.40
CA LEU J 342 34.89 -10.27 22.32
C LEU J 342 34.16 -11.23 21.38
N LEU J 343 34.76 -11.53 20.22
CA LEU J 343 34.14 -12.47 19.29
C LEU J 343 34.00 -13.86 19.90
N SER J 344 34.98 -14.26 20.73
CA SER J 344 34.81 -15.49 21.50
C SER J 344 33.72 -15.34 22.55
N ALA J 345 33.65 -14.18 23.21
CA ALA J 345 32.57 -13.93 24.16
C ALA J 345 31.21 -14.01 23.46
N ILE J 346 31.11 -13.47 22.24
CA ILE J 346 29.84 -13.47 21.53
C ILE J 346 29.44 -14.89 21.14
N MET J 347 30.41 -15.73 20.77
CA MET J 347 30.11 -17.12 20.47
C MET J 347 29.63 -17.86 21.71
N LEU J 348 30.21 -17.53 22.86
CA LEU J 348 29.77 -18.15 24.12
C LEU J 348 28.34 -17.74 24.46
N MET J 349 28.00 -16.46 24.23
CA MET J 349 26.64 -16.01 24.44
C MET J 349 25.69 -16.55 23.39
N ASN J 350 26.19 -16.76 22.17
CA ASN J 350 25.41 -17.45 21.14
C ASN J 350 24.99 -18.84 21.61
N THR J 351 25.85 -19.51 22.37
CA THR J 351 25.55 -20.83 22.88
C THR J 351 24.66 -20.76 24.12
N LEU J 352 24.87 -19.76 24.97
CA LEU J 352 24.05 -19.66 26.18
C LEU J 352 22.59 -19.38 25.85
N LYS J 353 22.33 -18.50 24.89
CA LYS J 353 20.96 -18.14 24.57
C LYS J 353 20.26 -19.22 23.75
N ALA J 354 20.94 -19.75 22.73
CA ALA J 354 20.30 -20.74 21.86
C ALA J 354 19.93 -22.00 22.63
N THR J 355 20.78 -22.43 23.57
CA THR J 355 20.53 -23.63 24.35
C THR J 355 19.88 -23.35 25.69
N GLY J 356 19.82 -22.10 26.13
CA GLY J 356 19.12 -21.74 27.35
C GLY J 356 19.70 -22.34 28.61
N LYS J 357 20.82 -23.04 28.50
CA LYS J 357 21.45 -23.66 29.64
C LYS J 357 22.34 -22.66 30.37
N PRO J 358 22.67 -22.92 31.63
CA PRO J 358 23.63 -22.07 32.34
C PRO J 358 25.07 -22.45 32.00
N LEU J 359 25.98 -21.49 32.20
CA LEU J 359 27.37 -21.70 31.84
C LEU J 359 28.01 -22.82 32.64
N SER J 360 27.60 -23.00 33.90
CA SER J 360 28.12 -24.12 34.69
C SER J 360 27.72 -25.45 34.06
N GLU J 361 26.50 -25.52 33.53
CA GLU J 361 26.00 -26.76 32.96
C GLU J 361 26.69 -27.09 31.64
N LEU J 362 26.84 -26.08 30.78
CA LEU J 362 27.53 -26.29 29.50
C LEU J 362 28.97 -26.73 29.73
N ALA J 363 29.66 -26.13 30.71
CA ALA J 363 31.03 -26.48 31.02
C ALA J 363 31.17 -27.86 31.65
N ALA J 364 30.06 -28.46 32.10
CA ALA J 364 30.14 -29.74 32.79
C ALA J 364 30.36 -30.91 31.83
N GLU J 365 29.89 -30.79 30.58
CA GLU J 365 30.05 -31.90 29.63
C GLU J 365 31.50 -32.29 29.45
N MET J 366 32.42 -31.33 29.51
CA MET J 366 33.84 -31.60 29.48
C MET J 366 34.36 -31.77 30.91
N GLN J 367 35.02 -32.90 31.16
CA GLN J 367 35.54 -33.24 32.49
C GLN J 367 37.06 -33.13 32.47
N LYS J 368 37.61 -32.19 33.24
CA LYS J 368 39.05 -32.03 33.31
C LYS J 368 39.69 -33.19 34.07
N PHE J 369 40.86 -33.60 33.62
CA PHE J 369 41.59 -34.69 34.28
C PHE J 369 42.47 -34.16 35.41
N GLU K 1 28.51 32.25 -4.10
CA GLU K 1 27.91 33.10 -3.08
C GLU K 1 27.69 32.27 -1.84
N ALA K 2 26.42 31.93 -1.57
CA ALA K 2 26.13 30.95 -0.55
C ALA K 2 26.41 29.52 -1.02
N GLN K 3 26.91 29.36 -2.25
CA GLN K 3 27.14 28.04 -2.82
C GLN K 3 28.54 27.51 -2.54
N GLN K 4 29.54 28.37 -2.40
CA GLN K 4 30.90 27.88 -2.18
C GLN K 4 31.02 27.18 -0.84
N LYS K 5 30.46 27.77 0.21
CA LYS K 5 30.13 26.98 1.39
C LYS K 5 28.89 26.15 1.09
N THR K 6 28.81 24.98 1.73
CA THR K 6 27.86 23.88 1.52
C THR K 6 28.41 22.90 0.48
N ILE K 7 29.08 23.41 -0.56
CA ILE K 7 29.83 22.51 -1.43
C ILE K 7 31.17 22.17 -0.79
N GLU K 8 31.91 23.19 -0.33
CA GLU K 8 33.12 22.92 0.44
C GLU K 8 32.82 22.07 1.66
N ALA K 9 31.62 22.22 2.23
CA ALA K 9 31.21 21.36 3.34
C ALA K 9 31.06 19.91 2.89
N ILE K 10 30.35 19.70 1.77
CA ILE K 10 30.06 18.34 1.32
C ILE K 10 31.34 17.64 0.84
N THR K 11 32.14 18.33 0.04
CA THR K 11 33.34 17.70 -0.51
C THR K 11 34.28 17.24 0.60
N LYS K 12 34.44 18.05 1.65
CA LYS K 12 35.29 17.64 2.77
C LYS K 12 34.72 16.44 3.50
N ALA K 13 33.39 16.32 3.55
CA ALA K 13 32.76 15.20 4.25
C ALA K 13 32.96 13.88 3.50
N ILE K 14 32.64 13.86 2.21
CA ILE K 14 32.76 12.63 1.43
C ILE K 14 34.22 12.15 1.44
N ASN K 15 35.16 13.06 1.19
CA ASN K 15 36.57 12.69 1.19
C ASN K 15 37.02 12.15 2.55
N TYR K 16 36.38 12.62 3.62
CA TYR K 16 36.64 12.05 4.94
C TYR K 16 36.25 10.59 5.00
N MET K 17 34.97 10.29 4.71
CA MET K 17 34.48 8.92 4.82
C MET K 17 35.08 8.00 3.76
N ALA K 18 35.57 8.56 2.66
CA ALA K 18 36.15 7.74 1.59
C ALA K 18 37.45 7.10 2.06
N LYS K 19 38.32 7.90 2.68
CA LYS K 19 39.60 7.38 3.17
C LYS K 19 39.40 6.30 4.21
N ARG K 20 38.29 6.34 4.93
CA ARG K 20 38.03 5.44 6.04
C ARG K 20 36.89 4.47 5.75
N ARG K 21 36.23 4.60 4.59
CA ARG K 21 35.34 3.57 4.05
C ARG K 21 34.13 3.36 4.96
N ILE K 22 33.40 4.46 5.16
CA ILE K 22 32.17 4.48 5.95
C ILE K 22 31.01 4.66 4.97
N GLY K 23 30.00 3.78 5.08
CA GLY K 23 28.87 3.89 4.18
C GLY K 23 28.04 5.15 4.43
N ALA K 24 27.43 5.66 3.36
CA ALA K 24 26.60 6.85 3.43
C ALA K 24 25.77 6.93 2.16
N LEU K 25 24.89 7.92 2.09
CA LEU K 25 23.94 8.04 0.99
C LEU K 25 23.32 9.44 0.97
N LEU K 26 23.88 10.34 0.18
CA LEU K 26 23.54 11.76 0.23
C LEU K 26 22.82 12.15 -1.06
N THR K 27 21.59 12.64 -0.92
CA THR K 27 20.74 13.01 -2.06
C THR K 27 20.42 14.50 -1.99
N ILE K 28 20.67 15.21 -3.07
CA ILE K 28 20.50 16.66 -3.12
C ILE K 28 19.24 16.98 -3.92
N GLU K 29 18.30 17.69 -3.30
CA GLU K 29 17.08 18.08 -3.98
C GLU K 29 17.37 19.14 -5.02
N ARG K 30 16.74 19.02 -6.17
CA ARG K 30 16.80 20.12 -7.12
C ARG K 30 15.37 20.50 -7.55
N ASP K 31 14.86 19.92 -8.63
CA ASP K 31 13.57 20.36 -9.14
C ASP K 31 12.40 19.47 -8.74
N THR K 32 12.64 18.19 -8.45
CA THR K 32 11.56 17.29 -8.07
C THR K 32 11.32 17.38 -6.58
N GLY K 33 10.09 17.72 -6.21
CA GLY K 33 9.71 17.77 -4.81
C GLY K 33 9.81 16.40 -4.16
N MET K 34 10.71 16.27 -3.18
CA MET K 34 10.98 15.00 -2.53
C MET K 34 10.40 14.96 -1.12
N GLY K 35 9.34 15.72 -0.87
CA GLY K 35 8.78 15.79 0.48
C GLY K 35 8.23 14.49 0.97
N ASP K 36 7.83 13.60 0.06
CA ASP K 36 7.27 12.31 0.47
C ASP K 36 8.33 11.33 0.96
N TYR K 37 9.61 11.57 0.65
CA TYR K 37 10.69 10.76 1.18
C TYR K 37 11.37 11.38 2.39
N ILE K 38 11.31 12.70 2.53
CA ILE K 38 11.83 13.36 3.72
C ILE K 38 11.10 12.86 4.97
N GLU K 39 9.78 12.72 4.87
CA GLU K 39 8.97 12.27 6.00
C GLU K 39 9.10 10.79 6.28
N THR K 40 10.12 10.13 5.71
CA THR K 40 10.39 8.73 5.99
C THR K 40 11.60 8.54 6.90
N GLY K 41 12.13 9.63 7.46
CA GLY K 41 13.29 9.54 8.32
C GLY K 41 13.20 10.46 9.52
N ILE K 42 14.35 10.83 10.07
CA ILE K 42 14.41 11.67 11.26
C ILE K 42 14.66 13.11 10.79
N PRO K 43 13.72 14.02 10.99
CA PRO K 43 13.90 15.39 10.50
C PRO K 43 14.92 16.14 11.34
N LEU K 44 15.65 17.05 10.68
CA LEU K 44 16.69 17.84 11.34
C LEU K 44 16.52 19.32 11.05
N ASN K 45 16.47 19.68 9.77
CA ASN K 45 16.48 21.10 9.35
C ASN K 45 17.70 21.82 9.91
N ALA K 46 18.87 21.23 9.68
CA ALA K 46 20.12 21.65 10.29
C ALA K 46 21.03 22.31 9.27
N LYS K 47 21.67 23.41 9.67
CA LYS K 47 22.63 24.07 8.78
C LYS K 47 23.73 23.11 8.37
N VAL K 48 24.01 23.08 7.06
CA VAL K 48 24.95 22.12 6.52
C VAL K 48 26.36 22.43 7.01
N SER K 49 27.02 21.42 7.57
CA SER K 49 28.41 21.51 7.99
C SER K 49 29.08 20.19 7.69
N SER K 50 30.38 20.27 7.37
CA SER K 50 31.15 19.05 7.14
C SER K 50 31.08 18.13 8.35
N GLU K 51 31.23 18.71 9.55
CA GLU K 51 31.30 17.91 10.77
C GLU K 51 29.99 17.18 11.03
N LEU K 52 28.86 17.83 10.73
CA LEU K 52 27.56 17.19 10.95
C LEU K 52 27.37 16.01 10.01
N LEU K 53 27.74 16.16 8.73
CA LEU K 53 27.59 15.08 7.77
C LEU K 53 28.36 13.84 8.21
N ILE K 54 29.61 14.01 8.63
CA ILE K 54 30.42 12.87 9.05
C ILE K 54 29.76 12.14 10.21
N ASN K 55 29.20 12.90 11.15
CA ASN K 55 28.56 12.30 12.31
C ASN K 55 27.27 11.57 11.95
N ILE K 56 26.60 11.97 10.87
CA ILE K 56 25.33 11.35 10.52
C ILE K 56 25.52 9.86 10.21
N PHE K 57 26.54 9.53 9.42
CA PHE K 57 26.84 8.15 9.07
C PHE K 57 28.06 7.70 9.86
N ILE K 58 27.84 6.92 10.91
CA ILE K 58 28.94 6.31 11.64
C ILE K 58 28.52 4.92 12.08
N PRO K 59 29.15 3.89 11.53
CA PRO K 59 28.87 2.49 11.90
C PRO K 59 27.64 2.15 12.72
N ASN K 60 27.65 2.48 14.01
CA ASN K 60 26.62 2.00 14.92
C ASN K 60 25.51 3.02 15.18
N THR K 61 25.74 4.30 14.88
CA THR K 61 24.76 5.35 15.17
C THR K 61 23.46 5.08 14.40
N PRO K 62 22.31 5.42 14.98
CA PRO K 62 21.04 5.12 14.32
C PRO K 62 20.65 6.06 13.19
N LEU K 63 21.31 7.21 13.06
CA LEU K 63 21.07 8.11 11.93
C LEU K 63 21.90 7.75 10.71
N HIS K 64 22.40 6.53 10.68
CA HIS K 64 23.21 5.96 9.61
C HIS K 64 22.39 5.18 8.59
N ASP K 65 21.49 4.32 9.06
CA ASP K 65 20.70 3.42 8.22
C ASP K 65 19.77 4.19 7.29
N GLY K 66 20.32 4.73 6.21
CA GLY K 66 19.50 5.39 5.21
C GLY K 66 20.22 6.56 4.59
N ALA K 67 19.43 7.47 4.03
CA ALA K 67 19.93 8.56 3.20
C ALA K 67 19.84 9.90 3.93
N VAL K 68 20.70 10.82 3.51
CA VAL K 68 20.59 12.23 3.86
C VAL K 68 20.06 13.01 2.65
N ILE K 69 19.25 14.01 2.95
CA ILE K 69 18.42 14.73 1.99
C ILE K 69 18.66 16.22 2.22
N MET K 70 19.02 16.95 1.17
CA MET K 70 19.48 18.33 1.33
C MET K 70 18.62 19.32 0.55
N LYS K 71 17.51 19.73 1.15
CA LYS K 71 16.69 20.80 0.59
C LYS K 71 17.30 22.16 0.91
N ASN K 72 17.23 23.07 -0.05
CA ASN K 72 17.85 24.40 0.04
C ASN K 72 19.34 24.17 0.31
N ASN K 73 19.92 24.78 1.33
CA ASN K 73 21.25 24.43 1.80
C ASN K 73 21.18 23.91 3.23
N GLU K 74 20.10 23.19 3.54
CA GLU K 74 19.86 22.62 4.86
C GLU K 74 19.71 21.11 4.76
N ILE K 75 20.24 20.40 5.77
CA ILE K 75 20.03 18.97 5.90
C ILE K 75 18.59 18.75 6.35
N ALA K 76 17.70 18.41 5.41
CA ALA K 76 16.28 18.36 5.72
C ALA K 76 15.94 17.23 6.67
N ALA K 77 16.57 16.07 6.49
CA ALA K 77 16.35 14.91 7.36
C ALA K 77 17.44 13.90 7.05
N ALA K 78 17.46 12.83 7.85
CA ALA K 78 18.42 11.75 7.71
C ALA K 78 17.71 10.41 7.84
N ALA K 79 18.46 9.34 7.64
CA ALA K 79 17.93 7.97 7.73
C ALA K 79 16.70 7.79 6.86
N CYS K 80 16.59 8.60 5.80
CA CYS K 80 15.45 8.55 4.90
C CYS K 80 15.51 7.28 4.06
N TYR K 81 14.32 6.73 3.78
CA TYR K 81 14.22 5.45 3.08
C TYR K 81 13.82 5.68 1.64
N LEU K 82 14.71 5.33 0.73
CA LEU K 82 14.55 5.54 -0.69
C LEU K 82 13.99 4.30 -1.35
N PRO K 83 13.54 4.40 -2.61
CA PRO K 83 13.17 3.21 -3.36
C PRO K 83 14.32 2.66 -4.18
N LEU K 84 14.41 1.34 -4.24
CA LEU K 84 15.45 0.70 -5.03
C LEU K 84 15.03 0.63 -6.49
N SER K 85 16.01 0.33 -7.36
CA SER K 85 15.82 0.39 -8.79
C SER K 85 15.61 -0.96 -9.45
N GLU K 86 16.32 -1.99 -9.02
CA GLU K 86 16.30 -3.31 -9.64
C GLU K 86 16.72 -3.26 -11.11
N SER K 87 17.59 -2.31 -11.44
CA SER K 87 18.11 -2.24 -12.81
C SER K 87 19.21 -3.29 -13.00
N PRO K 88 19.31 -3.86 -14.20
CA PRO K 88 20.37 -4.86 -14.45
C PRO K 88 21.76 -4.25 -14.61
N PHE K 89 21.86 -2.94 -14.85
CA PHE K 89 23.15 -2.30 -15.06
C PHE K 89 23.89 -2.03 -13.77
N ILE K 90 23.25 -2.15 -12.62
CA ILE K 90 24.00 -2.14 -11.36
C ILE K 90 24.79 -3.43 -11.29
N SER K 91 26.12 -3.32 -11.29
CA SER K 91 26.94 -4.47 -10.97
C SER K 91 26.43 -5.07 -9.67
N LYS K 92 26.09 -6.35 -9.70
CA LYS K 92 25.88 -6.96 -8.41
C LYS K 92 27.24 -7.14 -7.74
N GLU K 93 27.19 -7.55 -6.47
CA GLU K 93 28.29 -7.65 -5.49
C GLU K 93 28.35 -6.35 -4.68
N LEU K 94 27.53 -5.37 -5.03
CA LEU K 94 27.26 -4.26 -4.11
C LEU K 94 25.77 -3.98 -4.09
N GLY K 95 25.36 -2.73 -3.88
CA GLY K 95 23.95 -2.38 -3.79
C GLY K 95 23.61 -1.83 -2.42
N THR K 96 22.48 -2.30 -1.88
CA THR K 96 21.90 -1.75 -0.65
C THR K 96 21.81 -0.23 -0.77
N ARG K 97 22.93 0.47 -0.57
CA ARG K 97 22.96 1.91 -0.76
C ARG K 97 23.04 2.33 -2.23
N HIS K 98 23.54 1.45 -3.10
CA HIS K 98 23.69 1.83 -4.49
C HIS K 98 22.40 1.62 -5.26
N ARG K 99 21.70 0.50 -5.01
CA ARG K 99 20.42 0.25 -5.66
C ARG K 99 19.41 1.36 -5.36
N ALA K 100 19.52 1.98 -4.20
CA ALA K 100 18.59 3.04 -3.79
C ALA K 100 19.03 4.43 -4.23
N ALA K 101 20.28 4.59 -4.68
CA ALA K 101 20.74 5.88 -5.15
C ALA K 101 20.32 6.11 -6.59
N VAL K 102 20.41 5.08 -7.42
CA VAL K 102 19.84 5.16 -8.77
C VAL K 102 18.32 5.19 -8.68
N GLY K 103 17.74 4.43 -7.74
CA GLY K 103 16.29 4.37 -7.63
C GLY K 103 15.64 5.70 -7.32
N ILE K 104 16.37 6.60 -6.63
CA ILE K 104 15.82 7.92 -6.33
C ILE K 104 16.14 8.93 -7.43
N SER K 105 17.21 8.72 -8.19
CA SER K 105 17.53 9.60 -9.32
C SER K 105 16.68 9.30 -10.55
N GLU K 106 16.04 8.13 -10.60
CA GLU K 106 15.14 7.84 -11.71
C GLU K 106 13.85 8.64 -11.61
N VAL K 107 13.32 8.82 -10.40
CA VAL K 107 12.06 9.51 -10.22
C VAL K 107 12.23 11.02 -10.06
N THR K 108 13.44 11.49 -9.76
CA THR K 108 13.66 12.87 -9.37
C THR K 108 14.78 13.52 -10.17
N ASP K 109 14.73 14.86 -10.23
CA ASP K 109 15.78 15.70 -10.82
C ASP K 109 16.94 15.78 -9.84
N SER K 110 16.96 14.85 -8.87
CA SER K 110 17.91 14.90 -7.78
C SER K 110 19.26 14.37 -8.22
N LEU K 111 20.23 14.52 -7.31
CA LEU K 111 21.58 14.01 -7.48
C LEU K 111 21.96 13.30 -6.19
N THR K 112 22.62 12.15 -6.31
CA THR K 112 22.90 11.29 -5.17
C THR K 112 24.38 10.94 -5.14
N ILE K 113 25.09 11.36 -4.09
CA ILE K 113 26.45 10.89 -3.86
C ILE K 113 26.39 9.60 -3.06
N ILE K 114 27.10 8.58 -3.53
CA ILE K 114 27.27 7.35 -2.77
C ILE K 114 28.74 7.19 -2.44
N VAL K 115 29.02 6.22 -1.59
CA VAL K 115 30.34 5.95 -1.06
C VAL K 115 30.35 4.46 -0.72
N SER K 116 31.52 3.83 -0.85
CA SER K 116 31.58 2.38 -0.69
C SER K 116 31.29 1.94 0.74
N GLU K 117 30.51 0.86 0.87
CA GLU K 117 30.46 0.13 2.13
C GLU K 117 31.76 -0.61 2.41
N GLU K 118 32.51 -0.99 1.36
CA GLU K 118 33.60 -1.93 1.56
C GLU K 118 34.74 -1.75 0.57
N THR K 119 34.93 -0.54 0.03
CA THR K 119 36.14 -0.23 -0.72
C THR K 119 36.66 1.15 -0.33
N GLY K 120 36.01 2.21 -0.82
CA GLY K 120 36.37 3.59 -0.55
C GLY K 120 35.96 4.50 -1.69
N GLY K 121 35.41 3.92 -2.75
CA GLY K 121 35.10 4.69 -3.94
C GLY K 121 33.98 5.68 -3.73
N VAL K 122 33.90 6.65 -4.64
CA VAL K 122 32.88 7.69 -4.63
C VAL K 122 32.01 7.51 -5.87
N SER K 123 30.70 7.40 -5.67
CA SER K 123 29.75 7.21 -6.75
C SER K 123 28.85 8.44 -6.86
N VAL K 124 27.98 8.42 -7.88
CA VAL K 124 27.06 9.52 -8.10
C VAL K 124 25.91 9.00 -8.97
N ALA K 125 24.73 9.60 -8.80
CA ALA K 125 23.51 9.11 -9.45
C ALA K 125 22.65 10.29 -9.90
N LYS K 126 22.55 10.48 -11.21
CA LYS K 126 21.73 11.53 -11.81
C LYS K 126 20.94 10.93 -12.97
N ASN K 127 19.62 10.98 -12.88
CA ASN K 127 18.73 10.48 -13.94
C ASN K 127 19.02 9.02 -14.28
N GLY K 128 19.07 8.19 -13.24
CA GLY K 128 19.23 6.76 -13.42
C GLY K 128 20.55 6.31 -13.99
N ASP K 129 21.54 7.19 -14.05
CA ASP K 129 22.89 6.83 -14.49
C ASP K 129 23.83 6.92 -13.31
N LEU K 130 24.62 5.87 -13.10
CA LEU K 130 25.52 5.76 -11.95
C LEU K 130 26.96 5.72 -12.43
N HIS K 131 27.78 6.59 -11.87
CA HIS K 131 29.20 6.67 -12.20
C HIS K 131 30.01 6.17 -11.00
N ARG K 132 30.71 5.06 -11.18
CA ARG K 132 31.51 4.45 -10.13
C ARG K 132 32.95 4.96 -10.19
N GLU K 133 33.62 4.92 -9.03
CA GLU K 133 35.01 5.35 -8.90
C GLU K 133 35.23 6.74 -9.48
N LEU K 134 34.96 7.77 -8.69
CA LEU K 134 35.16 9.16 -9.09
C LEU K 134 36.32 9.77 -8.31
N THR K 135 36.91 10.79 -8.90
CA THR K 135 38.05 11.48 -8.29
C THR K 135 37.57 12.65 -7.45
N GLU K 136 38.52 13.31 -6.78
CA GLU K 136 38.16 14.43 -5.91
C GLU K 136 37.77 15.65 -6.71
N GLU K 137 38.56 15.99 -7.74
CA GLU K 137 38.15 17.06 -8.65
C GLU K 137 36.84 16.71 -9.35
N ALA K 138 36.64 15.44 -9.67
CA ALA K 138 35.44 15.01 -10.38
C ALA K 138 34.18 15.32 -9.58
N LEU K 139 34.23 15.14 -8.26
CA LEU K 139 33.07 15.43 -7.45
C LEU K 139 32.91 16.92 -7.15
N LYS K 140 34.00 17.69 -7.19
CA LYS K 140 33.84 19.14 -7.07
C LYS K 140 33.25 19.73 -8.34
N GLU K 141 33.80 19.33 -9.50
CA GLU K 141 33.23 19.72 -10.78
C GLU K 141 31.74 19.38 -10.85
N MET K 142 31.42 18.10 -10.58
CA MET K 142 30.04 17.65 -10.60
C MET K 142 29.15 18.51 -9.71
N LEU K 143 29.59 18.78 -8.47
CA LEU K 143 28.79 19.60 -7.58
C LEU K 143 28.76 21.06 -8.03
N GLU K 144 29.81 21.55 -8.69
CA GLU K 144 29.82 22.92 -9.16
C GLU K 144 28.78 23.17 -10.26
N ALA K 145 28.15 22.12 -10.80
CA ALA K 145 27.10 22.31 -11.79
C ALA K 145 25.75 22.60 -11.15
N GLU K 146 25.45 21.92 -10.04
CA GLU K 146 24.24 22.16 -9.26
C GLU K 146 24.03 23.65 -8.98
N GLU L 1 2.57 20.73 26.29
CA GLU L 1 2.23 21.18 24.96
C GLU L 1 3.31 20.74 23.98
N ALA L 2 4.11 21.71 23.53
CA ALA L 2 5.31 21.36 22.78
C ALA L 2 6.42 20.85 23.67
N GLN L 3 6.20 20.83 24.99
CA GLN L 3 7.24 20.46 25.93
C GLN L 3 7.38 18.96 26.11
N GLN L 4 6.30 18.19 25.88
CA GLN L 4 6.38 16.75 26.10
C GLN L 4 7.33 16.10 25.09
N LYS L 5 7.15 16.40 23.82
CA LYS L 5 8.22 16.12 22.87
C LYS L 5 9.37 17.08 23.13
N THR L 6 10.58 16.64 22.75
CA THR L 6 11.87 17.20 23.14
C THR L 6 12.25 16.76 24.56
N ILE L 7 11.32 16.85 25.52
CA ILE L 7 11.59 16.24 26.82
C ILE L 7 11.58 14.72 26.70
N GLU L 8 10.58 14.17 26.01
CA GLU L 8 10.62 12.75 25.69
C GLU L 8 11.89 12.39 24.93
N ALA L 9 12.36 13.30 24.07
CA ALA L 9 13.53 13.02 23.24
C ALA L 9 14.79 12.89 24.08
N ILE L 10 15.03 13.86 24.97
CA ILE L 10 16.25 13.85 25.76
C ILE L 10 16.27 12.65 26.71
N THR L 11 15.12 12.27 27.26
CA THR L 11 15.09 11.17 28.24
C THR L 11 15.48 9.84 27.61
N LYS L 12 14.95 9.52 26.43
CA LYS L 12 15.35 8.30 25.76
C LYS L 12 16.77 8.38 25.22
N ALA L 13 17.29 9.61 25.01
CA ALA L 13 18.66 9.80 24.57
C ALA L 13 19.64 9.60 25.72
N ILE L 14 19.38 10.24 26.87
CA ILE L 14 20.22 10.02 28.04
C ILE L 14 20.22 8.55 28.42
N ASN L 15 19.03 7.94 28.47
CA ASN L 15 18.93 6.53 28.83
C ASN L 15 19.61 5.62 27.82
N TYR L 16 19.84 6.10 26.59
CA TYR L 16 20.58 5.33 25.59
C TYR L 16 22.04 5.21 25.98
N MET L 17 22.72 6.34 26.16
CA MET L 17 24.16 6.31 26.38
C MET L 17 24.56 5.87 27.77
N ALA L 18 23.67 6.02 28.76
CA ALA L 18 23.99 5.56 30.11
C ALA L 18 24.22 4.05 30.15
N LYS L 19 23.35 3.29 29.46
CA LYS L 19 23.60 1.86 29.29
C LYS L 19 25.00 1.61 28.78
N ARG L 20 25.43 2.38 27.78
CA ARG L 20 26.69 2.18 27.09
C ARG L 20 27.82 3.04 27.63
N ARG L 21 27.53 3.90 28.61
CA ARG L 21 28.58 4.66 29.31
C ARG L 21 29.29 5.62 28.36
N ILE L 22 28.51 6.29 27.52
CA ILE L 22 29.05 7.20 26.52
C ILE L 22 29.10 8.61 27.12
N GLY L 23 30.27 9.25 27.01
CA GLY L 23 30.49 10.55 27.63
C GLY L 23 29.71 11.67 27.00
N ALA L 24 28.77 12.25 27.75
CA ALA L 24 27.84 13.25 27.24
C ALA L 24 27.86 14.50 28.13
N LEU L 25 27.25 15.56 27.63
CA LEU L 25 27.26 16.87 28.28
C LEU L 25 26.23 17.80 27.64
N LEU L 26 25.03 17.88 28.22
CA LEU L 26 23.91 18.62 27.64
C LEU L 26 23.48 19.73 28.57
N THR L 27 23.57 20.98 28.09
CA THR L 27 23.09 22.16 28.80
C THR L 27 21.87 22.71 28.08
N ILE L 28 20.97 23.32 28.86
CA ILE L 28 19.66 23.76 28.37
C ILE L 28 19.50 25.24 28.71
N GLU L 29 19.36 26.08 27.69
CA GLU L 29 19.24 27.51 27.90
C GLU L 29 17.83 27.85 28.38
N ARG L 30 17.74 28.65 29.43
CA ARG L 30 16.46 29.18 29.86
C ARG L 30 16.49 30.71 29.83
N ASP L 31 17.15 31.32 30.79
CA ASP L 31 17.16 32.78 30.87
C ASP L 31 18.53 33.41 30.64
N THR L 32 19.59 32.84 31.18
CA THR L 32 20.93 33.37 30.90
C THR L 32 21.25 33.07 29.44
N GLY L 33 21.08 34.07 28.58
CA GLY L 33 21.37 33.92 27.17
C GLY L 33 22.82 33.57 26.92
N MET L 34 23.07 32.44 26.27
CA MET L 34 24.42 31.88 26.18
C MET L 34 25.05 32.12 24.82
N GLY L 35 24.87 33.33 24.28
CA GLY L 35 25.42 33.72 22.99
C GLY L 35 26.92 33.54 22.87
N ASP L 36 27.69 34.11 23.80
CA ASP L 36 29.14 33.99 23.73
C ASP L 36 29.64 32.57 23.98
N TYR L 37 28.75 31.61 24.23
CA TYR L 37 29.16 30.22 24.39
C TYR L 37 28.69 29.33 23.25
N ILE L 38 27.67 29.74 22.49
CA ILE L 38 27.24 28.97 21.33
C ILE L 38 28.21 29.18 20.17
N GLU L 39 28.74 30.39 20.02
CA GLU L 39 29.71 30.75 18.98
C GLU L 39 31.07 30.06 19.19
N THR L 40 31.14 29.08 20.08
CA THR L 40 32.34 28.27 20.26
C THR L 40 32.22 26.88 19.65
N GLY L 41 31.00 26.45 19.32
CA GLY L 41 30.76 25.14 18.76
C GLY L 41 30.33 25.17 17.31
N ILE L 42 30.00 23.98 16.80
CA ILE L 42 29.59 23.82 15.41
C ILE L 42 28.11 24.11 15.31
N PRO L 43 27.70 25.15 14.58
CA PRO L 43 26.28 25.53 14.55
C PRO L 43 25.46 24.47 13.83
N LEU L 44 24.38 24.04 14.48
CA LEU L 44 23.42 23.13 13.88
C LEU L 44 22.09 23.82 13.60
N ASN L 45 21.49 24.43 14.63
CA ASN L 45 20.12 24.95 14.56
C ASN L 45 19.18 23.85 14.11
N ALA L 46 19.48 22.62 14.51
CA ALA L 46 18.72 21.44 14.13
C ALA L 46 17.54 21.25 15.06
N LYS L 47 16.49 20.64 14.52
CA LYS L 47 15.33 20.31 15.35
C LYS L 47 15.68 19.14 16.26
N VAL L 48 15.20 19.22 17.50
CA VAL L 48 15.59 18.26 18.53
C VAL L 48 14.99 16.90 18.21
N SER L 49 15.80 15.86 18.36
CA SER L 49 15.36 14.48 18.24
C SER L 49 16.28 13.63 19.09
N SER L 50 15.69 12.63 19.77
CA SER L 50 16.49 11.66 20.50
C SER L 50 17.62 11.12 19.63
N GLU L 51 17.29 10.72 18.40
CA GLU L 51 18.24 10.07 17.51
C GLU L 51 19.38 11.02 17.12
N LEU L 52 19.08 12.30 16.91
CA LEU L 52 20.14 13.25 16.56
C LEU L 52 21.13 13.43 17.70
N LEU L 53 20.63 13.52 18.94
CA LEU L 53 21.53 13.68 20.08
C LEU L 53 22.52 12.54 20.17
N ILE L 54 22.03 11.29 20.06
CA ILE L 54 22.90 10.12 20.18
C ILE L 54 24.06 10.20 19.19
N ASN L 55 23.76 10.60 17.95
CA ASN L 55 24.83 10.70 16.95
C ASN L 55 25.86 11.74 17.33
N ILE L 56 25.41 12.83 17.96
CA ILE L 56 26.32 13.94 18.29
C ILE L 56 27.48 13.45 19.15
N PHE L 57 27.17 12.83 20.29
CA PHE L 57 28.19 12.23 21.13
C PHE L 57 28.36 10.78 20.71
N ILE L 58 29.51 10.45 20.12
CA ILE L 58 29.86 9.04 19.93
C ILE L 58 31.37 8.97 20.20
N PRO L 59 31.88 7.90 20.84
CA PRO L 59 33.22 7.91 21.47
C PRO L 59 34.28 8.88 20.94
N ASN L 60 34.29 9.16 19.64
CA ASN L 60 35.27 10.09 19.09
C ASN L 60 34.80 10.55 17.71
N THR L 61 34.25 11.76 17.63
CA THR L 61 33.84 12.41 16.41
C THR L 61 34.27 13.86 16.44
N PRO L 62 34.11 14.60 15.33
CA PRO L 62 34.36 16.05 15.40
C PRO L 62 33.43 16.77 16.39
N LEU L 63 32.15 16.41 16.43
CA LEU L 63 31.19 17.06 17.32
C LEU L 63 31.22 16.52 18.74
N HIS L 64 31.87 15.38 18.99
CA HIS L 64 31.82 14.77 20.32
C HIS L 64 32.50 15.67 21.36
N ASP L 65 33.57 16.35 20.96
CA ASP L 65 34.48 17.02 21.89
C ASP L 65 33.90 18.36 22.35
N GLY L 66 32.88 18.27 23.20
CA GLY L 66 32.31 19.46 23.80
C GLY L 66 30.85 19.27 24.17
N ALA L 67 30.24 20.37 24.58
CA ALA L 67 28.88 20.40 25.13
C ALA L 67 27.87 20.83 24.07
N VAL L 68 26.63 20.34 24.25
CA VAL L 68 25.54 20.60 23.32
C VAL L 68 24.63 21.66 23.93
N ILE L 69 24.28 22.66 23.13
CA ILE L 69 23.58 23.86 23.59
C ILE L 69 22.15 23.83 23.06
N MET L 70 21.18 23.98 23.96
CA MET L 70 19.75 23.92 23.64
C MET L 70 19.10 25.29 23.77
N LYS L 71 18.74 25.88 22.63
CA LYS L 71 17.94 27.10 22.61
C LYS L 71 16.64 26.83 21.87
N ASN L 72 15.56 27.45 22.34
CA ASN L 72 14.19 27.16 21.86
C ASN L 72 13.95 25.66 22.14
N ASN L 73 13.33 24.94 21.22
CA ASN L 73 13.38 23.48 21.27
C ASN L 73 14.14 22.99 20.05
N GLU L 74 15.33 23.55 19.85
CA GLU L 74 16.27 23.17 18.80
C GLU L 74 17.64 22.96 19.43
N ILE L 75 18.51 22.23 18.74
CA ILE L 75 19.89 22.07 19.17
C ILE L 75 20.70 23.19 18.53
N ALA L 76 21.09 24.17 19.35
CA ALA L 76 21.71 25.38 18.83
C ALA L 76 23.08 25.09 18.23
N ALA L 77 23.86 24.23 18.87
CA ALA L 77 25.17 23.82 18.38
C ALA L 77 25.59 22.59 19.18
N ALA L 78 26.80 22.11 18.88
CA ALA L 78 27.39 21.00 19.60
C ALA L 78 28.88 21.30 19.76
N ALA L 79 29.57 20.43 20.50
CA ALA L 79 31.01 20.58 20.75
C ALA L 79 31.34 21.97 21.30
N CYS L 80 30.36 22.60 21.95
CA CYS L 80 30.55 23.90 22.54
C CYS L 80 31.36 23.78 23.82
N TYR L 81 32.09 24.85 24.15
CA TYR L 81 32.99 24.79 25.29
C TYR L 81 32.59 25.79 26.36
N LEU L 82 32.69 25.34 27.60
CA LEU L 82 32.25 26.02 28.79
C LEU L 82 33.46 26.24 29.70
N PRO L 83 33.36 27.18 30.64
CA PRO L 83 34.44 27.33 31.61
C PRO L 83 34.34 26.29 32.72
N LEU L 84 35.49 25.81 33.16
CA LEU L 84 35.52 24.97 34.33
C LEU L 84 35.30 25.82 35.58
N SER L 85 35.05 25.15 36.70
CA SER L 85 34.72 25.86 37.94
C SER L 85 35.86 25.93 38.94
N GLU L 86 36.71 24.90 38.99
CA GLU L 86 37.73 24.76 40.03
C GLU L 86 37.16 25.05 41.41
N SER L 87 36.01 24.46 41.70
CA SER L 87 35.45 24.37 43.03
C SER L 87 35.89 23.05 43.68
N PRO L 88 36.20 23.06 44.97
CA PRO L 88 36.76 21.84 45.59
C PRO L 88 35.76 20.69 45.68
N PHE L 89 34.46 20.97 45.62
CA PHE L 89 33.43 19.99 45.87
C PHE L 89 33.18 19.08 44.69
N ILE L 90 33.96 19.19 43.62
CA ILE L 90 34.06 18.15 42.62
C ILE L 90 34.95 17.05 43.20
N SER L 91 34.36 15.90 43.49
CA SER L 91 35.17 14.71 43.71
C SER L 91 36.12 14.56 42.53
N LYS L 92 37.42 14.55 42.80
CA LYS L 92 38.34 14.31 41.71
C LYS L 92 38.16 12.90 41.20
N GLU L 93 38.72 12.68 40.00
CA GLU L 93 38.53 11.50 39.16
C GLU L 93 37.25 11.68 38.35
N LEU L 94 37.42 12.01 37.07
CA LEU L 94 36.42 12.51 36.13
C LEU L 94 35.85 13.85 36.59
N GLY L 95 36.64 14.89 36.39
CA GLY L 95 36.16 16.25 36.45
C GLY L 95 35.89 16.80 35.05
N THR L 96 36.90 16.75 34.18
CA THR L 96 36.87 17.18 32.78
C THR L 96 35.51 17.70 32.32
N ARG L 97 34.54 16.79 32.19
CA ARG L 97 33.19 17.17 31.80
C ARG L 97 32.37 17.61 33.01
N HIS L 98 32.47 16.88 34.12
CA HIS L 98 31.77 17.28 35.33
C HIS L 98 32.26 18.63 35.84
N ARG L 99 33.58 18.85 35.81
CA ARG L 99 34.13 20.16 36.17
C ARG L 99 33.52 21.28 35.32
N ALA L 100 33.18 20.98 34.07
CA ALA L 100 32.67 22.00 33.17
C ALA L 100 31.18 22.26 33.36
N ALA L 101 30.40 21.23 33.73
CA ALA L 101 28.96 21.39 33.84
C ALA L 101 28.57 22.19 35.07
N VAL L 102 29.25 21.98 36.19
CA VAL L 102 29.09 22.88 37.32
C VAL L 102 29.60 24.26 36.95
N GLY L 103 30.62 24.33 36.10
CA GLY L 103 31.23 25.60 35.75
C GLY L 103 30.33 26.49 34.91
N ILE L 104 29.54 25.90 34.02
CA ILE L 104 28.62 26.73 33.23
C ILE L 104 27.38 27.05 34.05
N SER L 105 26.99 26.18 34.98
CA SER L 105 25.85 26.46 35.85
C SER L 105 26.19 27.51 36.90
N GLU L 106 27.48 27.74 37.16
CA GLU L 106 27.87 28.81 38.08
C GLU L 106 27.47 30.18 37.52
N VAL L 107 27.68 30.39 36.22
CA VAL L 107 27.44 31.69 35.61
C VAL L 107 26.00 31.86 35.14
N THR L 108 25.26 30.77 34.92
CA THR L 108 24.02 30.80 34.17
C THR L 108 22.86 30.22 34.97
N ASP L 109 21.65 30.60 34.54
CA ASP L 109 20.39 30.01 34.98
C ASP L 109 20.09 28.70 34.25
N SER L 110 20.98 28.27 33.36
CA SER L 110 20.80 27.08 32.54
C SER L 110 20.67 25.81 33.38
N LEU L 111 20.50 24.67 32.71
CA LEU L 111 20.46 23.37 33.36
C LEU L 111 21.26 22.39 32.52
N THR L 112 22.21 21.70 33.16
CA THR L 112 23.11 20.80 32.47
C THR L 112 22.94 19.36 32.97
N ILE L 113 23.09 18.41 32.05
CA ILE L 113 23.02 16.99 32.37
C ILE L 113 24.35 16.37 31.95
N ILE L 114 24.81 15.36 32.69
CA ILE L 114 26.12 14.76 32.47
C ILE L 114 26.05 13.25 32.61
N VAL L 115 26.62 12.54 31.64
CA VAL L 115 26.91 11.11 31.77
C VAL L 115 28.41 10.95 31.96
N SER L 116 28.80 10.11 32.91
CA SER L 116 30.20 9.89 33.23
C SER L 116 30.75 8.80 32.32
N GLU L 117 31.71 9.17 31.44
CA GLU L 117 32.20 8.15 30.52
C GLU L 117 33.00 7.05 31.22
N GLU L 118 32.97 7.00 32.55
CA GLU L 118 33.67 6.02 33.35
C GLU L 118 32.73 5.02 34.03
N THR L 119 31.55 5.47 34.45
CA THR L 119 30.58 4.60 35.12
C THR L 119 29.28 4.51 34.35
N GLY L 120 28.73 5.64 33.92
CA GLY L 120 27.39 5.71 33.37
C GLY L 120 26.41 6.51 34.23
N GLY L 121 26.86 7.13 35.31
CA GLY L 121 25.95 7.85 36.19
C GLY L 121 25.48 9.15 35.56
N VAL L 122 24.18 9.36 35.57
CA VAL L 122 23.59 10.58 35.03
C VAL L 122 23.71 11.68 36.08
N SER L 123 24.43 12.74 35.75
CA SER L 123 24.60 13.88 36.63
C SER L 123 23.75 15.05 36.14
N VAL L 124 23.52 16.02 37.03
CA VAL L 124 22.72 17.20 36.70
C VAL L 124 23.34 18.41 37.40
N ALA L 125 23.18 19.58 36.80
CA ALA L 125 23.90 20.78 37.23
C ALA L 125 22.97 21.99 37.21
N LYS L 126 22.84 22.65 38.36
CA LYS L 126 21.98 23.82 38.51
C LYS L 126 22.58 24.72 39.58
N ASN L 127 23.04 25.91 39.18
CA ASN L 127 23.58 26.91 40.10
C ASN L 127 24.77 26.38 40.90
N GLY L 128 25.65 25.62 40.24
CA GLY L 128 26.84 25.14 40.89
C GLY L 128 26.64 23.98 41.85
N ASP L 129 25.50 23.29 41.76
CA ASP L 129 25.23 22.11 42.58
C ASP L 129 25.06 20.92 41.65
N LEU L 130 26.06 20.05 41.64
CA LEU L 130 26.00 18.81 40.87
C LEU L 130 25.47 17.69 41.75
N HIS L 131 24.72 16.77 41.14
CA HIS L 131 24.13 15.64 41.85
C HIS L 131 24.44 14.37 41.08
N ARG L 132 25.24 13.48 41.69
CA ARG L 132 25.67 12.27 41.03
C ARG L 132 24.63 11.17 41.16
N GLU L 133 24.63 10.27 40.17
CA GLU L 133 23.75 9.10 40.16
C GLU L 133 22.29 9.49 40.29
N LEU L 134 21.69 9.93 39.18
CA LEU L 134 20.26 10.24 39.13
C LEU L 134 19.50 9.11 38.47
N THR L 135 18.29 8.86 38.96
CA THR L 135 17.44 7.82 38.41
C THR L 135 16.68 8.35 37.20
N GLU L 136 16.09 7.41 36.45
CA GLU L 136 15.32 7.78 35.27
C GLU L 136 14.15 8.69 35.64
N GLU L 137 13.37 8.30 36.65
CA GLU L 137 12.31 9.17 37.13
C GLU L 137 12.87 10.44 37.75
N ALA L 138 14.08 10.36 38.32
CA ALA L 138 14.70 11.54 38.90
C ALA L 138 15.11 12.56 37.83
N LEU L 139 15.47 12.09 36.64
CA LEU L 139 15.80 13.00 35.55
C LEU L 139 14.54 13.55 34.90
N LYS L 140 13.53 12.70 34.73
CA LYS L 140 12.25 13.13 34.18
C LYS L 140 11.62 14.21 35.05
N GLU L 141 11.43 13.92 36.33
CA GLU L 141 10.87 14.90 37.26
C GLU L 141 11.64 16.22 37.22
N MET L 142 12.97 16.14 37.18
CA MET L 142 13.78 17.34 37.10
C MET L 142 13.47 18.14 35.84
N LEU L 143 13.35 17.46 34.70
CA LEU L 143 13.22 18.15 33.42
C LEU L 143 11.81 18.68 33.19
N GLU L 144 10.79 18.03 33.75
CA GLU L 144 9.43 18.57 33.63
C GLU L 144 9.33 19.95 34.28
N ALA L 145 10.18 20.22 35.27
CA ALA L 145 10.12 21.50 35.96
C ALA L 145 10.63 22.65 35.09
N GLU L 146 11.62 22.39 34.24
CA GLU L 146 12.21 23.40 33.38
C GLU L 146 11.15 24.21 32.63
#